data_6CN7
#
_entry.id   6CN7
#
_cell.length_a   124.020
_cell.length_b   197.690
_cell.length_c   130.380
_cell.angle_alpha   90.000
_cell.angle_beta   109.600
_cell.angle_gamma   90.000
#
_symmetry.space_group_name_H-M   'P 1 21 1'
#
loop_
_entity.id
_entity.type
_entity.pdbx_description
1 polymer 'Aerobactin synthase IucC'
2 non-polymer '2-(N-MORPHOLINO)-ETHANESULFONIC ACID'
3 water water
#
_entity_poly.entity_id   1
_entity_poly.type   'polypeptide(L)'
_entity_poly.pdbx_seq_one_letter_code
;GHMNHKDWDFVNRQLVAKMLAELEYEQVFHAESQGDGRYCINLPGAQWRFSAERGIWGWLWIDAQTLRCADEPVLAQTLL
MQLKPVLSMSDATVAEHMQDLYATLLGDLQLLKARRGLSASDLIDLDADRLQCLLSGHPKFAFNKGRRGWGKEALERYAP
EYANTFRLHWLAVKREHMVWRCDGSLTIGTLLAAAMDPQEFARFNQVWQDNGLDNDWLPLPVHPWQWQQKISLDFIADLA
EGRMVSLGEFGDLWLAQQSLRTLTNASRQGGLDIKLPLTIYNTSCYRGIPGKYIAAGPLASRWLQQVFATDATLKQSGAV
ILGEPAAGYVSHEGYAALAQAPYRYQEMLGVIWRENPCRWLKPDESPILMATLMECDENNQPLIGAYIDRSGLDAETWLT
QLFRVVVVPLYHLLCRYGVALIAHGQNITLAMKKGVPQRVLLKDFQGDMRLVKDAFPEMDSLPQEVRDVTARLSADYLIH
DLQTGHFVTVLRFVSPLMARLGVPERRFYQLLAAVLSDYMQEHPQMSARFALFSLFKPQIIRVVLNPVKLTWHDQDGGSR
MLPNYLEDLQNPLWLATRD
;
_entity_poly.pdbx_strand_id   A,B,C,D,E,F,G,H
#
# COMPACT_ATOMS: atom_id res chain seq x y z
N MET A 3 -29.51 -8.20 -29.55
CA MET A 3 -30.27 -8.02 -28.29
C MET A 3 -29.41 -8.37 -27.08
N ASN A 4 -28.11 -8.57 -27.30
CA ASN A 4 -27.22 -8.99 -26.22
C ASN A 4 -27.06 -7.89 -25.18
N HIS A 5 -26.63 -6.70 -25.63
CA HIS A 5 -26.38 -5.61 -24.68
C HIS A 5 -27.68 -5.04 -24.14
N LYS A 6 -28.73 -4.98 -24.97
CA LYS A 6 -30.00 -4.43 -24.51
C LYS A 6 -30.60 -5.26 -23.38
N ASP A 7 -30.52 -6.59 -23.51
CA ASP A 7 -31.11 -7.46 -22.49
C ASP A 7 -30.28 -7.46 -21.21
N TRP A 8 -28.96 -7.39 -21.35
CA TRP A 8 -28.10 -7.40 -20.17
C TRP A 8 -28.35 -6.19 -19.29
N ASP A 9 -28.63 -5.03 -19.90
CA ASP A 9 -28.91 -3.84 -19.11
C ASP A 9 -30.29 -3.91 -18.48
N PHE A 10 -31.28 -4.42 -19.22
CA PHE A 10 -32.62 -4.54 -18.66
C PHE A 10 -32.65 -5.47 -17.46
N VAL A 11 -31.95 -6.60 -17.55
CA VAL A 11 -31.99 -7.58 -16.47
C VAL A 11 -31.24 -7.04 -15.24
N ASN A 12 -30.15 -6.30 -15.47
CA ASN A 12 -29.42 -5.73 -14.34
C ASN A 12 -30.23 -4.62 -13.66
N ARG A 13 -30.93 -3.80 -14.45
CA ARG A 13 -31.74 -2.74 -13.87
C ARG A 13 -32.89 -3.32 -13.05
N GLN A 14 -33.57 -4.33 -13.59
CA GLN A 14 -34.68 -4.95 -12.86
C GLN A 14 -34.18 -5.52 -11.53
N LEU A 15 -33.02 -6.16 -11.53
CA LEU A 15 -32.51 -6.78 -10.31
C LEU A 15 -32.08 -5.72 -9.29
N VAL A 16 -31.39 -4.68 -9.74
CA VAL A 16 -31.00 -3.59 -8.84
C VAL A 16 -32.24 -2.99 -8.19
N ALA A 17 -33.27 -2.73 -8.99
CA ALA A 17 -34.50 -2.16 -8.44
C ALA A 17 -35.15 -3.10 -7.44
N LYS A 18 -35.15 -4.40 -7.74
CA LYS A 18 -35.70 -5.37 -6.79
C LYS A 18 -34.90 -5.37 -5.50
N MET A 19 -33.58 -5.34 -5.60
CA MET A 19 -32.73 -5.34 -4.41
C MET A 19 -32.96 -4.09 -3.56
N LEU A 20 -32.89 -2.92 -4.20
CA LEU A 20 -33.05 -1.66 -3.45
C LEU A 20 -34.42 -1.60 -2.77
N ALA A 21 -35.47 -1.96 -3.50
CA ALA A 21 -36.82 -1.81 -2.96
C ALA A 21 -37.05 -2.74 -1.77
N GLU A 22 -36.59 -3.98 -1.86
CA GLU A 22 -36.85 -4.93 -0.77
C GLU A 22 -35.97 -4.63 0.44
N LEU A 23 -34.70 -4.31 0.22
CA LEU A 23 -33.83 -3.97 1.34
C LEU A 23 -34.27 -2.67 2.02
N GLU A 24 -34.86 -1.74 1.27
CA GLU A 24 -35.40 -0.54 1.89
C GLU A 24 -36.66 -0.85 2.68
N TYR A 25 -37.47 -1.79 2.20
CA TYR A 25 -38.63 -2.24 2.93
C TYR A 25 -38.23 -2.98 4.20
N GLU A 26 -37.14 -3.73 4.14
CA GLU A 26 -36.59 -4.41 5.32
C GLU A 26 -35.85 -3.46 6.24
N GLN A 27 -35.73 -2.17 5.88
CA GLN A 27 -35.11 -1.14 6.70
C GLN A 27 -33.60 -1.31 6.83
N VAL A 28 -32.97 -2.07 5.92
CA VAL A 28 -31.52 -2.06 5.85
C VAL A 28 -31.01 -0.65 5.61
N PHE A 29 -31.75 0.13 4.83
CA PHE A 29 -31.50 1.56 4.68
C PHE A 29 -32.83 2.24 4.35
N HIS A 30 -32.84 3.57 4.42
CA HIS A 30 -34.06 4.34 4.26
C HIS A 30 -33.92 5.31 3.11
N ALA A 31 -34.86 5.25 2.17
CA ALA A 31 -34.85 6.14 1.01
C ALA A 31 -35.35 7.52 1.41
N GLU A 32 -34.61 8.55 1.02
CA GLU A 32 -35.01 9.93 1.27
C GLU A 32 -35.76 10.47 0.07
N SER A 33 -36.87 11.14 0.34
CA SER A 33 -37.67 11.73 -0.73
C SER A 33 -36.99 12.99 -1.25
N GLN A 34 -36.79 13.05 -2.56
CA GLN A 34 -36.33 14.25 -3.22
C GLN A 34 -37.49 15.05 -3.83
N GLY A 35 -38.73 14.69 -3.50
CA GLY A 35 -39.88 15.36 -4.05
C GLY A 35 -40.08 15.03 -5.51
N ASP A 36 -41.31 15.13 -6.00
CA ASP A 36 -41.63 14.85 -7.40
C ASP A 36 -41.45 13.37 -7.72
N GLY A 37 -41.94 12.50 -6.83
CA GLY A 37 -41.83 11.07 -7.06
C GLY A 37 -40.41 10.61 -7.31
N ARG A 38 -39.44 11.42 -6.92
CA ARG A 38 -38.02 11.08 -7.03
C ARG A 38 -37.50 10.74 -5.65
N TYR A 39 -36.65 9.72 -5.59
CA TYR A 39 -36.05 9.27 -4.35
C TYR A 39 -34.55 9.07 -4.56
N CYS A 40 -33.83 9.04 -3.46
CA CYS A 40 -32.45 8.60 -3.43
C CYS A 40 -32.22 7.67 -2.25
N ILE A 41 -31.28 6.75 -2.41
CA ILE A 41 -30.85 5.85 -1.34
C ILE A 41 -29.35 5.98 -1.23
N ASN A 42 -28.86 6.33 -0.05
CA ASN A 42 -27.45 6.60 0.17
C ASN A 42 -26.78 5.38 0.81
N LEU A 43 -25.67 4.95 0.20
CA LEU A 43 -24.82 3.92 0.77
C LEU A 43 -23.44 4.51 0.97
N PRO A 44 -22.55 3.84 1.70
CA PRO A 44 -21.15 4.28 1.74
C PRO A 44 -20.55 4.25 0.33
N GLY A 45 -20.07 5.41 -0.12
CA GLY A 45 -19.39 5.48 -1.39
C GLY A 45 -20.27 5.36 -2.61
N ALA A 46 -21.59 5.52 -2.48
CA ALA A 46 -22.45 5.51 -3.65
C ALA A 46 -23.82 6.04 -3.28
N GLN A 47 -24.47 6.66 -4.25
CA GLN A 47 -25.84 7.16 -4.11
C GLN A 47 -26.65 6.68 -5.30
N TRP A 48 -27.81 6.10 -5.01
CA TRP A 48 -28.74 5.64 -6.04
C TRP A 48 -29.92 6.59 -6.11
N ARG A 49 -30.20 7.10 -7.31
CA ARG A 49 -31.31 8.00 -7.55
C ARG A 49 -32.27 7.35 -8.55
N PHE A 50 -33.55 7.62 -8.38
CA PHE A 50 -34.57 6.94 -9.18
C PHE A 50 -35.93 7.58 -8.88
N SER A 51 -36.91 7.18 -9.68
CA SER A 51 -38.30 7.54 -9.46
C SER A 51 -39.05 6.33 -8.93
N ALA A 52 -39.97 6.56 -8.00
CA ALA A 52 -40.68 5.46 -7.39
C ALA A 52 -41.97 5.98 -6.77
N GLU A 53 -42.87 5.04 -6.48
CA GLU A 53 -44.09 5.30 -5.75
C GLU A 53 -44.18 4.29 -4.62
N ARG A 54 -44.47 4.78 -3.41
CA ARG A 54 -44.49 3.92 -2.24
C ARG A 54 -45.91 3.39 -2.03
N GLY A 55 -46.06 2.07 -2.02
CA GLY A 55 -47.35 1.44 -1.90
C GLY A 55 -47.84 1.39 -0.47
N ILE A 56 -49.01 0.74 -0.30
CA ILE A 56 -49.69 0.74 0.99
C ILE A 56 -48.94 -0.06 2.04
N TRP A 57 -48.03 -0.95 1.63
CA TRP A 57 -47.25 -1.71 2.60
C TRP A 57 -46.02 -0.96 3.08
N GLY A 58 -45.70 0.19 2.48
CA GLY A 58 -44.44 0.85 2.74
C GLY A 58 -43.33 0.42 1.81
N TRP A 59 -43.64 -0.38 0.79
CA TRP A 59 -42.64 -0.93 -0.12
C TRP A 59 -42.66 -0.14 -1.42
N LEU A 60 -41.47 0.21 -1.91
CA LEU A 60 -41.34 1.08 -3.08
C LEU A 60 -41.59 0.33 -4.38
N TRP A 61 -42.27 1.00 -5.31
CA TRP A 61 -42.38 0.55 -6.70
C TRP A 61 -41.38 1.36 -7.51
N ILE A 62 -40.22 0.79 -7.76
CA ILE A 62 -39.13 1.51 -8.40
C ILE A 62 -39.24 1.35 -9.92
N ASP A 63 -39.14 2.46 -10.64
CA ASP A 63 -39.05 2.44 -12.10
C ASP A 63 -37.60 2.16 -12.48
N ALA A 64 -37.34 0.95 -12.96
CA ALA A 64 -35.96 0.52 -13.17
C ALA A 64 -35.22 1.38 -14.20
N GLN A 65 -35.94 2.00 -15.13
CA GLN A 65 -35.27 2.79 -16.16
C GLN A 65 -34.67 4.07 -15.60
N THR A 66 -35.22 4.59 -14.50
CA THR A 66 -34.73 5.83 -13.92
C THR A 66 -33.50 5.64 -13.03
N LEU A 67 -33.09 4.39 -12.79
CA LEU A 67 -31.99 4.14 -11.84
C LEU A 67 -30.73 4.86 -12.28
N ARG A 68 -30.10 5.56 -11.34
CA ARG A 68 -28.82 6.23 -11.55
C ARG A 68 -27.92 6.01 -10.36
N CYS A 69 -26.65 5.69 -10.64
CA CYS A 69 -25.60 5.68 -9.62
C CYS A 69 -24.48 6.56 -10.15
N ALA A 70 -24.67 7.88 -10.05
CA ALA A 70 -23.71 8.84 -10.60
C ALA A 70 -23.62 8.60 -12.10
N ASP A 71 -22.47 8.10 -12.56
CA ASP A 71 -22.31 7.66 -13.95
C ASP A 71 -21.81 6.23 -14.04
N GLU A 72 -21.65 5.53 -12.92
CA GLU A 72 -21.33 4.11 -12.98
C GLU A 72 -22.43 3.39 -13.79
N PRO A 73 -22.07 2.36 -14.55
CA PRO A 73 -23.11 1.55 -15.20
C PRO A 73 -23.92 0.79 -14.15
N VAL A 74 -25.23 0.74 -14.36
CA VAL A 74 -26.15 0.13 -13.41
C VAL A 74 -26.01 -1.38 -13.50
N LEU A 75 -25.35 -1.98 -12.52
CA LEU A 75 -25.12 -3.42 -12.49
C LEU A 75 -25.40 -3.95 -11.09
N ALA A 76 -26.03 -5.13 -11.03
CA ALA A 76 -26.28 -5.77 -9.75
C ALA A 76 -24.98 -6.08 -9.03
N GLN A 77 -23.97 -6.53 -9.79
CA GLN A 77 -22.67 -6.80 -9.19
C GLN A 77 -22.13 -5.58 -8.44
N THR A 78 -22.27 -4.40 -9.04
CA THR A 78 -21.79 -3.18 -8.39
C THR A 78 -22.52 -2.95 -7.07
N LEU A 79 -23.84 -3.11 -7.07
CA LEU A 79 -24.62 -2.90 -5.84
C LEU A 79 -24.22 -3.89 -4.77
N LEU A 80 -24.04 -5.16 -5.15
CA LEU A 80 -23.64 -6.18 -4.17
C LEU A 80 -22.33 -5.79 -3.50
N MET A 81 -21.36 -5.28 -4.26
CA MET A 81 -20.11 -4.84 -3.67
C MET A 81 -20.33 -3.65 -2.75
N GLN A 82 -21.28 -2.77 -3.07
CA GLN A 82 -21.59 -1.65 -2.19
C GLN A 82 -22.26 -2.11 -0.90
N LEU A 83 -22.84 -3.30 -0.88
CA LEU A 83 -23.52 -3.81 0.31
C LEU A 83 -22.59 -4.55 1.26
N LYS A 84 -21.37 -4.87 0.85
CA LYS A 84 -20.45 -5.60 1.72
C LYS A 84 -20.26 -4.92 3.07
N PRO A 85 -20.02 -3.61 3.14
CA PRO A 85 -19.94 -2.98 4.47
C PRO A 85 -21.28 -2.93 5.17
N VAL A 86 -22.36 -2.70 4.43
CA VAL A 86 -23.68 -2.56 5.03
C VAL A 86 -24.06 -3.84 5.77
N LEU A 87 -23.83 -4.99 5.14
CA LEU A 87 -24.23 -6.27 5.69
C LEU A 87 -23.08 -7.02 6.35
N SER A 88 -21.87 -6.47 6.34
CA SER A 88 -20.73 -7.05 7.04
C SER A 88 -20.45 -8.46 6.54
N MET A 89 -20.18 -8.54 5.23
CA MET A 89 -19.94 -9.82 4.57
C MET A 89 -18.45 -10.07 4.43
N SER A 90 -18.05 -11.33 4.59
CA SER A 90 -16.68 -11.72 4.32
C SER A 90 -16.45 -11.81 2.82
N ASP A 91 -15.17 -11.83 2.43
CA ASP A 91 -14.83 -12.01 1.03
C ASP A 91 -15.49 -13.26 0.46
N ALA A 92 -15.53 -14.34 1.25
CA ALA A 92 -16.13 -15.58 0.79
C ALA A 92 -17.65 -15.46 0.68
N THR A 93 -18.28 -14.79 1.65
CA THR A 93 -19.72 -14.60 1.58
C THR A 93 -20.12 -13.80 0.34
N VAL A 94 -19.26 -12.88 -0.11
CA VAL A 94 -19.55 -12.13 -1.32
C VAL A 94 -19.42 -13.02 -2.55
N ALA A 95 -18.38 -13.85 -2.59
CA ALA A 95 -18.21 -14.74 -3.74
C ALA A 95 -19.36 -15.71 -3.86
N GLU A 96 -19.90 -16.16 -2.72
CA GLU A 96 -21.08 -17.02 -2.74
C GLU A 96 -22.27 -16.29 -3.38
N HIS A 97 -22.49 -15.04 -2.97
CA HIS A 97 -23.63 -14.29 -3.48
C HIS A 97 -23.40 -13.85 -4.93
N MET A 98 -22.16 -13.70 -5.35
CA MET A 98 -21.87 -13.45 -6.76
C MET A 98 -22.39 -14.57 -7.63
N GLN A 99 -22.05 -15.82 -7.27
CA GLN A 99 -22.53 -16.96 -8.04
C GLN A 99 -24.05 -17.03 -8.03
N ASP A 100 -24.67 -16.83 -6.86
CA ASP A 100 -26.13 -16.74 -6.80
C ASP A 100 -26.63 -15.56 -7.62
N LEU A 101 -25.90 -14.45 -7.60
CA LEU A 101 -26.30 -13.28 -8.38
C LEU A 101 -26.25 -13.58 -9.88
N TYR A 102 -25.15 -14.17 -10.34
CA TYR A 102 -25.01 -14.43 -11.77
C TYR A 102 -25.89 -15.59 -12.21
N ALA A 103 -26.14 -16.55 -11.32
CA ALA A 103 -27.13 -17.58 -11.63
C ALA A 103 -28.51 -16.96 -11.85
N THR A 104 -28.84 -15.90 -11.12
CA THR A 104 -30.13 -15.24 -11.28
C THR A 104 -30.19 -14.48 -12.59
N LEU A 105 -29.13 -13.75 -12.93
CA LEU A 105 -29.12 -13.01 -14.19
C LEU A 105 -29.20 -13.95 -15.38
N LEU A 106 -28.52 -15.10 -15.31
CA LEU A 106 -28.62 -16.08 -16.38
C LEU A 106 -30.06 -16.54 -16.56
N GLY A 107 -30.74 -16.86 -15.46
CA GLY A 107 -32.13 -17.28 -15.54
C GLY A 107 -33.04 -16.16 -16.03
N ASP A 108 -32.81 -14.94 -15.55
CA ASP A 108 -33.61 -13.81 -16.00
C ASP A 108 -33.40 -13.54 -17.48
N LEU A 109 -32.19 -13.78 -18.00
CA LEU A 109 -31.95 -13.66 -19.43
C LEU A 109 -32.73 -14.72 -20.20
N GLN A 110 -32.82 -15.93 -19.66
CA GLN A 110 -33.59 -16.98 -20.31
C GLN A 110 -35.07 -16.63 -20.37
N LEU A 111 -35.63 -16.17 -19.25
CA LEU A 111 -37.05 -15.81 -19.22
C LEU A 111 -37.34 -14.67 -20.18
N LEU A 112 -36.42 -13.71 -20.29
CA LEU A 112 -36.60 -12.60 -21.22
C LEU A 112 -36.64 -13.09 -22.65
N LYS A 113 -35.74 -14.01 -23.00
CA LYS A 113 -35.73 -14.56 -24.35
C LYS A 113 -36.97 -15.42 -24.63
N ALA A 114 -37.36 -16.25 -23.66
CA ALA A 114 -38.47 -17.16 -23.87
C ALA A 114 -39.83 -16.49 -23.85
N ARG A 115 -39.94 -15.31 -23.24
CA ARG A 115 -41.21 -14.61 -23.12
C ARG A 115 -41.33 -13.45 -24.10
N ARG A 116 -40.45 -13.37 -25.11
CA ARG A 116 -40.47 -12.25 -26.04
C ARG A 116 -41.64 -12.37 -27.01
N GLY A 117 -42.19 -11.22 -27.37
CA GLY A 117 -43.34 -11.13 -28.26
C GLY A 117 -44.63 -11.72 -27.71
N LEU A 118 -44.68 -12.08 -26.43
CA LEU A 118 -45.83 -12.75 -25.85
C LEU A 118 -46.59 -11.78 -24.98
N SER A 119 -47.85 -11.54 -25.33
CA SER A 119 -48.74 -10.71 -24.54
C SER A 119 -49.23 -11.47 -23.31
N ALA A 120 -49.89 -10.75 -22.41
CA ALA A 120 -50.47 -11.40 -21.24
C ALA A 120 -51.48 -12.46 -21.65
N SER A 121 -52.30 -12.17 -22.67
CA SER A 121 -53.23 -13.17 -23.18
C SER A 121 -52.49 -14.39 -23.71
N ASP A 122 -51.44 -14.16 -24.50
CA ASP A 122 -50.60 -15.26 -24.94
C ASP A 122 -50.10 -16.06 -23.75
N LEU A 123 -49.63 -15.38 -22.71
CA LEU A 123 -48.94 -16.06 -21.61
C LEU A 123 -49.91 -16.95 -20.83
N ILE A 124 -51.16 -16.51 -20.64
CA ILE A 124 -52.12 -17.33 -19.89
C ILE A 124 -52.67 -18.49 -20.70
N ASP A 125 -52.40 -18.54 -22.01
CA ASP A 125 -52.84 -19.65 -22.85
C ASP A 125 -51.78 -20.73 -23.02
N LEU A 126 -50.62 -20.58 -22.42
CA LEU A 126 -49.61 -21.63 -22.50
C LEU A 126 -50.08 -22.87 -21.76
N ASP A 127 -49.45 -24.00 -22.09
CA ASP A 127 -49.57 -25.20 -21.26
C ASP A 127 -49.25 -24.85 -19.82
N ALA A 128 -50.07 -25.36 -18.90
CA ALA A 128 -49.91 -25.03 -17.49
C ALA A 128 -48.47 -25.25 -17.02
N ASP A 129 -47.85 -26.36 -17.47
CA ASP A 129 -46.50 -26.67 -17.03
C ASP A 129 -45.47 -25.72 -17.61
N ARG A 130 -45.69 -25.24 -18.84
CA ARG A 130 -44.75 -24.28 -19.42
C ARG A 130 -44.88 -22.92 -18.76
N LEU A 131 -46.11 -22.49 -18.46
CA LEU A 131 -46.31 -21.22 -17.78
C LEU A 131 -45.62 -21.21 -16.42
N GLN A 132 -45.74 -22.29 -15.69
CA GLN A 132 -45.08 -22.38 -14.44
C GLN A 132 -43.60 -22.25 -14.58
N CYS A 133 -43.02 -22.81 -15.61
CA CYS A 133 -41.60 -22.69 -15.87
C CYS A 133 -41.19 -21.23 -16.09
N LEU A 134 -42.06 -20.44 -16.72
CA LEU A 134 -41.72 -19.07 -17.11
C LEU A 134 -41.98 -18.05 -16.02
N LEU A 135 -42.37 -18.48 -14.82
CA LEU A 135 -42.59 -17.54 -13.74
C LEU A 135 -41.26 -16.94 -13.29
N SER A 136 -41.32 -15.71 -12.78
CA SER A 136 -40.12 -14.97 -12.44
C SER A 136 -39.40 -15.56 -11.24
N GLY A 137 -40.09 -16.36 -10.42
CA GLY A 137 -39.49 -16.90 -9.21
C GLY A 137 -39.97 -16.19 -7.96
N HIS A 138 -39.26 -16.44 -6.88
CA HIS A 138 -39.68 -15.92 -5.59
C HIS A 138 -39.59 -14.40 -5.58
N PRO A 139 -40.65 -13.68 -5.18
CA PRO A 139 -40.65 -12.22 -5.34
C PRO A 139 -39.86 -11.47 -4.27
N LYS A 140 -39.52 -12.10 -3.15
CA LYS A 140 -38.85 -11.38 -2.06
C LYS A 140 -37.34 -11.44 -2.14
N PHE A 141 -36.78 -12.60 -2.43
CA PHE A 141 -35.33 -12.80 -2.31
C PHE A 141 -34.60 -12.20 -3.52
N ALA A 142 -33.46 -11.57 -3.23
CA ALA A 142 -32.74 -10.81 -4.25
C ALA A 142 -32.24 -11.71 -5.37
N PHE A 143 -31.66 -12.85 -5.02
CA PHE A 143 -31.11 -13.80 -6.00
C PHE A 143 -31.94 -15.07 -5.94
N ASN A 144 -33.14 -15.02 -6.51
CA ASN A 144 -34.11 -16.10 -6.32
C ASN A 144 -33.83 -17.31 -7.21
N LYS A 145 -32.78 -17.31 -8.01
CA LYS A 145 -32.40 -18.49 -8.79
C LYS A 145 -31.00 -18.98 -8.46
N GLY A 146 -30.36 -18.43 -7.43
CA GLY A 146 -29.11 -18.98 -6.96
C GLY A 146 -29.34 -20.33 -6.31
N ARG A 147 -28.45 -21.27 -6.61
CA ARG A 147 -28.58 -22.63 -6.08
C ARG A 147 -27.17 -23.17 -5.85
N ARG A 148 -26.80 -23.30 -4.58
CA ARG A 148 -25.40 -23.56 -4.21
C ARG A 148 -24.84 -24.75 -4.96
N GLY A 149 -23.69 -24.53 -5.60
CA GLY A 149 -23.00 -25.58 -6.32
C GLY A 149 -23.49 -25.84 -7.73
N TRP A 150 -24.50 -25.11 -8.20
CA TRP A 150 -25.04 -25.30 -9.54
C TRP A 150 -24.41 -24.29 -10.49
N GLY A 151 -23.61 -24.79 -11.43
CA GLY A 151 -23.08 -23.97 -12.50
C GLY A 151 -24.04 -23.87 -13.66
N LYS A 152 -23.57 -23.21 -14.73
CA LYS A 152 -24.44 -22.99 -15.89
C LYS A 152 -25.01 -24.29 -16.44
N GLU A 153 -24.23 -25.38 -16.38
CA GLU A 153 -24.69 -26.65 -16.92
C GLU A 153 -25.86 -27.20 -16.10
N ALA A 154 -25.70 -27.25 -14.78
CA ALA A 154 -26.74 -27.81 -13.93
C ALA A 154 -27.99 -26.95 -13.92
N LEU A 155 -27.83 -25.62 -13.95
CA LEU A 155 -28.98 -24.73 -14.04
C LEU A 155 -29.79 -25.01 -15.29
N GLU A 156 -29.12 -25.10 -16.45
CA GLU A 156 -29.84 -25.28 -17.70
C GLU A 156 -30.50 -26.65 -17.80
N ARG A 157 -29.88 -27.68 -17.22
CA ARG A 157 -30.42 -29.02 -17.33
C ARG A 157 -31.59 -29.28 -16.39
N TYR A 158 -31.59 -28.68 -15.20
CA TYR A 158 -32.50 -29.09 -14.14
C TYR A 158 -33.32 -27.96 -13.53
N ALA A 159 -33.01 -26.69 -13.81
CA ALA A 159 -33.79 -25.63 -13.18
C ALA A 159 -35.04 -25.31 -14.00
N PRO A 160 -36.12 -24.87 -13.35
CA PRO A 160 -37.39 -24.73 -14.07
C PRO A 160 -37.39 -23.61 -15.10
N GLU A 161 -36.66 -22.52 -14.88
CA GLU A 161 -36.73 -21.40 -15.81
C GLU A 161 -36.20 -21.76 -17.20
N TYR A 162 -35.53 -22.91 -17.36
CA TYR A 162 -35.10 -23.36 -18.67
C TYR A 162 -36.03 -24.40 -19.29
N ALA A 163 -36.89 -25.02 -18.50
CA ALA A 163 -37.95 -25.89 -19.01
C ALA A 163 -37.39 -27.07 -19.80
N ASN A 164 -36.24 -27.58 -19.36
CA ASN A 164 -35.67 -28.77 -19.96
C ASN A 164 -36.11 -30.01 -19.18
N THR A 165 -36.07 -31.15 -19.87
CA THR A 165 -36.50 -32.42 -19.30
C THR A 165 -35.31 -33.35 -19.13
N PHE A 166 -35.53 -34.41 -18.35
CA PHE A 166 -34.46 -35.36 -18.08
C PHE A 166 -35.05 -36.65 -17.52
N ARG A 167 -34.30 -37.73 -17.68
CA ARG A 167 -34.65 -39.01 -17.09
C ARG A 167 -34.11 -39.09 -15.67
N LEU A 168 -34.70 -39.99 -14.89
CA LEU A 168 -34.23 -40.26 -13.54
C LEU A 168 -33.23 -41.40 -13.53
N HIS A 169 -32.32 -41.36 -12.56
CA HIS A 169 -31.42 -42.46 -12.30
C HIS A 169 -32.08 -43.43 -11.33
N TRP A 170 -31.77 -44.72 -11.49
CA TRP A 170 -32.43 -45.76 -10.72
C TRP A 170 -31.40 -46.60 -9.97
N LEU A 171 -31.65 -46.79 -8.67
CA LEU A 171 -30.82 -47.63 -7.82
C LEU A 171 -31.62 -48.86 -7.37
N ALA A 172 -30.89 -49.84 -6.84
CA ALA A 172 -31.47 -51.01 -6.22
C ALA A 172 -30.97 -51.10 -4.78
N VAL A 173 -31.89 -51.27 -3.84
CA VAL A 173 -31.57 -51.29 -2.42
C VAL A 173 -32.24 -52.48 -1.78
N LYS A 174 -31.58 -53.05 -0.77
CA LYS A 174 -32.17 -54.16 -0.03
C LYS A 174 -33.38 -53.70 0.76
N ARG A 175 -34.42 -54.54 0.80
CA ARG A 175 -35.65 -54.17 1.48
C ARG A 175 -35.39 -53.85 2.94
N GLU A 176 -34.55 -54.64 3.62
CA GLU A 176 -34.27 -54.41 5.03
C GLU A 176 -33.65 -53.04 5.28
N HIS A 177 -33.14 -52.37 4.23
CA HIS A 177 -32.48 -51.08 4.39
C HIS A 177 -33.42 -49.90 4.21
N MET A 178 -34.68 -50.11 3.83
CA MET A 178 -35.56 -49.02 3.45
C MET A 178 -36.85 -49.03 4.25
N VAL A 179 -37.34 -47.84 4.56
CA VAL A 179 -38.66 -47.63 5.13
C VAL A 179 -39.59 -47.24 4.00
N TRP A 180 -40.76 -47.89 3.93
CA TRP A 180 -41.69 -47.69 2.83
C TRP A 180 -43.09 -47.51 3.41
N ARG A 181 -43.67 -46.32 3.20
CA ARG A 181 -44.94 -45.95 3.81
C ARG A 181 -46.08 -45.88 2.80
N CYS A 182 -45.98 -46.61 1.69
CA CYS A 182 -47.05 -46.61 0.70
C CYS A 182 -48.37 -47.00 1.33
N ASP A 183 -49.44 -46.30 0.92
CA ASP A 183 -50.75 -46.46 1.53
C ASP A 183 -51.80 -46.72 0.46
N GLY A 184 -52.83 -47.48 0.85
CA GLY A 184 -53.98 -47.69 0.00
C GLY A 184 -53.79 -48.76 -1.05
N SER A 185 -54.32 -48.52 -2.25
CA SER A 185 -54.29 -49.49 -3.34
C SER A 185 -53.02 -49.42 -4.17
N LEU A 186 -52.17 -48.41 -3.95
CA LEU A 186 -50.96 -48.27 -4.74
C LEU A 186 -49.96 -49.39 -4.43
N THR A 187 -49.19 -49.78 -5.44
CA THR A 187 -48.13 -50.76 -5.28
C THR A 187 -46.92 -50.30 -6.07
N ILE A 188 -45.77 -50.94 -5.82
CA ILE A 188 -44.54 -50.58 -6.51
C ILE A 188 -44.73 -50.68 -8.02
N GLY A 189 -45.37 -51.77 -8.48
CA GLY A 189 -45.58 -51.95 -9.90
C GLY A 189 -46.36 -50.80 -10.52
N THR A 190 -47.34 -50.27 -9.79
CA THR A 190 -48.11 -49.15 -10.30
C THR A 190 -47.24 -47.90 -10.38
N LEU A 191 -46.52 -47.59 -9.30
CA LEU A 191 -45.64 -46.42 -9.32
C LEU A 191 -44.61 -46.52 -10.44
N LEU A 192 -44.02 -47.70 -10.62
CA LEU A 192 -43.08 -47.89 -11.73
C LEU A 192 -43.78 -47.68 -13.06
N ALA A 193 -45.03 -48.13 -13.19
CA ALA A 193 -45.77 -47.92 -14.42
C ALA A 193 -46.02 -46.44 -14.68
N ALA A 194 -46.06 -45.63 -13.63
CA ALA A 194 -46.21 -44.19 -13.80
C ALA A 194 -44.92 -43.53 -14.28
N ALA A 195 -43.77 -44.16 -14.05
CA ALA A 195 -42.48 -43.59 -14.41
C ALA A 195 -41.85 -44.24 -15.63
N MET A 196 -42.35 -45.38 -16.08
CA MET A 196 -41.79 -46.09 -17.22
C MET A 196 -42.92 -46.59 -18.11
N ASP A 197 -42.76 -46.42 -19.41
CA ASP A 197 -43.66 -47.08 -20.34
C ASP A 197 -43.30 -48.56 -20.41
N PRO A 198 -44.22 -49.41 -20.88
CA PRO A 198 -43.94 -50.84 -20.91
C PRO A 198 -42.61 -51.20 -21.58
N GLN A 199 -42.15 -50.38 -22.52
CA GLN A 199 -40.90 -50.66 -23.20
C GLN A 199 -39.71 -50.47 -22.27
N GLU A 200 -39.70 -49.36 -21.52
CA GLU A 200 -38.60 -49.09 -20.59
C GLU A 200 -38.65 -50.01 -19.38
N PHE A 201 -39.85 -50.37 -18.92
CA PHE A 201 -39.96 -51.29 -17.79
C PHE A 201 -39.35 -52.65 -18.11
N ALA A 202 -39.39 -53.07 -19.37
CA ALA A 202 -38.77 -54.33 -19.75
C ALA A 202 -37.25 -54.19 -19.79
N ARG A 203 -36.75 -53.11 -20.37
CA ARG A 203 -35.32 -52.85 -20.33
C ARG A 203 -34.83 -52.76 -18.89
N PHE A 204 -35.63 -52.12 -18.02
CA PHE A 204 -35.26 -52.02 -16.61
C PHE A 204 -35.20 -53.39 -15.97
N ASN A 205 -36.14 -54.26 -16.30
CA ASN A 205 -36.16 -55.59 -15.74
C ASN A 205 -35.01 -56.42 -16.24
N GLN A 206 -34.67 -56.25 -17.47
CA GLN A 206 -33.53 -56.99 -18.01
C GLN A 206 -32.25 -56.68 -17.25
N VAL A 207 -31.96 -55.39 -17.07
CA VAL A 207 -30.80 -55.01 -16.26
C VAL A 207 -30.97 -55.49 -14.83
N TRP A 208 -32.20 -55.45 -14.32
CA TRP A 208 -32.48 -55.92 -12.97
C TRP A 208 -32.04 -57.36 -12.79
N GLN A 209 -32.32 -58.23 -13.77
CA GLN A 209 -31.90 -59.61 -13.70
C GLN A 209 -30.43 -59.78 -14.06
N ASP A 210 -29.90 -58.93 -14.95
CA ASP A 210 -28.50 -59.03 -15.32
C ASP A 210 -27.58 -58.78 -14.15
N ASN A 211 -28.00 -57.96 -13.19
CA ASN A 211 -27.25 -57.72 -11.96
C ASN A 211 -27.56 -58.74 -10.88
N GLY A 212 -28.36 -59.76 -11.20
CA GLY A 212 -28.65 -60.82 -10.24
C GLY A 212 -29.51 -60.39 -9.08
N LEU A 213 -30.39 -59.43 -9.28
CA LEU A 213 -31.26 -58.94 -8.21
C LEU A 213 -32.57 -59.72 -8.20
N ASP A 214 -33.16 -59.82 -7.02
CA ASP A 214 -34.39 -60.59 -6.84
C ASP A 214 -35.36 -59.75 -5.99
N ASN A 215 -36.36 -60.43 -5.40
CA ASN A 215 -37.39 -59.73 -4.65
C ASN A 215 -36.90 -59.15 -3.34
N ASP A 216 -35.66 -59.42 -2.93
CA ASP A 216 -35.10 -58.80 -1.75
C ASP A 216 -34.60 -57.39 -1.99
N TRP A 217 -34.61 -56.92 -3.24
CA TRP A 217 -34.17 -55.58 -3.57
C TRP A 217 -35.34 -54.76 -4.11
N LEU A 218 -35.24 -53.44 -3.95
CA LEU A 218 -36.28 -52.52 -4.38
C LEU A 218 -35.69 -51.42 -5.25
N PRO A 219 -36.42 -50.95 -6.26
CA PRO A 219 -35.94 -49.81 -7.05
C PRO A 219 -36.11 -48.49 -6.30
N LEU A 220 -35.06 -47.67 -6.36
CA LEU A 220 -35.10 -46.33 -5.80
C LEU A 220 -34.74 -45.33 -6.90
N PRO A 221 -35.65 -44.43 -7.29
CA PRO A 221 -35.27 -43.39 -8.24
C PRO A 221 -34.41 -42.31 -7.58
N VAL A 222 -33.60 -41.66 -8.40
CA VAL A 222 -32.68 -40.63 -7.92
C VAL A 222 -32.61 -39.52 -8.96
N HIS A 223 -32.67 -38.28 -8.50
CA HIS A 223 -32.48 -37.15 -9.39
C HIS A 223 -31.08 -37.23 -10.00
N PRO A 224 -30.94 -37.06 -11.32
CA PRO A 224 -29.61 -37.23 -11.93
C PRO A 224 -28.55 -36.33 -11.33
N TRP A 225 -28.90 -35.10 -10.96
CA TRP A 225 -27.93 -34.24 -10.29
C TRP A 225 -27.51 -34.83 -8.95
N GLN A 226 -28.48 -35.34 -8.18
CA GLN A 226 -28.16 -35.97 -6.91
C GLN A 226 -27.22 -37.16 -7.11
N TRP A 227 -27.49 -38.00 -8.12
CA TRP A 227 -26.60 -39.12 -8.40
C TRP A 227 -25.23 -38.62 -8.86
N GLN A 228 -25.22 -37.64 -9.76
CA GLN A 228 -23.98 -37.16 -10.36
C GLN A 228 -23.06 -36.57 -9.30
N GLN A 229 -23.58 -35.70 -8.44
CA GLN A 229 -22.76 -34.90 -7.55
C GLN A 229 -22.61 -35.49 -6.15
N LYS A 230 -23.60 -36.24 -5.66
CA LYS A 230 -23.61 -36.65 -4.26
C LYS A 230 -23.53 -38.16 -4.08
N ILE A 231 -24.48 -38.92 -4.63
CA ILE A 231 -24.59 -40.33 -4.28
C ILE A 231 -23.47 -41.14 -4.92
N SER A 232 -23.16 -40.88 -6.20
CA SER A 232 -22.09 -41.62 -6.86
C SER A 232 -20.76 -41.44 -6.14
N LEU A 233 -20.62 -40.41 -5.33
CA LEU A 233 -19.39 -40.13 -4.59
C LEU A 233 -19.53 -40.41 -3.10
N ASP A 234 -20.52 -39.80 -2.45
CA ASP A 234 -20.65 -39.94 -0.99
C ASP A 234 -20.94 -41.37 -0.57
N PHE A 235 -21.62 -42.15 -1.40
CA PHE A 235 -21.95 -43.53 -1.09
C PHE A 235 -21.19 -44.51 -1.99
N ILE A 236 -20.00 -44.11 -2.45
CA ILE A 236 -19.20 -44.97 -3.31
C ILE A 236 -18.83 -46.25 -2.59
N ALA A 237 -18.64 -46.19 -1.26
CA ALA A 237 -18.33 -47.41 -0.51
C ALA A 237 -19.47 -48.41 -0.61
N ASP A 238 -20.71 -47.94 -0.42
CA ASP A 238 -21.85 -48.83 -0.54
C ASP A 238 -21.98 -49.41 -1.94
N LEU A 239 -21.61 -48.63 -2.97
CA LEU A 239 -21.72 -49.12 -4.34
C LEU A 239 -20.66 -50.18 -4.64
N ALA A 240 -19.45 -50.01 -4.10
CA ALA A 240 -18.39 -50.99 -4.33
C ALA A 240 -18.61 -52.25 -3.49
N GLU A 241 -19.14 -52.10 -2.28
CA GLU A 241 -19.39 -53.25 -1.42
C GLU A 241 -20.58 -54.08 -1.89
N GLY A 242 -21.51 -53.47 -2.62
CA GLY A 242 -22.69 -54.17 -3.10
C GLY A 242 -23.96 -53.90 -2.30
N ARG A 243 -23.88 -53.14 -1.21
CA ARG A 243 -25.10 -52.79 -0.47
C ARG A 243 -26.07 -52.00 -1.33
N MET A 244 -25.60 -51.41 -2.43
CA MET A 244 -26.44 -50.64 -3.33
C MET A 244 -25.93 -50.86 -4.74
N VAL A 245 -26.85 -50.90 -5.70
CA VAL A 245 -26.52 -51.18 -7.10
C VAL A 245 -27.04 -50.06 -7.96
N SER A 246 -26.18 -49.56 -8.85
CA SER A 246 -26.54 -48.51 -9.79
C SER A 246 -27.01 -49.14 -11.10
N LEU A 247 -28.27 -48.91 -11.46
CA LEU A 247 -28.84 -49.52 -12.65
C LEU A 247 -28.75 -48.62 -13.88
N GLY A 248 -28.76 -47.31 -13.69
CA GLY A 248 -28.71 -46.37 -14.79
C GLY A 248 -29.99 -45.57 -14.90
N GLU A 249 -30.11 -44.84 -16.00
CA GLU A 249 -31.26 -44.01 -16.26
C GLU A 249 -32.29 -44.78 -17.06
N PHE A 250 -33.56 -44.67 -16.66
CA PHE A 250 -34.65 -45.35 -17.34
C PHE A 250 -35.90 -44.48 -17.27
N GLY A 251 -36.79 -44.69 -18.22
CA GLY A 251 -38.17 -44.25 -18.10
C GLY A 251 -38.46 -42.92 -18.75
N ASP A 252 -39.51 -42.28 -18.25
CA ASP A 252 -40.05 -41.08 -18.84
C ASP A 252 -39.16 -39.86 -18.55
N LEU A 253 -39.47 -38.78 -19.25
CA LEU A 253 -38.77 -37.50 -19.06
C LEU A 253 -39.52 -36.64 -18.06
N TRP A 254 -38.79 -36.01 -17.16
CA TRP A 254 -39.37 -35.25 -16.07
C TRP A 254 -39.00 -33.78 -16.19
N LEU A 255 -39.85 -32.93 -15.63
CA LEU A 255 -39.74 -31.49 -15.74
C LEU A 255 -39.80 -30.90 -14.33
N ALA A 256 -38.89 -29.97 -14.05
CA ALA A 256 -38.80 -29.40 -12.71
C ALA A 256 -39.88 -28.35 -12.48
N GLN A 257 -40.41 -28.32 -11.27
CA GLN A 257 -41.32 -27.27 -10.84
C GLN A 257 -40.55 -26.15 -10.17
N GLN A 258 -41.27 -25.12 -9.72
CA GLN A 258 -40.63 -24.03 -9.00
C GLN A 258 -39.90 -24.52 -7.76
N SER A 259 -40.43 -25.55 -7.10
CA SER A 259 -39.79 -26.10 -5.91
C SER A 259 -38.52 -26.88 -6.24
N LEU A 260 -38.28 -27.19 -7.51
CA LEU A 260 -37.02 -27.77 -7.97
C LEU A 260 -36.88 -29.25 -7.59
N ARG A 261 -37.27 -29.61 -6.37
CA ARG A 261 -37.21 -31.00 -5.94
C ARG A 261 -38.41 -31.81 -6.41
N THR A 262 -39.53 -31.16 -6.69
CA THR A 262 -40.74 -31.84 -7.15
C THR A 262 -40.82 -31.73 -8.67
N LEU A 263 -40.99 -32.87 -9.33
CA LEU A 263 -40.94 -32.95 -10.79
C LEU A 263 -42.29 -33.38 -11.35
N THR A 264 -42.61 -32.85 -12.54
CA THR A 264 -43.80 -33.22 -13.28
C THR A 264 -43.40 -34.11 -14.44
N ASN A 265 -44.21 -35.13 -14.70
CA ASN A 265 -43.95 -36.05 -15.81
C ASN A 265 -44.36 -35.39 -17.12
N ALA A 266 -43.40 -35.18 -18.01
CA ALA A 266 -43.66 -34.54 -19.29
C ALA A 266 -43.97 -35.53 -20.41
N SER A 267 -43.63 -36.80 -20.24
CA SER A 267 -43.89 -37.78 -21.28
C SER A 267 -45.32 -38.32 -21.22
N ARG A 268 -45.82 -38.58 -20.01
CA ARG A 268 -47.13 -39.19 -19.83
C ARG A 268 -47.80 -38.55 -18.63
N GLN A 269 -48.95 -37.91 -18.85
CA GLN A 269 -49.65 -37.17 -17.80
C GLN A 269 -50.41 -38.17 -16.93
N GLY A 270 -49.77 -38.60 -15.83
CA GLY A 270 -50.28 -39.74 -15.07
C GLY A 270 -50.90 -39.46 -13.71
N GLY A 271 -50.88 -38.21 -13.25
CA GLY A 271 -51.53 -37.86 -12.01
C GLY A 271 -50.66 -37.91 -10.77
N LEU A 272 -49.42 -38.37 -10.88
CA LEU A 272 -48.49 -38.40 -9.75
C LEU A 272 -47.25 -37.60 -10.11
N ASP A 273 -46.94 -36.61 -9.28
CA ASP A 273 -45.63 -35.97 -9.33
C ASP A 273 -44.67 -36.71 -8.42
N ILE A 274 -43.38 -36.48 -8.62
CA ILE A 274 -42.34 -37.12 -7.83
C ILE A 274 -41.49 -36.03 -7.19
N LYS A 275 -41.09 -36.26 -5.94
CA LYS A 275 -40.23 -35.33 -5.21
C LYS A 275 -39.00 -36.11 -4.75
N LEU A 276 -37.82 -35.60 -5.11
CA LEU A 276 -36.58 -36.30 -4.88
C LEU A 276 -35.62 -35.44 -4.06
N PRO A 277 -34.68 -36.04 -3.33
CA PRO A 277 -33.73 -35.23 -2.56
C PRO A 277 -32.74 -34.50 -3.45
N LEU A 278 -32.45 -33.26 -3.08
CA LEU A 278 -31.37 -32.47 -3.68
C LEU A 278 -30.57 -31.89 -2.52
N THR A 279 -29.40 -32.48 -2.27
CA THR A 279 -28.56 -32.08 -1.14
C THR A 279 -27.69 -30.90 -1.57
N ILE A 280 -28.14 -29.70 -1.28
CA ILE A 280 -27.47 -28.47 -1.71
C ILE A 280 -26.77 -27.76 -0.55
N TYR A 281 -27.51 -27.47 0.51
CA TYR A 281 -26.95 -26.84 1.70
C TYR A 281 -26.83 -27.85 2.84
N PRO A 290 -35.54 -36.65 11.07
CA PRO A 290 -35.37 -36.75 9.62
C PRO A 290 -36.27 -37.81 8.99
N GLY A 291 -36.05 -39.08 9.37
CA GLY A 291 -36.93 -40.14 8.90
C GLY A 291 -38.32 -40.05 9.48
N LYS A 292 -38.45 -39.53 10.70
CA LYS A 292 -39.76 -39.40 11.32
C LYS A 292 -40.61 -38.36 10.61
N TYR A 293 -40.02 -37.20 10.28
CA TYR A 293 -40.78 -36.14 9.61
C TYR A 293 -41.23 -36.57 8.23
N ILE A 294 -40.38 -37.28 7.49
CA ILE A 294 -40.72 -37.68 6.13
C ILE A 294 -41.84 -38.71 6.12
N ALA A 295 -41.93 -39.53 7.16
CA ALA A 295 -42.89 -40.63 7.20
C ALA A 295 -44.24 -40.25 7.79
N ALA A 296 -44.36 -39.06 8.39
CA ALA A 296 -45.61 -38.64 8.99
C ALA A 296 -46.53 -37.88 8.04
N GLY A 297 -45.99 -37.34 6.95
CA GLY A 297 -46.76 -36.58 6.01
C GLY A 297 -47.96 -37.34 5.46
N PRO A 298 -47.72 -38.57 4.98
CA PRO A 298 -48.85 -39.39 4.53
C PRO A 298 -49.99 -39.49 5.52
N LEU A 299 -49.69 -39.34 6.82
CA LEU A 299 -50.75 -39.34 7.83
C LEU A 299 -51.25 -37.94 8.13
N ALA A 300 -50.46 -36.90 7.88
CA ALA A 300 -50.94 -35.54 8.02
C ALA A 300 -51.90 -35.19 6.88
N SER A 301 -51.55 -35.57 5.65
CA SER A 301 -52.44 -35.34 4.52
C SER A 301 -53.78 -36.04 4.74
N ARG A 302 -53.74 -37.31 5.17
CA ARG A 302 -54.97 -38.05 5.41
C ARG A 302 -55.86 -37.34 6.42
N TRP A 303 -55.26 -36.65 7.39
CA TRP A 303 -56.06 -35.95 8.40
C TRP A 303 -56.67 -34.67 7.84
N LEU A 304 -55.87 -33.87 7.12
CA LEU A 304 -56.39 -32.64 6.55
C LEU A 304 -57.44 -32.92 5.49
N GLN A 305 -57.26 -34.00 4.72
CA GLN A 305 -58.28 -34.37 3.75
C GLN A 305 -59.61 -34.65 4.43
N GLN A 306 -59.59 -35.34 5.57
CA GLN A 306 -60.82 -35.59 6.31
C GLN A 306 -61.42 -34.31 6.85
N VAL A 307 -60.59 -33.35 7.25
CA VAL A 307 -61.11 -32.09 7.79
C VAL A 307 -61.80 -31.29 6.68
N PHE A 308 -61.16 -31.16 5.53
CA PHE A 308 -61.74 -30.40 4.43
C PHE A 308 -62.99 -31.06 3.89
N ALA A 309 -63.10 -32.39 4.00
CA ALA A 309 -64.30 -33.07 3.54
C ALA A 309 -65.46 -32.88 4.52
N THR A 310 -65.17 -32.87 5.82
CA THR A 310 -66.21 -32.78 6.83
C THR A 310 -66.65 -31.32 7.04
N ASP A 311 -65.70 -30.43 7.27
CA ASP A 311 -66.01 -29.05 7.60
C ASP A 311 -66.79 -28.40 6.46
N ALA A 312 -67.96 -27.84 6.79
CA ALA A 312 -68.83 -27.26 5.77
C ALA A 312 -68.20 -26.01 5.16
N THR A 313 -67.59 -25.17 5.98
CA THR A 313 -66.95 -23.96 5.45
C THR A 313 -65.86 -24.31 4.45
N LEU A 314 -65.07 -25.35 4.74
CA LEU A 314 -64.02 -25.76 3.83
C LEU A 314 -64.58 -26.56 2.64
N LYS A 315 -65.64 -27.32 2.87
CA LYS A 315 -66.33 -27.98 1.77
C LYS A 315 -66.87 -26.95 0.78
N GLN A 316 -67.47 -25.87 1.28
CA GLN A 316 -68.08 -24.88 0.41
C GLN A 316 -67.05 -24.07 -0.35
N SER A 317 -65.84 -23.91 0.20
CA SER A 317 -64.81 -23.15 -0.50
C SER A 317 -64.25 -23.90 -1.70
N GLY A 318 -64.39 -25.22 -1.73
CA GLY A 318 -63.83 -26.04 -2.79
C GLY A 318 -62.38 -26.43 -2.60
N ALA A 319 -61.75 -25.98 -1.51
CA ALA A 319 -60.32 -26.24 -1.31
C ALA A 319 -60.02 -27.73 -1.38
N VAL A 320 -58.91 -28.05 -2.05
CA VAL A 320 -58.49 -29.44 -2.27
C VAL A 320 -57.15 -29.65 -1.57
N ILE A 321 -57.00 -30.82 -0.96
CA ILE A 321 -55.76 -31.24 -0.31
C ILE A 321 -55.12 -32.31 -1.18
N LEU A 322 -54.04 -31.96 -1.86
CA LEU A 322 -53.29 -32.94 -2.63
C LEU A 322 -52.45 -33.79 -1.70
N GLY A 323 -52.59 -35.11 -1.81
CA GLY A 323 -52.01 -36.02 -0.85
C GLY A 323 -50.66 -36.59 -1.27
N GLU A 324 -50.00 -37.22 -0.30
CA GLU A 324 -48.74 -37.94 -0.51
C GLU A 324 -49.00 -39.42 -0.24
N PRO A 325 -49.40 -40.20 -1.25
CA PRO A 325 -49.77 -41.60 -0.98
C PRO A 325 -48.59 -42.50 -0.67
N ALA A 326 -47.39 -42.19 -1.14
CA ALA A 326 -46.24 -43.07 -0.96
C ALA A 326 -45.00 -42.24 -0.63
N ALA A 327 -44.14 -42.81 0.21
CA ALA A 327 -42.91 -42.17 0.62
C ALA A 327 -41.90 -43.26 0.99
N GLY A 328 -40.63 -42.88 0.99
CA GLY A 328 -39.59 -43.83 1.33
C GLY A 328 -38.28 -43.14 1.64
N TYR A 329 -37.45 -43.82 2.43
CA TYR A 329 -36.10 -43.37 2.73
C TYR A 329 -35.28 -44.57 3.20
N VAL A 330 -33.98 -44.35 3.32
CA VAL A 330 -33.04 -45.41 3.66
C VAL A 330 -32.55 -45.21 5.09
N SER A 331 -32.24 -46.32 5.75
CA SER A 331 -31.77 -46.31 7.13
C SER A 331 -30.60 -47.27 7.27
N HIS A 332 -29.65 -46.90 8.12
CA HIS A 332 -28.49 -47.75 8.38
C HIS A 332 -27.71 -48.02 7.10
N TYR A 343 -27.86 -41.09 9.52
CA TYR A 343 -28.87 -40.10 9.19
C TYR A 343 -28.69 -39.59 7.76
N ARG A 344 -27.44 -39.58 7.30
CA ARG A 344 -27.15 -39.14 5.93
C ARG A 344 -27.93 -39.97 4.92
N TYR A 345 -28.12 -41.26 5.19
CA TYR A 345 -28.89 -42.10 4.28
C TYR A 345 -30.31 -41.57 4.12
N GLN A 346 -30.89 -41.02 5.19
CA GLN A 346 -32.30 -40.65 5.19
C GLN A 346 -32.54 -39.39 4.36
N GLU A 347 -31.72 -38.35 4.56
CA GLU A 347 -31.94 -37.09 3.87
C GLU A 347 -31.60 -37.22 2.39
N MET A 348 -30.57 -38.01 2.06
CA MET A 348 -30.02 -38.01 0.70
C MET A 348 -30.61 -39.08 -0.21
N LEU A 349 -31.17 -40.15 0.36
CA LEU A 349 -31.73 -41.25 -0.42
C LEU A 349 -33.18 -41.46 -0.02
N GLY A 350 -34.09 -41.25 -0.96
CA GLY A 350 -35.51 -41.40 -0.68
C GLY A 350 -36.32 -40.90 -1.85
N VAL A 351 -37.63 -41.08 -1.73
CA VAL A 351 -38.58 -40.67 -2.76
C VAL A 351 -39.91 -40.35 -2.11
N ILE A 352 -40.60 -39.35 -2.64
CA ILE A 352 -41.94 -38.98 -2.22
C ILE A 352 -42.81 -38.86 -3.47
N TRP A 353 -43.98 -39.48 -3.44
CA TRP A 353 -44.93 -39.39 -4.54
C TRP A 353 -46.08 -38.46 -4.14
N ARG A 354 -46.37 -37.48 -4.99
CA ARG A 354 -47.36 -36.47 -4.71
C ARG A 354 -48.50 -36.53 -5.71
N GLU A 355 -49.67 -36.10 -5.26
CA GLU A 355 -50.86 -36.07 -6.10
C GLU A 355 -50.81 -34.87 -7.03
N ASN A 356 -50.91 -35.13 -8.34
CA ASN A 356 -50.94 -34.08 -9.33
C ASN A 356 -52.33 -33.45 -9.39
N PRO A 357 -52.43 -32.14 -9.58
CA PRO A 357 -53.77 -31.51 -9.67
C PRO A 357 -54.71 -32.20 -10.65
N CYS A 358 -54.21 -32.71 -11.77
CA CYS A 358 -55.09 -33.26 -12.80
C CYS A 358 -56.00 -34.35 -12.27
N ARG A 359 -55.65 -34.98 -11.16
CA ARG A 359 -56.53 -35.97 -10.55
C ARG A 359 -57.87 -35.35 -10.16
N TRP A 360 -57.85 -34.12 -9.63
CA TRP A 360 -59.03 -33.49 -9.09
C TRP A 360 -59.64 -32.43 -10.01
N LEU A 361 -59.04 -32.18 -11.17
CA LEU A 361 -59.48 -31.09 -12.04
C LEU A 361 -60.58 -31.55 -12.98
N LYS A 362 -61.49 -30.63 -13.28
CA LYS A 362 -62.52 -30.86 -14.28
C LYS A 362 -61.92 -30.69 -15.67
N PRO A 363 -62.64 -31.14 -16.70
CA PRO A 363 -62.04 -31.14 -18.05
C PRO A 363 -61.55 -29.77 -18.50
N ASP A 364 -62.34 -28.71 -18.29
CA ASP A 364 -61.99 -27.38 -18.74
C ASP A 364 -61.11 -26.62 -17.76
N GLU A 365 -60.82 -27.18 -16.59
CA GLU A 365 -60.06 -26.49 -15.57
C GLU A 365 -58.57 -26.54 -15.89
N SER A 366 -57.86 -25.48 -15.51
CA SER A 366 -56.42 -25.41 -15.69
C SER A 366 -55.75 -24.92 -14.42
N PRO A 367 -54.63 -25.52 -14.02
CA PRO A 367 -53.92 -25.06 -12.83
C PRO A 367 -52.93 -23.95 -13.13
N ILE A 368 -52.83 -23.00 -12.19
CA ILE A 368 -51.77 -22.01 -12.18
C ILE A 368 -51.30 -21.82 -10.74
N LEU A 369 -50.04 -21.45 -10.59
CA LEU A 369 -49.56 -20.98 -9.30
C LEU A 369 -50.07 -19.57 -9.07
N MET A 370 -50.43 -19.26 -7.83
CA MET A 370 -50.92 -17.93 -7.53
C MET A 370 -49.87 -16.88 -7.83
N ALA A 371 -48.59 -17.24 -7.75
CA ALA A 371 -47.53 -16.32 -8.15
C ALA A 371 -47.71 -15.83 -9.59
N THR A 372 -48.47 -16.56 -10.40
CA THR A 372 -48.77 -16.10 -11.75
C THR A 372 -49.39 -14.71 -11.74
N LEU A 373 -50.17 -14.39 -10.71
CA LEU A 373 -50.84 -13.10 -10.62
C LEU A 373 -49.90 -11.95 -10.31
N MET A 374 -48.61 -12.22 -10.09
CA MET A 374 -47.61 -11.19 -9.93
C MET A 374 -46.90 -10.85 -11.22
N GLU A 375 -47.25 -11.49 -12.33
CA GLU A 375 -46.50 -11.38 -13.57
C GLU A 375 -47.08 -10.32 -14.49
N CYS A 376 -46.21 -9.78 -15.34
CA CYS A 376 -46.61 -8.89 -16.43
C CYS A 376 -45.91 -9.35 -17.70
N ASP A 377 -46.42 -8.89 -18.85
CA ASP A 377 -45.81 -9.26 -20.12
C ASP A 377 -44.78 -8.22 -20.53
N GLU A 378 -44.19 -8.43 -21.71
CA GLU A 378 -43.21 -7.50 -22.27
C GLU A 378 -43.60 -6.05 -22.05
N ASN A 379 -44.87 -5.72 -22.29
CA ASN A 379 -45.35 -4.34 -22.30
C ASN A 379 -45.98 -3.94 -20.97
N ASN A 380 -45.67 -4.67 -19.89
CA ASN A 380 -46.12 -4.33 -18.55
C ASN A 380 -47.64 -4.43 -18.40
N GLN A 381 -48.27 -5.34 -19.15
CA GLN A 381 -49.68 -5.63 -18.97
C GLN A 381 -49.83 -6.79 -17.99
N PRO A 382 -50.43 -6.60 -16.82
CA PRO A 382 -50.51 -7.70 -15.85
C PRO A 382 -51.30 -8.89 -16.39
N LEU A 383 -50.83 -10.09 -16.07
CA LEU A 383 -51.57 -11.30 -16.44
C LEU A 383 -52.90 -11.39 -15.72
N ILE A 384 -52.98 -10.85 -14.50
CA ILE A 384 -54.24 -10.86 -13.77
C ILE A 384 -55.30 -10.07 -14.51
N GLY A 385 -54.89 -9.02 -15.22
CA GLY A 385 -55.83 -8.30 -16.07
C GLY A 385 -56.31 -9.12 -17.25
N ALA A 386 -55.46 -9.99 -17.77
CA ALA A 386 -55.88 -10.89 -18.84
C ALA A 386 -56.94 -11.85 -18.35
N TYR A 387 -56.74 -12.45 -17.18
CA TYR A 387 -57.76 -13.33 -16.61
C TYR A 387 -59.07 -12.57 -16.39
N ILE A 388 -59.00 -11.34 -15.90
CA ILE A 388 -60.20 -10.57 -15.60
C ILE A 388 -60.99 -10.31 -16.88
N ASP A 389 -60.29 -9.93 -17.95
CA ASP A 389 -60.97 -9.66 -19.22
C ASP A 389 -61.72 -10.89 -19.71
N ARG A 390 -61.11 -12.07 -19.59
CA ARG A 390 -61.74 -13.29 -20.07
C ARG A 390 -62.87 -13.76 -19.17
N SER A 391 -62.88 -13.35 -17.90
CA SER A 391 -63.94 -13.78 -17.00
C SER A 391 -65.25 -13.08 -17.31
N GLY A 392 -65.19 -11.88 -17.90
CA GLY A 392 -66.36 -11.05 -18.06
C GLY A 392 -66.82 -10.38 -16.79
N LEU A 393 -66.09 -10.56 -15.68
CA LEU A 393 -66.43 -9.94 -14.41
C LEU A 393 -65.72 -8.61 -14.27
N ASP A 394 -66.31 -7.71 -13.49
CA ASP A 394 -65.60 -6.50 -13.11
C ASP A 394 -64.53 -6.86 -12.08
N ALA A 395 -63.49 -6.03 -12.03
CA ALA A 395 -62.32 -6.35 -11.21
C ALA A 395 -62.72 -6.67 -9.78
N GLU A 396 -63.62 -5.87 -9.20
CA GLU A 396 -63.94 -6.03 -7.78
C GLU A 396 -64.57 -7.40 -7.50
N THR A 397 -65.51 -7.84 -8.34
CA THR A 397 -66.12 -9.14 -8.14
C THR A 397 -65.12 -10.27 -8.36
N TRP A 398 -64.18 -10.09 -9.28
CA TRP A 398 -63.16 -11.10 -9.52
C TRP A 398 -62.25 -11.25 -8.30
N LEU A 399 -61.76 -10.13 -7.76
CA LEU A 399 -60.94 -10.17 -6.56
C LEU A 399 -61.68 -10.81 -5.39
N THR A 400 -62.95 -10.45 -5.20
CA THR A 400 -63.73 -11.05 -4.12
C THR A 400 -63.75 -12.57 -4.26
N GLN A 401 -63.96 -13.08 -5.47
CA GLN A 401 -63.93 -14.52 -5.69
C GLN A 401 -62.58 -15.09 -5.31
N LEU A 402 -61.49 -14.43 -5.70
CA LEU A 402 -60.16 -14.91 -5.35
C LEU A 402 -59.97 -14.98 -3.84
N PHE A 403 -60.46 -13.97 -3.11
CA PHE A 403 -60.27 -13.94 -1.66
C PHE A 403 -61.09 -15.02 -0.98
N ARG A 404 -62.30 -15.29 -1.47
CA ARG A 404 -63.11 -16.35 -0.89
C ARG A 404 -62.52 -17.72 -1.17
N VAL A 405 -61.80 -17.86 -2.29
CA VAL A 405 -61.23 -19.15 -2.67
C VAL A 405 -59.96 -19.45 -1.88
N VAL A 406 -59.16 -18.43 -1.60
CA VAL A 406 -57.80 -18.61 -1.05
C VAL A 406 -57.76 -18.33 0.45
N VAL A 407 -58.21 -17.15 0.87
CA VAL A 407 -57.93 -16.70 2.22
C VAL A 407 -58.89 -17.31 3.22
N VAL A 408 -60.17 -17.39 2.88
CA VAL A 408 -61.17 -17.92 3.82
C VAL A 408 -60.79 -19.33 4.28
N PRO A 409 -60.52 -20.30 3.40
CA PRO A 409 -60.16 -21.64 3.89
C PRO A 409 -58.96 -21.63 4.83
N LEU A 410 -57.92 -20.87 4.48
CA LEU A 410 -56.71 -20.86 5.31
C LEU A 410 -56.97 -20.22 6.66
N TYR A 411 -57.72 -19.12 6.68
CA TYR A 411 -58.01 -18.45 7.95
C TYR A 411 -58.96 -19.29 8.80
N HIS A 412 -59.94 -19.93 8.16
CA HIS A 412 -60.86 -20.80 8.90
C HIS A 412 -60.12 -21.99 9.48
N LEU A 413 -59.27 -22.64 8.68
CA LEU A 413 -58.47 -23.75 9.20
C LEU A 413 -57.71 -23.34 10.45
N LEU A 414 -57.16 -22.12 10.45
CA LEU A 414 -56.37 -21.65 11.59
C LEU A 414 -57.26 -21.41 12.81
N CYS A 415 -58.33 -20.63 12.65
CA CYS A 415 -59.11 -20.19 13.80
C CYS A 415 -59.91 -21.33 14.42
N ARG A 416 -60.34 -22.30 13.62
CA ARG A 416 -61.14 -23.40 14.13
C ARG A 416 -60.29 -24.57 14.62
N TYR A 417 -59.24 -24.92 13.89
CA TYR A 417 -58.44 -26.11 14.19
C TYR A 417 -57.05 -25.78 14.69
N GLY A 418 -56.70 -24.50 14.82
CA GLY A 418 -55.37 -24.14 15.31
C GLY A 418 -54.24 -24.63 14.44
N VAL A 419 -54.48 -24.75 13.13
CA VAL A 419 -53.51 -25.28 12.19
C VAL A 419 -53.11 -24.18 11.22
N ALA A 420 -51.80 -24.02 11.01
CA ALA A 420 -51.28 -23.02 10.09
C ALA A 420 -50.56 -23.71 8.93
N LEU A 421 -50.75 -23.17 7.73
CA LEU A 421 -50.13 -23.70 6.52
C LEU A 421 -49.41 -22.55 5.81
N ILE A 422 -48.18 -22.81 5.37
CA ILE A 422 -47.45 -21.81 4.59
C ILE A 422 -48.23 -21.51 3.32
N ALA A 423 -48.43 -20.22 3.04
CA ALA A 423 -49.33 -19.77 1.98
C ALA A 423 -48.58 -18.81 1.04
N HIS A 424 -47.58 -19.34 0.34
CA HIS A 424 -46.79 -18.56 -0.60
C HIS A 424 -47.35 -18.71 -2.01
N GLY A 425 -46.85 -17.87 -2.92
CA GLY A 425 -47.32 -17.89 -4.29
C GLY A 425 -46.93 -19.12 -5.07
N GLN A 426 -45.92 -19.87 -4.60
CA GLN A 426 -45.42 -21.03 -5.32
C GLN A 426 -45.94 -22.35 -4.77
N ASN A 427 -46.61 -22.34 -3.61
CA ASN A 427 -47.24 -23.54 -3.06
C ASN A 427 -48.75 -23.41 -2.98
N ILE A 428 -49.33 -22.39 -3.61
CA ILE A 428 -50.77 -22.26 -3.76
C ILE A 428 -51.09 -22.40 -5.24
N THR A 429 -51.88 -23.42 -5.58
CA THR A 429 -52.33 -23.64 -6.94
C THR A 429 -53.80 -23.26 -7.05
N LEU A 430 -54.15 -22.56 -8.13
CA LEU A 430 -55.51 -22.16 -8.41
C LEU A 430 -56.04 -22.93 -9.61
N ALA A 431 -57.27 -23.42 -9.49
CA ALA A 431 -57.98 -24.02 -10.61
C ALA A 431 -58.70 -22.91 -11.38
N MET A 432 -58.35 -22.74 -12.64
CA MET A 432 -58.87 -21.65 -13.47
C MET A 432 -59.75 -22.22 -14.57
N LYS A 433 -60.91 -21.59 -14.77
CA LYS A 433 -61.80 -21.90 -15.88
C LYS A 433 -62.34 -20.60 -16.44
N LYS A 434 -61.98 -20.30 -17.68
CA LYS A 434 -62.44 -19.10 -18.37
C LYS A 434 -62.16 -17.85 -17.52
N GLY A 435 -60.94 -17.76 -17.01
CA GLY A 435 -60.48 -16.57 -16.33
C GLY A 435 -60.90 -16.46 -14.87
N VAL A 436 -61.66 -17.40 -14.34
CA VAL A 436 -62.16 -17.32 -12.98
C VAL A 436 -61.46 -18.37 -12.12
N PRO A 437 -61.02 -18.03 -10.90
CA PRO A 437 -60.52 -19.07 -9.99
C PRO A 437 -61.66 -19.90 -9.42
N GLN A 438 -61.65 -21.20 -9.72
CA GLN A 438 -62.71 -22.10 -9.27
C GLN A 438 -62.52 -22.49 -7.81
N ARG A 439 -61.32 -22.92 -7.45
CA ARG A 439 -61.01 -23.35 -6.10
C ARG A 439 -59.50 -23.42 -5.96
N VAL A 440 -59.04 -23.59 -4.73
CA VAL A 440 -57.62 -23.62 -4.42
C VAL A 440 -57.19 -25.06 -4.20
N LEU A 441 -55.95 -25.36 -4.56
CA LEU A 441 -55.33 -26.67 -4.34
C LEU A 441 -54.08 -26.47 -3.50
N LEU A 442 -54.02 -27.16 -2.37
CA LEU A 442 -52.88 -27.08 -1.46
C LEU A 442 -52.12 -28.39 -1.49
N LYS A 443 -50.80 -28.30 -1.40
CA LYS A 443 -49.95 -29.48 -1.58
C LYS A 443 -48.80 -29.60 -0.59
N ASP A 444 -48.28 -28.51 -0.03
CA ASP A 444 -47.09 -28.55 0.81
C ASP A 444 -47.47 -28.46 2.28
N PHE A 445 -47.35 -29.58 2.98
CA PHE A 445 -47.36 -29.63 4.43
C PHE A 445 -46.37 -30.69 4.88
N GLN A 446 -45.71 -30.42 5.99
CA GLN A 446 -44.62 -31.26 6.47
C GLN A 446 -43.81 -30.44 7.47
N GLY A 447 -42.64 -29.97 7.06
CA GLY A 447 -41.95 -28.95 7.83
C GLY A 447 -42.61 -27.59 7.80
N ASP A 448 -43.61 -27.40 6.93
CA ASP A 448 -44.27 -26.11 6.75
C ASP A 448 -45.57 -25.99 7.55
N MET A 449 -45.95 -27.02 8.29
CA MET A 449 -47.21 -27.04 9.03
C MET A 449 -46.94 -26.82 10.51
N ARG A 450 -47.66 -25.88 11.12
CA ARG A 450 -47.48 -25.53 12.52
C ARG A 450 -48.82 -25.54 13.23
N LEU A 451 -48.77 -25.68 14.56
CA LEU A 451 -49.96 -25.76 15.39
C LEU A 451 -49.89 -24.71 16.50
N VAL A 452 -51.06 -24.43 17.07
CA VAL A 452 -51.17 -23.43 18.14
C VAL A 452 -50.90 -24.11 19.48
N LYS A 453 -50.19 -23.41 20.36
CA LYS A 453 -49.90 -23.96 21.68
C LYS A 453 -51.18 -24.22 22.46
N ASP A 454 -52.19 -23.39 22.30
CA ASP A 454 -53.46 -23.61 22.97
C ASP A 454 -54.04 -24.96 22.60
N ALA A 455 -54.80 -25.56 23.51
CA ALA A 455 -55.41 -26.86 23.30
C ALA A 455 -56.83 -26.65 22.80
N PHE A 456 -57.01 -26.77 21.49
CA PHE A 456 -58.34 -26.68 20.89
C PHE A 456 -58.99 -28.06 20.86
N PRO A 457 -60.26 -28.18 21.27
CA PRO A 457 -60.94 -29.48 21.13
C PRO A 457 -60.88 -30.01 19.71
N GLU A 458 -61.01 -29.13 18.72
CA GLU A 458 -60.99 -29.54 17.32
C GLU A 458 -59.66 -30.16 16.90
N MET A 459 -58.64 -30.09 17.76
CA MET A 459 -57.33 -30.68 17.46
C MET A 459 -57.14 -32.06 18.08
N ASP A 460 -58.07 -32.52 18.91
CA ASP A 460 -57.91 -33.82 19.54
C ASP A 460 -57.84 -34.96 18.52
N SER A 461 -58.40 -34.76 17.33
CA SER A 461 -58.40 -35.79 16.30
C SER A 461 -57.03 -36.00 15.66
N LEU A 462 -56.07 -35.12 15.92
CA LEU A 462 -54.78 -35.19 15.25
C LEU A 462 -53.94 -36.34 15.84
N PRO A 463 -53.37 -37.21 15.01
CA PRO A 463 -52.55 -38.29 15.56
C PRO A 463 -51.31 -37.76 16.26
N GLN A 464 -50.93 -38.44 17.35
CA GLN A 464 -49.70 -38.08 18.05
C GLN A 464 -48.51 -38.11 17.10
N GLU A 465 -48.50 -39.03 16.15
CA GLU A 465 -47.39 -39.13 15.21
C GLU A 465 -47.11 -37.81 14.51
N VAL A 466 -48.15 -37.00 14.28
CA VAL A 466 -47.96 -35.70 13.66
C VAL A 466 -47.64 -34.64 14.71
N ARG A 467 -48.28 -34.70 15.87
CA ARG A 467 -48.05 -33.71 16.91
C ARG A 467 -46.57 -33.65 17.31
N ASP A 468 -45.92 -34.81 17.37
CA ASP A 468 -44.55 -34.85 17.86
C ASP A 468 -43.56 -34.24 16.88
N VAL A 469 -43.90 -34.21 15.59
CA VAL A 469 -42.98 -33.71 14.56
C VAL A 469 -43.35 -32.30 14.09
N THR A 470 -44.41 -31.70 14.63
CA THR A 470 -44.85 -30.39 14.21
C THR A 470 -44.73 -29.41 15.37
N ALA A 471 -44.22 -28.22 15.08
CA ALA A 471 -44.02 -27.22 16.12
C ALA A 471 -45.35 -26.67 16.61
N ARG A 472 -45.43 -26.41 17.92
CA ARG A 472 -46.58 -25.77 18.52
C ARG A 472 -46.14 -24.43 19.11
N LEU A 473 -46.83 -23.37 18.72
CA LEU A 473 -46.43 -22.01 19.04
C LEU A 473 -47.66 -21.21 19.45
N SER A 474 -47.41 -20.02 20.00
CA SER A 474 -48.50 -19.16 20.42
C SER A 474 -49.18 -18.52 19.21
N ALA A 475 -50.37 -17.96 19.46
CA ALA A 475 -51.18 -17.40 18.38
C ALA A 475 -50.39 -16.37 17.57
N ASP A 476 -49.73 -15.44 18.25
CA ASP A 476 -49.01 -14.39 17.55
C ASP A 476 -47.93 -14.95 16.63
N TYR A 477 -47.39 -16.13 16.95
CA TYR A 477 -46.46 -16.79 16.04
C TYR A 477 -47.16 -17.19 14.74
N LEU A 478 -48.41 -17.64 14.82
CA LEU A 478 -49.07 -18.25 13.68
C LEU A 478 -49.70 -17.24 12.74
N ILE A 479 -50.08 -16.07 13.24
CA ILE A 479 -50.63 -15.03 12.35
C ILE A 479 -49.66 -14.75 11.22
N HIS A 480 -48.36 -14.69 11.52
CA HIS A 480 -47.39 -14.30 10.50
C HIS A 480 -47.40 -15.28 9.32
N ASP A 481 -47.58 -16.57 9.60
CA ASP A 481 -47.71 -17.55 8.53
C ASP A 481 -48.76 -17.12 7.52
N LEU A 482 -49.73 -16.30 7.96
CA LEU A 482 -50.77 -15.78 7.07
C LEU A 482 -50.60 -14.31 6.74
N GLN A 483 -50.18 -13.49 7.70
CA GLN A 483 -49.90 -12.08 7.42
C GLN A 483 -48.61 -11.94 6.60
N THR A 484 -47.49 -12.32 7.20
CA THR A 484 -46.22 -12.24 6.49
C THR A 484 -46.17 -13.23 5.34
N GLY A 485 -46.69 -14.43 5.53
CA GLY A 485 -46.54 -15.49 4.54
C GLY A 485 -47.37 -15.26 3.29
N HIS A 486 -48.62 -14.81 3.45
CA HIS A 486 -49.50 -14.62 2.32
C HIS A 486 -49.73 -13.15 1.98
N PHE A 487 -50.04 -12.31 2.97
CA PHE A 487 -50.33 -10.91 2.66
C PHE A 487 -49.07 -10.16 2.25
N VAL A 488 -48.02 -10.25 3.05
CA VAL A 488 -46.80 -9.48 2.78
C VAL A 488 -46.02 -10.08 1.63
N THR A 489 -46.07 -11.41 1.46
CA THR A 489 -45.23 -12.08 0.49
C THR A 489 -45.96 -12.41 -0.81
N VAL A 490 -47.27 -12.19 -0.89
CA VAL A 490 -48.02 -12.44 -2.11
C VAL A 490 -48.84 -11.22 -2.49
N LEU A 491 -49.82 -10.86 -1.65
CA LEU A 491 -50.72 -9.77 -1.98
C LEU A 491 -49.97 -8.45 -2.17
N ARG A 492 -48.88 -8.24 -1.43
CA ARG A 492 -48.08 -7.04 -1.61
C ARG A 492 -47.65 -6.87 -3.06
N PHE A 493 -47.44 -7.97 -3.78
CA PHE A 493 -46.98 -7.92 -5.16
C PHE A 493 -48.11 -7.98 -6.18
N VAL A 494 -49.35 -8.21 -5.75
CA VAL A 494 -50.49 -8.24 -6.65
C VAL A 494 -51.23 -6.90 -6.66
N SER A 495 -51.42 -6.30 -5.48
CA SER A 495 -52.21 -5.08 -5.41
C SER A 495 -51.64 -3.94 -6.25
N PRO A 496 -50.33 -3.79 -6.43
CA PRO A 496 -49.84 -2.72 -7.32
C PRO A 496 -50.29 -2.90 -8.76
N LEU A 497 -50.36 -4.15 -9.23
CA LEU A 497 -50.83 -4.39 -10.59
C LEU A 497 -52.31 -4.07 -10.73
N MET A 498 -53.11 -4.40 -9.71
CA MET A 498 -54.52 -4.00 -9.72
C MET A 498 -54.67 -2.49 -9.71
N ALA A 499 -53.84 -1.80 -8.92
CA ALA A 499 -53.87 -0.34 -8.91
C ALA A 499 -53.67 0.22 -10.31
N ARG A 500 -52.89 -0.47 -11.14
CA ARG A 500 -52.69 -0.08 -12.52
C ARG A 500 -53.90 -0.40 -13.40
N LEU A 501 -54.84 -1.22 -12.92
CA LEU A 501 -56.04 -1.59 -13.66
C LEU A 501 -57.30 -0.96 -13.06
N GLY A 502 -57.15 0.13 -12.31
CA GLY A 502 -58.30 0.89 -11.83
C GLY A 502 -58.81 0.53 -10.46
N VAL A 503 -58.13 -0.36 -9.74
CA VAL A 503 -58.52 -0.73 -8.39
C VAL A 503 -57.41 -0.30 -7.43
N PRO A 504 -57.55 0.84 -6.77
CA PRO A 504 -56.49 1.29 -5.85
C PRO A 504 -56.25 0.28 -4.75
N GLU A 505 -55.02 0.29 -4.22
CA GLU A 505 -54.68 -0.62 -3.13
C GLU A 505 -55.66 -0.48 -1.98
N ARG A 506 -56.05 0.76 -1.67
CA ARG A 506 -57.01 0.97 -0.58
C ARG A 506 -58.29 0.18 -0.82
N ARG A 507 -58.78 0.18 -2.07
CA ARG A 507 -59.96 -0.60 -2.40
C ARG A 507 -59.65 -2.09 -2.39
N PHE A 508 -58.50 -2.47 -2.96
CA PHE A 508 -58.08 -3.87 -2.96
C PHE A 508 -58.24 -4.51 -1.58
N TYR A 509 -57.71 -3.85 -0.54
CA TYR A 509 -57.74 -4.42 0.79
C TYR A 509 -59.04 -4.15 1.53
N GLN A 510 -59.86 -3.20 1.04
CA GLN A 510 -61.24 -3.12 1.51
C GLN A 510 -62.01 -4.37 1.15
N LEU A 511 -61.82 -4.88 -0.08
CA LEU A 511 -62.52 -6.09 -0.51
C LEU A 511 -62.06 -7.30 0.30
N LEU A 512 -60.78 -7.39 0.61
CA LEU A 512 -60.28 -8.50 1.41
C LEU A 512 -60.87 -8.46 2.81
N ALA A 513 -60.90 -7.28 3.42
CA ALA A 513 -61.46 -7.14 4.76
C ALA A 513 -62.94 -7.47 4.77
N ALA A 514 -63.67 -7.08 3.72
CA ALA A 514 -65.09 -7.39 3.64
C ALA A 514 -65.32 -8.90 3.56
N VAL A 515 -64.52 -9.59 2.75
CA VAL A 515 -64.61 -11.05 2.69
C VAL A 515 -64.32 -11.65 4.06
N LEU A 516 -63.35 -11.08 4.78
CA LEU A 516 -63.03 -11.58 6.11
C LEU A 516 -64.07 -11.16 7.14
N SER A 517 -64.64 -9.96 6.99
CA SER A 517 -65.71 -9.53 7.90
C SER A 517 -66.96 -10.36 7.70
N ASP A 518 -67.42 -10.50 6.46
CA ASP A 518 -68.57 -11.36 6.18
C ASP A 518 -68.34 -12.76 6.73
N TYR A 519 -67.15 -13.31 6.49
CA TYR A 519 -66.86 -14.66 6.95
C TYR A 519 -66.99 -14.78 8.47
N MET A 520 -66.45 -13.80 9.20
CA MET A 520 -66.50 -13.88 10.66
C MET A 520 -67.92 -13.67 11.18
N GLN A 521 -68.70 -12.80 10.53
CA GLN A 521 -70.11 -12.68 10.87
C GLN A 521 -70.81 -14.03 10.81
N GLU A 522 -70.49 -14.84 9.81
CA GLU A 522 -71.14 -16.12 9.61
C GLU A 522 -70.76 -17.16 10.67
N HIS A 523 -69.83 -16.84 11.57
CA HIS A 523 -69.38 -17.77 12.60
C HIS A 523 -69.29 -17.06 13.94
N PRO A 524 -70.42 -16.61 14.47
CA PRO A 524 -70.40 -15.90 15.76
C PRO A 524 -69.93 -16.75 16.92
N GLN A 525 -70.05 -18.08 16.81
CA GLN A 525 -69.57 -18.96 17.86
C GLN A 525 -68.05 -18.98 17.98
N MET A 526 -67.34 -18.33 17.06
CA MET A 526 -65.89 -18.24 17.10
C MET A 526 -65.41 -16.84 17.45
N SER A 527 -66.30 -16.02 18.03
CA SER A 527 -65.94 -14.65 18.39
C SER A 527 -64.58 -14.59 19.10
N ALA A 528 -64.35 -15.53 20.02
CA ALA A 528 -63.10 -15.51 20.78
C ALA A 528 -61.92 -15.94 19.92
N ARG A 529 -62.09 -16.99 19.12
CA ARG A 529 -61.01 -17.45 18.26
C ARG A 529 -60.53 -16.33 17.35
N PHE A 530 -61.44 -15.49 16.86
CA PHE A 530 -61.05 -14.40 15.96
C PHE A 530 -60.27 -13.33 16.70
N ALA A 531 -60.65 -13.03 17.94
CA ALA A 531 -59.86 -12.13 18.76
C ALA A 531 -58.45 -12.69 18.98
N LEU A 532 -58.35 -14.02 19.11
CA LEU A 532 -57.05 -14.66 19.32
C LEU A 532 -56.19 -14.61 18.06
N PHE A 533 -56.82 -14.61 16.88
CA PHE A 533 -56.09 -14.53 15.61
C PHE A 533 -56.54 -13.33 14.80
N SER A 534 -56.38 -12.12 15.35
CA SER A 534 -56.94 -10.93 14.72
C SER A 534 -56.06 -10.46 13.57
N LEU A 535 -56.67 -10.23 12.41
CA LEU A 535 -56.00 -9.67 11.25
C LEU A 535 -56.23 -8.18 11.11
N PHE A 536 -56.85 -7.53 12.11
CA PHE A 536 -57.21 -6.13 12.02
C PHE A 536 -56.59 -5.29 13.13
N LYS A 537 -55.54 -5.79 13.78
CA LYS A 537 -54.79 -4.96 14.69
C LYS A 537 -54.11 -3.83 13.90
N PRO A 538 -54.01 -2.63 14.48
CA PRO A 538 -53.48 -1.49 13.69
C PRO A 538 -52.07 -1.68 13.20
N GLN A 539 -51.28 -2.53 13.84
CA GLN A 539 -49.90 -2.76 13.44
C GLN A 539 -49.67 -4.24 13.12
N ILE A 540 -48.61 -4.49 12.36
CA ILE A 540 -48.11 -5.84 12.12
C ILE A 540 -46.70 -5.93 12.69
N ILE A 541 -46.42 -7.01 13.41
CA ILE A 541 -45.10 -7.21 13.99
C ILE A 541 -44.12 -7.61 12.90
N ARG A 542 -42.90 -7.10 12.99
CA ARG A 542 -41.88 -7.35 11.98
C ARG A 542 -41.03 -8.57 12.33
N VAL A 543 -40.37 -9.10 11.30
CA VAL A 543 -39.32 -10.10 11.48
C VAL A 543 -38.00 -9.38 11.61
N VAL A 544 -37.28 -9.62 12.70
CA VAL A 544 -35.98 -9.00 12.93
C VAL A 544 -35.08 -9.23 11.73
N LEU A 545 -34.11 -8.34 11.52
CA LEU A 545 -33.21 -8.45 10.39
C LEU A 545 -32.03 -9.36 10.71
N ASN A 546 -32.26 -10.41 11.50
CA ASN A 546 -31.25 -11.46 11.69
C ASN A 546 -30.71 -11.84 10.30
N PRO A 547 -29.53 -12.47 10.22
CA PRO A 547 -28.71 -12.38 8.99
C PRO A 547 -29.54 -12.22 7.72
N VAL A 548 -29.43 -11.05 7.10
CA VAL A 548 -30.25 -10.71 5.94
C VAL A 548 -30.07 -11.79 4.88
N LYS A 549 -31.16 -12.43 4.49
CA LYS A 549 -31.13 -13.50 3.50
C LYS A 549 -31.34 -12.91 2.11
N LEU A 550 -30.37 -13.12 1.22
CA LEU A 550 -30.47 -12.64 -0.15
C LEU A 550 -30.84 -13.73 -1.14
N THR A 551 -30.90 -14.99 -0.71
CA THR A 551 -31.15 -16.11 -1.60
C THR A 551 -32.22 -17.01 -1.01
N TRP A 552 -32.92 -17.73 -1.89
CA TRP A 552 -33.97 -18.66 -1.49
C TRP A 552 -33.48 -19.59 -0.38
N TYR A 565 -34.90 -2.74 18.12
CA TYR A 565 -36.00 -2.48 19.05
C TYR A 565 -37.29 -3.10 18.53
N LEU A 566 -38.36 -2.98 19.32
CA LEU A 566 -39.66 -3.45 18.88
C LEU A 566 -40.12 -2.58 17.72
N GLU A 567 -40.26 -3.21 16.54
CA GLU A 567 -40.50 -2.48 15.30
C GLU A 567 -41.71 -3.07 14.60
N ASP A 568 -42.61 -2.20 14.14
CA ASP A 568 -43.86 -2.64 13.55
C ASP A 568 -44.26 -1.68 12.44
N LEU A 569 -45.05 -2.18 11.50
CA LEU A 569 -45.53 -1.40 10.37
C LEU A 569 -47.06 -1.44 10.33
N GLN A 570 -47.64 -0.60 9.47
CA GLN A 570 -49.07 -0.41 9.46
C GLN A 570 -49.77 -1.54 8.71
N ASN A 571 -50.92 -1.95 9.23
CA ASN A 571 -51.69 -3.05 8.66
C ASN A 571 -52.66 -2.51 7.61
N PRO A 572 -52.51 -2.87 6.34
CA PRO A 572 -53.46 -2.36 5.33
C PRO A 572 -54.92 -2.72 5.62
N LEU A 573 -55.19 -3.87 6.26
CA LEU A 573 -56.57 -4.21 6.57
C LEU A 573 -57.18 -3.22 7.55
N TRP A 574 -56.38 -2.68 8.46
CA TRP A 574 -56.85 -1.67 9.40
C TRP A 574 -56.85 -0.28 8.77
N LEU A 575 -55.85 -0.01 7.92
CA LEU A 575 -55.70 1.31 7.32
C LEU A 575 -56.82 1.59 6.32
N ALA A 576 -57.25 0.57 5.57
CA ALA A 576 -58.27 0.75 4.54
C ALA A 576 -59.69 0.80 5.11
N THR A 577 -59.88 0.49 6.39
CA THR A 577 -61.19 0.52 7.01
C THR A 577 -61.51 1.87 7.65
N ARG A 578 -60.53 2.77 7.74
CA ARG A 578 -60.69 4.01 8.48
C ARG A 578 -61.08 5.15 7.54
N ASP A 579 -61.98 6.02 8.01
CA ASP A 579 -62.51 7.11 7.21
C ASP A 579 -61.40 8.04 6.70
N ASN B 4 -11.62 28.65 27.91
CA ASN B 4 -13.02 28.32 28.18
C ASN B 4 -13.40 27.03 27.46
N HIS B 5 -13.64 25.97 28.24
CA HIS B 5 -13.95 24.67 27.64
C HIS B 5 -15.29 24.66 26.93
N LYS B 6 -16.27 25.42 27.44
CA LYS B 6 -17.60 25.39 26.84
C LYS B 6 -17.60 25.99 25.43
N ASP B 7 -16.91 27.12 25.25
CA ASP B 7 -16.91 27.78 23.95
C ASP B 7 -16.08 27.01 22.93
N TRP B 8 -14.99 26.40 23.37
CA TRP B 8 -14.17 25.60 22.46
C TRP B 8 -14.97 24.45 21.87
N ASP B 9 -15.85 23.85 22.67
CA ASP B 9 -16.67 22.75 22.17
C ASP B 9 -17.78 23.27 21.28
N PHE B 10 -18.40 24.39 21.64
CA PHE B 10 -19.46 24.96 20.81
C PHE B 10 -18.92 25.32 19.43
N VAL B 11 -17.76 25.99 19.40
CA VAL B 11 -17.21 26.47 18.15
C VAL B 11 -16.73 25.32 17.27
N ASN B 12 -16.24 24.23 17.88
CA ASN B 12 -15.84 23.06 17.09
C ASN B 12 -17.06 22.31 16.56
N ARG B 13 -18.11 22.19 17.37
CA ARG B 13 -19.31 21.49 16.92
C ARG B 13 -19.98 22.22 15.78
N GLN B 14 -20.09 23.55 15.87
CA GLN B 14 -20.68 24.32 14.78
C GLN B 14 -19.91 24.11 13.48
N LEU B 15 -18.58 24.01 13.58
CA LEU B 15 -17.77 23.90 12.37
C LEU B 15 -17.83 22.50 11.77
N VAL B 16 -17.80 21.46 12.61
CA VAL B 16 -17.98 20.10 12.11
C VAL B 16 -19.33 19.99 11.39
N ALA B 17 -20.39 20.51 12.01
CA ALA B 17 -21.71 20.47 11.39
C ALA B 17 -21.69 21.15 10.04
N LYS B 18 -21.06 22.32 9.95
CA LYS B 18 -21.00 23.05 8.68
C LYS B 18 -20.20 22.27 7.65
N MET B 19 -19.05 21.73 8.04
CA MET B 19 -18.24 20.94 7.11
C MET B 19 -19.02 19.75 6.59
N LEU B 20 -19.59 18.94 7.50
CA LEU B 20 -20.31 17.74 7.08
C LEU B 20 -21.46 18.09 6.13
N ALA B 21 -22.24 19.11 6.47
CA ALA B 21 -23.44 19.41 5.70
C ALA B 21 -23.10 19.94 4.31
N GLU B 22 -22.10 20.83 4.21
CA GLU B 22 -21.76 21.39 2.92
C GLU B 22 -21.07 20.35 2.03
N LEU B 23 -20.19 19.55 2.60
CA LEU B 23 -19.52 18.50 1.82
C LEU B 23 -20.49 17.41 1.38
N GLU B 24 -21.48 17.09 2.23
CA GLU B 24 -22.51 16.14 1.82
C GLU B 24 -23.34 16.70 0.68
N TYR B 25 -23.63 18.01 0.72
CA TYR B 25 -24.42 18.65 -0.33
C TYR B 25 -23.65 18.71 -1.65
N GLU B 26 -22.32 18.81 -1.59
CA GLU B 26 -21.49 18.70 -2.78
C GLU B 26 -21.20 17.25 -3.15
N GLN B 27 -21.78 16.29 -2.42
CA GLN B 27 -21.70 14.87 -2.76
C GLN B 27 -20.28 14.33 -2.67
N VAL B 28 -19.43 14.95 -1.84
CA VAL B 28 -18.16 14.34 -1.49
C VAL B 28 -18.40 13.04 -0.74
N PHE B 29 -19.39 13.03 0.15
CA PHE B 29 -19.87 11.81 0.78
C PHE B 29 -21.38 11.98 0.99
N HIS B 30 -22.02 10.96 1.54
CA HIS B 30 -23.47 10.94 1.66
C HIS B 30 -23.89 10.55 3.06
N ALA B 31 -24.92 11.23 3.58
CA ALA B 31 -25.49 10.94 4.88
C ALA B 31 -26.59 9.90 4.71
N GLU B 32 -26.48 8.79 5.42
CA GLU B 32 -27.46 7.71 5.35
C GLU B 32 -28.55 7.95 6.37
N SER B 33 -29.78 8.08 5.91
CA SER B 33 -30.92 8.25 6.80
C SER B 33 -31.19 6.97 7.57
N GLN B 34 -31.33 7.09 8.89
CA GLN B 34 -31.70 5.98 9.74
C GLN B 34 -33.17 5.98 10.12
N GLY B 35 -33.93 6.99 9.69
CA GLY B 35 -35.26 7.22 10.20
C GLY B 35 -35.22 8.03 11.48
N ASP B 36 -36.39 8.49 11.89
CA ASP B 36 -36.54 9.26 13.14
C ASP B 36 -35.64 10.49 13.13
N GLY B 37 -35.47 11.09 11.95
CA GLY B 37 -34.71 12.33 11.83
C GLY B 37 -33.25 12.20 12.20
N ARG B 38 -32.67 11.01 12.08
CA ARG B 38 -31.28 10.76 12.43
C ARG B 38 -30.53 10.24 11.21
N TYR B 39 -29.27 10.66 11.09
CA TYR B 39 -28.42 10.28 9.98
C TYR B 39 -27.09 9.78 10.51
N CYS B 40 -26.34 9.11 9.64
CA CYS B 40 -24.95 8.79 9.90
C CYS B 40 -24.15 8.96 8.62
N ILE B 41 -22.94 9.49 8.76
CA ILE B 41 -22.01 9.64 7.64
C ILE B 41 -20.86 8.67 7.89
N ASN B 42 -20.59 7.82 6.91
CA ASN B 42 -19.55 6.80 7.01
C ASN B 42 -18.32 7.26 6.25
N LEU B 43 -17.23 7.47 6.97
CA LEU B 43 -15.94 7.76 6.40
C LEU B 43 -14.96 6.65 6.77
N PRO B 44 -13.85 6.53 6.05
CA PRO B 44 -12.83 5.54 6.43
C PRO B 44 -12.36 5.78 7.86
N GLY B 45 -12.53 4.77 8.70
CA GLY B 45 -12.05 4.80 10.07
C GLY B 45 -12.92 5.58 11.04
N ALA B 46 -14.04 6.13 10.60
CA ALA B 46 -14.89 6.90 11.51
C ALA B 46 -16.29 6.99 10.94
N GLN B 47 -17.27 7.00 11.85
CA GLN B 47 -18.68 7.15 11.51
C GLN B 47 -19.25 8.30 12.33
N TRP B 48 -19.84 9.27 11.65
CA TRP B 48 -20.44 10.42 12.29
C TRP B 48 -21.95 10.22 12.34
N ARG B 49 -22.51 10.24 13.54
CA ARG B 49 -23.94 10.12 13.75
C ARG B 49 -24.48 11.43 14.31
N PHE B 50 -25.70 11.77 13.91
CA PHE B 50 -26.28 13.05 14.28
C PHE B 50 -27.73 13.08 13.83
N SER B 51 -28.49 14.03 14.41
CA SER B 51 -29.85 14.30 14.00
C SER B 51 -29.85 15.50 13.08
N ALA B 52 -30.73 15.49 12.08
CA ALA B 52 -30.78 16.59 11.13
C ALA B 52 -32.08 16.53 10.34
N GLU B 53 -32.43 17.67 9.76
CA GLU B 53 -33.56 17.80 8.85
C GLU B 53 -33.02 18.27 7.50
N ARG B 54 -33.40 17.60 6.43
CA ARG B 54 -32.95 17.97 5.09
C ARG B 54 -33.92 18.97 4.49
N GLY B 55 -33.39 20.12 4.08
CA GLY B 55 -34.22 21.19 3.54
C GLY B 55 -34.51 21.00 2.05
N ILE B 56 -35.19 22.01 1.49
CA ILE B 56 -35.72 21.87 0.14
C ILE B 56 -34.61 21.79 -0.89
N TRP B 57 -33.44 22.36 -0.61
CA TRP B 57 -32.32 22.28 -1.54
C TRP B 57 -31.63 20.93 -1.52
N GLY B 58 -31.99 20.04 -0.60
CA GLY B 58 -31.22 18.83 -0.37
C GLY B 58 -30.06 19.01 0.58
N TRP B 59 -29.94 20.16 1.21
CA TRP B 59 -28.85 20.47 2.14
C TRP B 59 -29.32 20.30 3.58
N LEU B 60 -28.50 19.63 4.38
CA LEU B 60 -28.90 19.22 5.72
C LEU B 60 -28.85 20.36 6.71
N TRP B 61 -29.84 20.41 7.61
CA TRP B 61 -29.81 21.25 8.79
C TRP B 61 -29.41 20.36 9.97
N ILE B 62 -28.15 20.46 10.38
CA ILE B 62 -27.58 19.56 11.38
C ILE B 62 -27.68 20.22 12.75
N ASP B 63 -28.22 19.48 13.71
CA ASP B 63 -28.19 19.89 15.12
C ASP B 63 -26.82 19.55 15.69
N ALA B 64 -25.98 20.57 15.87
CA ALA B 64 -24.59 20.32 16.23
C ALA B 64 -24.44 19.64 17.58
N GLN B 65 -25.38 19.89 18.50
CA GLN B 65 -25.28 19.28 19.82
C GLN B 65 -25.45 17.77 19.78
N THR B 66 -25.98 17.23 18.69
CA THR B 66 -26.18 15.79 18.55
C THR B 66 -24.99 15.10 17.88
N LEU B 67 -23.99 15.85 17.45
CA LEU B 67 -22.86 15.25 16.72
C LEU B 67 -22.12 14.26 17.60
N ARG B 68 -21.87 13.08 17.05
CA ARG B 68 -21.12 12.03 17.74
C ARG B 68 -20.22 11.32 16.72
N CYS B 69 -19.00 11.02 17.15
CA CYS B 69 -18.04 10.25 16.34
C CYS B 69 -17.43 9.20 17.27
N ALA B 70 -18.04 8.03 17.30
CA ALA B 70 -17.68 6.97 18.26
C ALA B 70 -17.60 7.64 19.63
N ASP B 71 -16.56 7.42 20.41
CA ASP B 71 -16.34 8.15 21.66
C ASP B 71 -15.34 9.29 21.49
N GLU B 72 -14.87 9.54 20.27
CA GLU B 72 -13.91 10.61 20.05
C GLU B 72 -14.55 11.96 20.38
N PRO B 73 -13.76 12.94 20.83
CA PRO B 73 -14.31 14.28 21.01
C PRO B 73 -14.56 14.96 19.66
N VAL B 74 -15.63 15.75 19.61
CA VAL B 74 -16.07 16.36 18.36
C VAL B 74 -15.18 17.56 18.09
N LEU B 75 -14.21 17.39 17.19
CA LEU B 75 -13.27 18.44 16.85
C LEU B 75 -13.18 18.59 15.33
N ALA B 76 -13.12 19.84 14.87
CA ALA B 76 -12.96 20.09 13.44
C ALA B 76 -11.66 19.48 12.92
N GLN B 77 -10.59 19.59 13.72
CA GLN B 77 -9.32 19.00 13.32
C GLN B 77 -9.47 17.51 13.01
N THR B 78 -10.19 16.78 13.86
CA THR B 78 -10.34 15.35 13.66
C THR B 78 -11.05 15.06 12.34
N LEU B 79 -12.12 15.79 12.05
CA LEU B 79 -12.81 15.63 10.77
C LEU B 79 -11.86 15.90 9.61
N LEU B 80 -11.05 16.95 9.72
CA LEU B 80 -10.13 17.30 8.64
C LEU B 80 -9.15 16.16 8.37
N MET B 81 -8.62 15.55 9.43
CA MET B 81 -7.72 14.42 9.25
C MET B 81 -8.44 13.25 8.58
N GLN B 82 -9.68 12.99 8.97
CA GLN B 82 -10.46 11.93 8.36
C GLN B 82 -10.75 12.19 6.89
N LEU B 83 -10.73 13.45 6.47
CA LEU B 83 -10.97 13.80 5.07
C LEU B 83 -9.71 13.74 4.22
N LYS B 84 -8.55 13.53 4.83
CA LYS B 84 -7.31 13.43 4.05
C LYS B 84 -7.39 12.35 2.98
N PRO B 85 -7.84 11.13 3.27
CA PRO B 85 -8.02 10.16 2.17
C PRO B 85 -9.17 10.53 1.25
N VAL B 86 -10.30 10.96 1.81
CA VAL B 86 -11.48 11.25 1.01
C VAL B 86 -11.15 12.26 -0.08
N LEU B 87 -10.39 13.30 0.25
CA LEU B 87 -10.07 14.37 -0.68
C LEU B 87 -8.66 14.25 -1.24
N SER B 88 -7.95 13.17 -0.94
CA SER B 88 -6.61 12.92 -1.49
C SER B 88 -5.71 14.14 -1.32
N MET B 89 -5.57 14.56 -0.07
CA MET B 89 -4.75 15.71 0.27
C MET B 89 -3.35 15.28 0.68
N SER B 90 -2.35 16.02 0.24
CA SER B 90 -0.98 15.77 0.65
C SER B 90 -0.78 16.23 2.09
N ASP B 91 0.33 15.79 2.69
CA ASP B 91 0.66 16.22 4.04
C ASP B 91 0.75 17.75 4.12
N ALA B 92 1.21 18.40 3.05
CA ALA B 92 1.34 19.85 3.05
C ALA B 92 0.00 20.53 2.84
N THR B 93 -0.87 19.96 2.01
CA THR B 93 -2.21 20.51 1.84
C THR B 93 -2.99 20.45 3.15
N VAL B 94 -2.83 19.37 3.90
CA VAL B 94 -3.49 19.25 5.21
C VAL B 94 -2.98 20.33 6.16
N ALA B 95 -1.65 20.46 6.26
CA ALA B 95 -1.08 21.48 7.13
C ALA B 95 -1.59 22.87 6.75
N GLU B 96 -1.70 23.14 5.45
CA GLU B 96 -2.26 24.41 4.99
C GLU B 96 -3.68 24.60 5.50
N HIS B 97 -4.52 23.57 5.37
CA HIS B 97 -5.91 23.69 5.80
C HIS B 97 -6.03 23.75 7.32
N MET B 98 -5.12 23.11 8.05
CA MET B 98 -5.14 23.23 9.51
C MET B 98 -5.07 24.68 9.94
N GLN B 99 -4.19 25.47 9.30
CA GLN B 99 -4.07 26.88 9.65
C GLN B 99 -5.35 27.64 9.33
N ASP B 100 -5.94 27.38 8.16
CA ASP B 100 -7.22 27.98 7.83
C ASP B 100 -8.30 27.55 8.84
N LEU B 101 -8.26 26.30 9.27
CA LEU B 101 -9.24 25.80 10.22
C LEU B 101 -9.14 26.56 11.54
N TYR B 102 -7.93 26.67 12.09
CA TYR B 102 -7.78 27.30 13.39
C TYR B 102 -7.96 28.81 13.32
N ALA B 103 -7.58 29.44 12.21
CA ALA B 103 -7.91 30.85 12.01
C ALA B 103 -9.41 31.07 12.03
N THR B 104 -10.19 30.08 11.59
CA THR B 104 -11.64 30.20 11.60
C THR B 104 -12.21 30.00 13.00
N LEU B 105 -11.64 29.07 13.77
CA LEU B 105 -12.09 28.90 15.15
C LEU B 105 -11.76 30.12 15.99
N LEU B 106 -10.58 30.70 15.80
CA LEU B 106 -10.23 31.91 16.54
C LEU B 106 -11.24 33.02 16.26
N GLY B 107 -11.55 33.26 14.99
CA GLY B 107 -12.56 34.24 14.66
C GLY B 107 -13.92 33.90 15.23
N ASP B 108 -14.30 32.62 15.17
CA ASP B 108 -15.58 32.20 15.72
C ASP B 108 -15.61 32.38 17.24
N LEU B 109 -14.48 32.21 17.92
CA LEU B 109 -14.42 32.52 19.35
C LEU B 109 -14.59 34.02 19.58
N GLN B 110 -14.01 34.84 18.70
CA GLN B 110 -14.13 36.28 18.84
C GLN B 110 -15.59 36.73 18.70
N LEU B 111 -16.25 36.27 17.64
CA LEU B 111 -17.64 36.65 17.43
C LEU B 111 -18.52 36.20 18.60
N LEU B 112 -18.26 35.00 19.11
CA LEU B 112 -19.02 34.51 20.25
C LEU B 112 -18.83 35.42 21.47
N LYS B 113 -17.61 35.89 21.70
CA LYS B 113 -17.36 36.80 22.81
C LYS B 113 -18.04 38.15 22.58
N ALA B 114 -17.94 38.69 21.36
CA ALA B 114 -18.43 40.04 21.08
C ALA B 114 -19.94 40.10 20.98
N ARG B 115 -20.61 38.97 20.76
CA ARG B 115 -22.06 38.93 20.61
C ARG B 115 -22.75 38.39 21.86
N ARG B 116 -22.06 38.39 23.00
CA ARG B 116 -22.66 37.86 24.23
C ARG B 116 -23.74 38.78 24.78
N GLY B 117 -24.77 38.18 25.36
CA GLY B 117 -25.88 38.92 25.91
C GLY B 117 -26.58 39.86 24.95
N LEU B 118 -26.41 39.67 23.64
CA LEU B 118 -26.98 40.57 22.64
C LEU B 118 -28.08 39.86 21.88
N SER B 119 -29.30 40.37 22.00
CA SER B 119 -30.44 39.81 21.30
C SER B 119 -30.38 40.18 19.82
N ALA B 120 -31.26 39.55 19.04
CA ALA B 120 -31.38 39.91 17.62
C ALA B 120 -31.71 41.39 17.47
N SER B 121 -32.64 41.90 18.28
CA SER B 121 -33.00 43.31 18.22
C SER B 121 -31.82 44.19 18.59
N ASP B 122 -31.00 43.76 19.53
CA ASP B 122 -29.79 44.50 19.87
C ASP B 122 -28.84 44.56 18.69
N LEU B 123 -28.71 43.46 17.95
CA LEU B 123 -27.70 43.39 16.90
C LEU B 123 -28.05 44.30 15.72
N ILE B 124 -29.34 44.40 15.37
CA ILE B 124 -29.74 45.24 14.24
C ILE B 124 -29.73 46.72 14.58
N ASP B 125 -29.54 47.08 15.85
CA ASP B 125 -29.40 48.48 16.25
C ASP B 125 -27.95 48.96 16.24
N LEU B 126 -26.99 48.05 16.14
CA LEU B 126 -25.60 48.44 16.16
C LEU B 126 -25.28 49.36 15.00
N ASP B 127 -24.22 50.15 15.18
CA ASP B 127 -23.61 50.85 14.06
C ASP B 127 -23.44 49.90 12.88
N ALA B 128 -23.86 50.34 11.70
CA ALA B 128 -23.83 49.45 10.54
C ALA B 128 -22.45 48.85 10.33
N ASP B 129 -21.39 49.63 10.61
CA ASP B 129 -20.04 49.12 10.42
C ASP B 129 -19.71 48.05 11.45
N ARG B 130 -20.14 48.23 12.70
CA ARG B 130 -19.89 47.21 13.71
C ARG B 130 -20.68 45.94 13.41
N LEU B 131 -21.93 46.08 12.97
CA LEU B 131 -22.72 44.91 12.62
C LEU B 131 -22.05 44.12 11.49
N GLN B 132 -21.59 44.82 10.45
CA GLN B 132 -20.91 44.13 9.36
C GLN B 132 -19.68 43.38 9.84
N CYS B 133 -18.97 43.94 10.83
CA CYS B 133 -17.79 43.26 11.36
C CYS B 133 -18.16 41.97 12.07
N LEU B 134 -19.35 41.89 12.66
CA LEU B 134 -19.73 40.76 13.49
C LEU B 134 -20.44 39.65 12.73
N LEU B 135 -20.55 39.75 11.41
CA LEU B 135 -21.20 38.70 10.64
C LEU B 135 -20.36 37.42 10.69
N SER B 136 -21.04 36.29 10.47
CA SER B 136 -20.38 34.99 10.57
C SER B 136 -19.41 34.75 9.43
N GLY B 137 -19.59 35.40 8.29
CA GLY B 137 -18.74 35.22 7.14
C GLY B 137 -19.43 34.45 6.03
N HIS B 138 -18.62 33.95 5.10
CA HIS B 138 -19.15 33.27 3.94
C HIS B 138 -19.85 32.00 4.38
N PRO B 139 -21.11 31.76 3.98
CA PRO B 139 -21.85 30.61 4.52
C PRO B 139 -21.50 29.27 3.88
N LYS B 140 -20.82 29.25 2.74
CA LYS B 140 -20.53 28.00 2.05
C LYS B 140 -19.19 27.40 2.46
N PHE B 141 -18.13 28.20 2.45
CA PHE B 141 -16.79 27.65 2.60
C PHE B 141 -16.51 27.22 4.02
N ALA B 142 -15.92 26.03 4.17
CA ALA B 142 -15.71 25.44 5.49
C ALA B 142 -14.94 26.38 6.40
N PHE B 143 -13.77 26.83 5.95
CA PHE B 143 -12.87 27.66 6.74
C PHE B 143 -12.93 29.08 6.18
N ASN B 144 -14.02 29.79 6.50
CA ASN B 144 -14.33 31.05 5.85
C ASN B 144 -13.56 32.24 6.41
N LYS B 145 -12.70 32.03 7.42
CA LYS B 145 -11.82 33.08 7.91
C LYS B 145 -10.35 32.71 7.79
N GLY B 146 -10.03 31.66 7.03
CA GLY B 146 -8.64 31.33 6.76
C GLY B 146 -8.10 32.24 5.67
N ARG B 147 -6.92 32.80 5.91
CA ARG B 147 -6.21 33.60 4.92
C ARG B 147 -4.76 33.15 4.88
N ARG B 148 -4.35 32.60 3.75
CA ARG B 148 -3.00 32.03 3.61
C ARG B 148 -1.95 32.99 4.14
N GLY B 149 -1.16 32.52 5.10
CA GLY B 149 -0.07 33.29 5.64
C GLY B 149 -0.42 34.22 6.80
N TRP B 150 -1.69 34.31 7.18
CA TRP B 150 -2.11 35.18 8.27
C TRP B 150 -2.15 34.39 9.57
N GLY B 151 -1.32 34.80 10.53
CA GLY B 151 -1.35 34.24 11.86
C GLY B 151 -2.24 35.05 12.78
N LYS B 152 -2.22 34.67 14.06
CA LYS B 152 -3.09 35.31 15.04
C LYS B 152 -2.93 36.82 15.04
N GLU B 153 -1.68 37.30 14.97
CA GLU B 153 -1.43 38.74 14.98
C GLU B 153 -2.07 39.42 13.77
N ALA B 154 -1.79 38.90 12.57
CA ALA B 154 -2.35 39.48 11.35
C ALA B 154 -3.87 39.43 11.35
N LEU B 155 -4.44 38.32 11.79
CA LEU B 155 -5.90 38.20 11.84
C LEU B 155 -6.50 39.27 12.74
N GLU B 156 -5.96 39.41 13.96
CA GLU B 156 -6.56 40.32 14.94
C GLU B 156 -6.41 41.78 14.52
N ARG B 157 -5.34 42.14 13.82
CA ARG B 157 -5.13 43.53 13.46
C ARG B 157 -5.95 43.95 12.23
N TYR B 158 -6.13 43.04 11.28
CA TYR B 158 -6.62 43.41 9.96
C TYR B 158 -7.89 42.68 9.52
N ALA B 159 -8.30 41.60 10.21
CA ALA B 159 -9.50 40.92 9.75
C ALA B 159 -10.74 41.56 10.36
N PRO B 160 -11.86 41.58 9.63
CA PRO B 160 -13.03 42.33 10.11
C PRO B 160 -13.66 41.74 11.37
N GLU B 161 -13.57 40.43 11.60
CA GLU B 161 -14.25 39.85 12.75
C GLU B 161 -13.70 40.34 14.09
N TYR B 162 -12.55 41.03 14.09
CA TYR B 162 -12.01 41.63 15.30
C TYR B 162 -12.28 43.13 15.39
N ALA B 163 -12.71 43.76 14.29
CA ALA B 163 -13.19 45.14 14.31
C ALA B 163 -12.11 46.12 14.78
N ASN B 164 -10.86 45.82 14.51
CA ASN B 164 -9.77 46.73 14.86
C ASN B 164 -9.46 47.65 13.67
N THR B 165 -8.87 48.80 14.00
CA THR B 165 -8.51 49.80 13.01
C THR B 165 -7.00 49.88 12.89
N PHE B 166 -6.55 50.55 11.82
CA PHE B 166 -5.13 50.66 11.55
C PHE B 166 -4.90 51.76 10.53
N ARG B 167 -3.72 52.35 10.57
CA ARG B 167 -3.32 53.36 9.60
C ARG B 167 -2.76 52.68 8.35
N LEU B 168 -2.76 53.43 7.25
CA LEU B 168 -2.20 52.94 6.00
C LEU B 168 -0.74 53.31 5.89
N HIS B 169 0.00 52.48 5.17
CA HIS B 169 1.37 52.78 4.80
C HIS B 169 1.37 53.56 3.49
N TRP B 170 2.32 54.48 3.35
CA TRP B 170 2.40 55.35 2.19
C TRP B 170 3.77 55.23 1.53
N LEU B 171 3.76 55.13 0.22
CA LEU B 171 4.96 55.12 -0.60
C LEU B 171 4.97 56.34 -1.50
N ALA B 172 6.13 56.58 -2.11
CA ALA B 172 6.26 57.52 -3.20
C ALA B 172 6.70 56.74 -4.44
N VAL B 173 6.00 56.97 -5.55
CA VAL B 173 6.30 56.32 -6.81
C VAL B 173 6.38 57.39 -7.89
N LYS B 174 7.22 57.14 -8.89
CA LYS B 174 7.43 58.12 -9.94
C LYS B 174 6.24 58.16 -10.88
N ARG B 175 5.85 59.40 -11.26
CA ARG B 175 4.73 59.61 -12.15
C ARG B 175 4.80 58.70 -13.38
N GLU B 176 5.96 58.66 -14.03
CA GLU B 176 6.10 57.93 -15.29
C GLU B 176 5.67 56.48 -15.18
N HIS B 177 5.72 55.89 -14.00
CA HIS B 177 5.49 54.46 -13.82
C HIS B 177 4.09 54.12 -13.32
N MET B 178 3.16 55.09 -13.29
CA MET B 178 1.86 54.85 -12.69
C MET B 178 0.73 55.22 -13.65
N VAL B 179 -0.19 54.28 -13.83
CA VAL B 179 -1.43 54.52 -14.56
C VAL B 179 -2.46 55.02 -13.56
N TRP B 180 -3.18 56.08 -13.91
CA TRP B 180 -4.09 56.75 -12.99
C TRP B 180 -5.40 57.02 -13.73
N ARG B 181 -6.50 56.41 -13.25
CA ARG B 181 -7.78 56.44 -13.93
C ARG B 181 -8.79 57.38 -13.27
N CYS B 182 -8.32 58.34 -12.49
CA CYS B 182 -9.22 59.28 -11.83
C CYS B 182 -10.09 60.00 -12.86
N ASP B 183 -11.38 60.09 -12.56
CA ASP B 183 -12.35 60.67 -13.48
C ASP B 183 -13.11 61.82 -12.84
N GLY B 184 -13.69 62.66 -13.70
CA GLY B 184 -14.60 63.68 -13.22
C GLY B 184 -13.89 64.81 -12.50
N SER B 185 -14.50 65.26 -11.40
CA SER B 185 -14.03 66.42 -10.66
C SER B 185 -12.94 66.09 -9.63
N LEU B 186 -12.64 64.81 -9.41
CA LEU B 186 -11.75 64.44 -8.33
C LEU B 186 -10.31 64.81 -8.64
N THR B 187 -9.55 65.08 -7.57
CA THR B 187 -8.11 65.31 -7.65
C THR B 187 -7.44 64.57 -6.51
N ILE B 188 -6.13 64.35 -6.66
CA ILE B 188 -5.38 63.64 -5.63
C ILE B 188 -5.44 64.42 -4.32
N GLY B 189 -5.34 65.75 -4.38
CA GLY B 189 -5.49 66.55 -3.18
C GLY B 189 -6.77 66.24 -2.44
N THR B 190 -7.87 66.12 -3.17
CA THR B 190 -9.14 65.72 -2.56
C THR B 190 -9.01 64.34 -1.91
N LEU B 191 -8.49 63.37 -2.66
CA LEU B 191 -8.36 62.02 -2.13
C LEU B 191 -7.48 61.99 -0.89
N LEU B 192 -6.34 62.69 -0.94
CA LEU B 192 -5.49 62.78 0.25
C LEU B 192 -6.22 63.44 1.41
N ALA B 193 -7.10 64.39 1.12
CA ALA B 193 -7.90 65.00 2.18
C ALA B 193 -8.86 64.01 2.80
N ALA B 194 -9.30 63.01 2.03
CA ALA B 194 -10.16 61.96 2.57
C ALA B 194 -9.38 60.95 3.39
N ALA B 195 -8.06 60.90 3.24
CA ALA B 195 -7.23 59.95 3.95
C ALA B 195 -6.41 60.58 5.08
N MET B 196 -6.29 61.90 5.11
CA MET B 196 -5.49 62.59 6.12
C MET B 196 -6.20 63.86 6.53
N ASP B 197 -6.30 64.11 7.83
CA ASP B 197 -6.80 65.38 8.31
C ASP B 197 -5.74 66.45 8.07
N PRO B 198 -6.12 67.73 8.13
CA PRO B 198 -5.13 68.79 7.86
C PRO B 198 -3.83 68.63 8.61
N GLN B 199 -3.88 68.07 9.82
CA GLN B 199 -2.67 67.94 10.64
C GLN B 199 -1.74 66.86 10.07
N GLU B 200 -2.30 65.69 9.74
CA GLU B 200 -1.48 64.61 9.21
C GLU B 200 -0.97 64.93 7.80
N PHE B 201 -1.79 65.62 7.00
CA PHE B 201 -1.35 66.00 5.66
C PHE B 201 -0.08 66.83 5.71
N ALA B 202 0.02 67.73 6.68
CA ALA B 202 1.20 68.58 6.79
C ALA B 202 2.40 67.78 7.29
N ARG B 203 2.20 66.88 8.25
CA ARG B 203 3.27 66.00 8.68
C ARG B 203 3.72 65.10 7.52
N PHE B 204 2.76 64.65 6.70
CA PHE B 204 3.10 63.87 5.52
C PHE B 204 3.90 64.71 4.53
N ASN B 205 3.41 65.91 4.22
CA ASN B 205 4.13 66.78 3.30
C ASN B 205 5.49 67.18 3.87
N GLN B 206 5.62 67.23 5.19
CA GLN B 206 6.93 67.51 5.79
C GLN B 206 7.90 66.37 5.52
N VAL B 207 7.45 65.12 5.69
CA VAL B 207 8.31 63.98 5.37
C VAL B 207 8.52 63.88 3.87
N TRP B 208 7.55 64.35 3.08
CA TRP B 208 7.73 64.41 1.63
C TRP B 208 8.93 65.29 1.29
N GLN B 209 8.94 66.54 1.78
CA GLN B 209 10.07 67.43 1.53
C GLN B 209 11.36 66.89 2.12
N ASP B 210 11.28 66.17 3.24
CA ASP B 210 12.50 65.65 3.88
C ASP B 210 13.19 64.61 3.01
N ASN B 211 12.45 63.91 2.16
CA ASN B 211 13.02 62.92 1.25
C ASN B 211 13.41 63.52 -0.10
N GLY B 212 13.34 64.84 -0.24
CA GLY B 212 13.73 65.49 -1.49
C GLY B 212 12.82 65.14 -2.66
N LEU B 213 11.51 65.11 -2.44
CA LEU B 213 10.56 64.74 -3.47
C LEU B 213 9.90 65.99 -4.05
N ASP B 214 9.45 65.84 -5.30
CA ASP B 214 8.84 66.95 -6.03
C ASP B 214 7.54 66.43 -6.65
N ASN B 215 7.01 67.19 -7.61
CA ASN B 215 5.78 66.77 -8.28
C ASN B 215 6.02 65.73 -9.37
N ASP B 216 7.26 65.29 -9.57
CA ASP B 216 7.51 64.10 -10.40
C ASP B 216 7.27 62.80 -9.63
N TRP B 217 6.81 62.89 -8.38
CA TRP B 217 6.43 61.71 -7.60
C TRP B 217 4.96 61.82 -7.20
N LEU B 218 4.40 60.67 -6.83
CA LEU B 218 3.00 60.60 -6.42
C LEU B 218 2.88 59.69 -5.20
N PRO B 219 2.02 60.01 -4.23
CA PRO B 219 1.83 59.11 -3.10
C PRO B 219 1.01 57.89 -3.50
N LEU B 220 1.34 56.75 -2.90
CA LEU B 220 0.60 55.51 -3.11
C LEU B 220 0.30 54.89 -1.76
N PRO B 221 -0.96 54.80 -1.34
CA PRO B 221 -1.27 54.10 -0.08
C PRO B 221 -1.09 52.60 -0.24
N VAL B 222 -0.75 51.95 0.87
CA VAL B 222 -0.46 50.53 0.88
C VAL B 222 -0.99 49.94 2.18
N HIS B 223 -1.68 48.80 2.07
CA HIS B 223 -2.18 48.12 3.25
C HIS B 223 -1.00 47.70 4.13
N PRO B 224 -1.03 47.98 5.44
CA PRO B 224 0.15 47.65 6.28
C PRO B 224 0.59 46.20 6.18
N TRP B 225 -0.34 45.25 6.12
CA TRP B 225 0.04 43.86 5.92
C TRP B 225 0.73 43.66 4.58
N GLN B 226 0.23 44.34 3.54
CA GLN B 226 0.85 44.22 2.22
C GLN B 226 2.29 44.77 2.24
N TRP B 227 2.49 45.91 2.90
CA TRP B 227 3.83 46.45 3.06
C TRP B 227 4.70 45.50 3.86
N GLN B 228 4.21 45.08 5.03
CA GLN B 228 4.99 44.26 5.95
C GLN B 228 5.49 42.98 5.28
N GLN B 229 4.58 42.26 4.61
CA GLN B 229 4.87 40.90 4.17
C GLN B 229 5.29 40.79 2.71
N LYS B 230 4.93 41.74 1.86
CA LYS B 230 5.14 41.59 0.43
C LYS B 230 6.02 42.68 -0.16
N ILE B 231 5.64 43.95 -0.04
CA ILE B 231 6.33 44.99 -0.79
C ILE B 231 7.72 45.25 -0.21
N SER B 232 7.84 45.30 1.12
CA SER B 232 9.14 45.57 1.72
C SER B 232 10.19 44.54 1.33
N LEU B 233 9.77 43.33 0.95
CA LEU B 233 10.67 42.25 0.59
C LEU B 233 10.76 42.04 -0.92
N ASP B 234 9.63 41.85 -1.60
CA ASP B 234 9.64 41.52 -3.02
C ASP B 234 10.18 42.67 -3.86
N PHE B 235 10.04 43.91 -3.40
CA PHE B 235 10.50 45.08 -4.15
C PHE B 235 11.67 45.77 -3.43
N ILE B 236 12.44 45.01 -2.65
CA ILE B 236 13.55 45.61 -1.92
C ILE B 236 14.56 46.21 -2.88
N ALA B 237 14.70 45.64 -4.08
CA ALA B 237 15.61 46.20 -5.06
C ALA B 237 15.21 47.63 -5.44
N ASP B 238 13.93 47.85 -5.70
CA ASP B 238 13.44 49.19 -6.01
C ASP B 238 13.68 50.13 -4.84
N LEU B 239 13.41 49.65 -3.62
CA LEU B 239 13.58 50.50 -2.44
C LEU B 239 15.04 50.88 -2.23
N ALA B 240 15.95 49.92 -2.42
CA ALA B 240 17.37 50.20 -2.22
C ALA B 240 17.91 51.18 -3.25
N GLU B 241 17.38 51.14 -4.48
CA GLU B 241 17.88 51.97 -5.57
C GLU B 241 17.20 53.33 -5.65
N GLY B 242 16.11 53.55 -4.93
CA GLY B 242 15.43 54.82 -4.97
C GLY B 242 14.31 54.92 -5.99
N ARG B 243 14.07 53.87 -6.78
CA ARG B 243 12.89 53.86 -7.65
C ARG B 243 11.63 54.07 -6.85
N MET B 244 11.65 53.68 -5.58
CA MET B 244 10.46 53.63 -4.74
C MET B 244 10.89 54.04 -3.34
N VAL B 245 10.14 54.95 -2.73
CA VAL B 245 10.50 55.50 -1.42
C VAL B 245 9.40 55.18 -0.43
N SER B 246 9.77 54.51 0.65
CA SER B 246 8.85 54.24 1.75
C SER B 246 8.84 55.42 2.70
N LEU B 247 7.65 55.95 2.96
CA LEU B 247 7.47 57.14 3.78
C LEU B 247 6.95 56.83 5.17
N GLY B 248 6.17 55.76 5.32
CA GLY B 248 5.68 55.37 6.62
C GLY B 248 4.17 55.46 6.73
N GLU B 249 3.66 55.41 7.96
CA GLU B 249 2.23 55.42 8.20
C GLU B 249 1.75 56.85 8.43
N PHE B 250 0.57 57.16 7.89
CA PHE B 250 -0.01 58.49 8.01
C PHE B 250 -1.52 58.38 7.89
N GLY B 251 -2.20 59.38 8.45
CA GLY B 251 -3.59 59.61 8.11
C GLY B 251 -4.58 58.89 8.99
N ASP B 252 -5.80 58.79 8.47
CA ASP B 252 -6.93 58.30 9.22
C ASP B 252 -6.80 56.81 9.52
N LEU B 253 -7.64 56.35 10.44
CA LEU B 253 -7.75 54.94 10.77
C LEU B 253 -8.78 54.28 9.87
N TRP B 254 -8.50 53.05 9.48
CA TRP B 254 -9.36 52.32 8.56
C TRP B 254 -9.82 51.01 9.19
N LEU B 255 -10.99 50.56 8.77
CA LEU B 255 -11.62 49.35 9.28
C LEU B 255 -11.92 48.42 8.12
N ALA B 256 -11.60 47.14 8.29
CA ALA B 256 -11.77 46.17 7.22
C ALA B 256 -13.24 45.78 7.05
N GLN B 257 -13.65 45.59 5.80
CA GLN B 257 -14.96 45.06 5.48
C GLN B 257 -14.88 43.55 5.30
N GLN B 258 -16.01 42.93 4.99
CA GLN B 258 -16.03 41.49 4.76
C GLN B 258 -15.12 41.09 3.61
N SER B 259 -14.97 41.96 2.60
CA SER B 259 -14.10 41.68 1.47
C SER B 259 -12.63 41.77 1.84
N LEU B 260 -12.30 42.30 3.02
CA LEU B 260 -10.93 42.36 3.51
C LEU B 260 -10.09 43.40 2.78
N ARG B 261 -10.13 43.40 1.44
CA ARG B 261 -9.34 44.36 0.67
C ARG B 261 -9.93 45.77 0.68
N THR B 262 -11.23 45.89 0.93
CA THR B 262 -11.90 47.20 0.92
C THR B 262 -12.08 47.67 2.36
N LEU B 263 -11.72 48.92 2.62
CA LEU B 263 -11.66 49.45 3.97
C LEU B 263 -12.64 50.62 4.11
N THR B 264 -13.16 50.78 5.32
CA THR B 264 -13.99 51.91 5.69
C THR B 264 -13.17 52.86 6.57
N ASN B 265 -13.33 54.15 6.33
CA ASN B 265 -12.64 55.17 7.12
C ASN B 265 -13.36 55.35 8.45
N ALA B 266 -12.73 54.90 9.53
CA ALA B 266 -13.33 54.96 10.85
C ALA B 266 -13.05 56.27 11.58
N SER B 267 -12.16 57.11 11.07
CA SER B 267 -11.89 58.40 11.72
C SER B 267 -12.89 59.46 11.28
N ARG B 268 -13.30 59.44 10.01
CA ARG B 268 -14.16 60.47 9.46
C ARG B 268 -15.02 59.87 8.36
N GLN B 269 -16.33 59.84 8.57
CA GLN B 269 -17.25 59.40 7.53
C GLN B 269 -17.20 60.38 6.36
N GLY B 270 -16.73 59.91 5.21
CA GLY B 270 -16.42 60.79 4.10
C GLY B 270 -17.12 60.49 2.80
N GLY B 271 -17.55 59.24 2.61
CA GLY B 271 -18.23 58.83 1.40
C GLY B 271 -17.40 57.97 0.48
N LEU B 272 -16.08 57.90 0.69
CA LEU B 272 -15.20 57.11 -0.15
C LEU B 272 -14.55 56.00 0.68
N ASP B 273 -14.77 54.75 0.27
CA ASP B 273 -13.98 53.64 0.77
C ASP B 273 -12.73 53.49 -0.09
N ILE B 274 -11.77 52.73 0.42
CA ILE B 274 -10.53 52.46 -0.29
C ILE B 274 -10.36 50.95 -0.41
N LYS B 275 -9.84 50.51 -1.55
CA LYS B 275 -9.59 49.09 -1.80
C LYS B 275 -8.14 48.93 -2.20
N LEU B 276 -7.41 48.10 -1.47
CA LEU B 276 -5.97 47.96 -1.62
C LEU B 276 -5.61 46.51 -1.94
N PRO B 277 -4.46 46.28 -2.58
CA PRO B 277 -4.04 44.90 -2.85
C PRO B 277 -3.69 44.15 -1.57
N LEU B 278 -4.01 42.85 -1.57
CA LEU B 278 -3.57 41.92 -0.53
C LEU B 278 -3.16 40.64 -1.24
N THR B 279 -1.86 40.52 -1.53
CA THR B 279 -1.31 39.41 -2.29
C THR B 279 -1.17 38.21 -1.36
N ILE B 280 -2.14 37.30 -1.41
CA ILE B 280 -2.21 36.16 -0.50
C ILE B 280 -1.90 34.86 -1.23
N TYR B 281 -2.61 34.58 -2.32
CA TYR B 281 -2.37 33.37 -3.11
C TYR B 281 -1.65 33.70 -4.41
N GLY B 291 -4.22 43.79 -15.17
CA GLY B 291 -3.71 45.04 -15.71
C GLY B 291 -4.78 45.81 -16.46
N LYS B 292 -5.16 45.32 -17.63
CA LYS B 292 -6.25 45.95 -18.38
C LYS B 292 -7.57 45.78 -17.66
N TYR B 293 -7.72 44.72 -16.87
CA TYR B 293 -8.94 44.53 -16.08
C TYR B 293 -9.14 45.68 -15.10
N ILE B 294 -8.05 46.10 -14.44
CA ILE B 294 -8.15 47.21 -13.49
C ILE B 294 -8.50 48.51 -14.22
N ALA B 295 -7.79 48.80 -15.31
CA ALA B 295 -8.05 50.03 -16.05
C ALA B 295 -9.47 50.07 -16.59
N ALA B 296 -10.07 48.91 -16.88
CA ALA B 296 -11.36 48.86 -17.54
C ALA B 296 -12.53 49.08 -16.57
N GLY B 297 -12.34 48.76 -15.29
CA GLY B 297 -13.42 48.78 -14.32
C GLY B 297 -14.29 50.01 -14.38
N PRO B 298 -13.69 51.19 -14.15
CA PRO B 298 -14.50 52.41 -14.11
C PRO B 298 -15.29 52.67 -15.38
N LEU B 299 -14.83 52.18 -16.53
CA LEU B 299 -15.56 52.38 -17.77
C LEU B 299 -16.87 51.60 -17.78
N ALA B 300 -16.89 50.43 -17.12
CA ALA B 300 -18.12 49.63 -17.06
C ALA B 300 -19.06 50.13 -15.96
N SER B 301 -18.50 50.55 -14.83
CA SER B 301 -19.34 51.11 -13.76
C SER B 301 -20.13 52.31 -14.26
N ARG B 302 -19.49 53.18 -15.05
CA ARG B 302 -20.20 54.32 -15.61
C ARG B 302 -21.29 53.89 -16.57
N TRP B 303 -21.15 52.71 -17.18
CA TRP B 303 -22.14 52.24 -18.14
C TRP B 303 -23.36 51.66 -17.44
N LEU B 304 -23.15 50.88 -16.37
CA LEU B 304 -24.29 50.34 -15.62
C LEU B 304 -25.12 51.45 -15.01
N GLN B 305 -24.45 52.47 -14.45
CA GLN B 305 -25.18 53.61 -13.90
C GLN B 305 -26.12 54.22 -14.93
N GLN B 306 -25.65 54.35 -16.18
CA GLN B 306 -26.53 54.81 -17.25
C GLN B 306 -27.75 53.92 -17.39
N VAL B 307 -27.56 52.60 -17.31
CA VAL B 307 -28.65 51.66 -17.54
C VAL B 307 -29.69 51.77 -16.44
N PHE B 308 -29.25 51.77 -15.19
CA PHE B 308 -30.20 51.82 -14.07
C PHE B 308 -30.94 53.16 -14.03
N ALA B 309 -30.28 54.25 -14.40
CA ALA B 309 -30.97 55.53 -14.49
C ALA B 309 -31.94 55.56 -15.67
N THR B 310 -31.64 54.82 -16.74
CA THR B 310 -32.43 54.86 -17.96
C THR B 310 -33.58 53.85 -17.95
N ASP B 311 -33.24 52.56 -17.81
CA ASP B 311 -34.23 51.50 -17.88
C ASP B 311 -35.38 51.77 -16.92
N ALA B 312 -36.61 51.71 -17.44
CA ALA B 312 -37.78 51.99 -16.61
C ALA B 312 -37.90 50.99 -15.47
N THR B 313 -37.68 49.71 -15.75
CA THR B 313 -37.82 48.68 -14.72
C THR B 313 -36.76 48.83 -13.64
N LEU B 314 -35.56 49.29 -14.00
CA LEU B 314 -34.49 49.42 -13.03
C LEU B 314 -34.58 50.72 -12.26
N LYS B 315 -35.14 51.77 -12.86
CA LYS B 315 -35.38 53.01 -12.13
C LYS B 315 -36.47 52.82 -11.08
N GLN B 316 -37.50 52.02 -11.39
CA GLN B 316 -38.59 51.81 -10.45
C GLN B 316 -38.16 50.94 -9.27
N SER B 317 -37.14 50.11 -9.45
CA SER B 317 -36.65 49.28 -8.35
C SER B 317 -35.84 50.08 -7.34
N GLY B 318 -35.23 51.18 -7.78
CA GLY B 318 -34.36 51.96 -6.94
C GLY B 318 -32.92 51.50 -6.91
N ALA B 319 -32.62 50.36 -7.53
CA ALA B 319 -31.27 49.81 -7.49
C ALA B 319 -30.23 50.89 -7.77
N VAL B 320 -29.15 50.86 -6.98
CA VAL B 320 -28.08 51.83 -7.07
C VAL B 320 -26.79 51.13 -7.46
N ILE B 321 -25.99 51.78 -8.30
CA ILE B 321 -24.68 51.30 -8.70
C ILE B 321 -23.64 52.19 -8.02
N LEU B 322 -22.91 51.62 -7.07
CA LEU B 322 -21.79 52.34 -6.46
C LEU B 322 -20.61 52.30 -7.42
N GLY B 323 -19.99 53.47 -7.65
CA GLY B 323 -18.98 53.62 -8.66
C GLY B 323 -17.55 53.60 -8.12
N GLU B 324 -16.61 53.52 -9.06
CA GLU B 324 -15.18 53.61 -8.77
C GLU B 324 -14.63 54.84 -9.46
N PRO B 325 -14.70 56.02 -8.83
CA PRO B 325 -14.26 57.24 -9.52
C PRO B 325 -12.75 57.32 -9.73
N ALA B 326 -11.94 56.61 -8.95
CA ALA B 326 -10.49 56.70 -9.09
C ALA B 326 -9.87 55.32 -8.95
N ALA B 327 -8.75 55.13 -9.65
CA ALA B 327 -8.01 53.88 -9.63
C ALA B 327 -6.60 54.15 -10.12
N GLY B 328 -5.67 53.29 -9.71
CA GLY B 328 -4.28 53.46 -10.09
C GLY B 328 -3.50 52.19 -9.89
N TYR B 329 -2.45 52.02 -10.70
CA TYR B 329 -1.53 50.90 -10.54
C TYR B 329 -0.20 51.27 -11.19
N VAL B 330 0.80 50.42 -10.95
CA VAL B 330 2.18 50.67 -11.36
C VAL B 330 2.51 49.75 -12.53
N SER B 331 3.38 50.24 -13.42
CA SER B 331 3.71 49.52 -14.64
C SER B 331 5.19 49.67 -14.98
N HIS B 332 5.83 48.56 -15.31
CA HIS B 332 7.18 48.52 -15.89
C HIS B 332 8.25 49.07 -14.95
N GLU B 333 7.96 49.23 -13.67
CA GLU B 333 8.93 49.78 -12.73
C GLU B 333 10.00 48.77 -12.37
N TYR B 343 4.11 42.66 -14.68
CA TYR B 343 3.06 41.73 -14.24
C TYR B 343 2.84 41.86 -12.73
N ARG B 344 3.93 41.69 -11.96
CA ARG B 344 3.82 41.74 -10.51
C ARG B 344 3.50 43.15 -10.02
N TYR B 345 4.16 44.16 -10.60
CA TYR B 345 3.92 45.54 -10.18
C TYR B 345 2.43 45.89 -10.24
N GLN B 346 1.73 45.38 -11.25
CA GLN B 346 0.36 45.82 -11.50
C GLN B 346 -0.60 45.27 -10.46
N GLU B 347 -0.43 44.00 -10.07
CA GLU B 347 -1.35 43.39 -9.13
C GLU B 347 -1.05 43.77 -7.68
N MET B 348 0.22 44.02 -7.35
CA MET B 348 0.63 44.18 -5.96
C MET B 348 0.67 45.63 -5.51
N LEU B 349 0.75 46.59 -6.43
CA LEU B 349 0.85 48.00 -6.10
C LEU B 349 -0.26 48.73 -6.84
N GLY B 350 -1.20 49.29 -6.08
CA GLY B 350 -2.30 50.02 -6.68
C GLY B 350 -3.30 50.43 -5.62
N VAL B 351 -4.32 51.14 -6.09
CA VAL B 351 -5.36 51.66 -5.20
C VAL B 351 -6.63 51.86 -6.01
N ILE B 352 -7.77 51.64 -5.37
CA ILE B 352 -9.08 51.83 -5.98
C ILE B 352 -9.96 52.57 -4.97
N TRP B 353 -10.58 53.66 -5.41
CA TRP B 353 -11.47 54.43 -4.57
C TRP B 353 -12.92 54.13 -4.95
N ARG B 354 -13.76 53.93 -3.94
CA ARG B 354 -15.12 53.44 -4.13
C ARG B 354 -16.11 54.33 -3.40
N GLU B 355 -17.30 54.46 -3.98
CA GLU B 355 -18.37 55.21 -3.36
C GLU B 355 -18.92 54.46 -2.15
N ASN B 356 -19.00 55.14 -1.02
CA ASN B 356 -19.64 54.61 0.17
C ASN B 356 -21.16 54.72 0.03
N PRO B 357 -21.92 53.72 0.50
CA PRO B 357 -23.38 53.80 0.39
C PRO B 357 -24.00 55.12 0.84
N CYS B 358 -23.45 55.78 1.86
CA CYS B 358 -24.08 56.98 2.40
C CYS B 358 -24.23 58.06 1.35
N ARG B 359 -23.37 58.08 0.33
CA ARG B 359 -23.51 59.05 -0.75
C ARG B 359 -24.87 58.95 -1.41
N TRP B 360 -25.50 57.78 -1.36
CA TRP B 360 -26.77 57.53 -2.03
C TRP B 360 -27.92 57.22 -1.08
N LEU B 361 -27.68 57.16 0.23
CA LEU B 361 -28.72 56.80 1.18
C LEU B 361 -29.42 58.04 1.72
N LYS B 362 -30.72 57.88 1.97
CA LYS B 362 -31.49 58.90 2.65
C LYS B 362 -31.16 58.88 4.15
N PRO B 363 -31.46 59.96 4.87
CA PRO B 363 -31.08 60.00 6.29
C PRO B 363 -31.73 58.89 7.13
N ASP B 364 -32.98 58.55 6.83
CA ASP B 364 -33.71 57.57 7.64
C ASP B 364 -33.40 56.13 7.25
N GLU B 365 -32.53 55.89 6.28
CA GLU B 365 -32.18 54.55 5.85
C GLU B 365 -30.84 54.12 6.46
N SER B 366 -30.74 52.83 6.75
CA SER B 366 -29.51 52.25 7.27
C SER B 366 -29.07 51.09 6.38
N PRO B 367 -27.78 50.95 6.09
CA PRO B 367 -27.33 49.85 5.25
C PRO B 367 -27.02 48.58 6.04
N ILE B 368 -27.29 47.45 5.39
CA ILE B 368 -26.87 46.15 5.89
C ILE B 368 -26.49 45.29 4.70
N LEU B 369 -25.55 44.38 4.92
CA LEU B 369 -25.32 43.33 3.93
C LEU B 369 -26.45 42.31 4.00
N MET B 370 -26.86 41.82 2.83
CA MET B 370 -27.92 40.82 2.80
C MET B 370 -27.56 39.60 3.63
N ALA B 371 -26.26 39.31 3.76
CA ALA B 371 -25.81 38.21 4.60
C ALA B 371 -26.31 38.36 6.04
N THR B 372 -26.67 39.57 6.46
CA THR B 372 -27.21 39.76 7.80
C THR B 372 -28.46 38.91 8.02
N LEU B 373 -29.19 38.61 6.94
CA LEU B 373 -30.44 37.87 7.06
C LEU B 373 -30.23 36.38 7.27
N MET B 374 -28.99 35.91 7.30
CA MET B 374 -28.67 34.52 7.63
C MET B 374 -28.35 34.34 9.11
N GLU B 375 -28.34 35.42 9.89
CA GLU B 375 -27.79 35.40 11.24
C GLU B 375 -28.87 35.14 12.28
N CYS B 376 -28.45 34.53 13.39
CA CYS B 376 -29.27 34.38 14.58
C CYS B 376 -28.45 34.79 15.79
N ASP B 377 -29.15 35.12 16.88
CA ASP B 377 -28.49 35.60 18.08
C ASP B 377 -28.08 34.41 18.95
N GLU B 378 -27.64 34.69 20.19
CA GLU B 378 -27.30 33.63 21.12
C GLU B 378 -28.37 32.55 21.15
N ASN B 379 -29.62 32.96 21.31
CA ASN B 379 -30.73 32.06 21.54
C ASN B 379 -31.37 31.57 20.24
N ASN B 380 -30.64 31.62 19.13
CA ASN B 380 -31.10 31.09 17.85
C ASN B 380 -32.37 31.80 17.37
N GLN B 381 -32.52 33.07 17.74
CA GLN B 381 -33.61 33.90 17.21
C GLN B 381 -33.12 34.61 15.96
N PRO B 382 -33.74 34.40 14.79
CA PRO B 382 -33.21 35.01 13.56
C PRO B 382 -33.30 36.53 13.58
N LEU B 383 -32.25 37.17 13.07
CA LEU B 383 -32.28 38.63 12.90
C LEU B 383 -33.33 39.04 11.88
N ILE B 384 -33.55 38.23 10.84
CA ILE B 384 -34.60 38.53 9.88
C ILE B 384 -35.94 38.67 10.57
N GLY B 385 -36.14 37.96 11.67
CA GLY B 385 -37.38 38.09 12.41
C GLY B 385 -37.49 39.42 13.12
N ALA B 386 -36.36 39.95 13.61
CA ALA B 386 -36.38 41.25 14.27
C ALA B 386 -36.74 42.36 13.29
N TYR B 387 -36.14 42.34 12.10
CA TYR B 387 -36.50 43.31 11.07
C TYR B 387 -37.99 43.25 10.76
N ILE B 388 -38.56 42.05 10.75
CA ILE B 388 -39.98 41.89 10.46
C ILE B 388 -40.82 42.44 11.60
N ASP B 389 -40.40 42.19 12.84
CA ASP B 389 -41.17 42.68 13.99
C ASP B 389 -41.21 44.20 14.01
N ARG B 390 -40.11 44.85 13.61
CA ARG B 390 -40.06 46.30 13.59
C ARG B 390 -40.75 46.90 12.37
N SER B 391 -40.99 46.10 11.33
CA SER B 391 -41.67 46.61 10.13
C SER B 391 -43.16 46.74 10.33
N GLY B 392 -43.74 46.02 11.28
CA GLY B 392 -45.19 45.95 11.38
C GLY B 392 -45.83 45.21 10.22
N LEU B 393 -45.04 44.46 9.46
CA LEU B 393 -45.51 43.70 8.31
C LEU B 393 -45.57 42.21 8.64
N ASP B 394 -46.42 41.50 7.91
CA ASP B 394 -46.42 40.04 7.97
C ASP B 394 -45.26 39.50 7.13
N ALA B 395 -44.80 38.30 7.50
CA ALA B 395 -43.59 37.76 6.89
C ALA B 395 -43.73 37.66 5.37
N GLU B 396 -44.90 37.27 4.89
CA GLU B 396 -45.07 37.05 3.44
C GLU B 396 -44.92 38.35 2.67
N THR B 397 -45.49 39.45 3.17
CA THR B 397 -45.32 40.73 2.49
C THR B 397 -43.88 41.21 2.57
N TRP B 398 -43.25 41.03 3.73
CA TRP B 398 -41.85 41.42 3.88
C TRP B 398 -40.97 40.70 2.87
N LEU B 399 -41.18 39.39 2.70
CA LEU B 399 -40.37 38.62 1.77
C LEU B 399 -40.64 39.04 0.33
N THR B 400 -41.91 39.25 -0.02
CA THR B 400 -42.24 39.72 -1.36
C THR B 400 -41.50 41.01 -1.67
N GLN B 401 -41.38 41.90 -0.68
CA GLN B 401 -40.63 43.13 -0.87
C GLN B 401 -39.15 42.83 -1.12
N LEU B 402 -38.56 41.97 -0.29
CA LEU B 402 -37.15 41.62 -0.45
C LEU B 402 -36.87 41.08 -1.84
N PHE B 403 -37.70 40.13 -2.31
CA PHE B 403 -37.46 39.53 -3.61
C PHE B 403 -37.62 40.54 -4.74
N ARG B 404 -38.54 41.49 -4.60
CA ARG B 404 -38.69 42.53 -5.62
C ARG B 404 -37.52 43.51 -5.61
N VAL B 405 -36.88 43.69 -4.45
CA VAL B 405 -35.76 44.62 -4.36
C VAL B 405 -34.50 44.00 -4.96
N VAL B 406 -34.26 42.72 -4.73
CA VAL B 406 -33.00 42.09 -5.07
C VAL B 406 -33.08 41.33 -6.39
N VAL B 407 -34.04 40.43 -6.53
CA VAL B 407 -34.02 39.48 -7.65
C VAL B 407 -34.47 40.14 -8.93
N VAL B 408 -35.52 40.97 -8.89
CA VAL B 408 -36.05 41.57 -10.12
C VAL B 408 -34.98 42.40 -10.83
N PRO B 409 -34.27 43.31 -10.18
CA PRO B 409 -33.21 44.04 -10.90
C PRO B 409 -32.15 43.12 -11.48
N LEU B 410 -31.64 42.18 -10.70
CA LEU B 410 -30.60 41.27 -11.20
C LEU B 410 -31.10 40.46 -12.40
N TYR B 411 -32.33 39.97 -12.33
CA TYR B 411 -32.85 39.12 -13.39
C TYR B 411 -33.20 39.94 -14.64
N HIS B 412 -33.72 41.15 -14.46
CA HIS B 412 -34.04 41.98 -15.62
C HIS B 412 -32.77 42.37 -16.37
N LEU B 413 -31.75 42.83 -15.63
CA LEU B 413 -30.46 43.14 -16.25
C LEU B 413 -29.95 41.95 -17.06
N LEU B 414 -30.12 40.74 -16.53
CA LEU B 414 -29.67 39.55 -17.24
C LEU B 414 -30.47 39.32 -18.51
N CYS B 415 -31.81 39.38 -18.40
CA CYS B 415 -32.67 38.97 -19.50
C CYS B 415 -32.75 40.01 -20.61
N ARG B 416 -32.69 41.31 -20.27
CA ARG B 416 -32.78 42.36 -21.28
C ARG B 416 -31.42 42.71 -21.86
N TYR B 417 -30.38 42.79 -21.03
CA TYR B 417 -29.07 43.23 -21.47
C TYR B 417 -28.04 42.11 -21.54
N GLY B 418 -28.36 40.90 -21.07
CA GLY B 418 -27.41 39.82 -21.11
C GLY B 418 -26.23 40.00 -20.18
N VAL B 419 -26.45 40.62 -19.03
CA VAL B 419 -25.38 40.97 -18.10
C VAL B 419 -25.69 40.31 -16.76
N ALA B 420 -24.74 39.55 -16.24
CA ALA B 420 -24.88 38.84 -14.98
C ALA B 420 -23.95 39.47 -13.94
N LEU B 421 -24.46 39.60 -12.72
CA LEU B 421 -23.71 40.16 -11.61
C LEU B 421 -23.67 39.17 -10.46
N ILE B 422 -22.47 38.86 -9.98
CA ILE B 422 -22.33 38.00 -8.82
C ILE B 422 -23.17 38.55 -7.68
N ALA B 423 -23.99 37.70 -7.08
CA ALA B 423 -25.02 38.12 -6.14
C ALA B 423 -24.91 37.27 -4.87
N HIS B 424 -23.91 37.57 -4.05
CA HIS B 424 -23.69 36.87 -2.79
C HIS B 424 -24.08 37.75 -1.63
N GLY B 425 -24.13 37.14 -0.43
CA GLY B 425 -24.57 37.87 0.74
C GLY B 425 -23.66 39.01 1.15
N GLN B 426 -22.38 38.92 0.80
CA GLN B 426 -21.40 39.89 1.25
C GLN B 426 -21.25 41.09 0.32
N ASN B 427 -21.70 40.98 -0.93
CA ASN B 427 -21.58 42.07 -1.91
C ASN B 427 -22.94 42.65 -2.29
N ILE B 428 -24.00 42.30 -1.56
CA ILE B 428 -25.32 42.89 -1.76
C ILE B 428 -25.66 43.68 -0.51
N THR B 429 -25.85 44.98 -0.66
CA THR B 429 -26.19 45.87 0.44
C THR B 429 -27.65 46.28 0.32
N LEU B 430 -28.38 46.19 1.43
CA LEU B 430 -29.79 46.54 1.47
C LEU B 430 -29.98 47.84 2.24
N ALA B 431 -30.74 48.76 1.66
CA ALA B 431 -31.11 49.99 2.34
C ALA B 431 -32.36 49.72 3.16
N MET B 432 -32.25 49.82 4.48
CA MET B 432 -33.31 49.41 5.40
C MET B 432 -33.94 50.64 6.03
N LYS B 433 -35.27 50.72 5.99
CA LYS B 433 -36.03 51.81 6.60
C LYS B 433 -37.11 51.19 7.47
N LYS B 434 -36.97 51.34 8.78
CA LYS B 434 -37.92 50.79 9.74
C LYS B 434 -38.07 49.28 9.56
N GLY B 435 -36.96 48.61 9.24
CA GLY B 435 -36.96 47.17 9.08
C GLY B 435 -37.40 46.66 7.74
N VAL B 436 -37.63 47.53 6.77
CA VAL B 436 -38.09 47.15 5.44
C VAL B 436 -36.98 47.48 4.45
N PRO B 437 -36.52 46.53 3.62
CA PRO B 437 -35.52 46.86 2.60
C PRO B 437 -36.13 47.75 1.52
N GLN B 438 -35.54 48.93 1.32
CA GLN B 438 -36.04 49.88 0.33
C GLN B 438 -35.54 49.54 -1.06
N ARG B 439 -34.22 49.42 -1.21
CA ARG B 439 -33.61 49.15 -2.50
C ARG B 439 -32.27 48.48 -2.25
N VAL B 440 -31.65 48.02 -3.33
CA VAL B 440 -30.40 47.27 -3.28
C VAL B 440 -29.28 48.14 -3.81
N LEU B 441 -28.10 48.02 -3.19
CA LEU B 441 -26.89 48.68 -3.64
C LEU B 441 -25.88 47.63 -4.05
N LEU B 442 -25.31 47.79 -5.25
CA LEU B 442 -24.37 46.83 -5.80
C LEU B 442 -23.01 47.48 -5.98
N LYS B 443 -21.95 46.73 -5.69
CA LYS B 443 -20.61 47.31 -5.65
C LYS B 443 -19.52 46.47 -6.30
N ASP B 444 -19.65 45.14 -6.37
CA ASP B 444 -18.58 44.28 -6.85
C ASP B 444 -18.86 43.89 -8.30
N PHE B 445 -18.13 44.51 -9.24
CA PHE B 445 -18.08 44.06 -10.63
C PHE B 445 -16.71 44.45 -11.19
N GLN B 446 -15.74 43.56 -10.98
CA GLN B 446 -14.41 43.69 -11.57
C GLN B 446 -14.10 42.48 -12.44
N GLY B 447 -14.05 41.28 -11.85
CA GLY B 447 -14.11 40.03 -12.60
C GLY B 447 -15.29 39.23 -12.08
N ASP B 448 -16.20 39.92 -11.40
CA ASP B 448 -17.45 39.34 -10.89
C ASP B 448 -18.61 39.61 -11.84
N MET B 449 -18.31 39.85 -13.10
CA MET B 449 -19.29 40.23 -14.11
C MET B 449 -19.09 39.35 -15.33
N ARG B 450 -20.20 38.94 -15.94
CA ARG B 450 -20.15 38.06 -17.10
C ARG B 450 -21.22 38.49 -18.10
N LEU B 451 -20.95 38.21 -19.38
CA LEU B 451 -21.85 38.54 -20.46
C LEU B 451 -22.26 37.26 -21.19
N VAL B 452 -23.32 37.37 -21.96
CA VAL B 452 -23.83 36.25 -22.74
C VAL B 452 -23.05 36.18 -24.05
N LYS B 453 -22.79 34.96 -24.52
CA LYS B 453 -22.13 34.81 -25.81
C LYS B 453 -22.96 35.42 -26.93
N ASP B 454 -24.28 35.41 -26.80
CA ASP B 454 -25.16 35.94 -27.83
C ASP B 454 -24.99 37.46 -27.96
N ALA B 455 -25.39 37.97 -29.11
CA ALA B 455 -25.32 39.40 -29.40
C ALA B 455 -26.71 40.00 -29.20
N PHE B 456 -26.87 40.72 -28.09
CA PHE B 456 -28.12 41.43 -27.79
C PHE B 456 -28.01 42.86 -28.27
N PRO B 457 -28.98 43.39 -29.05
CA PRO B 457 -28.91 44.80 -29.43
C PRO B 457 -28.74 45.73 -28.24
N GLU B 458 -29.34 45.39 -27.10
CA GLU B 458 -29.15 46.17 -25.88
C GLU B 458 -27.71 46.13 -25.38
N MET B 459 -26.85 45.32 -26.00
CA MET B 459 -25.46 45.21 -25.61
C MET B 459 -24.52 46.01 -26.51
N ASP B 460 -25.02 46.55 -27.62
CA ASP B 460 -24.17 47.33 -28.52
C ASP B 460 -23.53 48.51 -27.80
N SER B 461 -24.24 49.11 -26.84
CA SER B 461 -23.79 50.35 -26.21
C SER B 461 -22.52 50.17 -25.37
N LEU B 462 -22.03 48.96 -25.19
CA LEU B 462 -20.93 48.75 -24.27
C LEU B 462 -19.59 49.09 -24.93
N PRO B 463 -18.66 49.72 -24.21
CA PRO B 463 -17.33 49.96 -24.78
C PRO B 463 -16.60 48.66 -25.07
N GLN B 464 -15.88 48.63 -26.19
CA GLN B 464 -15.07 47.48 -26.52
C GLN B 464 -14.03 47.19 -25.45
N GLU B 465 -13.57 48.24 -24.73
CA GLU B 465 -12.58 48.05 -23.69
C GLU B 465 -13.10 47.13 -22.58
N VAL B 466 -14.41 47.13 -22.36
CA VAL B 466 -15.01 46.24 -21.36
C VAL B 466 -15.39 44.90 -21.97
N ARG B 467 -15.84 44.89 -23.22
CA ARG B 467 -16.13 43.63 -23.89
C ARG B 467 -14.90 42.73 -23.91
N ASP B 468 -13.72 43.32 -24.12
CA ASP B 468 -12.51 42.52 -24.30
C ASP B 468 -12.08 41.83 -23.01
N VAL B 469 -12.36 42.43 -21.85
CA VAL B 469 -11.85 41.93 -20.57
C VAL B 469 -12.88 41.13 -19.79
N THR B 470 -14.08 40.97 -20.31
CA THR B 470 -15.16 40.27 -19.61
C THR B 470 -15.43 38.94 -20.28
N ALA B 471 -15.38 37.85 -19.51
CA ALA B 471 -15.66 36.54 -20.05
C ALA B 471 -17.12 36.45 -20.50
N ARG B 472 -17.35 35.71 -21.57
CA ARG B 472 -18.69 35.53 -22.13
C ARG B 472 -19.08 34.06 -22.03
N LEU B 473 -20.36 33.81 -21.75
CA LEU B 473 -20.85 32.48 -21.44
C LEU B 473 -22.17 32.24 -22.15
N SER B 474 -22.57 30.97 -22.17
CA SER B 474 -23.87 30.61 -22.70
C SER B 474 -24.95 30.87 -21.67
N ALA B 475 -26.18 31.04 -22.16
CA ALA B 475 -27.31 31.34 -21.28
C ALA B 475 -27.41 30.34 -20.13
N ASP B 476 -27.29 29.05 -20.45
CA ASP B 476 -27.39 28.01 -19.43
C ASP B 476 -26.46 28.28 -18.27
N TYR B 477 -25.20 28.63 -18.57
CA TYR B 477 -24.19 28.75 -17.52
C TYR B 477 -24.26 30.10 -16.81
N LEU B 478 -24.68 31.15 -17.50
CA LEU B 478 -24.92 32.42 -16.82
C LEU B 478 -25.95 32.29 -15.71
N ILE B 479 -26.92 31.39 -15.90
CA ILE B 479 -28.02 31.29 -14.95
C ILE B 479 -27.49 30.87 -13.58
N HIS B 480 -26.51 29.98 -13.55
CA HIS B 480 -25.90 29.60 -12.27
C HIS B 480 -25.39 30.82 -11.52
N ASP B 481 -24.81 31.79 -12.23
CA ASP B 481 -24.37 33.03 -11.59
C ASP B 481 -25.49 33.68 -10.79
N LEU B 482 -26.74 33.44 -11.18
CA LEU B 482 -27.90 33.87 -10.40
C LEU B 482 -28.49 32.73 -9.56
N GLN B 483 -28.60 31.53 -10.14
CA GLN B 483 -29.07 30.36 -9.38
C GLN B 483 -28.06 30.00 -8.30
N THR B 484 -26.88 29.55 -8.73
CA THR B 484 -25.87 29.10 -7.77
C THR B 484 -25.34 30.26 -6.93
N GLY B 485 -25.29 31.47 -7.50
CA GLY B 485 -24.66 32.59 -6.83
C GLY B 485 -25.52 33.25 -5.77
N HIS B 486 -26.82 33.41 -6.06
CA HIS B 486 -27.74 34.07 -5.14
C HIS B 486 -28.69 33.09 -4.45
N PHE B 487 -29.42 32.29 -5.23
CA PHE B 487 -30.38 31.37 -4.62
C PHE B 487 -29.67 30.33 -3.76
N VAL B 488 -28.71 29.60 -4.36
CA VAL B 488 -28.07 28.51 -3.63
C VAL B 488 -27.17 29.03 -2.52
N THR B 489 -26.53 30.18 -2.72
CA THR B 489 -25.52 30.65 -1.79
C THR B 489 -26.07 31.67 -0.78
N VAL B 490 -27.28 32.18 -0.97
CA VAL B 490 -27.84 33.15 -0.04
C VAL B 490 -29.19 32.68 0.47
N LEU B 491 -30.18 32.55 -0.41
CA LEU B 491 -31.52 32.20 0.02
C LEU B 491 -31.55 30.84 0.70
N ARG B 492 -30.73 29.90 0.23
CA ARG B 492 -30.66 28.58 0.85
C ARG B 492 -30.45 28.66 2.36
N PHE B 493 -29.70 29.67 2.81
CA PHE B 493 -29.42 29.84 4.22
C PHE B 493 -30.43 30.74 4.92
N VAL B 494 -31.29 31.43 4.19
CA VAL B 494 -32.30 32.30 4.80
C VAL B 494 -33.62 31.57 5.02
N SER B 495 -34.02 30.71 4.08
CA SER B 495 -35.32 30.06 4.19
C SER B 495 -35.44 29.15 5.40
N PRO B 496 -34.40 28.46 5.88
CA PRO B 496 -34.56 27.69 7.12
C PRO B 496 -34.94 28.56 8.30
N LEU B 497 -34.44 29.80 8.35
CA LEU B 497 -34.80 30.71 9.44
C LEU B 497 -36.25 31.15 9.34
N MET B 498 -36.77 31.26 8.11
CA MET B 498 -38.19 31.57 7.94
C MET B 498 -39.07 30.42 8.40
N ALA B 499 -38.70 29.18 8.05
CA ALA B 499 -39.46 28.02 8.49
C ALA B 499 -39.58 28.00 10.01
N ARG B 500 -38.55 28.47 10.72
CA ARG B 500 -38.60 28.56 12.17
C ARG B 500 -39.53 29.69 12.64
N LEU B 501 -39.91 30.61 11.75
CA LEU B 501 -40.79 31.71 12.09
C LEU B 501 -42.17 31.57 11.48
N GLY B 502 -42.52 30.38 10.99
CA GLY B 502 -43.87 30.12 10.52
C GLY B 502 -44.08 30.20 9.02
N VAL B 503 -43.01 30.29 8.24
CA VAL B 503 -43.10 30.34 6.79
C VAL B 503 -42.31 29.17 6.22
N PRO B 504 -42.98 28.06 5.90
CA PRO B 504 -42.25 26.89 5.36
C PRO B 504 -41.51 27.23 4.08
N GLU B 505 -40.46 26.44 3.80
CA GLU B 505 -39.65 26.69 2.62
C GLU B 505 -40.48 26.66 1.35
N ARG B 506 -41.45 25.73 1.27
CA ARG B 506 -42.31 25.68 0.10
C ARG B 506 -42.97 27.04 -0.15
N ARG B 507 -43.55 27.63 0.90
CA ARG B 507 -44.16 28.95 0.77
C ARG B 507 -43.11 30.00 0.43
N PHE B 508 -41.97 29.95 1.11
CA PHE B 508 -40.88 30.89 0.85
C PHE B 508 -40.61 31.03 -0.64
N TYR B 509 -40.51 29.90 -1.35
CA TYR B 509 -40.14 29.93 -2.76
C TYR B 509 -41.32 30.06 -3.69
N GLN B 510 -42.55 29.85 -3.19
CA GLN B 510 -43.72 30.25 -3.97
C GLN B 510 -43.78 31.76 -4.11
N LEU B 511 -43.46 32.49 -3.04
CA LEU B 511 -43.45 33.95 -3.11
C LEU B 511 -42.42 34.43 -4.12
N LEU B 512 -41.19 33.88 -4.05
CA LEU B 512 -40.17 34.26 -5.01
C LEU B 512 -40.62 33.95 -6.44
N ALA B 513 -41.32 32.84 -6.64
CA ALA B 513 -41.84 32.52 -7.96
C ALA B 513 -42.91 33.52 -8.39
N ALA B 514 -43.79 33.91 -7.47
CA ALA B 514 -44.83 34.88 -7.80
C ALA B 514 -44.23 36.24 -8.15
N VAL B 515 -43.22 36.66 -7.40
CA VAL B 515 -42.52 37.91 -7.73
C VAL B 515 -41.95 37.83 -9.14
N LEU B 516 -41.37 36.69 -9.50
CA LEU B 516 -40.81 36.52 -10.84
C LEU B 516 -41.91 36.40 -11.89
N SER B 517 -42.98 35.67 -11.58
CA SER B 517 -44.10 35.55 -12.51
C SER B 517 -44.72 36.93 -12.77
N ASP B 518 -45.10 37.63 -11.70
CA ASP B 518 -45.66 38.97 -11.87
C ASP B 518 -44.73 39.85 -12.68
N TYR B 519 -43.42 39.75 -12.43
CA TYR B 519 -42.46 40.57 -13.17
C TYR B 519 -42.48 40.22 -14.66
N MET B 520 -42.38 38.93 -14.98
CA MET B 520 -42.29 38.53 -16.39
C MET B 520 -43.59 38.84 -17.14
N GLN B 521 -44.74 38.67 -16.48
CA GLN B 521 -46.01 39.02 -17.13
C GLN B 521 -46.07 40.48 -17.51
N GLU B 522 -45.37 41.34 -16.78
CA GLU B 522 -45.31 42.77 -17.09
C GLU B 522 -44.36 43.09 -18.23
N HIS B 523 -43.63 42.09 -18.75
CA HIS B 523 -42.70 42.28 -19.87
C HIS B 523 -42.95 41.16 -20.88
N PRO B 524 -44.11 41.15 -21.53
CA PRO B 524 -44.38 40.10 -22.51
C PRO B 524 -43.51 40.20 -23.75
N GLN B 525 -42.88 41.35 -24.00
CA GLN B 525 -41.97 41.48 -25.12
C GLN B 525 -40.68 40.68 -24.93
N MET B 526 -40.43 40.17 -23.72
CA MET B 526 -39.22 39.41 -23.42
C MET B 526 -39.50 37.92 -23.26
N SER B 527 -40.64 37.44 -23.76
CA SER B 527 -40.98 36.03 -23.62
C SER B 527 -39.82 35.14 -24.01
N ALA B 528 -39.18 35.44 -25.14
CA ALA B 528 -38.06 34.62 -25.60
C ALA B 528 -36.88 34.68 -24.65
N ARG B 529 -36.53 35.89 -24.20
CA ARG B 529 -35.39 36.03 -23.29
C ARG B 529 -35.62 35.28 -21.98
N PHE B 530 -36.87 35.21 -21.51
CA PHE B 530 -37.15 34.51 -20.27
C PHE B 530 -37.03 33.00 -20.47
N ALA B 531 -37.48 32.49 -21.62
CA ALA B 531 -37.24 31.08 -21.94
C ALA B 531 -35.74 30.79 -21.99
N LEU B 532 -34.97 31.73 -22.52
CA LEU B 532 -33.52 31.54 -22.62
C LEU B 532 -32.88 31.47 -21.24
N PHE B 533 -33.36 32.28 -20.30
CA PHE B 533 -32.78 32.38 -18.95
C PHE B 533 -33.80 31.88 -17.93
N SER B 534 -34.14 30.60 -18.00
CA SER B 534 -35.22 30.05 -17.19
C SER B 534 -34.72 29.65 -15.81
N LEU B 535 -35.40 30.14 -14.77
CA LEU B 535 -35.13 29.75 -13.40
C LEU B 535 -35.98 28.59 -12.93
N PHE B 536 -36.93 28.12 -13.74
CA PHE B 536 -37.91 27.13 -13.33
C PHE B 536 -37.70 25.78 -14.01
N LYS B 537 -36.47 25.49 -14.45
CA LYS B 537 -36.18 24.15 -14.94
C LYS B 537 -36.19 23.16 -13.77
N PRO B 538 -36.71 21.95 -13.97
CA PRO B 538 -36.91 21.05 -12.82
C PRO B 538 -35.62 20.61 -12.14
N GLN B 539 -34.48 20.68 -12.81
CA GLN B 539 -33.19 20.36 -12.21
C GLN B 539 -32.21 21.50 -12.45
N ILE B 540 -31.20 21.57 -11.59
CA ILE B 540 -30.19 22.61 -11.63
C ILE B 540 -28.84 21.97 -11.96
N ILE B 541 -28.10 22.59 -12.87
CA ILE B 541 -26.80 22.07 -13.25
C ILE B 541 -25.82 22.22 -12.10
N ARG B 542 -25.01 21.18 -11.87
CA ARG B 542 -23.96 21.19 -10.86
C ARG B 542 -22.59 21.17 -11.54
N VAL B 543 -21.69 22.01 -11.05
CA VAL B 543 -20.42 22.27 -11.72
C VAL B 543 -19.30 21.40 -11.14
N VAL B 544 -19.50 20.08 -11.19
CA VAL B 544 -18.58 19.06 -10.69
C VAL B 544 -17.17 19.61 -10.50
N LEU B 545 -16.94 20.26 -9.37
CA LEU B 545 -15.62 20.79 -9.02
C LEU B 545 -14.87 19.73 -8.23
N ASN B 546 -14.11 18.90 -8.94
CA ASN B 546 -13.37 17.83 -8.28
C ASN B 546 -12.45 18.36 -7.18
N PRO B 547 -11.73 19.48 -7.36
CA PRO B 547 -10.93 20.02 -6.24
C PRO B 547 -11.78 20.85 -5.30
N VAL B 548 -12.29 20.21 -4.24
CA VAL B 548 -13.12 20.91 -3.27
C VAL B 548 -12.34 22.06 -2.67
N LYS B 549 -12.91 23.27 -2.75
CA LYS B 549 -12.31 24.44 -2.12
C LYS B 549 -12.90 24.60 -0.73
N LEU B 550 -12.02 24.69 0.27
CA LEU B 550 -12.44 24.83 1.66
C LEU B 550 -12.29 26.25 2.19
N THR B 551 -11.76 27.17 1.38
CA THR B 551 -11.52 28.53 1.81
C THR B 551 -12.12 29.51 0.82
N TRP B 552 -12.30 30.75 1.28
CA TRP B 552 -12.88 31.81 0.46
C TRP B 552 -11.81 32.80 0.02
N GLU B 567 -25.81 17.49 -13.73
CA GLU B 567 -27.03 18.28 -13.62
C GLU B 567 -28.08 17.53 -12.82
N ASP B 568 -27.80 17.31 -11.53
CA ASP B 568 -28.69 16.57 -10.63
C ASP B 568 -28.82 17.35 -9.32
N LEU B 569 -29.43 18.53 -9.40
CA LEU B 569 -29.68 19.36 -8.23
C LEU B 569 -31.14 19.77 -8.21
N GLN B 570 -31.74 19.73 -7.02
CA GLN B 570 -33.15 20.07 -6.87
C GLN B 570 -33.35 21.57 -7.08
N ASN B 571 -34.43 21.93 -7.76
CA ASN B 571 -34.78 23.33 -7.97
C ASN B 571 -36.00 23.67 -7.12
N PRO B 572 -35.84 24.35 -5.99
CA PRO B 572 -37.01 24.67 -5.16
C PRO B 572 -38.06 25.49 -5.89
N LEU B 573 -37.68 26.31 -6.87
CA LEU B 573 -38.68 27.08 -7.59
C LEU B 573 -39.58 26.18 -8.43
N TRP B 574 -39.07 25.04 -8.87
CA TRP B 574 -39.92 24.06 -9.55
C TRP B 574 -40.64 23.15 -8.57
N LEU B 575 -39.93 22.69 -7.52
CA LEU B 575 -40.57 21.86 -6.51
C LEU B 575 -41.73 22.60 -5.84
N ALA B 576 -41.52 23.86 -5.48
CA ALA B 576 -42.54 24.63 -4.78
C ALA B 576 -43.70 25.01 -5.68
N THR B 577 -43.51 24.98 -7.01
CA THR B 577 -44.60 25.23 -7.95
C THR B 577 -45.34 23.93 -8.23
N ARG B 578 -44.70 23.00 -8.93
CA ARG B 578 -45.31 21.72 -9.25
C ARG B 578 -45.58 20.92 -7.98
N ASN C 4 -20.44 -60.44 -7.17
CA ASN C 4 -19.69 -61.69 -7.03
C ASN C 4 -18.79 -61.63 -5.80
N HIS C 5 -19.05 -62.51 -4.83
CA HIS C 5 -18.22 -62.55 -3.62
C HIS C 5 -16.78 -62.94 -3.96
N LYS C 6 -16.60 -63.83 -4.94
CA LYS C 6 -15.24 -64.28 -5.27
C LYS C 6 -14.37 -63.13 -5.73
N ASP C 7 -14.92 -62.23 -6.56
CA ASP C 7 -14.13 -61.12 -7.08
C ASP C 7 -13.89 -60.05 -6.02
N TRP C 8 -14.87 -59.79 -5.17
CA TRP C 8 -14.70 -58.82 -4.11
C TRP C 8 -13.60 -59.22 -3.14
N ASP C 9 -13.43 -60.53 -2.93
CA ASP C 9 -12.33 -60.99 -2.07
C ASP C 9 -10.99 -60.86 -2.78
N PHE C 10 -10.93 -61.25 -4.05
CA PHE C 10 -9.67 -61.19 -4.78
C PHE C 10 -9.12 -59.78 -4.84
N VAL C 11 -9.96 -58.80 -5.19
CA VAL C 11 -9.49 -57.43 -5.35
C VAL C 11 -9.03 -56.86 -4.01
N ASN C 12 -9.75 -57.18 -2.93
CA ASN C 12 -9.33 -56.71 -1.61
C ASN C 12 -8.03 -57.37 -1.17
N ARG C 13 -7.87 -58.67 -1.44
CA ARG C 13 -6.64 -59.36 -1.07
C ARG C 13 -5.45 -58.81 -1.82
N GLN C 14 -5.59 -58.61 -3.13
CA GLN C 14 -4.49 -58.06 -3.92
C GLN C 14 -4.11 -56.67 -3.43
N LEU C 15 -5.10 -55.88 -3.01
CA LEU C 15 -4.81 -54.52 -2.58
C LEU C 15 -4.13 -54.50 -1.22
N VAL C 16 -4.62 -55.31 -0.27
CA VAL C 16 -3.97 -55.40 1.03
C VAL C 16 -2.50 -55.77 0.88
N ALA C 17 -2.22 -56.76 0.03
CA ALA C 17 -0.84 -57.21 -0.17
C ALA C 17 0.03 -56.08 -0.72
N LYS C 18 -0.50 -55.32 -1.69
CA LYS C 18 0.24 -54.20 -2.24
C LYS C 18 0.51 -53.15 -1.16
N MET C 19 -0.50 -52.83 -0.36
CA MET C 19 -0.35 -51.83 0.70
C MET C 19 0.72 -52.26 1.70
N LEU C 20 0.55 -53.46 2.28
CA LEU C 20 1.48 -53.91 3.31
C LEU C 20 2.91 -53.96 2.79
N ALA C 21 3.11 -54.54 1.61
CA ALA C 21 4.45 -54.69 1.06
C ALA C 21 5.11 -53.33 0.83
N GLU C 22 4.38 -52.41 0.19
CA GLU C 22 4.98 -51.12 -0.14
C GLU C 22 5.24 -50.30 1.11
N LEU C 23 4.36 -50.40 2.11
CA LEU C 23 4.58 -49.68 3.36
C LEU C 23 5.71 -50.33 4.18
N GLU C 24 5.86 -51.65 4.08
CA GLU C 24 7.00 -52.30 4.73
C GLU C 24 8.31 -51.89 4.06
N TYR C 25 8.29 -51.74 2.73
CA TYR C 25 9.48 -51.28 2.03
C TYR C 25 9.78 -49.83 2.38
N GLU C 26 8.75 -49.00 2.57
CA GLU C 26 8.92 -47.63 3.02
C GLU C 26 9.24 -47.54 4.50
N GLN C 27 9.37 -48.68 5.17
CA GLN C 27 9.77 -48.74 6.58
C GLN C 27 8.78 -48.04 7.50
N VAL C 28 7.51 -47.90 7.07
CA VAL C 28 6.47 -47.50 8.01
C VAL C 28 6.32 -48.55 9.09
N PHE C 29 6.57 -49.81 8.75
CA PHE C 29 6.67 -50.90 9.72
C PHE C 29 7.49 -52.01 9.07
N HIS C 30 7.89 -52.98 9.88
CA HIS C 30 8.76 -54.06 9.42
C HIS C 30 8.05 -55.40 9.59
N ALA C 31 8.19 -56.25 8.59
CA ALA C 31 7.66 -57.61 8.66
C ALA C 31 8.65 -58.50 9.40
N GLU C 32 8.19 -59.13 10.47
CA GLU C 32 9.03 -60.02 11.27
C GLU C 32 8.97 -61.41 10.66
N SER C 33 10.13 -61.97 10.32
CA SER C 33 10.18 -63.30 9.75
C SER C 33 9.81 -64.34 10.79
N GLN C 34 8.94 -65.28 10.41
CA GLN C 34 8.54 -66.38 11.26
C GLN C 34 9.05 -67.72 10.72
N GLY C 35 9.91 -67.70 9.71
CA GLY C 35 10.51 -68.90 9.18
C GLY C 35 9.61 -69.60 8.18
N ASP C 36 10.24 -70.39 7.31
CA ASP C 36 9.54 -71.15 6.28
C ASP C 36 8.81 -70.21 5.32
N GLY C 37 9.48 -69.10 4.97
CA GLY C 37 8.88 -68.13 4.08
C GLY C 37 7.63 -67.47 4.61
N ARG C 38 7.39 -67.57 5.92
CA ARG C 38 6.20 -67.00 6.55
C ARG C 38 6.58 -65.74 7.30
N TYR C 39 5.80 -64.68 7.10
CA TYR C 39 6.06 -63.39 7.74
C TYR C 39 4.85 -62.95 8.56
N CYS C 40 5.10 -62.04 9.49
CA CYS C 40 4.07 -61.46 10.33
C CYS C 40 4.34 -59.96 10.45
N ILE C 41 3.31 -59.15 10.28
CA ILE C 41 3.40 -57.70 10.39
C ILE C 41 2.48 -57.25 11.52
N ASN C 42 3.06 -56.64 12.55
CA ASN C 42 2.30 -56.23 13.73
C ASN C 42 1.90 -54.77 13.61
N LEU C 43 0.62 -54.50 13.80
CA LEU C 43 0.08 -53.15 13.84
C LEU C 43 -0.69 -52.99 15.14
N PRO C 44 -1.00 -51.76 15.54
CA PRO C 44 -1.80 -51.56 16.76
C PRO C 44 -3.17 -52.23 16.63
N GLY C 45 -3.44 -53.16 17.55
CA GLY C 45 -4.71 -53.85 17.58
C GLY C 45 -4.89 -54.93 16.53
N ALA C 46 -3.84 -55.30 15.81
CA ALA C 46 -3.99 -56.33 14.78
C ALA C 46 -2.63 -56.84 14.35
N GLN C 47 -2.61 -58.10 13.90
CA GLN C 47 -1.44 -58.74 13.34
C GLN C 47 -1.79 -59.23 11.94
N TRP C 48 -0.85 -59.05 11.02
CA TRP C 48 -0.99 -59.55 9.66
C TRP C 48 0.04 -60.63 9.40
N ARG C 49 -0.42 -61.82 9.05
CA ARG C 49 0.43 -62.95 8.76
C ARG C 49 0.23 -63.38 7.31
N PHE C 50 1.30 -63.87 6.70
CA PHE C 50 1.27 -64.21 5.27
C PHE C 50 2.60 -64.82 4.88
N SER C 51 2.59 -65.55 3.77
CA SER C 51 3.80 -66.07 3.17
C SER C 51 4.29 -65.08 2.12
N ALA C 52 5.61 -64.95 2.00
CA ALA C 52 6.18 -63.98 1.08
C ALA C 52 7.62 -64.35 0.76
N GLU C 53 8.13 -63.73 -0.31
CA GLU C 53 9.51 -63.88 -0.74
C GLU C 53 10.06 -62.48 -0.98
N ARG C 54 11.14 -62.13 -0.28
CA ARG C 54 11.71 -60.79 -0.37
C ARG C 54 12.71 -60.72 -1.51
N GLY C 55 12.56 -59.71 -2.37
CA GLY C 55 13.35 -59.60 -3.57
C GLY C 55 14.68 -58.88 -3.35
N ILE C 56 15.39 -58.66 -4.46
CA ILE C 56 16.74 -58.12 -4.40
C ILE C 56 16.72 -56.65 -3.97
N TRP C 57 15.63 -55.95 -4.21
CA TRP C 57 15.48 -54.57 -3.73
C TRP C 57 15.06 -54.49 -2.27
N GLY C 58 14.82 -55.62 -1.63
CA GLY C 58 14.29 -55.60 -0.27
C GLY C 58 12.80 -55.42 -0.20
N TRP C 59 12.08 -55.66 -1.31
CA TRP C 59 10.65 -55.50 -1.39
C TRP C 59 9.98 -56.87 -1.40
N LEU C 60 8.95 -57.03 -0.57
CA LEU C 60 8.31 -58.34 -0.39
C LEU C 60 7.42 -58.69 -1.57
N TRP C 61 7.44 -59.97 -1.94
CA TRP C 61 6.47 -60.55 -2.86
C TRP C 61 5.49 -61.35 -2.02
N ILE C 62 4.28 -60.83 -1.84
CA ILE C 62 3.30 -61.41 -0.93
C ILE C 62 2.32 -62.27 -1.71
N ASP C 63 2.10 -63.48 -1.23
CA ASP C 63 1.05 -64.36 -1.78
C ASP C 63 -0.26 -63.94 -1.12
N ALA C 64 -1.09 -63.22 -1.88
CA ALA C 64 -2.30 -62.63 -1.31
C ALA C 64 -3.24 -63.69 -0.74
N GLN C 65 -3.25 -64.89 -1.32
CA GLN C 65 -4.12 -65.94 -0.82
C GLN C 65 -3.76 -66.34 0.61
N THR C 66 -2.50 -66.18 0.99
CA THR C 66 -2.05 -66.52 2.34
C THR C 66 -2.32 -65.43 3.37
N LEU C 67 -2.94 -64.32 2.97
CA LEU C 67 -3.18 -63.23 3.90
C LEU C 67 -4.19 -63.66 4.97
N ARG C 68 -3.85 -63.38 6.22
CA ARG C 68 -4.75 -63.61 7.35
C ARG C 68 -4.54 -62.51 8.37
N CYS C 69 -5.65 -62.02 8.95
CA CYS C 69 -5.62 -61.04 10.03
C CYS C 69 -6.63 -61.49 11.08
N ALA C 70 -6.16 -62.31 12.02
CA ALA C 70 -7.01 -62.84 13.08
C ALA C 70 -8.38 -63.22 12.53
N ASP C 71 -9.45 -62.79 13.20
CA ASP C 71 -10.80 -63.17 12.79
C ASP C 71 -11.30 -62.34 11.61
N GLU C 72 -10.80 -61.13 11.45
CA GLU C 72 -11.47 -60.17 10.58
C GLU C 72 -11.27 -60.53 9.11
N PRO C 73 -12.29 -60.35 8.27
CA PRO C 73 -12.13 -60.64 6.83
C PRO C 73 -11.17 -59.66 6.17
N VAL C 74 -10.40 -60.18 5.22
CA VAL C 74 -9.33 -59.41 4.59
C VAL C 74 -9.94 -58.35 3.68
N LEU C 75 -9.97 -57.10 4.16
CA LEU C 75 -10.53 -55.99 3.43
C LEU C 75 -9.58 -54.80 3.52
N ALA C 76 -9.39 -54.10 2.40
CA ALA C 76 -8.56 -52.91 2.41
C ALA C 76 -9.09 -51.88 3.39
N GLN C 77 -10.42 -51.74 3.47
CA GLN C 77 -11.03 -50.82 4.43
C GLN C 77 -10.50 -51.07 5.84
N THR C 78 -10.41 -52.33 6.24
CA THR C 78 -9.92 -52.66 7.57
C THR C 78 -8.48 -52.19 7.76
N LEU C 79 -7.61 -52.50 6.80
CA LEU C 79 -6.21 -52.11 6.92
C LEU C 79 -6.08 -50.60 7.02
N LEU C 80 -6.85 -49.86 6.22
CA LEU C 80 -6.74 -48.39 6.22
C LEU C 80 -7.07 -47.83 7.59
N MET C 81 -8.11 -48.35 8.24
CA MET C 81 -8.42 -47.90 9.60
C MET C 81 -7.32 -48.27 10.58
N GLN C 82 -6.66 -49.40 10.36
CA GLN C 82 -5.55 -49.80 11.22
C GLN C 82 -4.32 -48.93 11.02
N LEU C 83 -4.22 -48.23 9.89
CA LEU C 83 -3.11 -47.33 9.63
C LEU C 83 -3.37 -45.91 10.12
N LYS C 84 -4.58 -45.60 10.58
CA LYS C 84 -4.89 -44.26 11.05
C LYS C 84 -3.92 -43.80 12.14
N PRO C 85 -3.68 -44.57 13.20
CA PRO C 85 -2.66 -44.11 14.19
C PRO C 85 -1.26 -44.14 13.62
N VAL C 86 -0.91 -45.16 12.84
CA VAL C 86 0.46 -45.30 12.35
C VAL C 86 0.87 -44.06 11.56
N LEU C 87 -0.02 -43.56 10.70
CA LEU C 87 0.26 -42.42 9.85
C LEU C 87 -0.32 -41.12 10.39
N SER C 88 -0.91 -41.14 11.58
CA SER C 88 -1.44 -39.95 12.23
C SER C 88 -2.36 -39.17 11.29
N MET C 89 -3.41 -39.86 10.83
CA MET C 89 -4.37 -39.30 9.90
C MET C 89 -5.59 -38.79 10.65
N SER C 90 -6.07 -37.61 10.25
CA SER C 90 -7.29 -37.07 10.81
C SER C 90 -8.51 -37.78 10.20
N ASP C 91 -9.65 -37.66 10.88
CA ASP C 91 -10.87 -38.29 10.41
C ASP C 91 -11.20 -37.86 8.99
N ALA C 92 -10.88 -36.62 8.64
CA ALA C 92 -11.17 -36.14 7.29
C ALA C 92 -10.21 -36.73 6.27
N THR C 93 -8.93 -36.87 6.64
CA THR C 93 -7.96 -37.49 5.74
C THR C 93 -8.31 -38.94 5.46
N VAL C 94 -8.81 -39.65 6.48
CA VAL C 94 -9.19 -41.05 6.30
C VAL C 94 -10.37 -41.16 5.34
N ALA C 95 -11.41 -40.35 5.58
CA ALA C 95 -12.55 -40.35 4.66
C ALA C 95 -12.13 -39.99 3.25
N GLU C 96 -11.12 -39.13 3.10
CA GLU C 96 -10.57 -38.86 1.78
C GLU C 96 -10.01 -40.13 1.15
N HIS C 97 -9.22 -40.89 1.91
CA HIS C 97 -8.57 -42.07 1.36
C HIS C 97 -9.56 -43.21 1.15
N MET C 98 -10.64 -43.25 1.93
CA MET C 98 -11.68 -44.24 1.70
C MET C 98 -12.22 -44.12 0.28
N GLN C 99 -12.50 -42.89 -0.15
CA GLN C 99 -12.98 -42.68 -1.52
C GLN C 99 -11.92 -43.05 -2.54
N ASP C 100 -10.65 -42.73 -2.25
CA ASP C 100 -9.57 -43.19 -3.11
C ASP C 100 -9.47 -44.71 -3.09
N LEU C 101 -9.73 -45.32 -1.94
CA LEU C 101 -9.63 -46.76 -1.81
C LEU C 101 -10.71 -47.46 -2.63
N TYR C 102 -11.97 -47.10 -2.41
CA TYR C 102 -13.07 -47.77 -3.11
C TYR C 102 -13.05 -47.45 -4.60
N ALA C 103 -12.61 -46.26 -4.98
CA ALA C 103 -12.44 -45.95 -6.39
C ALA C 103 -11.42 -46.88 -7.03
N THR C 104 -10.40 -47.29 -6.27
CA THR C 104 -9.41 -48.22 -6.79
C THR C 104 -9.99 -49.62 -6.91
N LEU C 105 -10.78 -50.05 -5.93
CA LEU C 105 -11.41 -51.37 -6.01
C LEU C 105 -12.38 -51.44 -7.18
N LEU C 106 -13.14 -50.36 -7.40
CA LEU C 106 -14.05 -50.34 -8.54
C LEU C 106 -13.29 -50.53 -9.85
N GLY C 107 -12.18 -49.81 -10.02
CA GLY C 107 -11.37 -49.98 -11.22
C GLY C 107 -10.82 -51.39 -11.34
N ASP C 108 -10.30 -51.95 -10.24
CA ASP C 108 -9.78 -53.31 -10.28
C ASP C 108 -10.87 -54.33 -10.60
N LEU C 109 -12.11 -54.07 -10.17
CA LEU C 109 -13.21 -54.93 -10.54
C LEU C 109 -13.48 -54.86 -12.04
N GLN C 110 -13.42 -53.67 -12.62
CA GLN C 110 -13.60 -53.53 -14.07
C GLN C 110 -12.50 -54.26 -14.82
N LEU C 111 -11.25 -54.08 -14.41
CA LEU C 111 -10.14 -54.74 -15.08
C LEU C 111 -10.28 -56.26 -14.99
N LEU C 112 -10.76 -56.76 -13.85
CA LEU C 112 -10.94 -58.19 -13.69
C LEU C 112 -11.98 -58.72 -14.66
N LYS C 113 -13.09 -58.00 -14.83
CA LYS C 113 -14.12 -58.40 -15.79
C LYS C 113 -13.57 -58.39 -17.21
N ALA C 114 -13.04 -57.24 -17.64
CA ALA C 114 -12.64 -57.06 -19.03
C ALA C 114 -11.46 -57.96 -19.42
N ARG C 115 -10.74 -58.52 -18.45
CA ARG C 115 -9.59 -59.37 -18.73
C ARG C 115 -9.88 -60.85 -18.49
N ARG C 116 -11.16 -61.23 -18.43
CA ARG C 116 -11.52 -62.62 -18.20
C ARG C 116 -11.22 -63.48 -19.42
N GLY C 117 -10.79 -64.71 -19.17
CA GLY C 117 -10.53 -65.67 -20.22
C GLY C 117 -9.46 -65.27 -21.21
N LEU C 118 -8.70 -64.22 -20.92
CA LEU C 118 -7.70 -63.69 -21.83
C LEU C 118 -6.32 -64.10 -21.35
N SER C 119 -5.59 -64.82 -22.20
CA SER C 119 -4.22 -65.22 -21.92
C SER C 119 -3.26 -64.04 -22.09
N ALA C 120 -2.03 -64.25 -21.67
CA ALA C 120 -0.99 -63.24 -21.91
C ALA C 120 -0.80 -63.00 -23.39
N SER C 121 -0.80 -64.07 -24.19
CA SER C 121 -0.71 -63.91 -25.64
C SER C 121 -1.91 -63.14 -26.18
N ASP C 122 -3.11 -63.46 -25.70
CA ASP C 122 -4.30 -62.71 -26.10
C ASP C 122 -4.12 -61.22 -25.81
N LEU C 123 -3.62 -60.90 -24.61
CA LEU C 123 -3.58 -59.50 -24.18
C LEU C 123 -2.69 -58.66 -25.09
N ILE C 124 -1.53 -59.19 -25.49
CA ILE C 124 -0.60 -58.42 -26.32
C ILE C 124 -1.09 -58.26 -27.75
N ASP C 125 -2.13 -58.99 -28.15
CA ASP C 125 -2.73 -58.83 -29.47
C ASP C 125 -3.80 -57.75 -29.51
N LEU C 126 -4.23 -57.25 -28.35
CA LEU C 126 -5.28 -56.23 -28.33
C LEU C 126 -4.78 -54.94 -28.96
N ASP C 127 -5.73 -54.14 -29.44
CA ASP C 127 -5.42 -52.81 -29.92
C ASP C 127 -4.57 -52.07 -28.88
N ALA C 128 -3.58 -51.33 -29.36
CA ALA C 128 -2.65 -50.66 -28.46
C ALA C 128 -3.38 -49.79 -27.45
N ASP C 129 -4.43 -49.09 -27.89
CA ASP C 129 -5.15 -48.19 -27.00
C ASP C 129 -5.94 -48.97 -25.94
N ARG C 130 -6.58 -50.06 -26.34
CA ARG C 130 -7.31 -50.87 -25.36
C ARG C 130 -6.37 -51.48 -24.33
N LEU C 131 -5.23 -52.01 -24.79
CA LEU C 131 -4.27 -52.61 -23.87
C LEU C 131 -3.81 -51.60 -22.83
N GLN C 132 -3.59 -50.34 -23.25
CA GLN C 132 -3.21 -49.31 -22.29
C GLN C 132 -4.31 -49.06 -21.28
N CYS C 133 -5.58 -49.17 -21.71
CA CYS C 133 -6.70 -48.99 -20.80
C CYS C 133 -6.72 -50.07 -19.73
N LEU C 134 -6.35 -51.30 -20.10
CA LEU C 134 -6.48 -52.44 -19.20
C LEU C 134 -5.26 -52.65 -18.31
N LEU C 135 -4.32 -51.71 -18.30
CA LEU C 135 -3.19 -51.81 -17.40
C LEU C 135 -3.63 -51.63 -15.95
N SER C 136 -2.90 -52.28 -15.04
CA SER C 136 -3.26 -52.24 -13.62
C SER C 136 -3.08 -50.85 -13.01
N GLY C 137 -2.25 -50.01 -13.62
CA GLY C 137 -2.03 -48.66 -13.13
C GLY C 137 -0.63 -48.47 -12.58
N HIS C 138 -0.51 -47.50 -11.70
CA HIS C 138 0.78 -47.19 -11.09
C HIS C 138 1.12 -48.25 -10.04
N PRO C 139 2.32 -48.84 -10.09
CA PRO C 139 2.62 -49.99 -9.20
C PRO C 139 3.02 -49.61 -7.79
N LYS C 140 3.34 -48.34 -7.50
CA LYS C 140 3.82 -47.98 -6.17
C LYS C 140 2.70 -47.54 -5.23
N PHE C 141 1.78 -46.71 -5.71
CA PHE C 141 0.81 -46.08 -4.81
C PHE C 141 -0.35 -47.02 -4.50
N ALA C 142 -0.72 -47.05 -3.21
CA ALA C 142 -1.73 -47.98 -2.74
C ALA C 142 -3.04 -47.82 -3.49
N PHE C 143 -3.50 -46.58 -3.65
CA PHE C 143 -4.80 -46.27 -4.25
C PHE C 143 -4.53 -45.55 -5.57
N ASN C 144 -4.13 -46.33 -6.58
CA ASN C 144 -3.61 -45.75 -7.82
C ASN C 144 -4.71 -45.31 -8.78
N LYS C 145 -5.98 -45.49 -8.43
CA LYS C 145 -7.09 -44.99 -9.25
C LYS C 145 -7.97 -44.00 -8.49
N GLY C 146 -7.54 -43.53 -7.33
CA GLY C 146 -8.27 -42.51 -6.62
C GLY C 146 -8.02 -41.15 -7.24
N ARG C 147 -9.10 -40.43 -7.53
CA ARG C 147 -9.02 -39.07 -8.06
C ARG C 147 -9.99 -38.21 -7.27
N ARG C 148 -9.47 -37.20 -6.59
CA ARG C 148 -10.25 -36.36 -5.69
C ARG C 148 -11.54 -35.89 -6.36
N GLY C 149 -12.67 -36.17 -5.72
CA GLY C 149 -13.97 -35.70 -6.17
C GLY C 149 -14.66 -36.57 -7.20
N TRP C 150 -13.99 -37.57 -7.75
CA TRP C 150 -14.56 -38.41 -8.80
C TRP C 150 -15.35 -39.55 -8.17
N GLY C 151 -16.66 -39.60 -8.45
CA GLY C 151 -17.50 -40.70 -8.04
C GLY C 151 -17.59 -41.77 -9.11
N LYS C 152 -18.48 -42.74 -8.87
CA LYS C 152 -18.62 -43.86 -9.80
C LYS C 152 -18.95 -43.36 -11.20
N GLU C 153 -19.85 -42.39 -11.33
CA GLU C 153 -20.21 -41.86 -12.64
C GLU C 153 -18.99 -41.25 -13.32
N ALA C 154 -18.29 -40.35 -12.64
CA ALA C 154 -17.14 -39.69 -13.23
C ALA C 154 -16.07 -40.70 -13.62
N LEU C 155 -15.82 -41.70 -12.77
CA LEU C 155 -14.80 -42.69 -13.07
C LEU C 155 -15.14 -43.48 -14.33
N GLU C 156 -16.38 -43.99 -14.40
CA GLU C 156 -16.75 -44.84 -15.52
C GLU C 156 -16.74 -44.08 -16.84
N ARG C 157 -17.02 -42.77 -16.82
CA ARG C 157 -17.13 -42.03 -18.06
C ARG C 157 -15.77 -41.60 -18.61
N TYR C 158 -14.82 -41.26 -17.72
CA TYR C 158 -13.59 -40.60 -18.16
C TYR C 158 -12.30 -41.31 -17.74
N ALA C 159 -12.35 -42.31 -16.84
CA ALA C 159 -11.10 -42.93 -16.44
C ALA C 159 -10.69 -44.02 -17.42
N PRO C 160 -9.39 -44.25 -17.59
CA PRO C 160 -8.94 -45.19 -18.64
C PRO C 160 -9.32 -46.64 -18.39
N GLU C 161 -9.43 -47.07 -17.12
CA GLU C 161 -9.67 -48.49 -16.87
C GLU C 161 -11.04 -48.95 -17.35
N TYR C 162 -11.97 -48.03 -17.58
CA TYR C 162 -13.28 -48.39 -18.14
C TYR C 162 -13.32 -48.24 -19.66
N ALA C 163 -12.35 -47.56 -20.25
CA ALA C 163 -12.18 -47.53 -21.71
C ALA C 163 -13.36 -46.87 -22.42
N ASN C 164 -14.06 -45.96 -21.74
CA ASN C 164 -15.19 -45.27 -22.35
C ASN C 164 -14.72 -44.01 -23.06
N THR C 165 -15.52 -43.58 -24.02
CA THR C 165 -15.21 -42.43 -24.85
C THR C 165 -16.22 -41.31 -24.59
N PHE C 166 -15.85 -40.10 -25.02
CA PHE C 166 -16.68 -38.94 -24.74
C PHE C 166 -16.28 -37.79 -25.66
N ARG C 167 -17.26 -36.93 -25.94
CA ARG C 167 -17.00 -35.72 -26.70
C ARG C 167 -16.45 -34.63 -25.77
N LEU C 168 -15.76 -33.67 -26.38
CA LEU C 168 -15.22 -32.54 -25.64
C LEU C 168 -16.23 -31.40 -25.62
N HIS C 169 -16.15 -30.60 -24.57
CA HIS C 169 -16.86 -29.34 -24.52
C HIS C 169 -16.03 -28.26 -25.23
N TRP C 170 -16.70 -27.25 -25.74
CA TRP C 170 -16.03 -26.20 -26.50
C TRP C 170 -16.48 -24.83 -25.99
N LEU C 171 -15.50 -23.97 -25.73
CA LEU C 171 -15.74 -22.59 -25.35
C LEU C 171 -15.24 -21.66 -26.45
N ALA C 172 -15.68 -20.41 -26.38
CA ALA C 172 -15.15 -19.34 -27.20
C ALA C 172 -14.52 -18.29 -26.28
N VAL C 173 -13.32 -17.85 -26.64
CA VAL C 173 -12.59 -16.86 -25.85
C VAL C 173 -12.00 -15.83 -26.81
N LYS C 174 -11.89 -14.59 -26.33
CA LYS C 174 -11.31 -13.52 -27.14
C LYS C 174 -9.81 -13.74 -27.30
N ARG C 175 -9.29 -13.42 -28.50
CA ARG C 175 -7.87 -13.59 -28.76
C ARG C 175 -7.02 -12.87 -27.73
N GLU C 176 -7.40 -11.64 -27.39
CA GLU C 176 -6.61 -10.82 -26.49
C GLU C 176 -6.43 -11.46 -25.12
N HIS C 177 -7.31 -12.39 -24.75
CA HIS C 177 -7.23 -13.05 -23.45
C HIS C 177 -6.49 -14.38 -23.51
N MET C 178 -5.84 -14.69 -24.62
CA MET C 178 -5.25 -16.01 -24.84
C MET C 178 -3.80 -15.90 -25.28
N VAL C 179 -2.96 -16.75 -24.71
CA VAL C 179 -1.61 -16.99 -25.21
C VAL C 179 -1.68 -18.25 -26.07
N TRP C 180 -1.31 -18.11 -27.35
CA TRP C 180 -1.43 -19.19 -28.32
C TRP C 180 -0.11 -19.29 -29.07
N ARG C 181 0.55 -20.44 -28.96
CA ARG C 181 1.93 -20.62 -29.39
C ARG C 181 2.04 -21.72 -30.45
N CYS C 182 0.99 -21.87 -31.25
CA CYS C 182 1.06 -22.75 -32.42
C CYS C 182 2.27 -22.40 -33.27
N ASP C 183 2.93 -23.43 -33.80
CA ASP C 183 4.22 -23.23 -34.47
C ASP C 183 4.24 -24.00 -35.79
N GLY C 184 5.15 -23.55 -36.67
CA GLY C 184 5.40 -24.23 -37.92
C GLY C 184 4.33 -24.04 -38.97
N SER C 185 3.96 -25.13 -39.65
CA SER C 185 2.89 -25.11 -40.63
C SER C 185 1.51 -25.13 -40.00
N LEU C 186 1.43 -25.46 -38.72
CA LEU C 186 0.14 -25.75 -38.09
C LEU C 186 -0.72 -24.50 -37.99
N THR C 187 -2.04 -24.71 -38.08
CA THR C 187 -3.02 -23.64 -37.89
C THR C 187 -4.19 -24.18 -37.07
N ILE C 188 -5.06 -23.27 -36.65
CA ILE C 188 -6.20 -23.65 -35.83
C ILE C 188 -7.17 -24.50 -36.65
N GLY C 189 -7.38 -24.14 -37.92
CA GLY C 189 -8.25 -24.94 -38.77
C GLY C 189 -7.79 -26.37 -38.89
N THR C 190 -6.47 -26.58 -38.96
CA THR C 190 -5.93 -27.94 -38.98
C THR C 190 -6.27 -28.68 -37.70
N LEU C 191 -6.03 -28.05 -36.55
CA LEU C 191 -6.33 -28.68 -35.28
C LEU C 191 -7.82 -28.97 -35.16
N LEU C 192 -8.66 -28.02 -35.56
CA LEU C 192 -10.11 -28.24 -35.53
C LEU C 192 -10.50 -29.42 -36.40
N ALA C 193 -9.91 -29.52 -37.60
CA ALA C 193 -10.21 -30.65 -38.47
C ALA C 193 -9.75 -31.96 -37.88
N ALA C 194 -8.80 -31.93 -36.93
CA ALA C 194 -8.39 -33.14 -36.23
C ALA C 194 -9.38 -33.55 -35.15
N ALA C 195 -10.23 -32.62 -34.70
CA ALA C 195 -11.17 -32.90 -33.62
C ALA C 195 -12.63 -32.95 -34.07
N MET C 196 -12.93 -32.53 -35.30
CA MET C 196 -14.29 -32.51 -35.80
C MET C 196 -14.32 -32.99 -37.24
N ASP C 197 -15.23 -33.91 -37.54
CA ASP C 197 -15.48 -34.28 -38.93
C ASP C 197 -16.30 -33.18 -39.60
N PRO C 198 -16.39 -33.20 -40.93
CA PRO C 198 -17.08 -32.10 -41.62
C PRO C 198 -18.48 -31.80 -41.10
N GLN C 199 -19.28 -32.82 -40.81
CA GLN C 199 -20.66 -32.56 -40.37
C GLN C 199 -20.68 -31.85 -39.03
N GLU C 200 -19.74 -32.19 -38.14
CA GLU C 200 -19.68 -31.51 -36.84
C GLU C 200 -19.04 -30.13 -36.95
N PHE C 201 -17.96 -30.01 -37.72
CA PHE C 201 -17.36 -28.70 -37.95
C PHE C 201 -18.39 -27.71 -38.45
N ALA C 202 -19.33 -28.18 -39.27
CA ALA C 202 -20.38 -27.31 -39.81
C ALA C 202 -21.45 -27.01 -38.76
N ARG C 203 -21.84 -28.03 -37.98
CA ARG C 203 -22.77 -27.79 -36.88
C ARG C 203 -22.14 -26.90 -35.81
N PHE C 204 -20.82 -27.00 -35.64
CA PHE C 204 -20.11 -26.11 -34.73
C PHE C 204 -20.13 -24.67 -35.24
N ASN C 205 -19.80 -24.49 -36.52
CA ASN C 205 -19.74 -23.13 -37.08
C ASN C 205 -21.11 -22.45 -37.01
N GLN C 206 -22.20 -23.22 -37.09
CA GLN C 206 -23.53 -22.65 -36.98
C GLN C 206 -23.75 -22.07 -35.59
N VAL C 207 -23.44 -22.84 -34.54
CA VAL C 207 -23.58 -22.34 -33.18
C VAL C 207 -22.64 -21.15 -32.95
N TRP C 208 -21.47 -21.17 -33.59
CA TRP C 208 -20.57 -20.02 -33.54
C TRP C 208 -21.26 -18.76 -34.03
N GLN C 209 -21.88 -18.84 -35.21
CA GLN C 209 -22.60 -17.70 -35.75
C GLN C 209 -23.85 -17.37 -34.93
N ASP C 210 -24.54 -18.41 -34.44
CA ASP C 210 -25.73 -18.18 -33.62
C ASP C 210 -25.42 -17.38 -32.37
N ASN C 211 -24.17 -17.38 -31.91
CA ASN C 211 -23.75 -16.58 -30.77
C ASN C 211 -23.09 -15.28 -31.18
N GLY C 212 -23.14 -14.93 -32.47
CA GLY C 212 -22.63 -13.65 -32.94
C GLY C 212 -21.13 -13.51 -32.85
N LEU C 213 -20.39 -14.57 -33.14
CA LEU C 213 -18.94 -14.60 -32.99
C LEU C 213 -18.26 -14.33 -34.33
N ASP C 214 -17.02 -13.85 -34.24
CA ASP C 214 -16.23 -13.49 -35.42
C ASP C 214 -14.80 -13.96 -35.20
N ASN C 215 -13.89 -13.47 -36.03
CA ASN C 215 -12.48 -13.83 -35.94
C ASN C 215 -11.80 -13.24 -34.72
N ASP C 216 -12.48 -12.41 -33.92
CA ASP C 216 -11.92 -11.93 -32.67
C ASP C 216 -11.99 -12.96 -31.55
N TRP C 217 -12.63 -14.11 -31.79
CA TRP C 217 -12.76 -15.17 -30.80
C TRP C 217 -12.05 -16.42 -31.28
N LEU C 218 -11.72 -17.29 -30.34
CA LEU C 218 -11.04 -18.54 -30.65
C LEU C 218 -11.73 -19.70 -29.96
N PRO C 219 -11.81 -20.87 -30.60
CA PRO C 219 -12.37 -22.04 -29.90
C PRO C 219 -11.38 -22.59 -28.90
N LEU C 220 -11.90 -23.00 -27.75
CA LEU C 220 -11.11 -23.63 -26.70
C LEU C 220 -11.78 -24.94 -26.29
N PRO C 221 -11.18 -26.09 -26.56
CA PRO C 221 -11.76 -27.34 -26.06
C PRO C 221 -11.55 -27.48 -24.56
N VAL C 222 -12.49 -28.18 -23.92
CA VAL C 222 -12.47 -28.36 -22.47
C VAL C 222 -12.95 -29.77 -22.15
N HIS C 223 -12.23 -30.43 -21.25
CA HIS C 223 -12.64 -31.76 -20.81
C HIS C 223 -14.02 -31.68 -20.18
N PRO C 224 -14.95 -32.58 -20.52
CA PRO C 224 -16.32 -32.44 -20.00
C PRO C 224 -16.41 -32.44 -18.48
N TRP C 225 -15.57 -33.22 -17.79
CA TRP C 225 -15.53 -33.14 -16.33
C TRP C 225 -15.09 -31.76 -15.88
N GLN C 226 -14.10 -31.18 -16.57
CA GLN C 226 -13.63 -29.84 -16.23
C GLN C 226 -14.73 -28.81 -16.40
N TRP C 227 -15.49 -28.89 -17.50
CA TRP C 227 -16.62 -27.99 -17.69
C TRP C 227 -17.68 -28.23 -16.63
N GLN C 228 -18.08 -29.49 -16.45
CA GLN C 228 -19.18 -29.85 -15.58
C GLN C 228 -18.92 -29.36 -14.15
N GLN C 229 -17.74 -29.64 -13.60
CA GLN C 229 -17.51 -29.44 -12.18
C GLN C 229 -16.86 -28.11 -11.84
N LYS C 230 -16.04 -27.56 -12.73
CA LYS C 230 -15.20 -26.41 -12.39
C LYS C 230 -15.57 -25.15 -13.16
N ILE C 231 -15.50 -25.17 -14.49
CA ILE C 231 -15.60 -23.93 -15.26
C ILE C 231 -17.02 -23.39 -15.23
N SER C 232 -18.02 -24.25 -15.45
CA SER C 232 -19.40 -23.78 -15.49
C SER C 232 -19.80 -23.09 -14.19
N LEU C 233 -19.08 -23.32 -13.10
CA LEU C 233 -19.37 -22.72 -11.80
C LEU C 233 -18.37 -21.64 -11.42
N ASP C 234 -17.07 -21.95 -11.44
CA ASP C 234 -16.06 -20.98 -11.01
C ASP C 234 -16.04 -19.75 -11.92
N PHE C 235 -16.27 -19.94 -13.22
CA PHE C 235 -16.24 -18.84 -14.19
C PHE C 235 -17.63 -18.43 -14.63
N ILE C 236 -18.63 -18.61 -13.76
CA ILE C 236 -20.01 -18.30 -14.14
C ILE C 236 -20.16 -16.80 -14.39
N ALA C 237 -19.41 -15.97 -13.67
CA ALA C 237 -19.46 -14.53 -13.91
C ALA C 237 -19.02 -14.21 -15.33
N ASP C 238 -17.91 -14.81 -15.78
CA ASP C 238 -17.43 -14.55 -17.13
C ASP C 238 -18.43 -15.03 -18.17
N LEU C 239 -19.09 -16.16 -17.92
CA LEU C 239 -20.11 -16.66 -18.84
C LEU C 239 -21.34 -15.77 -18.84
N ALA C 240 -21.79 -15.34 -17.66
CA ALA C 240 -22.98 -14.50 -17.58
C ALA C 240 -22.77 -13.16 -18.28
N GLU C 241 -21.55 -12.63 -18.22
CA GLU C 241 -21.26 -11.31 -18.78
C GLU C 241 -20.87 -11.36 -20.26
N GLY C 242 -20.49 -12.53 -20.78
CA GLY C 242 -20.14 -12.66 -22.16
C GLY C 242 -18.65 -12.62 -22.47
N ARG C 243 -17.79 -12.52 -21.46
CA ARG C 243 -16.35 -12.64 -21.71
C ARG C 243 -16.00 -14.02 -22.25
N MET C 244 -16.79 -15.03 -21.88
CA MET C 244 -16.62 -16.38 -22.38
C MET C 244 -17.98 -16.91 -22.80
N VAL C 245 -18.00 -17.71 -23.86
CA VAL C 245 -19.23 -18.25 -24.40
C VAL C 245 -19.12 -19.78 -24.41
N SER C 246 -20.11 -20.44 -23.83
CA SER C 246 -20.19 -21.90 -23.83
C SER C 246 -20.91 -22.34 -25.09
N LEU C 247 -20.21 -23.10 -25.94
CA LEU C 247 -20.78 -23.53 -27.20
C LEU C 247 -21.41 -24.91 -27.13
N GLY C 248 -20.84 -25.81 -26.33
CA GLY C 248 -21.39 -27.14 -26.13
C GLY C 248 -20.44 -28.21 -26.60
N GLU C 249 -20.95 -29.44 -26.67
CA GLU C 249 -20.17 -30.58 -27.09
C GLU C 249 -20.21 -30.72 -28.61
N PHE C 250 -19.05 -30.95 -29.22
CA PHE C 250 -18.95 -31.16 -30.65
C PHE C 250 -17.75 -32.05 -30.94
N GLY C 251 -17.86 -32.84 -31.99
CA GLY C 251 -16.70 -33.44 -32.62
C GLY C 251 -16.51 -34.91 -32.27
N ASP C 252 -15.26 -35.34 -32.38
CA ASP C 252 -14.89 -36.74 -32.26
C ASP C 252 -14.96 -37.21 -30.82
N LEU C 253 -14.90 -38.53 -30.66
CA LEU C 253 -14.87 -39.18 -29.37
C LEU C 253 -13.43 -39.40 -28.96
N TRP C 254 -13.14 -39.14 -27.68
CA TRP C 254 -11.79 -39.20 -27.17
C TRP C 254 -11.69 -40.25 -26.06
N LEU C 255 -10.51 -40.86 -25.95
CA LEU C 255 -10.26 -41.94 -25.02
C LEU C 255 -9.14 -41.53 -24.07
N ALA C 256 -9.34 -41.75 -22.78
CA ALA C 256 -8.38 -41.31 -21.77
C ALA C 256 -7.18 -42.25 -21.70
N GLN C 257 -6.00 -41.66 -21.53
CA GLN C 257 -4.77 -42.42 -21.31
C GLN C 257 -4.52 -42.59 -19.81
N GLN C 258 -3.40 -43.22 -19.48
CA GLN C 258 -3.05 -43.43 -18.07
C GLN C 258 -2.88 -42.09 -17.35
N SER C 259 -2.34 -41.10 -18.04
CA SER C 259 -2.17 -39.77 -17.44
C SER C 259 -3.49 -39.05 -17.23
N LEU C 260 -4.59 -39.58 -17.77
CA LEU C 260 -5.93 -39.07 -17.51
C LEU C 260 -6.20 -37.75 -18.22
N ARG C 261 -5.24 -36.83 -18.18
CA ARG C 261 -5.42 -35.53 -18.82
C ARG C 261 -5.19 -35.60 -20.33
N THR C 262 -4.32 -36.49 -20.79
CA THR C 262 -4.05 -36.63 -22.21
C THR C 262 -5.00 -37.66 -22.79
N LEU C 263 -5.59 -37.33 -23.94
CA LEU C 263 -6.62 -38.15 -24.55
C LEU C 263 -6.20 -38.54 -25.96
N THR C 264 -6.66 -39.71 -26.39
CA THR C 264 -6.47 -40.19 -27.75
C THR C 264 -7.79 -40.05 -28.51
N ASN C 265 -7.70 -39.67 -29.78
CA ASN C 265 -8.87 -39.59 -30.64
C ASN C 265 -9.27 -41.00 -31.04
N ALA C 266 -10.47 -41.41 -30.61
CA ALA C 266 -10.95 -42.76 -30.90
C ALA C 266 -11.84 -42.83 -32.14
N SER C 267 -12.37 -41.70 -32.60
CA SER C 267 -13.21 -41.71 -33.79
C SER C 267 -12.38 -41.72 -35.06
N ARG C 268 -11.28 -40.98 -35.09
CA ARG C 268 -10.47 -40.85 -36.28
C ARG C 268 -9.01 -40.72 -35.87
N GLN C 269 -8.19 -41.70 -36.22
CA GLN C 269 -6.77 -41.68 -35.87
C GLN C 269 -6.09 -40.55 -36.64
N GLY C 270 -5.63 -39.53 -35.93
CA GLY C 270 -5.10 -38.34 -36.56
C GLY C 270 -3.66 -38.04 -36.21
N GLY C 271 -3.10 -38.78 -35.25
CA GLY C 271 -1.72 -38.59 -34.87
C GLY C 271 -1.47 -37.42 -33.94
N LEU C 272 -2.51 -36.69 -33.53
CA LEU C 272 -2.40 -35.59 -32.57
C LEU C 272 -3.24 -35.93 -31.35
N ASP C 273 -2.60 -36.17 -30.23
CA ASP C 273 -3.31 -36.28 -28.97
C ASP C 273 -3.53 -34.90 -28.38
N ILE C 274 -4.49 -34.81 -27.47
CA ILE C 274 -4.85 -33.56 -26.82
C ILE C 274 -4.69 -33.75 -25.32
N LYS C 275 -4.23 -32.70 -24.64
CA LYS C 275 -4.05 -32.70 -23.20
C LYS C 275 -4.77 -31.49 -22.63
N LEU C 276 -5.67 -31.75 -21.68
CA LEU C 276 -6.57 -30.73 -21.16
C LEU C 276 -6.47 -30.63 -19.66
N PRO C 277 -6.80 -29.48 -19.08
CA PRO C 277 -6.74 -29.34 -17.62
C PRO C 277 -7.80 -30.20 -16.92
N LEU C 278 -7.40 -30.77 -15.79
CA LEU C 278 -8.32 -31.43 -14.86
C LEU C 278 -7.96 -30.94 -13.46
N THR C 279 -8.67 -29.92 -12.99
CA THR C 279 -8.37 -29.27 -11.71
C THR C 279 -8.94 -30.13 -10.59
N ILE C 280 -8.11 -31.01 -10.07
CA ILE C 280 -8.52 -32.01 -9.09
C ILE C 280 -8.04 -31.64 -7.68
N TYR C 281 -6.75 -31.33 -7.53
CA TYR C 281 -6.20 -30.91 -6.25
C TYR C 281 -5.90 -29.42 -6.25
N PRO C 290 4.11 -19.69 -12.85
CA PRO C 290 2.87 -20.47 -12.93
C PRO C 290 2.47 -20.80 -14.37
N GLY C 291 2.49 -19.79 -15.23
CA GLY C 291 2.25 -19.99 -16.65
C GLY C 291 3.53 -20.09 -17.43
N LYS C 292 4.65 -19.69 -16.81
CA LYS C 292 5.95 -19.81 -17.47
C LYS C 292 6.37 -21.27 -17.58
N TYR C 293 6.06 -22.08 -16.57
CA TYR C 293 6.38 -23.50 -16.63
C TYR C 293 5.68 -24.17 -17.80
N ILE C 294 4.35 -24.06 -17.85
CA ILE C 294 3.58 -24.73 -18.89
C ILE C 294 3.92 -24.19 -20.27
N ALA C 295 4.36 -22.93 -20.36
CA ALA C 295 4.49 -22.26 -21.64
C ALA C 295 5.87 -22.39 -22.27
N ALA C 296 6.93 -22.43 -21.45
CA ALA C 296 8.28 -22.44 -21.98
C ALA C 296 8.81 -23.85 -22.26
N GLY C 297 8.20 -24.88 -21.69
CA GLY C 297 8.63 -26.25 -21.89
C GLY C 297 8.73 -26.70 -23.32
N PRO C 298 7.76 -26.39 -24.18
CA PRO C 298 7.86 -26.81 -25.58
C PRO C 298 9.15 -26.42 -26.25
N LEU C 299 9.75 -25.28 -25.88
CA LEU C 299 11.08 -24.94 -26.35
C LEU C 299 12.13 -25.92 -25.84
N ALA C 300 11.82 -26.65 -24.76
CA ALA C 300 12.73 -27.67 -24.26
C ALA C 300 12.59 -28.97 -25.05
N SER C 301 11.36 -29.35 -25.40
CA SER C 301 11.16 -30.51 -26.26
C SER C 301 11.83 -30.30 -27.61
N ARG C 302 11.59 -29.14 -28.24
CA ARG C 302 12.25 -28.85 -29.51
C ARG C 302 13.76 -28.93 -29.39
N TRP C 303 14.30 -28.65 -28.21
CA TRP C 303 15.74 -28.72 -28.01
C TRP C 303 16.21 -30.17 -27.91
N LEU C 304 15.48 -31.00 -27.15
CA LEU C 304 15.85 -32.40 -27.04
C LEU C 304 15.72 -33.13 -28.36
N GLN C 305 14.68 -32.82 -29.14
CA GLN C 305 14.56 -33.37 -30.48
C GLN C 305 15.83 -33.10 -31.28
N GLN C 306 16.37 -31.88 -31.17
CA GLN C 306 17.61 -31.55 -31.87
C GLN C 306 18.79 -32.36 -31.32
N VAL C 307 18.79 -32.66 -30.02
CA VAL C 307 19.88 -33.43 -29.44
C VAL C 307 19.85 -34.88 -29.93
N PHE C 308 18.65 -35.48 -29.97
CA PHE C 308 18.55 -36.87 -30.37
C PHE C 308 18.84 -37.05 -31.85
N ALA C 309 18.58 -36.03 -32.66
CA ALA C 309 18.93 -36.09 -34.08
C ALA C 309 20.42 -35.88 -34.31
N THR C 310 21.06 -35.05 -33.47
CA THR C 310 22.47 -34.76 -33.64
C THR C 310 23.34 -35.88 -33.09
N ASP C 311 23.19 -36.18 -31.80
CA ASP C 311 24.03 -37.17 -31.14
C ASP C 311 23.94 -38.51 -31.86
N ALA C 312 25.11 -39.11 -32.12
CA ALA C 312 25.14 -40.38 -32.83
C ALA C 312 24.66 -41.52 -31.94
N THR C 313 25.12 -41.57 -30.69
CA THR C 313 24.68 -42.60 -29.77
C THR C 313 23.16 -42.64 -29.67
N LEU C 314 22.53 -41.46 -29.62
CA LEU C 314 21.07 -41.40 -29.52
C LEU C 314 20.42 -41.66 -30.88
N LYS C 315 21.05 -41.19 -31.96
CA LYS C 315 20.55 -41.55 -33.29
C LYS C 315 20.62 -43.05 -33.52
N GLN C 316 21.64 -43.72 -32.97
CA GLN C 316 21.74 -45.16 -33.09
C GLN C 316 20.66 -45.87 -32.30
N SER C 317 20.28 -45.32 -31.14
CA SER C 317 19.24 -45.95 -30.33
C SER C 317 17.87 -45.84 -30.98
N GLY C 318 17.65 -44.79 -31.77
CA GLY C 318 16.35 -44.53 -32.33
C GLY C 318 15.39 -43.81 -31.40
N ALA C 319 15.82 -43.45 -30.20
CA ALA C 319 14.96 -42.78 -29.24
C ALA C 319 14.26 -41.59 -29.89
N VAL C 320 12.99 -41.40 -29.52
CA VAL C 320 12.15 -40.36 -30.10
C VAL C 320 11.66 -39.44 -28.99
N ILE C 321 11.60 -38.15 -29.30
CA ILE C 321 11.01 -37.14 -28.43
C ILE C 321 9.70 -36.69 -29.07
N LEU C 322 8.59 -36.98 -28.39
CA LEU C 322 7.30 -36.57 -28.90
C LEU C 322 7.07 -35.09 -28.61
N GLY C 323 6.72 -34.32 -29.65
CA GLY C 323 6.64 -32.89 -29.54
C GLY C 323 5.25 -32.37 -29.20
N GLU C 324 5.20 -31.08 -28.84
CA GLU C 324 3.97 -30.38 -28.50
C GLU C 324 3.82 -29.22 -29.48
N PRO C 325 3.32 -29.47 -30.70
CA PRO C 325 3.36 -28.43 -31.73
C PRO C 325 2.34 -27.31 -31.55
N ALA C 326 1.43 -27.40 -30.57
CA ALA C 326 0.52 -26.30 -30.29
C ALA C 326 0.11 -26.36 -28.82
N ALA C 327 -0.07 -25.17 -28.24
CA ALA C 327 -0.45 -25.05 -26.84
C ALA C 327 -1.11 -23.70 -26.64
N GLY C 328 -1.90 -23.59 -25.56
CA GLY C 328 -2.60 -22.36 -25.28
C GLY C 328 -3.11 -22.32 -23.86
N TYR C 329 -3.26 -21.10 -23.34
CA TYR C 329 -3.86 -20.89 -22.03
C TYR C 329 -4.40 -19.47 -21.97
N VAL C 330 -5.21 -19.21 -20.94
CA VAL C 330 -5.93 -17.94 -20.81
C VAL C 330 -5.23 -17.07 -19.78
N SER C 331 -5.34 -15.76 -19.97
CA SER C 331 -4.75 -14.77 -19.08
C SER C 331 -5.62 -13.52 -19.08
N HIS C 332 -5.66 -12.84 -17.91
CA HIS C 332 -6.28 -11.54 -17.75
C HIS C 332 -7.15 -11.51 -16.50
N GLU C 333 -8.39 -12.01 -16.61
CA GLU C 333 -9.36 -11.92 -15.53
C GLU C 333 -10.76 -12.26 -16.04
N TYR C 343 -3.69 -16.63 -13.79
CA TYR C 343 -3.77 -17.12 -12.41
C TYR C 343 -4.63 -18.38 -12.38
N ARG C 344 -5.87 -18.29 -11.90
CA ARG C 344 -6.82 -19.38 -12.07
C ARG C 344 -6.99 -19.70 -13.55
N TYR C 345 -7.12 -18.66 -14.37
CA TYR C 345 -7.42 -18.86 -15.79
C TYR C 345 -6.33 -19.67 -16.48
N GLN C 346 -5.08 -19.52 -16.05
CA GLN C 346 -3.98 -20.20 -16.71
C GLN C 346 -4.01 -21.70 -16.45
N GLU C 347 -4.24 -22.10 -15.20
CA GLU C 347 -4.23 -23.52 -14.85
C GLU C 347 -5.48 -24.23 -15.33
N MET C 348 -6.63 -23.56 -15.33
CA MET C 348 -7.91 -24.23 -15.53
C MET C 348 -8.40 -24.16 -16.98
N LEU C 349 -7.91 -23.23 -17.78
CA LEU C 349 -8.35 -23.07 -19.16
C LEU C 349 -7.12 -23.08 -20.06
N GLY C 350 -7.02 -24.09 -20.90
CA GLY C 350 -5.89 -24.22 -21.80
C GLY C 350 -5.94 -25.55 -22.51
N VAL C 351 -5.00 -25.72 -23.44
CA VAL C 351 -4.93 -26.94 -24.24
C VAL C 351 -3.49 -27.15 -24.67
N ILE C 352 -3.09 -28.42 -24.75
CA ILE C 352 -1.79 -28.81 -25.28
C ILE C 352 -2.03 -29.92 -26.30
N TRP C 353 -1.46 -29.74 -27.50
CA TRP C 353 -1.54 -30.75 -28.54
C TRP C 353 -0.21 -31.50 -28.58
N ARG C 354 -0.28 -32.82 -28.42
CA ARG C 354 0.90 -33.66 -28.37
C ARG C 354 0.97 -34.56 -29.60
N GLU C 355 2.20 -34.85 -30.02
CA GLU C 355 2.40 -35.81 -31.10
C GLU C 355 2.06 -37.21 -30.63
N ASN C 356 1.26 -37.91 -31.41
CA ASN C 356 0.95 -39.31 -31.15
C ASN C 356 2.11 -40.19 -31.62
N PRO C 357 2.44 -41.25 -30.89
CA PRO C 357 3.53 -42.13 -31.33
C PRO C 357 3.45 -42.56 -32.80
N CYS C 358 2.25 -42.76 -33.34
CA CYS C 358 2.13 -43.28 -34.69
C CYS C 358 2.77 -42.36 -35.72
N ARG C 359 2.95 -41.08 -35.42
CA ARG C 359 3.66 -40.19 -36.33
C ARG C 359 5.10 -40.65 -36.55
N TRP C 360 5.66 -41.39 -35.58
CA TRP C 360 7.06 -41.80 -35.63
C TRP C 360 7.26 -43.30 -35.69
N LEU C 361 6.19 -44.09 -35.72
CA LEU C 361 6.30 -45.53 -35.81
C LEU C 361 6.34 -45.97 -37.27
N LYS C 362 6.94 -47.14 -37.49
CA LYS C 362 6.92 -47.79 -38.79
C LYS C 362 5.72 -48.71 -38.89
N PRO C 363 5.29 -49.07 -40.10
CA PRO C 363 4.06 -49.88 -40.23
C PRO C 363 4.10 -51.17 -39.45
N ASP C 364 5.27 -51.79 -39.32
CA ASP C 364 5.41 -53.07 -38.61
C ASP C 364 5.65 -52.90 -37.12
N GLU C 365 5.56 -51.68 -36.60
CA GLU C 365 5.80 -51.40 -35.19
C GLU C 365 4.51 -51.04 -34.48
N SER C 366 4.35 -51.58 -33.27
CA SER C 366 3.19 -51.29 -32.43
C SER C 366 3.65 -50.68 -31.11
N PRO C 367 2.92 -49.73 -30.56
CA PRO C 367 3.33 -49.12 -29.29
C PRO C 367 2.72 -49.79 -28.07
N ILE C 368 3.52 -49.84 -27.00
CA ILE C 368 3.06 -50.27 -25.69
C ILE C 368 3.77 -49.43 -24.63
N LEU C 369 3.08 -49.20 -23.53
CA LEU C 369 3.75 -48.61 -22.37
C LEU C 369 4.64 -49.65 -21.72
N MET C 370 5.79 -49.19 -21.20
CA MET C 370 6.71 -50.13 -20.55
C MET C 370 6.07 -50.75 -19.32
N ALA C 371 5.12 -50.07 -18.69
CA ALA C 371 4.41 -50.65 -17.55
C ALA C 371 3.71 -51.95 -17.94
N THR C 372 3.43 -52.15 -19.23
CA THR C 372 2.84 -53.40 -19.68
C THR C 372 3.65 -54.61 -19.22
N LEU C 373 4.95 -54.43 -19.03
CA LEU C 373 5.83 -55.53 -18.64
C LEU C 373 5.72 -55.87 -17.16
N MET C 374 4.84 -55.21 -16.42
CA MET C 374 4.55 -55.55 -15.03
C MET C 374 3.30 -56.39 -14.89
N GLU C 375 2.61 -56.67 -15.99
CA GLU C 375 1.30 -57.32 -15.95
C GLU C 375 1.42 -58.82 -16.12
N CYS C 376 0.43 -59.53 -15.58
CA CYS C 376 0.24 -60.95 -15.81
C CYS C 376 -1.23 -61.20 -16.12
N ASP C 377 -1.50 -62.31 -16.80
CA ASP C 377 -2.87 -62.67 -17.13
C ASP C 377 -3.51 -63.36 -15.92
N GLU C 378 -4.74 -63.86 -16.08
CA GLU C 378 -5.45 -64.48 -14.98
C GLU C 378 -4.62 -65.56 -14.32
N ASN C 379 -3.94 -66.38 -15.13
CA ASN C 379 -3.20 -67.53 -14.64
C ASN C 379 -1.78 -67.18 -14.22
N ASN C 380 -1.53 -65.91 -13.93
CA ASN C 380 -0.21 -65.46 -13.49
C ASN C 380 0.87 -65.77 -14.52
N GLN C 381 0.51 -65.71 -15.80
CA GLN C 381 1.49 -65.82 -16.88
C GLN C 381 1.93 -64.43 -17.29
N PRO C 382 3.20 -64.05 -17.08
CA PRO C 382 3.61 -62.69 -17.42
C PRO C 382 3.46 -62.38 -18.91
N LEU C 383 2.98 -61.18 -19.21
CA LEU C 383 2.91 -60.74 -20.61
C LEU C 383 4.29 -60.58 -21.21
N ILE C 384 5.30 -60.25 -20.38
CA ILE C 384 6.66 -60.14 -20.87
C ILE C 384 7.12 -61.47 -21.44
N GLY C 385 6.65 -62.58 -20.88
CA GLY C 385 6.98 -63.88 -21.44
C GLY C 385 6.35 -64.09 -22.81
N ALA C 386 5.14 -63.57 -23.01
CA ALA C 386 4.49 -63.69 -24.30
C ALA C 386 5.25 -62.92 -25.37
N TYR C 387 5.72 -61.72 -25.06
CA TYR C 387 6.55 -60.97 -26.01
C TYR C 387 7.81 -61.74 -26.36
N ILE C 388 8.39 -62.44 -25.39
CA ILE C 388 9.60 -63.21 -25.66
C ILE C 388 9.29 -64.41 -26.56
N ASP C 389 8.20 -65.11 -26.28
CA ASP C 389 7.88 -66.32 -27.03
C ASP C 389 7.69 -66.01 -28.51
N ARG C 390 7.20 -64.83 -28.81
CA ARG C 390 7.00 -64.41 -30.17
C ARG C 390 8.25 -63.98 -30.81
N SER C 391 9.18 -63.48 -30.04
CA SER C 391 10.42 -62.96 -30.58
C SER C 391 11.34 -64.05 -31.09
N GLY C 392 11.15 -65.30 -30.68
CA GLY C 392 12.08 -66.35 -31.01
C GLY C 392 13.43 -66.20 -30.36
N LEU C 393 13.56 -65.31 -29.37
CA LEU C 393 14.81 -65.04 -28.70
C LEU C 393 14.83 -65.68 -27.32
N ASP C 394 16.03 -66.01 -26.86
CA ASP C 394 16.20 -66.39 -25.46
C ASP C 394 16.03 -65.16 -24.57
N ALA C 395 15.56 -65.39 -23.34
CA ALA C 395 15.23 -64.29 -22.45
C ALA C 395 16.40 -63.32 -22.32
N GLU C 396 17.62 -63.84 -22.21
CA GLU C 396 18.77 -62.99 -21.89
C GLU C 396 19.06 -61.99 -23.02
N THR C 397 18.97 -62.43 -24.27
CA THR C 397 19.18 -61.50 -25.38
C THR C 397 18.05 -60.48 -25.44
N TRP C 398 16.82 -60.92 -25.16
CA TRP C 398 15.69 -60.00 -25.14
C TRP C 398 15.89 -58.89 -24.12
N LEU C 399 16.34 -59.26 -22.91
CA LEU C 399 16.55 -58.26 -21.86
C LEU C 399 17.69 -57.32 -22.22
N THR C 400 18.78 -57.85 -22.78
CA THR C 400 19.87 -56.99 -23.23
C THR C 400 19.34 -55.93 -24.20
N GLN C 401 18.43 -56.32 -25.09
CA GLN C 401 17.86 -55.37 -26.03
C GLN C 401 17.08 -54.28 -25.30
N LEU C 402 16.21 -54.68 -24.37
CA LEU C 402 15.41 -53.72 -23.62
C LEU C 402 16.31 -52.71 -22.91
N PHE C 403 17.37 -53.18 -22.26
CA PHE C 403 18.24 -52.29 -21.51
C PHE C 403 18.98 -51.33 -22.45
N ARG C 404 19.43 -51.82 -23.59
CA ARG C 404 20.07 -50.94 -24.56
C ARG C 404 19.08 -49.90 -25.08
N VAL C 405 17.81 -50.27 -25.21
CA VAL C 405 16.81 -49.36 -25.75
C VAL C 405 16.45 -48.27 -24.75
N VAL C 406 16.27 -48.65 -23.49
CA VAL C 406 15.68 -47.76 -22.49
C VAL C 406 16.74 -47.05 -21.65
N VAL C 407 17.65 -47.82 -21.04
CA VAL C 407 18.55 -47.25 -20.05
C VAL C 407 19.66 -46.45 -20.71
N VAL C 408 20.25 -46.99 -21.79
CA VAL C 408 21.41 -46.32 -22.41
C VAL C 408 21.07 -44.90 -22.85
N PRO C 409 20.01 -44.66 -23.62
CA PRO C 409 19.73 -43.26 -24.01
C PRO C 409 19.56 -42.32 -22.82
N LEU C 410 18.79 -42.74 -21.82
CA LEU C 410 18.57 -41.90 -20.65
C LEU C 410 19.89 -41.63 -19.91
N TYR C 411 20.74 -42.65 -19.81
CA TYR C 411 22.01 -42.48 -19.10
C TYR C 411 22.98 -41.64 -19.91
N HIS C 412 22.99 -41.82 -21.23
CA HIS C 412 23.84 -41.00 -22.08
C HIS C 412 23.44 -39.53 -22.01
N LEU C 413 22.13 -39.26 -22.14
CA LEU C 413 21.65 -37.89 -22.02
C LEU C 413 22.13 -37.24 -20.72
N LEU C 414 22.14 -38.02 -19.64
CA LEU C 414 22.54 -37.48 -18.34
C LEU C 414 24.04 -37.18 -18.30
N CYS C 415 24.86 -38.15 -18.72
CA CYS C 415 26.30 -37.99 -18.56
C CYS C 415 26.87 -36.92 -19.48
N ARG C 416 26.41 -36.87 -20.74
CA ARG C 416 26.97 -35.91 -21.68
C ARG C 416 26.38 -34.53 -21.51
N TYR C 417 25.06 -34.44 -21.37
CA TYR C 417 24.36 -33.15 -21.38
C TYR C 417 23.87 -32.71 -20.01
N GLY C 418 24.06 -33.52 -18.98
CA GLY C 418 23.61 -33.15 -17.65
C GLY C 418 22.12 -33.02 -17.51
N VAL C 419 21.35 -33.79 -18.29
CA VAL C 419 19.90 -33.73 -18.31
C VAL C 419 19.36 -35.06 -17.85
N ALA C 420 18.50 -35.02 -16.83
CA ALA C 420 17.87 -36.22 -16.29
C ALA C 420 16.37 -36.20 -16.61
N LEU C 421 15.84 -37.36 -16.99
CA LEU C 421 14.44 -37.47 -17.40
C LEU C 421 13.70 -38.47 -16.51
N ILE C 422 12.47 -38.11 -16.15
CA ILE C 422 11.60 -39.07 -15.49
C ILE C 422 11.43 -40.29 -16.39
N ALA C 423 11.47 -41.47 -15.78
CA ALA C 423 11.46 -42.72 -16.53
C ALA C 423 10.65 -43.76 -15.76
N HIS C 424 9.34 -43.52 -15.66
CA HIS C 424 8.43 -44.49 -15.07
C HIS C 424 7.69 -45.23 -16.18
N GLY C 425 6.92 -46.24 -15.77
CA GLY C 425 6.28 -47.12 -16.73
C GLY C 425 5.16 -46.48 -17.52
N GLN C 426 4.55 -45.42 -16.98
CA GLN C 426 3.40 -44.80 -17.64
C GLN C 426 3.78 -43.77 -18.69
N ASN C 427 5.00 -43.23 -18.64
CA ASN C 427 5.45 -42.23 -19.60
C ASN C 427 6.52 -42.76 -20.54
N ILE C 428 6.83 -44.04 -20.49
CA ILE C 428 7.79 -44.67 -21.38
C ILE C 428 7.02 -45.55 -22.37
N THR C 429 7.06 -45.19 -23.63
CA THR C 429 6.47 -45.98 -24.70
C THR C 429 7.56 -46.75 -25.43
N LEU C 430 7.28 -48.03 -25.70
CA LEU C 430 8.20 -48.88 -26.44
C LEU C 430 7.62 -49.19 -27.81
N ALA C 431 8.46 -49.12 -28.84
CA ALA C 431 8.09 -49.55 -30.17
C ALA C 431 8.36 -51.03 -30.30
N MET C 432 7.31 -51.82 -30.54
CA MET C 432 7.39 -53.27 -30.54
C MET C 432 7.25 -53.80 -31.95
N LYS C 433 8.12 -54.74 -32.31
CA LYS C 433 8.12 -55.35 -33.64
C LYS C 433 8.35 -56.84 -33.47
N LYS C 434 7.32 -57.64 -33.74
CA LYS C 434 7.39 -59.08 -33.60
C LYS C 434 7.90 -59.46 -32.21
N GLY C 435 7.43 -58.72 -31.20
CA GLY C 435 7.74 -59.01 -29.82
C GLY C 435 9.03 -58.42 -29.28
N VAL C 436 9.77 -57.69 -30.09
CA VAL C 436 11.08 -57.16 -29.71
C VAL C 436 10.98 -55.64 -29.62
N PRO C 437 11.42 -55.02 -28.53
CA PRO C 437 11.42 -53.54 -28.47
C PRO C 437 12.53 -52.97 -29.34
N GLN C 438 12.16 -52.10 -30.28
CA GLN C 438 13.13 -51.47 -31.17
C GLN C 438 13.74 -50.22 -30.56
N ARG C 439 12.91 -49.33 -30.04
CA ARG C 439 13.39 -48.06 -29.50
C ARG C 439 12.36 -47.54 -28.49
N VAL C 440 12.65 -46.38 -27.93
CA VAL C 440 11.83 -45.79 -26.87
C VAL C 440 11.29 -44.44 -27.35
N LEU C 441 10.06 -44.13 -26.94
CA LEU C 441 9.44 -42.83 -27.20
C LEU C 441 9.11 -42.19 -25.86
N LEU C 442 9.49 -40.91 -25.71
CA LEU C 442 9.34 -40.20 -24.45
C LEU C 442 8.37 -39.04 -24.62
N LYS C 443 7.48 -38.86 -23.64
CA LYS C 443 6.37 -37.93 -23.80
C LYS C 443 6.31 -36.88 -22.68
N ASP C 444 5.66 -37.21 -21.57
CA ASP C 444 5.27 -36.22 -20.57
C ASP C 444 6.46 -35.95 -19.64
N PHE C 445 7.11 -34.80 -19.83
CA PHE C 445 8.21 -34.42 -18.95
C PHE C 445 8.38 -32.90 -18.95
N GLN C 446 7.27 -32.16 -18.91
CA GLN C 446 7.37 -30.72 -18.70
C GLN C 446 7.93 -30.39 -17.33
N GLY C 447 7.66 -31.22 -16.33
CA GLY C 447 8.03 -30.92 -14.96
C GLY C 447 8.68 -32.05 -14.19
N ASP C 448 8.96 -33.17 -14.87
CA ASP C 448 9.71 -34.26 -14.26
C ASP C 448 11.19 -34.20 -14.56
N MET C 449 11.61 -33.27 -15.42
CA MET C 449 12.99 -33.12 -15.87
C MET C 449 13.82 -32.41 -14.81
N ARG C 450 15.13 -32.65 -14.85
CA ARG C 450 16.06 -31.98 -13.94
C ARG C 450 17.42 -31.84 -14.59
N LEU C 451 18.09 -30.74 -14.27
CA LEU C 451 19.41 -30.41 -14.78
C LEU C 451 20.41 -30.41 -13.63
N VAL C 452 21.69 -30.50 -13.99
CA VAL C 452 22.75 -30.63 -13.00
C VAL C 452 23.24 -29.24 -12.59
N LYS C 453 23.74 -29.14 -11.35
CA LYS C 453 24.30 -27.89 -10.86
C LYS C 453 25.49 -27.44 -11.70
N ASP C 454 26.36 -28.38 -12.06
CA ASP C 454 27.52 -28.05 -12.87
C ASP C 454 27.09 -27.40 -14.18
N ALA C 455 28.02 -26.66 -14.79
CA ALA C 455 27.82 -26.04 -16.09
C ALA C 455 28.56 -26.87 -17.13
N PHE C 456 27.81 -27.64 -17.92
CA PHE C 456 28.42 -28.47 -18.96
C PHE C 456 28.42 -27.71 -20.28
N PRO C 457 29.55 -27.65 -20.99
CA PRO C 457 29.55 -26.95 -22.29
C PRO C 457 28.48 -27.45 -23.24
N GLU C 458 28.25 -28.77 -23.28
CA GLU C 458 27.18 -29.32 -24.09
C GLU C 458 25.81 -28.78 -23.71
N MET C 459 25.70 -28.09 -22.57
CA MET C 459 24.44 -27.56 -22.10
C MET C 459 24.25 -26.07 -22.38
N ASP C 460 25.31 -25.38 -22.81
CA ASP C 460 25.17 -23.96 -23.13
C ASP C 460 24.09 -23.72 -24.17
N SER C 461 23.82 -24.70 -25.02
CA SER C 461 22.84 -24.55 -26.09
C SER C 461 21.40 -24.50 -25.58
N LEU C 462 21.18 -24.72 -24.29
CA LEU C 462 19.82 -24.80 -23.78
C LEU C 462 19.21 -23.41 -23.65
N PRO C 463 18.01 -23.18 -24.17
CA PRO C 463 17.40 -21.85 -24.03
C PRO C 463 17.22 -21.46 -22.58
N GLN C 464 17.63 -20.23 -22.24
CA GLN C 464 17.46 -19.73 -20.88
C GLN C 464 16.00 -19.75 -20.45
N GLU C 465 15.08 -19.53 -21.40
CA GLU C 465 13.66 -19.63 -21.08
C GLU C 465 13.34 -20.96 -20.41
N VAL C 466 14.04 -22.02 -20.81
CA VAL C 466 13.90 -23.30 -20.14
C VAL C 466 14.72 -23.33 -18.86
N ARG C 467 15.99 -22.90 -18.93
CA ARG C 467 16.90 -23.06 -17.81
C ARG C 467 16.38 -22.42 -16.54
N ASP C 468 15.72 -21.26 -16.67
CA ASP C 468 15.33 -20.51 -15.48
C ASP C 468 14.30 -21.24 -14.63
N VAL C 469 13.44 -22.05 -15.26
CA VAL C 469 12.29 -22.61 -14.57
C VAL C 469 12.42 -24.10 -14.23
N THR C 470 13.35 -24.82 -14.86
CA THR C 470 13.54 -26.23 -14.52
C THR C 470 14.60 -26.34 -13.43
N ALA C 471 14.30 -27.13 -12.40
CA ALA C 471 15.07 -27.11 -11.17
C ALA C 471 16.49 -27.65 -11.39
N ARG C 472 17.44 -27.00 -10.74
CA ARG C 472 18.83 -27.41 -10.80
C ARG C 472 19.16 -28.33 -9.62
N LEU C 473 20.07 -29.27 -9.85
CA LEU C 473 20.33 -30.30 -8.85
C LEU C 473 21.77 -30.76 -8.94
N SER C 474 22.25 -31.35 -7.85
CA SER C 474 23.60 -31.89 -7.78
C SER C 474 23.62 -33.32 -8.33
N ALA C 475 24.83 -33.80 -8.61
CA ALA C 475 24.98 -35.09 -9.30
C ALA C 475 24.50 -36.25 -8.44
N ASP C 476 24.89 -36.26 -7.16
CA ASP C 476 24.48 -37.37 -6.29
C ASP C 476 22.96 -37.47 -6.22
N TYR C 477 22.27 -36.34 -6.10
CA TYR C 477 20.81 -36.36 -6.07
C TYR C 477 20.22 -36.55 -7.46
N LEU C 478 20.96 -36.17 -8.50
CA LEU C 478 20.47 -36.33 -9.87
C LEU C 478 20.42 -37.79 -10.29
N ILE C 479 21.11 -38.68 -9.58
CA ILE C 479 21.02 -40.11 -9.86
C ILE C 479 19.66 -40.64 -9.43
N HIS C 480 19.22 -40.31 -8.22
CA HIS C 480 17.97 -40.84 -7.69
C HIS C 480 16.84 -40.69 -8.72
N ASP C 481 16.84 -39.59 -9.48
CA ASP C 481 15.88 -39.46 -10.56
C ASP C 481 15.96 -40.60 -11.55
N LEU C 482 17.14 -41.22 -11.66
CA LEU C 482 17.34 -42.36 -12.56
C LEU C 482 17.27 -43.70 -11.82
N GLN C 483 17.86 -43.80 -10.63
CA GLN C 483 17.77 -45.04 -9.86
C GLN C 483 16.37 -45.23 -9.29
N THR C 484 15.89 -44.27 -8.52
CA THR C 484 14.56 -44.39 -7.92
C THR C 484 13.47 -44.31 -8.98
N GLY C 485 13.65 -43.45 -9.98
CA GLY C 485 12.59 -43.22 -10.94
C GLY C 485 12.38 -44.38 -11.89
N HIS C 486 13.46 -45.02 -12.34
CA HIS C 486 13.37 -46.11 -13.31
C HIS C 486 13.65 -47.46 -12.67
N PHE C 487 14.82 -47.64 -12.04
CA PHE C 487 15.16 -48.95 -11.50
C PHE C 487 14.20 -49.38 -10.39
N VAL C 488 13.98 -48.51 -9.42
CA VAL C 488 13.16 -48.89 -8.26
C VAL C 488 11.67 -48.84 -8.58
N THR C 489 11.24 -47.96 -9.47
CA THR C 489 9.83 -47.80 -9.76
C THR C 489 9.37 -48.58 -10.99
N VAL C 490 10.30 -49.11 -11.79
CA VAL C 490 9.93 -49.86 -12.99
C VAL C 490 10.50 -51.27 -12.92
N LEU C 491 11.83 -51.38 -12.97
CA LEU C 491 12.47 -52.69 -13.02
C LEU C 491 12.18 -53.51 -11.77
N ARG C 492 11.96 -52.84 -10.63
CA ARG C 492 11.64 -53.57 -9.40
C ARG C 492 10.41 -54.45 -9.58
N PHE C 493 9.49 -54.07 -10.46
CA PHE C 493 8.28 -54.82 -10.71
C PHE C 493 8.36 -55.73 -11.93
N VAL C 494 9.46 -55.67 -12.68
CA VAL C 494 9.65 -56.54 -13.85
C VAL C 494 10.53 -57.73 -13.52
N SER C 495 11.60 -57.52 -12.74
CA SER C 495 12.50 -58.62 -12.44
C SER C 495 11.83 -59.77 -11.68
N PRO C 496 10.81 -59.56 -10.86
CA PRO C 496 10.13 -60.73 -10.25
C PRO C 496 9.43 -61.60 -11.28
N LEU C 497 8.89 -61.01 -12.35
CA LEU C 497 8.25 -61.81 -13.39
C LEU C 497 9.28 -62.63 -14.17
N MET C 498 10.49 -62.12 -14.32
CA MET C 498 11.53 -62.87 -15.01
C MET C 498 11.99 -64.07 -14.19
N ALA C 499 12.19 -63.88 -12.88
CA ALA C 499 12.55 -65.00 -12.01
C ALA C 499 11.56 -66.14 -12.14
N ARG C 500 10.27 -65.82 -12.35
CA ARG C 500 9.26 -66.85 -12.56
C ARG C 500 9.40 -67.52 -13.92
N LEU C 501 10.16 -66.93 -14.85
CA LEU C 501 10.38 -67.51 -16.17
C LEU C 501 11.80 -68.06 -16.33
N GLY C 502 12.55 -68.19 -15.25
CA GLY C 502 13.86 -68.80 -15.29
C GLY C 502 15.03 -67.84 -15.38
N VAL C 503 14.83 -66.55 -15.10
CA VAL C 503 15.90 -65.58 -15.07
C VAL C 503 15.94 -64.95 -13.69
N PRO C 504 16.80 -65.44 -12.79
CA PRO C 504 16.87 -64.87 -11.44
C PRO C 504 17.21 -63.38 -11.47
N GLU C 505 16.83 -62.69 -10.40
CA GLU C 505 17.07 -61.26 -10.32
C GLU C 505 18.56 -60.93 -10.40
N ARG C 506 19.40 -61.74 -9.75
CA ARG C 506 20.84 -61.51 -9.81
C ARG C 506 21.31 -61.45 -11.26
N ARG C 507 20.88 -62.43 -12.08
CA ARG C 507 21.23 -62.41 -13.50
C ARG C 507 20.59 -61.22 -14.20
N PHE C 508 19.30 -60.99 -13.93
CA PHE C 508 18.58 -59.88 -14.56
C PHE C 508 19.41 -58.60 -14.52
N TYR C 509 19.93 -58.26 -13.34
CA TYR C 509 20.69 -57.02 -13.18
C TYR C 509 22.16 -57.19 -13.56
N GLN C 510 22.64 -58.42 -13.73
CA GLN C 510 23.95 -58.62 -14.33
C GLN C 510 23.93 -58.17 -15.79
N LEU C 511 22.84 -58.46 -16.51
CA LEU C 511 22.72 -58.03 -17.89
C LEU C 511 22.67 -56.51 -18.01
N LEU C 512 21.88 -55.86 -17.15
CA LEU C 512 21.80 -54.41 -17.17
C LEU C 512 23.16 -53.79 -16.97
N ALA C 513 23.94 -54.29 -16.01
CA ALA C 513 25.28 -53.76 -15.76
C ALA C 513 26.17 -53.97 -16.97
N ALA C 514 26.05 -55.11 -17.64
CA ALA C 514 26.87 -55.38 -18.82
C ALA C 514 26.56 -54.40 -19.94
N VAL C 515 25.27 -54.15 -20.19
CA VAL C 515 24.90 -53.16 -21.20
C VAL C 515 25.51 -51.80 -20.86
N LEU C 516 25.38 -51.37 -19.60
CA LEU C 516 26.00 -50.13 -19.17
C LEU C 516 27.52 -50.22 -19.29
N SER C 517 28.11 -51.34 -18.83
CA SER C 517 29.55 -51.51 -18.94
C SER C 517 30.00 -51.47 -20.39
N ASP C 518 29.35 -52.27 -21.25
CA ASP C 518 29.66 -52.24 -22.67
C ASP C 518 29.51 -50.84 -23.24
N TYR C 519 28.46 -50.13 -22.82
CA TYR C 519 28.23 -48.77 -23.31
C TYR C 519 29.37 -47.84 -22.91
N MET C 520 29.68 -47.79 -21.61
CA MET C 520 30.70 -46.86 -21.14
C MET C 520 32.06 -47.15 -21.76
N GLN C 521 32.39 -48.42 -21.94
CA GLN C 521 33.65 -48.78 -22.58
C GLN C 521 33.79 -48.16 -23.96
N GLU C 522 32.67 -47.81 -24.60
CA GLU C 522 32.68 -47.22 -25.92
C GLU C 522 32.81 -45.70 -25.91
N HIS C 523 32.74 -45.07 -24.74
CA HIS C 523 32.84 -43.62 -24.59
C HIS C 523 33.83 -43.28 -23.49
N PRO C 524 35.11 -43.56 -23.69
CA PRO C 524 36.11 -43.34 -22.63
C PRO C 524 36.40 -41.87 -22.35
N GLN C 525 36.00 -40.96 -23.24
CA GLN C 525 36.17 -39.53 -22.97
C GLN C 525 35.21 -39.02 -21.89
N MET C 526 34.29 -39.85 -21.42
CA MET C 526 33.34 -39.48 -20.38
C MET C 526 33.64 -40.16 -19.06
N SER C 527 34.85 -40.68 -18.88
CA SER C 527 35.16 -41.45 -17.67
C SER C 527 34.88 -40.61 -16.42
N ALA C 528 35.22 -39.33 -16.46
CA ALA C 528 34.91 -38.46 -15.32
C ALA C 528 33.40 -38.30 -15.15
N ARG C 529 32.70 -38.07 -16.25
CA ARG C 529 31.23 -37.99 -16.20
C ARG C 529 30.65 -39.21 -15.50
N PHE C 530 31.12 -40.41 -15.87
CA PHE C 530 30.60 -41.63 -15.26
C PHE C 530 30.91 -41.68 -13.77
N ALA C 531 32.07 -41.15 -13.36
CA ALA C 531 32.39 -41.10 -11.95
C ALA C 531 31.40 -40.22 -11.20
N LEU C 532 31.07 -39.05 -11.75
CA LEU C 532 30.08 -38.19 -11.12
C LEU C 532 28.69 -38.82 -11.13
N PHE C 533 28.37 -39.58 -12.18
CA PHE C 533 27.08 -40.27 -12.30
C PHE C 533 27.33 -41.78 -12.31
N SER C 534 27.69 -42.33 -11.15
CA SER C 534 28.01 -43.74 -11.04
C SER C 534 26.79 -44.49 -10.52
N LEU C 535 26.35 -45.49 -11.29
CA LEU C 535 25.26 -46.38 -10.88
C LEU C 535 25.77 -47.61 -10.15
N PHE C 536 27.07 -47.70 -9.88
CA PHE C 536 27.66 -48.90 -9.28
C PHE C 536 28.20 -48.66 -7.87
N LYS C 537 27.85 -47.55 -7.24
CA LYS C 537 28.14 -47.39 -5.84
C LYS C 537 27.38 -48.46 -5.05
N PRO C 538 27.99 -49.04 -4.00
CA PRO C 538 27.36 -50.20 -3.34
C PRO C 538 26.08 -49.90 -2.59
N GLN C 539 25.65 -48.64 -2.50
CA GLN C 539 24.51 -48.26 -1.69
C GLN C 539 23.70 -47.18 -2.38
N ILE C 540 22.40 -47.15 -2.08
CA ILE C 540 21.47 -46.17 -2.64
C ILE C 540 20.88 -45.37 -1.49
N ILE C 541 20.97 -44.04 -1.59
CA ILE C 541 20.36 -43.17 -0.60
C ILE C 541 18.85 -43.18 -0.76
N ARG C 542 18.13 -42.99 0.35
CA ARG C 542 16.67 -42.99 0.36
C ARG C 542 16.18 -41.75 1.08
N VAL C 543 15.45 -40.90 0.36
CA VAL C 543 14.94 -39.65 0.93
C VAL C 543 13.81 -39.96 1.90
N VAL C 544 13.88 -39.37 3.10
CA VAL C 544 12.89 -39.65 4.11
C VAL C 544 11.52 -39.18 3.63
N LEU C 545 10.47 -39.82 4.16
CA LEU C 545 9.10 -39.52 3.78
C LEU C 545 8.22 -39.53 5.03
N ASN C 546 8.37 -38.50 5.86
CA ASN C 546 7.34 -38.21 6.85
C ASN C 546 5.97 -37.98 6.23
N PRO C 547 5.85 -37.47 4.98
CA PRO C 547 4.53 -37.39 4.35
C PRO C 547 4.31 -38.49 3.33
N VAL C 548 3.75 -39.61 3.76
CA VAL C 548 3.61 -40.78 2.90
C VAL C 548 2.37 -40.59 2.03
N LYS C 549 2.56 -40.63 0.71
CA LYS C 549 1.47 -40.45 -0.24
C LYS C 549 0.89 -41.80 -0.62
N LEU C 550 -0.44 -41.90 -0.59
CA LEU C 550 -1.14 -43.12 -0.97
C LEU C 550 -1.82 -43.02 -2.32
N THR C 551 -1.74 -41.88 -2.99
CA THR C 551 -2.41 -41.68 -4.27
C THR C 551 -1.45 -41.13 -5.30
N TRP C 552 -1.71 -41.50 -6.56
CA TRP C 552 -0.98 -40.96 -7.70
C TRP C 552 -1.54 -39.59 -8.06
N ASN C 564 15.87 -35.97 7.58
CA ASN C 564 15.42 -37.34 7.81
C ASN C 564 15.81 -38.25 6.65
N TYR C 565 15.97 -39.54 6.93
CA TYR C 565 16.34 -40.51 5.91
C TYR C 565 15.87 -41.89 6.32
N LEU C 566 15.98 -42.83 5.39
CA LEU C 566 15.85 -44.25 5.66
C LEU C 566 17.20 -44.93 5.49
N GLU C 567 17.36 -46.08 6.11
CA GLU C 567 18.61 -46.83 6.01
C GLU C 567 18.98 -47.01 4.55
N ASP C 568 20.29 -46.94 4.27
CA ASP C 568 20.75 -47.11 2.90
C ASP C 568 20.31 -48.45 2.34
N LEU C 569 20.26 -48.52 1.02
CA LEU C 569 19.74 -49.69 0.31
C LEU C 569 20.84 -50.31 -0.53
N GLN C 570 20.87 -51.65 -0.57
CA GLN C 570 21.84 -52.35 -1.39
C GLN C 570 21.56 -52.11 -2.86
N ASN C 571 22.62 -51.87 -3.64
CA ASN C 571 22.50 -51.60 -5.06
C ASN C 571 22.63 -52.92 -5.82
N PRO C 572 21.56 -53.43 -6.45
CA PRO C 572 21.68 -54.71 -7.16
C PRO C 572 22.78 -54.72 -8.20
N LEU C 573 23.05 -53.59 -8.85
CA LEU C 573 24.13 -53.56 -9.85
C LEU C 573 25.48 -53.81 -9.22
N TRP C 574 25.63 -53.51 -7.93
CA TRP C 574 26.84 -53.86 -7.19
C TRP C 574 26.78 -55.28 -6.65
N LEU C 575 25.60 -55.72 -6.23
CA LEU C 575 25.45 -57.08 -5.70
C LEU C 575 25.75 -58.11 -6.77
N ALA C 576 25.16 -57.95 -7.97
CA ALA C 576 25.41 -58.88 -9.06
C ALA C 576 26.84 -58.83 -9.57
N THR C 577 27.64 -57.88 -9.11
CA THR C 577 29.07 -57.85 -9.40
C THR C 577 29.85 -58.29 -8.16
N ARG C 578 29.78 -59.59 -7.90
CA ARG C 578 30.41 -60.15 -6.72
C ARG C 578 30.36 -61.68 -6.74
N MET D 3 23.99 61.70 -0.24
CA MET D 3 24.86 61.91 -1.44
C MET D 3 24.29 61.18 -2.66
N ASN D 4 23.22 60.41 -2.44
CA ASN D 4 22.59 59.60 -3.48
C ASN D 4 23.61 58.85 -4.33
N HIS D 5 23.84 59.29 -5.57
CA HIS D 5 24.61 58.50 -6.51
C HIS D 5 26.04 58.29 -6.06
N LYS D 6 26.60 59.23 -5.30
CA LYS D 6 27.96 59.05 -4.79
C LYS D 6 28.02 57.88 -3.82
N ASP D 7 27.02 57.75 -2.95
CA ASP D 7 26.97 56.67 -1.99
C ASP D 7 26.60 55.35 -2.65
N TRP D 8 25.64 55.39 -3.58
CA TRP D 8 25.25 54.18 -4.30
C TRP D 8 26.43 53.60 -5.06
N ASP D 9 27.31 54.46 -5.58
CA ASP D 9 28.47 53.99 -6.31
C ASP D 9 29.53 53.45 -5.37
N PHE D 10 29.73 54.11 -4.23
CA PHE D 10 30.72 53.64 -3.27
C PHE D 10 30.38 52.26 -2.74
N VAL D 11 29.13 52.07 -2.29
CA VAL D 11 28.74 50.81 -1.68
C VAL D 11 28.79 49.68 -2.70
N ASN D 12 28.45 49.96 -3.96
CA ASN D 12 28.49 48.93 -4.99
C ASN D 12 29.92 48.55 -5.32
N ARG D 13 30.83 49.53 -5.39
CA ARG D 13 32.23 49.21 -5.68
C ARG D 13 32.86 48.42 -4.55
N GLN D 14 32.61 48.82 -3.30
CA GLN D 14 33.15 48.07 -2.17
C GLN D 14 32.66 46.62 -2.18
N LEU D 15 31.40 46.40 -2.59
CA LEU D 15 30.86 45.05 -2.59
C LEU D 15 31.43 44.23 -3.74
N VAL D 16 31.60 44.84 -4.92
CA VAL D 16 32.19 44.11 -6.04
C VAL D 16 33.61 43.70 -5.70
N ALA D 17 34.39 44.60 -5.10
CA ALA D 17 35.75 44.28 -4.72
C ALA D 17 35.78 43.10 -3.75
N LYS D 18 34.89 43.10 -2.76
CA LYS D 18 34.86 42.02 -1.77
C LYS D 18 34.52 40.69 -2.44
N MET D 19 33.53 40.70 -3.34
CA MET D 19 33.14 39.47 -4.03
C MET D 19 34.27 38.96 -4.92
N LEU D 20 34.83 39.84 -5.76
CA LEU D 20 35.91 39.44 -6.65
C LEU D 20 37.10 38.89 -5.86
N ALA D 21 37.51 39.59 -4.81
CA ALA D 21 38.69 39.19 -4.06
C ALA D 21 38.47 37.84 -3.37
N GLU D 22 37.32 37.67 -2.71
CA GLU D 22 37.11 36.44 -1.96
C GLU D 22 36.92 35.24 -2.88
N LEU D 23 36.15 35.41 -3.95
CA LEU D 23 35.96 34.31 -4.89
C LEU D 23 37.27 33.93 -5.58
N GLU D 24 38.15 34.91 -5.82
CA GLU D 24 39.47 34.59 -6.36
C GLU D 24 40.31 33.84 -5.34
N TYR D 25 40.13 34.14 -4.05
CA TYR D 25 40.83 33.40 -3.01
C TYR D 25 40.30 31.98 -2.89
N GLU D 26 38.99 31.79 -3.08
CA GLU D 26 38.41 30.46 -3.09
C GLU D 26 38.68 29.71 -4.38
N GLN D 27 39.44 30.29 -5.30
CA GLN D 27 39.84 29.64 -6.55
C GLN D 27 38.64 29.35 -7.46
N VAL D 28 37.53 30.06 -7.27
CA VAL D 28 36.45 30.02 -8.24
C VAL D 28 36.96 30.49 -9.60
N PHE D 29 37.81 31.51 -9.61
CA PHE D 29 38.49 31.99 -10.80
C PHE D 29 39.81 32.59 -10.37
N HIS D 30 40.66 32.89 -11.35
CA HIS D 30 42.01 33.37 -11.09
C HIS D 30 42.21 34.73 -11.75
N ALA D 31 42.76 35.68 -10.98
CA ALA D 31 43.08 37.00 -11.48
C ALA D 31 44.45 36.99 -12.14
N GLU D 32 44.51 37.45 -13.38
CA GLU D 32 45.74 37.42 -14.17
C GLU D 32 46.48 38.74 -14.00
N SER D 33 47.74 38.66 -13.55
CA SER D 33 48.53 39.85 -13.29
C SER D 33 48.94 40.48 -14.62
N GLN D 34 48.61 41.77 -14.78
CA GLN D 34 48.97 42.53 -15.97
C GLN D 34 50.14 43.48 -15.70
N GLY D 35 50.88 43.26 -14.63
CA GLY D 35 52.00 44.11 -14.29
C GLY D 35 51.56 45.45 -13.71
N ASP D 36 52.53 46.12 -13.07
CA ASP D 36 52.28 47.41 -12.46
C ASP D 36 51.11 47.36 -11.48
N GLY D 37 51.05 46.29 -10.69
CA GLY D 37 49.98 46.14 -9.72
C GLY D 37 48.59 46.19 -10.31
N ARG D 38 48.44 45.78 -11.55
CA ARG D 38 47.14 45.75 -12.22
C ARG D 38 46.78 44.32 -12.57
N TYR D 39 45.50 43.99 -12.44
CA TYR D 39 45.00 42.64 -12.67
C TYR D 39 43.77 42.69 -13.54
N CYS D 40 43.41 41.53 -14.09
CA CYS D 40 42.12 41.35 -14.74
C CYS D 40 41.58 39.97 -14.41
N ILE D 41 40.26 39.89 -14.27
CA ILE D 41 39.55 38.64 -14.02
C ILE D 41 38.56 38.45 -15.16
N ASN D 42 38.70 37.34 -15.88
CA ASN D 42 37.89 37.06 -17.06
C ASN D 42 36.74 36.14 -16.67
N LEU D 43 35.51 36.58 -16.93
CA LEU D 43 34.31 35.80 -16.73
C LEU D 43 33.55 35.69 -18.03
N PRO D 44 32.65 34.72 -18.16
CA PRO D 44 31.82 34.64 -19.38
C PRO D 44 31.02 35.93 -19.56
N GLY D 45 31.29 36.61 -20.67
CA GLY D 45 30.55 37.80 -21.03
C GLY D 45 31.04 39.09 -20.43
N ALA D 46 32.19 39.10 -19.75
CA ALA D 46 32.69 40.32 -19.15
C ALA D 46 34.10 40.09 -18.64
N GLN D 47 34.88 41.17 -18.60
CA GLN D 47 36.24 41.15 -18.07
C GLN D 47 36.39 42.28 -17.07
N TRP D 48 36.79 41.95 -15.84
CA TRP D 48 36.95 42.92 -14.77
C TRP D 48 38.42 43.30 -14.66
N ARG D 49 38.71 44.60 -14.74
CA ARG D 49 40.06 45.12 -14.56
C ARG D 49 40.10 45.96 -13.29
N PHE D 50 41.27 45.99 -12.64
CA PHE D 50 41.42 46.73 -11.40
C PHE D 50 42.88 46.67 -10.97
N SER D 51 43.24 47.56 -10.05
CA SER D 51 44.53 47.53 -9.39
C SER D 51 44.37 46.90 -8.01
N ALA D 52 45.38 46.14 -7.60
CA ALA D 52 45.29 45.44 -6.32
C ALA D 52 46.68 45.04 -5.87
N GLU D 53 46.76 44.63 -4.60
CA GLU D 53 47.97 44.09 -4.01
C GLU D 53 47.62 42.76 -3.35
N ARG D 54 48.39 41.72 -3.66
CA ARG D 54 48.12 40.39 -3.14
C ARG D 54 48.87 40.22 -1.82
N GLY D 55 48.13 39.91 -0.76
CA GLY D 55 48.71 39.78 0.56
C GLY D 55 49.39 38.44 0.75
N ILE D 56 49.85 38.22 1.99
CA ILE D 56 50.66 37.05 2.30
C ILE D 56 49.83 35.77 2.23
N TRP D 57 48.53 35.86 2.50
CA TRP D 57 47.67 34.69 2.41
C TRP D 57 47.32 34.32 0.97
N GLY D 58 47.69 35.14 0.00
CA GLY D 58 47.24 34.97 -1.36
C GLY D 58 45.94 35.67 -1.68
N TRP D 59 45.41 36.46 -0.76
CA TRP D 59 44.13 37.13 -0.93
C TRP D 59 44.37 38.58 -1.37
N LEU D 60 43.60 39.01 -2.37
CA LEU D 60 43.82 40.30 -3.00
C LEU D 60 43.23 41.44 -2.18
N TRP D 61 43.97 42.55 -2.14
CA TRP D 61 43.47 43.81 -1.57
C TRP D 61 43.14 44.71 -2.76
N ILE D 62 41.87 44.79 -3.12
CA ILE D 62 41.45 45.48 -4.33
C ILE D 62 41.14 46.93 -4.01
N ASP D 63 41.68 47.84 -4.82
CA ASP D 63 41.30 49.24 -4.77
C ASP D 63 40.00 49.42 -5.53
N ALA D 64 38.90 49.62 -4.80
CA ALA D 64 37.58 49.64 -5.41
C ALA D 64 37.44 50.79 -6.41
N GLN D 65 38.20 51.87 -6.23
CA GLN D 65 38.12 52.99 -7.16
C GLN D 65 38.60 52.61 -8.54
N THR D 66 39.59 51.72 -8.63
CA THR D 66 40.17 51.34 -9.91
C THR D 66 39.33 50.30 -10.66
N LEU D 67 38.20 49.87 -10.09
CA LEU D 67 37.41 48.81 -10.71
C LEU D 67 36.82 49.30 -12.03
N ARG D 68 36.81 48.42 -13.02
CA ARG D 68 36.25 48.71 -14.33
C ARG D 68 35.82 47.41 -14.98
N CYS D 69 34.65 47.43 -15.60
CA CYS D 69 34.12 46.28 -16.33
C CYS D 69 33.68 46.76 -17.71
N ALA D 70 34.54 46.58 -18.72
CA ALA D 70 34.28 47.09 -20.05
C ALA D 70 33.76 48.52 -19.98
N ASP D 71 32.53 48.76 -20.42
CA ASP D 71 31.87 50.04 -20.24
C ASP D 71 30.67 49.95 -19.32
N GLU D 72 30.35 48.76 -18.81
CA GLU D 72 29.23 48.60 -17.90
C GLU D 72 29.51 49.34 -16.59
N PRO D 73 28.48 49.91 -15.96
CA PRO D 73 28.67 50.49 -14.63
C PRO D 73 28.92 49.40 -13.59
N VAL D 74 29.77 49.74 -12.61
CA VAL D 74 30.19 48.78 -11.59
C VAL D 74 29.04 48.63 -10.60
N LEU D 75 28.33 47.50 -10.69
CA LEU D 75 27.22 47.20 -9.81
C LEU D 75 27.34 45.76 -9.32
N ALA D 76 27.02 45.54 -8.04
CA ALA D 76 27.07 44.20 -7.49
C ALA D 76 26.08 43.28 -8.21
N GLN D 77 24.92 43.81 -8.58
CA GLN D 77 23.94 43.01 -9.32
C GLN D 77 24.54 42.46 -10.60
N THR D 78 25.25 43.33 -11.35
CA THR D 78 25.83 42.89 -12.62
C THR D 78 26.77 41.71 -12.40
N LEU D 79 27.63 41.79 -11.38
CA LEU D 79 28.54 40.69 -11.10
C LEU D 79 27.77 39.43 -10.76
N LEU D 80 26.74 39.54 -9.92
CA LEU D 80 25.98 38.37 -9.51
C LEU D 80 25.43 37.62 -10.72
N MET D 81 24.83 38.35 -11.66
CA MET D 81 24.32 37.70 -12.87
C MET D 81 25.45 37.03 -13.66
N GLN D 82 26.61 37.68 -13.72
CA GLN D 82 27.75 37.09 -14.40
C GLN D 82 28.23 35.81 -13.72
N LEU D 83 27.92 35.63 -12.44
CA LEU D 83 28.30 34.42 -11.71
C LEU D 83 27.29 33.31 -11.87
N LYS D 84 26.13 33.58 -12.46
CA LYS D 84 25.12 32.53 -12.64
C LYS D 84 25.67 31.33 -13.37
N PRO D 85 26.39 31.48 -14.50
CA PRO D 85 26.98 30.28 -15.12
C PRO D 85 28.12 29.69 -14.31
N VAL D 86 28.91 30.55 -13.66
CA VAL D 86 30.10 30.07 -12.96
C VAL D 86 29.71 29.16 -11.79
N LEU D 87 28.71 29.58 -11.02
CA LEU D 87 28.28 28.84 -9.83
C LEU D 87 27.07 27.96 -10.10
N SER D 88 26.63 27.84 -11.34
CA SER D 88 25.54 26.94 -11.72
C SER D 88 24.30 27.21 -10.87
N MET D 89 23.81 28.43 -10.97
CA MET D 89 22.71 28.90 -10.13
C MET D 89 21.39 28.84 -10.88
N SER D 90 20.35 28.36 -10.19
CA SER D 90 19.01 28.38 -10.74
C SER D 90 18.43 29.79 -10.69
N ASP D 91 17.41 30.03 -11.51
CA ASP D 91 16.74 31.32 -11.50
C ASP D 91 16.25 31.67 -10.10
N ALA D 92 15.81 30.66 -9.34
CA ALA D 92 15.34 30.90 -7.98
C ALA D 92 16.50 31.15 -7.03
N THR D 93 17.60 30.41 -7.19
CA THR D 93 18.79 30.65 -6.38
C THR D 93 19.35 32.05 -6.62
N VAL D 94 19.23 32.55 -7.86
CA VAL D 94 19.69 33.91 -8.15
C VAL D 94 18.79 34.93 -7.50
N ALA D 95 17.47 34.74 -7.61
CA ALA D 95 16.52 35.64 -6.97
C ALA D 95 16.69 35.63 -5.46
N GLU D 96 17.10 34.49 -4.90
CA GLU D 96 17.41 34.45 -3.47
C GLU D 96 18.57 35.38 -3.13
N HIS D 97 19.66 35.29 -3.89
CA HIS D 97 20.85 36.09 -3.60
C HIS D 97 20.63 37.56 -3.93
N MET D 98 19.72 37.86 -4.86
CA MET D 98 19.40 39.26 -5.14
C MET D 98 18.86 39.94 -3.89
N GLN D 99 17.91 39.29 -3.19
CA GLN D 99 17.40 39.85 -1.95
C GLN D 99 18.51 39.98 -0.92
N ASP D 100 19.35 38.95 -0.78
CA ASP D 100 20.49 39.04 0.11
C ASP D 100 21.42 40.17 -0.31
N LEU D 101 21.62 40.33 -1.63
CA LEU D 101 22.49 41.39 -2.14
C LEU D 101 21.96 42.77 -1.76
N TYR D 102 20.68 43.01 -2.04
CA TYR D 102 20.11 44.33 -1.76
C TYR D 102 19.97 44.58 -0.26
N ALA D 103 19.68 43.55 0.52
CA ALA D 103 19.68 43.71 1.98
C ALA D 103 21.07 44.13 2.46
N THR D 104 22.12 43.64 1.79
CA THR D 104 23.48 44.02 2.19
C THR D 104 23.81 45.43 1.73
N LEU D 105 23.32 45.85 0.56
CA LEU D 105 23.57 47.22 0.10
C LEU D 105 22.80 48.22 0.95
N LEU D 106 21.58 47.88 1.36
CA LEU D 106 20.84 48.75 2.28
C LEU D 106 21.60 48.96 3.58
N GLY D 107 22.03 47.86 4.20
CA GLY D 107 22.80 47.97 5.43
C GLY D 107 24.06 48.79 5.25
N ASP D 108 24.77 48.57 4.14
CA ASP D 108 25.99 49.33 3.89
C ASP D 108 25.71 50.81 3.69
N LEU D 109 24.56 51.15 3.11
CA LEU D 109 24.18 52.56 3.00
C LEU D 109 23.89 53.16 4.36
N GLN D 110 23.23 52.40 5.25
CA GLN D 110 23.02 52.88 6.61
C GLN D 110 24.34 53.15 7.31
N LEU D 111 25.27 52.18 7.24
CA LEU D 111 26.55 52.34 7.93
C LEU D 111 27.32 53.52 7.40
N LEU D 112 27.32 53.70 6.07
CA LEU D 112 27.96 54.88 5.50
C LEU D 112 27.36 56.16 6.07
N LYS D 113 26.04 56.18 6.26
CA LYS D 113 25.36 57.36 6.80
C LYS D 113 25.70 57.57 8.27
N ALA D 114 25.67 56.50 9.06
CA ALA D 114 25.89 56.63 10.50
C ALA D 114 27.34 56.91 10.84
N ARG D 115 28.27 56.66 9.93
CA ARG D 115 29.69 56.80 10.20
C ARG D 115 30.31 58.01 9.51
N ARG D 116 29.48 58.95 9.05
CA ARG D 116 30.00 60.13 8.39
C ARG D 116 30.64 61.09 9.39
N GLY D 117 31.67 61.80 8.92
CA GLY D 117 32.40 62.76 9.72
C GLY D 117 33.05 62.23 10.98
N LEU D 118 33.16 60.91 11.10
CA LEU D 118 33.70 60.28 12.30
C LEU D 118 35.08 59.71 11.99
N SER D 119 36.09 60.24 12.69
CA SER D 119 37.44 59.70 12.60
C SER D 119 37.50 58.35 13.30
N ALA D 120 38.62 57.64 13.08
CA ALA D 120 38.84 56.38 13.78
C ALA D 120 38.80 56.59 15.29
N SER D 121 39.42 57.67 15.77
CA SER D 121 39.40 57.96 17.21
C SER D 121 37.99 58.25 17.69
N ASP D 122 37.19 58.98 16.88
CA ASP D 122 35.80 59.20 17.23
C ASP D 122 35.07 57.86 17.38
N LEU D 123 35.39 56.89 16.51
CA LEU D 123 34.64 55.64 16.48
C LEU D 123 34.92 54.80 17.73
N ILE D 124 36.17 54.77 18.20
CA ILE D 124 36.51 53.95 19.36
C ILE D 124 36.04 54.55 20.67
N ASP D 125 35.60 55.80 20.67
CA ASP D 125 35.03 56.42 21.86
C ASP D 125 33.54 56.17 22.00
N LEU D 126 32.88 55.66 20.96
CA LEU D 126 31.45 55.39 21.03
C LEU D 126 31.16 54.39 22.14
N ASP D 127 29.92 54.41 22.61
CA ASP D 127 29.44 53.36 23.49
C ASP D 127 29.75 51.99 22.90
N ALA D 128 30.10 51.04 23.76
CA ALA D 128 30.46 49.71 23.29
C ALA D 128 29.37 49.12 22.40
N ASP D 129 28.11 49.27 22.80
CA ASP D 129 27.02 48.67 22.04
C ASP D 129 26.84 49.35 20.68
N ARG D 130 26.92 50.69 20.65
CA ARG D 130 26.78 51.39 19.38
C ARG D 130 27.90 51.02 18.42
N LEU D 131 29.12 50.88 18.93
CA LEU D 131 30.24 50.53 18.06
C LEU D 131 30.04 49.16 17.44
N GLN D 132 29.59 48.19 18.23
CA GLN D 132 29.31 46.87 17.66
C GLN D 132 28.24 46.95 16.59
N CYS D 133 27.27 47.84 16.75
CA CYS D 133 26.23 47.98 15.74
C CYS D 133 26.80 48.50 14.42
N LEU D 134 27.81 49.37 14.49
CA LEU D 134 28.33 50.03 13.31
C LEU D 134 29.44 49.23 12.61
N LEU D 135 29.72 48.01 13.07
CA LEU D 135 30.71 47.18 12.40
C LEU D 135 30.22 46.77 11.01
N SER D 136 31.17 46.39 10.16
CA SER D 136 30.86 46.07 8.77
C SER D 136 30.24 44.69 8.59
N GLY D 137 30.29 43.85 9.61
CA GLY D 137 29.76 42.51 9.50
C GLY D 137 30.82 41.48 9.18
N HIS D 138 30.36 40.30 8.78
CA HIS D 138 31.26 39.20 8.54
C HIS D 138 32.17 39.53 7.36
N PRO D 139 33.49 39.37 7.49
CA PRO D 139 34.40 39.81 6.43
C PRO D 139 34.53 38.84 5.27
N LYS D 140 34.09 37.59 5.40
CA LYS D 140 34.29 36.60 4.34
C LYS D 140 33.12 36.52 3.37
N PHE D 141 31.88 36.61 3.87
CA PHE D 141 30.71 36.30 3.06
C PHE D 141 30.27 37.49 2.23
N ALA D 142 29.99 37.23 0.96
CA ALA D 142 29.71 38.30 -0.01
C ALA D 142 28.54 39.16 0.45
N PHE D 143 27.45 38.54 0.88
CA PHE D 143 26.23 39.24 1.27
C PHE D 143 26.01 39.00 2.76
N ASN D 144 26.78 39.70 3.58
CA ASN D 144 26.86 39.42 5.01
C ASN D 144 25.70 40.02 5.81
N LYS D 145 24.74 40.66 5.17
CA LYS D 145 23.54 41.13 5.86
C LYS D 145 22.25 40.58 5.26
N GLY D 146 22.36 39.60 4.37
CA GLY D 146 21.17 38.94 3.86
C GLY D 146 20.60 37.99 4.89
N ARG D 147 19.28 38.06 5.09
CA ARG D 147 18.58 37.14 6.00
C ARG D 147 17.30 36.71 5.31
N ARG D 148 17.21 35.42 4.98
CA ARG D 148 16.05 34.87 4.27
C ARG D 148 14.74 35.39 4.85
N GLY D 149 13.94 36.02 3.99
CA GLY D 149 12.60 36.46 4.37
C GLY D 149 12.52 37.79 5.07
N TRP D 150 13.64 38.49 5.27
CA TRP D 150 13.63 39.80 5.92
C TRP D 150 13.59 40.89 4.86
N GLY D 151 12.53 41.71 4.88
CA GLY D 151 12.45 42.87 4.03
C GLY D 151 13.00 44.12 4.70
N LYS D 152 12.86 45.25 4.00
CA LYS D 152 13.40 46.50 4.51
C LYS D 152 12.88 46.83 5.90
N GLU D 153 11.60 46.54 6.15
CA GLU D 153 11.01 46.83 7.45
C GLU D 153 11.67 45.97 8.54
N ALA D 154 11.72 44.66 8.33
CA ALA D 154 12.33 43.77 9.31
C ALA D 154 13.80 44.10 9.53
N LEU D 155 14.53 44.38 8.44
CA LEU D 155 15.93 44.73 8.56
C LEU D 155 16.12 45.96 9.44
N GLU D 156 15.31 47.00 9.23
CA GLU D 156 15.52 48.25 9.96
C GLU D 156 15.14 48.11 11.43
N ARG D 157 14.20 47.24 11.75
CA ARG D 157 13.73 47.14 13.13
C ARG D 157 14.61 46.24 13.98
N TYR D 158 15.17 45.18 13.39
CA TYR D 158 15.81 44.13 14.19
C TYR D 158 17.27 43.86 13.85
N ALA D 159 17.79 44.40 12.74
CA ALA D 159 19.17 44.11 12.40
C ALA D 159 20.12 45.10 13.08
N PRO D 160 21.32 44.65 13.46
CA PRO D 160 22.19 45.52 14.27
C PRO D 160 22.68 46.76 13.54
N GLU D 161 22.90 46.69 12.23
CA GLU D 161 23.49 47.83 11.53
C GLU D 161 22.63 49.08 11.62
N TYR D 162 21.33 48.94 11.89
CA TYR D 162 20.46 50.09 12.10
C TYR D 162 20.34 50.49 13.56
N ALA D 163 20.78 49.65 14.49
CA ALA D 163 20.87 50.00 15.91
C ALA D 163 19.52 50.43 16.49
N ASN D 164 18.42 49.84 16.02
CA ASN D 164 17.11 50.13 16.55
C ASN D 164 16.77 49.17 17.67
N THR D 165 15.89 49.60 18.57
CA THR D 165 15.53 48.85 19.75
C THR D 165 14.09 48.36 19.64
N PHE D 166 13.76 47.37 20.46
CA PHE D 166 12.44 46.76 20.38
C PHE D 166 12.16 45.97 21.65
N ARG D 167 10.87 45.77 21.91
CA ARG D 167 10.41 44.98 23.04
C ARG D 167 10.20 43.52 22.62
N LEU D 168 10.22 42.65 23.62
CA LEU D 168 9.98 41.23 23.41
C LEU D 168 8.51 40.91 23.56
N HIS D 169 8.07 39.90 22.80
CA HIS D 169 6.75 39.32 22.97
C HIS D 169 6.82 38.24 24.03
N TRP D 170 5.72 38.05 24.75
CA TRP D 170 5.68 37.13 25.88
C TRP D 170 4.53 36.15 25.72
N LEU D 171 4.82 34.88 25.94
CA LEU D 171 3.83 33.80 25.93
C LEU D 171 3.73 33.20 27.32
N ALA D 172 2.72 32.34 27.48
CA ALA D 172 2.59 31.50 28.66
C ALA D 172 2.46 30.06 28.19
N VAL D 173 3.35 29.20 28.70
CA VAL D 173 3.41 27.81 28.30
C VAL D 173 3.28 26.95 29.56
N LYS D 174 2.67 25.78 29.40
CA LYS D 174 2.49 24.87 30.53
C LYS D 174 3.84 24.36 31.02
N ARG D 175 4.05 24.41 32.33
CA ARG D 175 5.31 23.97 32.91
C ARG D 175 5.66 22.56 32.46
N GLU D 176 4.66 21.66 32.42
CA GLU D 176 4.91 20.28 31.99
C GLU D 176 5.40 20.21 30.55
N HIS D 177 5.17 21.26 29.75
CA HIS D 177 5.56 21.25 28.34
C HIS D 177 6.93 21.89 28.10
N MET D 178 7.64 22.32 29.15
CA MET D 178 8.89 23.03 28.96
C MET D 178 10.02 22.37 29.75
N VAL D 179 11.18 22.24 29.10
CA VAL D 179 12.41 21.83 29.75
C VAL D 179 13.13 23.09 30.20
N TRP D 180 13.53 23.12 31.47
CA TRP D 180 14.10 24.31 32.09
C TRP D 180 15.36 23.92 32.83
N ARG D 181 16.51 24.44 32.38
CA ARG D 181 17.81 24.06 32.92
C ARG D 181 18.43 25.18 33.78
N CYS D 182 17.59 26.00 34.40
CA CYS D 182 18.09 27.03 35.31
C CYS D 182 18.79 26.37 36.49
N ASP D 183 19.95 26.92 36.86
CA ASP D 183 20.81 26.30 37.85
C ASP D 183 21.22 27.29 38.93
N GLY D 184 21.49 26.76 40.12
CA GLY D 184 22.10 27.51 41.20
C GLY D 184 21.27 28.62 41.78
N SER D 185 21.83 29.83 41.79
CA SER D 185 21.18 30.97 42.43
C SER D 185 19.86 31.31 41.77
N LEU D 186 19.81 31.26 40.43
CA LEU D 186 18.78 31.96 39.69
C LEU D 186 17.39 31.42 39.99
N THR D 187 16.41 32.30 39.79
CA THR D 187 15.00 31.95 39.80
C THR D 187 14.34 32.76 38.70
N ILE D 188 13.11 32.37 38.33
CA ILE D 188 12.41 33.08 37.26
C ILE D 188 12.27 34.56 37.62
N GLY D 189 12.00 34.85 38.88
CA GLY D 189 11.82 36.24 39.29
C GLY D 189 13.02 37.11 39.01
N THR D 190 14.23 36.54 39.10
CA THR D 190 15.43 37.32 38.79
C THR D 190 15.58 37.52 37.29
N LEU D 191 15.28 36.50 36.49
CA LEU D 191 15.34 36.66 35.04
C LEU D 191 14.31 37.66 34.55
N LEU D 192 13.08 37.58 35.08
CA LEU D 192 12.08 38.58 34.75
C LEU D 192 12.56 39.97 35.16
N ALA D 193 13.21 40.07 36.32
CA ALA D 193 13.76 41.35 36.75
C ALA D 193 14.91 41.82 35.87
N ALA D 194 15.46 40.95 35.03
CA ALA D 194 16.46 41.34 34.04
C ALA D 194 15.83 41.79 32.73
N ALA D 195 14.53 41.57 32.54
CA ALA D 195 13.84 41.94 31.31
C ALA D 195 12.71 42.93 31.54
N MET D 196 12.43 43.30 32.79
CA MET D 196 11.30 44.16 33.11
C MET D 196 11.63 45.02 34.31
N ASP D 197 11.43 46.32 34.19
CA ASP D 197 11.49 47.20 35.35
C ASP D 197 10.29 46.90 36.24
N PRO D 198 10.29 47.41 37.47
CA PRO D 198 9.19 47.07 38.40
C PRO D 198 7.80 47.38 37.84
N GLN D 199 7.64 48.50 37.14
CA GLN D 199 6.33 48.85 36.62
C GLN D 199 5.86 47.84 35.58
N GLU D 200 6.73 47.51 34.63
CA GLU D 200 6.35 46.56 33.58
C GLU D 200 6.08 45.18 34.16
N PHE D 201 6.84 44.77 35.16
CA PHE D 201 6.55 43.51 35.83
C PHE D 201 5.15 43.53 36.45
N ALA D 202 4.77 44.65 37.07
CA ALA D 202 3.44 44.75 37.65
C ALA D 202 2.37 44.69 36.58
N ARG D 203 2.52 45.50 35.53
CA ARG D 203 1.58 45.44 34.41
C ARG D 203 1.53 44.05 33.82
N PHE D 204 2.69 43.39 33.70
CA PHE D 204 2.74 42.02 33.19
C PHE D 204 1.97 41.06 34.10
N ASN D 205 2.12 41.23 35.42
CA ASN D 205 1.43 40.35 36.34
C ASN D 205 -0.08 40.60 36.34
N GLN D 206 -0.50 41.84 36.13
CA GLN D 206 -1.93 42.13 36.00
C GLN D 206 -2.52 41.38 34.81
N VAL D 207 -1.88 41.48 33.64
CA VAL D 207 -2.34 40.72 32.48
C VAL D 207 -2.25 39.22 32.76
N TRP D 208 -1.18 38.81 33.45
CA TRP D 208 -0.98 37.40 33.75
C TRP D 208 -2.19 36.81 34.48
N GLN D 209 -2.77 37.57 35.42
CA GLN D 209 -3.89 37.10 36.21
C GLN D 209 -5.25 37.45 35.59
N ASP D 210 -5.27 38.33 34.58
CA ASP D 210 -6.50 38.55 33.82
C ASP D 210 -6.78 37.39 32.88
N ASN D 211 -5.74 36.72 32.41
CA ASN D 211 -5.88 35.48 31.65
C ASN D 211 -6.05 34.25 32.53
N GLY D 212 -6.24 34.45 33.84
CA GLY D 212 -6.46 33.34 34.75
C GLY D 212 -5.29 32.38 34.84
N LEU D 213 -4.07 32.86 34.70
CA LEU D 213 -2.90 32.00 34.73
C LEU D 213 -2.36 31.87 36.15
N ASP D 214 -1.83 30.69 36.46
CA ASP D 214 -1.34 30.38 37.79
C ASP D 214 0.10 29.90 37.67
N ASN D 215 0.56 29.15 38.68
CA ASN D 215 1.94 28.67 38.73
C ASN D 215 2.13 27.37 37.95
N ASP D 216 1.09 26.87 37.29
CA ASP D 216 1.25 25.78 36.33
C ASP D 216 1.82 26.27 35.00
N TRP D 217 1.87 27.58 34.79
CA TRP D 217 2.37 28.18 33.57
C TRP D 217 3.67 28.92 33.84
N LEU D 218 4.42 29.17 32.77
CA LEU D 218 5.69 29.88 32.85
C LEU D 218 5.76 30.91 31.73
N PRO D 219 6.37 32.06 31.98
CA PRO D 219 6.55 33.04 30.90
C PRO D 219 7.65 32.61 29.94
N LEU D 220 7.45 32.91 28.67
CA LEU D 220 8.44 32.62 27.63
C LEU D 220 8.59 33.83 26.73
N PRO D 221 9.73 34.52 26.75
CA PRO D 221 9.93 35.63 25.81
C PRO D 221 10.14 35.13 24.40
N VAL D 222 9.70 35.94 23.44
CA VAL D 222 9.79 35.60 22.02
C VAL D 222 10.22 36.84 21.24
N HIS D 223 11.17 36.65 20.34
CA HIS D 223 11.60 37.74 19.48
C HIS D 223 10.42 38.23 18.65
N PRO D 224 10.19 39.55 18.56
CA PRO D 224 8.97 40.02 17.85
C PRO D 224 8.89 39.53 16.41
N TRP D 225 10.02 39.44 15.71
CA TRP D 225 9.99 38.88 14.36
C TRP D 225 9.59 37.41 14.39
N GLN D 226 10.11 36.66 15.37
CA GLN D 226 9.73 35.26 15.51
C GLN D 226 8.24 35.12 15.79
N TRP D 227 7.71 35.97 16.68
CA TRP D 227 6.27 35.95 16.94
C TRP D 227 5.49 36.31 15.70
N GLN D 228 5.88 37.40 15.04
CA GLN D 228 5.11 37.95 13.93
C GLN D 228 5.08 36.97 12.76
N GLN D 229 6.23 36.40 12.39
CA GLN D 229 6.34 35.63 11.17
C GLN D 229 6.17 34.12 11.37
N LYS D 230 6.53 33.59 12.54
CA LYS D 230 6.62 32.14 12.71
C LYS D 230 5.63 31.59 13.72
N ILE D 231 5.64 32.08 14.96
CA ILE D 231 4.89 31.40 16.01
C ILE D 231 3.40 31.72 15.92
N SER D 232 3.06 32.97 15.58
CA SER D 232 1.65 33.34 15.47
C SER D 232 0.94 32.60 14.35
N LEU D 233 1.69 31.94 13.45
CA LEU D 233 1.13 31.18 12.35
C LEU D 233 1.41 29.68 12.48
N ASP D 234 2.67 29.30 12.68
CA ASP D 234 3.02 27.89 12.72
C ASP D 234 2.44 27.20 13.95
N PHE D 235 2.17 27.93 15.02
CA PHE D 235 1.57 27.37 16.23
C PHE D 235 0.17 27.94 16.49
N ILE D 236 -0.53 28.34 15.43
CA ILE D 236 -1.88 28.88 15.60
C ILE D 236 -2.80 27.85 16.24
N ALA D 237 -2.58 26.57 15.97
CA ALA D 237 -3.39 25.53 16.61
C ALA D 237 -3.24 25.57 18.12
N ASP D 238 -1.99 25.66 18.60
CA ASP D 238 -1.76 25.69 20.04
C ASP D 238 -2.31 26.95 20.68
N LEU D 239 -2.35 28.07 19.94
CA LEU D 239 -2.91 29.29 20.48
C LEU D 239 -4.43 29.21 20.57
N ALA D 240 -5.08 28.70 19.52
CA ALA D 240 -6.52 28.55 19.55
C ALA D 240 -6.97 27.50 20.55
N GLU D 241 -6.17 26.46 20.76
CA GLU D 241 -6.49 25.43 21.73
C GLU D 241 -6.35 25.91 23.17
N GLY D 242 -5.66 27.03 23.40
CA GLY D 242 -5.37 27.47 24.74
C GLY D 242 -4.18 26.79 25.38
N ARG D 243 -3.53 25.86 24.68
CA ARG D 243 -2.31 25.23 25.12
C ARG D 243 -1.16 26.22 25.29
N MET D 244 -1.32 27.43 24.77
CA MET D 244 -0.27 28.43 24.73
C MET D 244 -0.97 29.77 24.59
N VAL D 245 -0.63 30.73 25.46
CA VAL D 245 -1.35 31.99 25.55
C VAL D 245 -0.41 33.13 25.20
N SER D 246 -0.86 33.99 24.30
CA SER D 246 -0.13 35.19 23.91
C SER D 246 -0.52 36.32 24.84
N LEU D 247 0.46 36.91 25.52
CA LEU D 247 0.20 37.98 26.47
C LEU D 247 0.49 39.36 25.90
N GLY D 248 1.37 39.47 24.92
CA GLY D 248 1.68 40.75 24.31
C GLY D 248 3.12 41.15 24.54
N GLU D 249 3.43 42.42 24.34
CA GLU D 249 4.77 42.95 24.54
C GLU D 249 4.90 43.58 25.92
N PHE D 250 6.01 43.30 26.59
CA PHE D 250 6.26 43.82 27.93
C PHE D 250 7.75 44.03 28.13
N GLY D 251 8.08 45.00 28.97
CA GLY D 251 9.42 45.09 29.51
C GLY D 251 10.38 46.00 28.78
N ASP D 252 11.66 45.70 28.89
CA ASP D 252 12.72 46.60 28.45
C ASP D 252 12.85 46.56 26.93
N LEU D 253 13.56 47.56 26.42
CA LEU D 253 13.95 47.60 25.02
C LEU D 253 15.24 46.81 24.83
N TRP D 254 15.35 46.11 23.72
CA TRP D 254 16.49 45.27 23.43
C TRP D 254 17.14 45.68 22.12
N LEU D 255 18.44 45.37 22.02
CA LEU D 255 19.26 45.74 20.89
C LEU D 255 19.95 44.50 20.36
N ALA D 256 20.00 44.37 19.03
CA ALA D 256 20.54 43.16 18.41
C ALA D 256 22.06 43.22 18.35
N GLN D 257 22.70 42.09 18.65
CA GLN D 257 24.13 41.94 18.49
C GLN D 257 24.44 41.48 17.06
N GLN D 258 25.74 41.35 16.75
CA GLN D 258 26.13 40.87 15.43
C GLN D 258 25.54 39.51 15.13
N SER D 259 25.39 38.65 16.14
CA SER D 259 24.81 37.33 15.96
C SER D 259 23.31 37.38 15.69
N LEU D 260 22.67 38.53 15.88
CA LEU D 260 21.28 38.74 15.51
C LEU D 260 20.31 38.05 16.47
N ARG D 261 20.62 36.82 16.88
CA ARG D 261 19.76 36.11 17.83
C ARG D 261 20.01 36.55 19.27
N THR D 262 21.23 37.00 19.57
CA THR D 262 21.55 37.45 20.92
C THR D 262 21.33 38.94 21.03
N LEU D 263 20.66 39.37 22.09
CA LEU D 263 20.24 40.75 22.25
C LEU D 263 20.85 41.33 23.51
N THR D 264 21.15 42.63 23.45
CA THR D 264 21.64 43.39 24.59
C THR D 264 20.52 44.31 25.08
N ASN D 265 20.36 44.37 26.40
CA ASN D 265 19.35 45.24 26.99
C ASN D 265 19.75 46.69 26.77
N ALA D 266 18.88 47.46 26.10
CA ALA D 266 19.13 48.85 25.81
C ALA D 266 18.51 49.81 26.82
N SER D 267 17.61 49.33 27.67
CA SER D 267 17.03 50.16 28.72
C SER D 267 17.88 50.18 29.98
N ARG D 268 18.57 49.07 30.27
CA ARG D 268 19.38 48.93 31.47
C ARG D 268 20.66 48.19 31.14
N GLN D 269 21.77 48.62 31.74
CA GLN D 269 23.05 47.94 31.57
C GLN D 269 22.97 46.62 32.34
N GLY D 270 22.53 45.58 31.64
CA GLY D 270 21.92 44.43 32.28
C GLY D 270 22.80 43.54 33.13
N GLY D 271 23.86 42.99 32.54
CA GLY D 271 24.55 41.84 33.11
C GLY D 271 24.13 40.52 32.51
N LEU D 272 22.92 40.44 31.95
CA LEU D 272 22.44 39.26 31.26
C LEU D 272 21.97 39.66 29.86
N ASP D 273 22.58 39.09 28.85
CA ASP D 273 22.04 39.13 27.49
C ASP D 273 21.08 37.96 27.30
N ILE D 274 20.26 38.06 26.26
CA ILE D 274 19.24 37.04 25.98
C ILE D 274 19.43 36.57 24.54
N LYS D 275 19.23 35.27 24.32
CA LYS D 275 19.36 34.66 23.01
C LYS D 275 18.07 33.92 22.70
N LEU D 276 17.43 34.30 21.59
CA LEU D 276 16.10 33.82 21.24
C LEU D 276 16.11 33.15 19.87
N PRO D 277 15.17 32.24 19.62
CA PRO D 277 15.13 31.58 18.30
C PRO D 277 14.69 32.54 17.21
N LEU D 278 15.34 32.42 16.05
CA LEU D 278 14.97 33.12 14.83
C LEU D 278 14.98 32.10 13.71
N THR D 279 13.80 31.56 13.40
CA THR D 279 13.69 30.50 12.40
C THR D 279 13.72 31.14 11.02
N ILE D 280 14.88 31.07 10.36
CA ILE D 280 15.11 31.73 9.09
C ILE D 280 15.33 30.71 7.98
N TYR D 281 16.22 29.74 8.20
CA TYR D 281 16.46 28.68 7.23
C TYR D 281 15.88 27.36 7.73
N PRO D 290 18.49 17.90 19.15
CA PRO D 290 17.96 19.27 19.11
C PRO D 290 17.80 19.86 20.50
N GLY D 291 16.80 19.39 21.26
CA GLY D 291 16.70 19.75 22.66
C GLY D 291 17.86 19.25 23.48
N LYS D 292 18.63 18.30 22.96
CA LYS D 292 19.83 17.83 23.65
C LYS D 292 20.98 18.83 23.51
N TYR D 293 21.06 19.53 22.38
CA TYR D 293 22.10 20.54 22.20
C TYR D 293 21.86 21.76 23.08
N ILE D 294 20.60 22.10 23.34
CA ILE D 294 20.29 23.28 24.15
C ILE D 294 20.55 23.01 25.63
N ALA D 295 20.17 21.82 26.12
CA ALA D 295 20.26 21.54 27.54
C ALA D 295 21.70 21.37 28.02
N ALA D 296 22.64 21.08 27.12
CA ALA D 296 24.01 20.82 27.50
C ALA D 296 24.86 22.08 27.59
N GLY D 297 24.52 23.12 26.85
CA GLY D 297 25.25 24.37 26.85
C GLY D 297 25.66 24.81 28.24
N PRO D 298 24.71 24.81 29.17
CA PRO D 298 25.06 25.18 30.56
C PRO D 298 26.08 24.24 31.20
N LEU D 299 25.89 22.93 31.07
CA LEU D 299 26.80 21.98 31.71
C LEU D 299 28.19 22.02 31.11
N ALA D 300 28.30 22.36 29.82
CA ALA D 300 29.62 22.54 29.21
C ALA D 300 30.20 23.89 29.56
N SER D 301 29.37 24.94 29.57
CA SER D 301 29.84 26.26 29.96
C SER D 301 30.32 26.29 31.40
N ARG D 302 29.73 25.46 32.26
CA ARG D 302 30.20 25.38 33.65
C ARG D 302 31.52 24.63 33.75
N TRP D 303 31.78 23.72 32.81
CA TRP D 303 33.04 22.98 32.84
C TRP D 303 34.20 23.85 32.37
N LEU D 304 33.98 24.63 31.31
CA LEU D 304 35.05 25.49 30.79
C LEU D 304 35.42 26.59 31.77
N GLN D 305 34.45 27.12 32.51
CA GLN D 305 34.77 28.11 33.54
C GLN D 305 35.72 27.53 34.58
N GLN D 306 35.45 26.31 35.04
CA GLN D 306 36.32 25.68 36.02
C GLN D 306 37.72 25.48 35.44
N VAL D 307 37.81 24.98 34.21
CA VAL D 307 39.11 24.78 33.57
C VAL D 307 39.88 26.09 33.55
N PHE D 308 39.24 27.18 33.11
CA PHE D 308 39.91 28.47 33.07
C PHE D 308 40.24 29.00 34.46
N ALA D 309 39.53 28.53 35.50
CA ALA D 309 39.87 28.90 36.86
C ALA D 309 40.97 28.01 37.43
N THR D 310 41.02 26.75 37.01
CA THR D 310 42.03 25.82 37.51
C THR D 310 43.37 26.02 36.79
N ASP D 311 43.37 25.82 35.48
CA ASP D 311 44.59 25.90 34.70
C ASP D 311 45.35 27.20 34.97
N ALA D 312 46.62 27.07 35.34
CA ALA D 312 47.44 28.25 35.61
C ALA D 312 47.70 29.05 34.35
N THR D 313 48.01 28.37 33.24
CA THR D 313 48.27 29.07 31.99
C THR D 313 47.08 29.92 31.58
N LEU D 314 45.86 29.39 31.76
CA LEU D 314 44.67 30.13 31.37
C LEU D 314 44.30 31.19 32.39
N LYS D 315 44.54 30.93 33.68
CA LYS D 315 44.30 31.94 34.70
C LYS D 315 45.19 33.16 34.47
N GLN D 316 46.44 32.93 34.07
CA GLN D 316 47.35 34.06 33.85
C GLN D 316 46.94 34.88 32.62
N SER D 317 46.37 34.22 31.61
CA SER D 317 45.94 34.94 30.42
C SER D 317 44.76 35.86 30.68
N GLY D 318 44.02 35.64 31.77
CA GLY D 318 42.82 36.39 32.04
C GLY D 318 41.58 35.92 31.30
N ALA D 319 41.73 35.00 30.35
CA ALA D 319 40.60 34.57 29.53
C ALA D 319 39.37 34.31 30.39
N VAL D 320 38.22 34.75 29.90
CA VAL D 320 36.94 34.62 30.60
C VAL D 320 35.99 33.83 29.73
N ILE D 321 35.18 32.98 30.37
CA ILE D 321 34.11 32.24 29.71
C ILE D 321 32.80 32.86 30.19
N LEU D 322 32.06 33.48 29.27
CA LEU D 322 30.74 33.99 29.58
C LEU D 322 29.75 32.82 29.60
N GLY D 323 29.07 32.64 30.73
CA GLY D 323 28.28 31.45 30.94
C GLY D 323 26.85 31.57 30.44
N GLU D 324 26.17 30.42 30.39
CA GLU D 324 24.75 30.31 30.10
C GLU D 324 24.07 29.74 31.33
N PRO D 325 23.73 30.57 32.31
CA PRO D 325 23.16 30.03 33.55
C PRO D 325 21.78 29.42 33.38
N ALA D 326 20.98 29.90 32.42
CA ALA D 326 19.61 29.43 32.26
C ALA D 326 19.29 29.22 30.79
N ALA D 327 18.53 28.17 30.50
CA ALA D 327 18.12 27.85 29.14
C ALA D 327 16.85 27.00 29.21
N GLY D 328 16.05 27.07 28.15
CA GLY D 328 14.80 26.34 28.13
C GLY D 328 14.29 26.14 26.71
N TYR D 329 13.39 25.17 26.57
CA TYR D 329 12.72 24.89 25.31
C TYR D 329 11.44 24.13 25.60
N VAL D 330 10.61 23.98 24.57
CA VAL D 330 9.31 23.33 24.69
C VAL D 330 9.39 21.95 24.05
N SER D 331 8.57 21.03 24.55
CA SER D 331 8.60 19.64 24.09
C SER D 331 7.19 19.14 23.89
N HIS D 332 7.06 18.15 22.99
CA HIS D 332 5.81 17.42 22.76
C HIS D 332 4.73 18.30 22.14
N GLU D 333 4.16 19.22 22.92
CA GLU D 333 2.95 19.98 22.57
C GLU D 333 2.37 19.63 21.20
N TYR D 343 9.84 18.21 17.75
CA TYR D 343 11.09 18.68 17.16
C TYR D 343 10.96 20.14 16.73
N ARG D 344 9.82 20.48 16.14
CA ARG D 344 9.58 21.87 15.77
C ARG D 344 9.47 22.78 16.99
N TYR D 345 8.90 22.25 18.08
CA TYR D 345 8.76 23.05 19.29
C TYR D 345 10.11 23.43 19.87
N GLN D 346 11.09 22.52 19.79
CA GLN D 346 12.35 22.72 20.49
C GLN D 346 13.20 23.80 19.83
N GLU D 347 13.19 23.85 18.49
CA GLU D 347 14.01 24.83 17.79
C GLU D 347 13.40 26.22 17.81
N MET D 348 12.08 26.31 17.73
CA MET D 348 11.41 27.59 17.52
C MET D 348 10.96 28.27 18.80
N LEU D 349 10.84 27.54 19.91
CA LEU D 349 10.35 28.09 21.16
C LEU D 349 11.35 27.76 22.26
N GLY D 350 12.00 28.79 22.78
CA GLY D 350 13.00 28.60 23.81
C GLY D 350 13.70 29.91 24.09
N VAL D 351 14.59 29.86 25.08
CA VAL D 351 15.32 31.03 25.53
C VAL D 351 16.64 30.59 26.12
N ILE D 352 17.67 31.40 25.93
CA ILE D 352 18.99 31.18 26.51
C ILE D 352 19.47 32.50 27.08
N TRP D 353 19.83 32.50 28.36
CA TRP D 353 20.35 33.68 29.03
C TRP D 353 21.88 33.59 29.10
N ARG D 354 22.54 34.68 28.77
CA ARG D 354 24.00 34.72 28.68
C ARG D 354 24.56 35.83 29.57
N GLU D 355 25.75 35.60 30.08
CA GLU D 355 26.43 36.61 30.89
C GLU D 355 26.92 37.75 30.01
N ASN D 356 26.59 38.96 30.42
CA ASN D 356 27.09 40.17 29.77
C ASN D 356 28.52 40.46 30.23
N PRO D 357 29.39 40.94 29.34
CA PRO D 357 30.77 41.24 29.77
C PRO D 357 30.86 42.09 31.03
N CYS D 358 29.92 43.02 31.25
CA CYS D 358 29.99 43.87 32.45
C CYS D 358 30.01 43.06 33.73
N ARG D 359 29.55 41.81 33.69
CA ARG D 359 29.66 40.93 34.85
C ARG D 359 31.11 40.68 35.23
N TRP D 360 32.02 40.65 34.25
CA TRP D 360 33.39 40.26 34.49
C TRP D 360 34.42 41.35 34.20
N LEU D 361 33.99 42.53 33.78
CA LEU D 361 34.91 43.61 33.46
C LEU D 361 35.20 44.45 34.69
N LYS D 362 36.40 45.02 34.70
CA LYS D 362 36.73 46.05 35.68
C LYS D 362 36.12 47.38 35.24
N PRO D 363 35.97 48.34 36.16
CA PRO D 363 35.33 49.60 35.77
C PRO D 363 36.05 50.32 34.65
N ASP D 364 37.38 50.22 34.59
CA ASP D 364 38.18 50.91 33.60
C ASP D 364 38.34 50.14 32.29
N GLU D 365 37.69 48.99 32.16
CA GLU D 365 37.77 48.19 30.95
C GLU D 365 36.51 48.37 30.11
N SER D 366 36.69 48.45 28.79
CA SER D 366 35.59 48.54 27.85
C SER D 366 35.65 47.39 26.85
N PRO D 367 34.51 46.78 26.52
CA PRO D 367 34.54 45.63 25.59
C PRO D 367 34.37 46.03 24.14
N ILE D 368 35.07 45.30 23.26
CA ILE D 368 34.89 45.40 21.82
C ILE D 368 34.98 43.99 21.24
N LEU D 369 34.34 43.81 20.08
CA LEU D 369 34.56 42.62 19.30
C LEU D 369 35.89 42.75 18.56
N MET D 370 36.61 41.63 18.43
CA MET D 370 37.88 41.66 17.73
C MET D 370 37.71 42.09 16.28
N ALA D 371 36.52 41.85 15.70
CA ALA D 371 36.24 42.34 14.36
C ALA D 371 36.45 43.84 14.25
N THR D 372 36.34 44.57 15.36
CA THR D 372 36.59 46.01 15.35
C THR D 372 37.96 46.32 14.78
N LEU D 373 38.94 45.42 14.95
CA LEU D 373 40.28 45.64 14.45
C LEU D 373 40.38 45.54 12.93
N MET D 374 39.30 45.14 12.26
CA MET D 374 39.27 45.09 10.80
C MET D 374 38.72 46.36 10.18
N GLU D 375 38.32 47.34 10.99
CA GLU D 375 37.61 48.50 10.50
C GLU D 375 38.54 49.66 10.21
N CYS D 376 38.10 50.54 9.30
CA CYS D 376 38.74 51.81 9.04
C CYS D 376 37.68 52.91 9.07
N ASP D 377 38.12 54.16 9.10
CA ASP D 377 37.20 55.28 9.06
C ASP D 377 37.02 55.72 7.61
N GLU D 378 36.25 56.80 7.42
CA GLU D 378 36.03 57.33 6.07
C GLU D 378 37.34 57.45 5.31
N ASN D 379 38.38 57.94 5.98
CA ASN D 379 39.64 58.27 5.34
C ASN D 379 40.64 57.13 5.41
N ASN D 380 40.16 55.89 5.56
CA ASN D 380 41.00 54.70 5.51
C ASN D 380 42.03 54.67 6.63
N GLN D 381 41.74 55.33 7.74
CA GLN D 381 42.59 55.25 8.93
C GLN D 381 42.12 54.09 9.80
N PRO D 382 42.91 53.04 10.00
CA PRO D 382 42.42 51.89 10.76
C PRO D 382 42.12 52.24 12.21
N LEU D 383 41.06 51.63 12.75
CA LEU D 383 40.74 51.79 14.15
C LEU D 383 41.81 51.18 15.04
N ILE D 384 42.44 50.08 14.60
CA ILE D 384 43.52 49.48 15.36
C ILE D 384 44.65 50.48 15.56
N GLY D 385 44.88 51.34 14.58
CA GLY D 385 45.87 52.40 14.74
C GLY D 385 45.47 53.41 15.79
N ALA D 386 44.16 53.68 15.92
CA ALA D 386 43.70 54.58 16.97
C ALA D 386 43.91 53.97 18.35
N TYR D 387 43.60 52.68 18.51
CA TYR D 387 43.86 52.01 19.78
C TYR D 387 45.33 52.06 20.14
N ILE D 388 46.20 51.75 19.18
CA ILE D 388 47.64 51.81 19.43
C ILE D 388 48.05 53.23 19.80
N ASP D 389 47.55 54.21 19.05
CA ASP D 389 47.89 55.60 19.33
C ASP D 389 47.58 55.98 20.77
N ARG D 390 46.47 55.47 21.31
CA ARG D 390 46.10 55.78 22.68
C ARG D 390 46.82 54.92 23.70
N SER D 391 47.33 53.75 23.31
CA SER D 391 48.08 52.92 24.24
C SER D 391 49.44 53.53 24.57
N GLY D 392 49.97 54.39 23.70
CA GLY D 392 51.33 54.87 23.85
C GLY D 392 52.39 53.86 23.52
N LEU D 393 52.00 52.66 23.09
CA LEU D 393 52.93 51.59 22.80
C LEU D 393 53.36 51.61 21.33
N ASP D 394 54.45 50.90 21.06
CA ASP D 394 54.82 50.61 19.68
C ASP D 394 53.93 49.50 19.13
N ALA D 395 53.73 49.52 17.81
CA ALA D 395 52.84 48.55 17.18
C ALA D 395 53.21 47.13 17.57
N GLU D 396 54.49 46.79 17.54
CA GLU D 396 54.91 45.41 17.75
C GLU D 396 54.55 44.93 19.15
N THR D 397 54.87 45.72 20.18
CA THR D 397 54.50 45.33 21.54
C THR D 397 52.98 45.20 21.67
N TRP D 398 52.24 46.11 21.04
CA TRP D 398 50.78 46.03 21.08
C TRP D 398 50.29 44.74 20.45
N LEU D 399 50.89 44.33 19.33
CA LEU D 399 50.49 43.09 18.67
C LEU D 399 50.83 41.88 19.52
N THR D 400 52.03 41.84 20.09
CA THR D 400 52.42 40.73 20.95
C THR D 400 51.40 40.53 22.07
N GLN D 401 50.93 41.64 22.65
CA GLN D 401 49.91 41.55 23.70
C GLN D 401 48.62 40.98 23.15
N LEU D 402 48.21 41.42 21.95
CA LEU D 402 47.00 40.88 21.34
C LEU D 402 47.10 39.38 21.13
N PHE D 403 48.24 38.90 20.64
CA PHE D 403 48.38 37.47 20.36
C PHE D 403 48.39 36.66 21.64
N ARG D 404 49.03 37.16 22.69
CA ARG D 404 49.02 36.47 23.98
C ARG D 404 47.60 36.33 24.51
N VAL D 405 46.81 37.38 24.38
CA VAL D 405 45.48 37.41 24.97
C VAL D 405 44.54 36.44 24.26
N VAL D 406 44.66 36.35 22.94
CA VAL D 406 43.69 35.63 22.12
C VAL D 406 44.18 34.23 21.77
N VAL D 407 45.37 34.12 21.21
CA VAL D 407 45.79 32.87 20.57
C VAL D 407 46.29 31.87 21.62
N VAL D 408 47.01 32.33 22.64
CA VAL D 408 47.57 31.40 23.63
C VAL D 408 46.47 30.65 24.37
N PRO D 409 45.44 31.30 24.92
CA PRO D 409 44.39 30.53 25.61
C PRO D 409 43.70 29.52 24.72
N LEU D 410 43.33 29.92 23.50
CA LEU D 410 42.67 29.00 22.59
C LEU D 410 43.57 27.81 22.24
N TYR D 411 44.86 28.08 21.97
CA TYR D 411 45.76 27.01 21.58
C TYR D 411 46.07 26.09 22.75
N HIS D 412 46.23 26.66 23.96
CA HIS D 412 46.49 25.84 25.14
C HIS D 412 45.32 24.91 25.41
N LEU D 413 44.11 25.47 25.50
CA LEU D 413 42.92 24.65 25.69
C LEU D 413 42.88 23.49 24.70
N LEU D 414 43.26 23.75 23.44
CA LEU D 414 43.26 22.70 22.43
C LEU D 414 44.30 21.63 22.75
N CYS D 415 45.56 22.04 22.92
CA CYS D 415 46.64 21.06 23.04
C CYS D 415 46.55 20.27 24.34
N ARG D 416 46.16 20.94 25.44
CA ARG D 416 46.14 20.28 26.74
C ARG D 416 44.87 19.48 26.96
N TYR D 417 43.72 20.05 26.63
CA TYR D 417 42.43 19.42 26.89
C TYR D 417 41.78 18.84 25.65
N GLY D 418 42.34 19.06 24.46
CA GLY D 418 41.75 18.53 23.25
C GLY D 418 40.42 19.16 22.90
N VAL D 419 40.25 20.45 23.18
CA VAL D 419 39.00 21.17 22.98
C VAL D 419 39.25 22.34 22.05
N ALA D 420 38.47 22.42 20.98
CA ALA D 420 38.56 23.51 20.01
C ALA D 420 37.32 24.39 20.11
N LEU D 421 37.53 25.70 20.03
CA LEU D 421 36.45 26.68 20.10
C LEU D 421 36.47 27.54 18.84
N ILE D 422 35.30 27.74 18.25
CA ILE D 422 35.18 28.66 17.14
C ILE D 422 35.69 30.03 17.58
N ALA D 423 36.51 30.64 16.74
CA ALA D 423 37.23 31.87 17.11
C ALA D 423 37.12 32.87 15.96
N HIS D 424 35.90 33.34 15.71
CA HIS D 424 35.67 34.35 14.68
C HIS D 424 35.70 35.74 15.31
N GLY D 425 35.87 36.75 14.46
CA GLY D 425 35.96 38.12 14.93
C GLY D 425 34.72 38.62 15.64
N GLN D 426 33.59 37.92 15.51
CA GLN D 426 32.32 38.38 16.03
C GLN D 426 31.86 37.61 17.27
N ASN D 427 32.59 36.56 17.67
CA ASN D 427 32.35 35.88 18.93
C ASN D 427 33.54 36.00 19.88
N ILE D 428 34.54 36.80 19.52
CA ILE D 428 35.69 37.08 20.38
C ILE D 428 35.57 38.51 20.87
N THR D 429 35.46 38.68 22.19
CA THR D 429 35.35 39.98 22.80
C THR D 429 36.65 40.30 23.53
N LEU D 430 37.15 41.51 23.33
CA LEU D 430 38.38 41.96 23.97
C LEU D 430 38.05 43.04 24.99
N ALA D 431 38.54 42.85 26.22
CA ALA D 431 38.44 43.87 27.24
C ALA D 431 39.57 44.88 27.03
N MET D 432 39.20 46.13 26.79
CA MET D 432 40.15 47.17 26.40
C MET D 432 40.38 48.13 27.54
N LYS D 433 41.65 48.46 27.79
CA LYS D 433 42.02 49.45 28.80
C LYS D 433 43.02 50.41 28.17
N LYS D 434 42.63 51.68 28.04
CA LYS D 434 43.50 52.70 27.46
C LYS D 434 44.03 52.26 26.09
N GLY D 435 43.19 51.60 25.32
CA GLY D 435 43.55 51.15 23.99
C GLY D 435 44.32 49.85 23.93
N VAL D 436 44.52 49.18 25.05
CA VAL D 436 45.30 47.94 25.13
C VAL D 436 44.34 46.80 25.45
N PRO D 437 44.40 45.67 24.72
CA PRO D 437 43.59 44.51 25.12
C PRO D 437 44.16 43.84 26.36
N GLN D 438 43.31 43.65 27.37
CA GLN D 438 43.71 43.04 28.63
C GLN D 438 43.54 41.53 28.61
N ARG D 439 42.37 41.06 28.19
CA ARG D 439 42.08 39.64 28.14
C ARG D 439 40.98 39.41 27.11
N VAL D 440 40.69 38.14 26.85
CA VAL D 440 39.69 37.74 25.87
C VAL D 440 38.48 37.20 26.60
N LEU D 441 37.29 37.49 26.07
CA LEU D 441 36.03 36.96 26.58
C LEU D 441 35.39 36.13 25.48
N LEU D 442 35.09 34.86 25.80
CA LEU D 442 34.54 33.91 24.85
C LEU D 442 33.11 33.54 25.27
N LYS D 443 32.23 33.31 24.30
CA LYS D 443 30.82 33.17 24.66
C LYS D 443 30.00 32.18 23.83
N ASP D 444 30.32 31.98 22.55
CA ASP D 444 29.54 31.13 21.68
C ASP D 444 30.29 29.83 21.40
N PHE D 445 29.69 28.71 21.82
CA PHE D 445 30.35 27.41 21.68
C PHE D 445 29.46 26.26 22.16
N GLN D 446 28.15 26.37 21.98
CA GLN D 446 27.26 25.22 22.15
C GLN D 446 27.09 24.43 20.86
N GLY D 447 27.54 24.97 19.74
CA GLY D 447 27.48 24.27 18.46
C GLY D 447 28.72 24.51 17.62
N ASP D 448 29.61 25.40 18.08
CA ASP D 448 30.89 25.64 17.42
C ASP D 448 32.04 24.88 18.05
N MET D 449 31.80 24.23 19.20
CA MET D 449 32.82 23.53 19.95
C MET D 449 32.97 22.11 19.44
N ARG D 450 34.20 21.59 19.51
CA ARG D 450 34.49 20.25 19.02
C ARG D 450 35.61 19.64 19.85
N LEU D 451 35.78 18.33 19.70
CA LEU D 451 36.72 17.56 20.50
C LEU D 451 37.58 16.70 19.59
N VAL D 452 38.65 16.16 20.15
CA VAL D 452 39.59 15.32 19.43
C VAL D 452 39.14 13.87 19.56
N LYS D 453 39.30 13.10 18.48
CA LYS D 453 38.95 11.68 18.54
C LYS D 453 39.81 10.94 19.56
N ASP D 454 41.04 11.40 19.77
CA ASP D 454 41.92 10.80 20.76
C ASP D 454 41.27 10.82 22.14
N ALA D 455 41.87 10.08 23.06
CA ALA D 455 41.43 10.03 24.46
C ALA D 455 42.52 10.69 25.31
N PHE D 456 42.30 11.96 25.67
CA PHE D 456 43.23 12.68 26.51
C PHE D 456 42.83 12.51 27.98
N PRO D 457 43.75 12.14 28.87
CA PRO D 457 43.39 12.06 30.29
C PRO D 457 42.78 13.35 30.82
N GLU D 458 43.28 14.50 30.37
CA GLU D 458 42.77 15.79 30.83
C GLU D 458 41.31 16.01 30.45
N MET D 459 40.75 15.16 29.59
CA MET D 459 39.34 15.27 29.21
C MET D 459 38.44 14.31 29.99
N ASP D 460 39.01 13.32 30.68
CA ASP D 460 38.19 12.40 31.46
C ASP D 460 37.18 13.14 32.33
N SER D 461 37.51 14.35 32.76
CA SER D 461 36.61 15.16 33.56
C SER D 461 35.41 15.70 32.78
N LEU D 462 35.23 15.31 31.51
CA LEU D 462 34.19 15.90 30.68
C LEU D 462 32.87 15.16 30.90
N PRO D 463 31.80 15.85 31.31
CA PRO D 463 30.48 15.20 31.39
C PRO D 463 30.07 14.53 30.09
N GLN D 464 29.22 13.51 30.23
CA GLN D 464 28.82 12.68 29.09
C GLN D 464 27.83 13.40 28.20
N GLU D 465 26.83 14.06 28.80
CA GLU D 465 25.85 14.81 28.01
C GLU D 465 26.52 15.74 27.01
N VAL D 466 27.74 16.18 27.33
CA VAL D 466 28.48 17.05 26.42
C VAL D 466 29.28 16.24 25.40
N ARG D 467 29.87 15.12 25.82
CA ARG D 467 30.64 14.30 24.89
C ARG D 467 29.75 13.70 23.81
N ASP D 468 28.53 13.30 24.18
CA ASP D 468 27.64 12.65 23.23
C ASP D 468 27.16 13.60 22.14
N VAL D 469 26.99 14.89 22.48
CA VAL D 469 26.44 15.86 21.54
C VAL D 469 27.49 16.73 20.88
N THR D 470 28.77 16.50 21.16
CA THR D 470 29.87 17.25 20.56
C THR D 470 30.69 16.33 19.67
N ALA D 471 30.84 16.72 18.41
CA ALA D 471 31.54 15.88 17.44
C ALA D 471 33.01 15.77 17.77
N ARG D 472 33.56 14.56 17.61
CA ARG D 472 34.98 14.31 17.74
C ARG D 472 35.62 14.26 16.36
N LEU D 473 36.83 14.80 16.25
CA LEU D 473 37.54 14.85 14.98
C LEU D 473 39.00 14.53 15.21
N SER D 474 39.72 14.29 14.12
CA SER D 474 41.15 14.03 14.19
C SER D 474 41.92 15.34 14.36
N ALA D 475 43.16 15.22 14.86
CA ALA D 475 43.96 16.38 15.16
C ALA D 475 44.15 17.26 13.93
N ASP D 476 44.52 16.64 12.80
CA ASP D 476 44.77 17.41 11.58
C ASP D 476 43.53 18.23 11.18
N TYR D 477 42.38 17.56 11.07
CA TYR D 477 41.15 18.28 10.74
C TYR D 477 40.78 19.29 11.81
N LEU D 478 41.22 19.07 13.05
CA LEU D 478 40.88 19.95 14.16
C LEU D 478 41.67 21.25 14.14
N ILE D 479 42.81 21.29 13.45
CA ILE D 479 43.65 22.48 13.44
C ILE D 479 42.92 23.63 12.75
N HIS D 480 42.22 23.35 11.65
CA HIS D 480 41.54 24.39 10.88
C HIS D 480 40.72 25.31 11.78
N ASP D 481 39.81 24.72 12.56
CA ASP D 481 38.98 25.47 13.51
C ASP D 481 39.79 26.57 14.18
N LEU D 482 41.10 26.36 14.28
CA LEU D 482 42.03 27.40 14.71
C LEU D 482 42.69 28.13 13.54
N GLN D 483 43.18 27.39 12.53
CA GLN D 483 43.82 28.03 11.39
C GLN D 483 42.80 28.71 10.50
N THR D 484 41.88 27.92 9.91
CA THR D 484 40.88 28.50 9.03
C THR D 484 39.90 29.39 9.78
N GLY D 485 39.63 29.08 11.04
CA GLY D 485 38.64 29.82 11.82
C GLY D 485 39.15 31.14 12.35
N HIS D 486 40.37 31.16 12.88
CA HIS D 486 40.92 32.37 13.48
C HIS D 486 41.97 33.04 12.59
N PHE D 487 42.98 32.31 12.14
CA PHE D 487 44.03 32.91 11.34
C PHE D 487 43.49 33.40 10.00
N VAL D 488 42.86 32.51 9.23
CA VAL D 488 42.44 32.86 7.88
C VAL D 488 41.22 33.76 7.88
N THR D 489 40.35 33.67 8.88
CA THR D 489 39.10 34.40 8.89
C THR D 489 39.15 35.66 9.74
N VAL D 490 40.22 35.90 10.50
CA VAL D 490 40.34 37.11 11.31
C VAL D 490 41.64 37.83 10.98
N LEU D 491 42.77 37.21 11.30
CA LEU D 491 44.05 37.87 11.12
C LEU D 491 44.28 38.28 9.66
N ARG D 492 43.85 37.44 8.73
CA ARG D 492 43.94 37.80 7.31
C ARG D 492 43.41 39.20 7.04
N PHE D 493 42.43 39.64 7.83
CA PHE D 493 41.79 40.94 7.63
C PHE D 493 42.35 42.02 8.54
N VAL D 494 43.19 41.68 9.51
CA VAL D 494 43.83 42.66 10.38
C VAL D 494 45.21 43.04 9.89
N SER D 495 45.98 42.06 9.40
CA SER D 495 47.37 42.34 9.06
C SER D 495 47.51 43.33 7.91
N PRO D 496 46.63 43.37 6.91
CA PRO D 496 46.77 44.41 5.88
C PRO D 496 46.70 45.82 6.44
N LEU D 497 45.93 46.04 7.49
CA LEU D 497 45.84 47.37 8.10
C LEU D 497 47.09 47.68 8.90
N MET D 498 47.74 46.67 9.48
CA MET D 498 49.02 46.88 10.14
C MET D 498 50.10 47.24 9.13
N ALA D 499 50.11 46.57 7.97
CA ALA D 499 51.05 46.94 6.91
C ALA D 499 50.93 48.42 6.56
N ARG D 500 49.74 48.99 6.71
CA ARG D 500 49.52 50.40 6.45
C ARG D 500 50.04 51.28 7.58
N LEU D 501 50.39 50.70 8.74
CA LEU D 501 50.91 51.45 9.87
C LEU D 501 52.38 51.11 10.16
N GLY D 502 53.08 50.55 9.18
CA GLY D 502 54.51 50.33 9.30
C GLY D 502 54.92 48.94 9.73
N VAL D 503 54.00 48.00 9.81
CA VAL D 503 54.30 46.63 10.22
C VAL D 503 53.95 45.70 9.06
N PRO D 504 54.91 45.32 8.23
CA PRO D 504 54.61 44.41 7.11
C PRO D 504 54.06 43.09 7.61
N GLU D 505 53.33 42.41 6.73
CA GLU D 505 52.68 41.17 7.10
C GLU D 505 53.68 40.12 7.56
N ARG D 506 54.83 40.03 6.89
CA ARG D 506 55.82 39.03 7.28
C ARG D 506 56.26 39.23 8.72
N ARG D 507 56.41 40.49 9.15
CA ARG D 507 56.72 40.77 10.55
C ARG D 507 55.52 40.44 11.43
N PHE D 508 54.31 40.81 11.00
CA PHE D 508 53.09 40.52 11.74
C PHE D 508 53.05 39.05 12.15
N TYR D 509 53.31 38.15 11.21
CA TYR D 509 53.21 36.72 11.49
C TYR D 509 54.49 36.12 12.06
N GLN D 510 55.60 36.86 12.03
CA GLN D 510 56.75 36.46 12.83
C GLN D 510 56.48 36.66 14.31
N LEU D 511 55.84 37.78 14.65
CA LEU D 511 55.44 38.00 16.04
C LEU D 511 54.52 36.90 16.53
N LEU D 512 53.45 36.60 15.78
CA LEU D 512 52.54 35.53 16.16
C LEU D 512 53.30 34.23 16.33
N ALA D 513 54.28 33.96 15.46
CA ALA D 513 55.09 32.76 15.59
C ALA D 513 55.91 32.80 16.87
N ALA D 514 56.56 33.94 17.14
CA ALA D 514 57.38 34.05 18.33
C ALA D 514 56.55 33.89 19.60
N VAL D 515 55.36 34.50 19.63
CA VAL D 515 54.48 34.33 20.78
C VAL D 515 54.15 32.86 21.00
N LEU D 516 53.89 32.14 19.91
CA LEU D 516 53.59 30.71 20.02
C LEU D 516 54.83 29.93 20.43
N SER D 517 55.99 30.26 19.85
CA SER D 517 57.23 29.59 20.23
C SER D 517 57.53 29.82 21.71
N ASP D 518 57.49 31.08 22.15
CA ASP D 518 57.69 31.37 23.57
C ASP D 518 56.72 30.59 24.43
N TYR D 519 55.44 30.57 24.03
CA TYR D 519 54.44 29.84 24.81
C TYR D 519 54.79 28.36 24.91
N MET D 520 55.07 27.72 23.77
CA MET D 520 55.40 26.29 23.79
C MET D 520 56.70 26.04 24.54
N GLN D 521 57.67 26.93 24.40
CA GLN D 521 58.94 26.78 25.10
C GLN D 521 58.75 26.70 26.62
N GLU D 522 57.63 27.20 27.14
CA GLU D 522 57.35 27.16 28.56
C GLU D 522 56.52 25.94 28.96
N HIS D 523 56.10 25.12 28.00
CA HIS D 523 55.32 23.90 28.28
C HIS D 523 55.97 22.71 27.59
N PRO D 524 57.24 22.41 27.90
CA PRO D 524 57.94 21.35 27.17
C PRO D 524 57.39 19.96 27.45
N GLN D 525 56.62 19.78 28.52
CA GLN D 525 55.93 18.51 28.76
C GLN D 525 54.79 18.26 27.78
N MET D 526 54.52 19.19 26.87
CA MET D 526 53.52 19.03 25.83
C MET D 526 54.14 18.91 24.44
N SER D 527 55.45 18.61 24.36
CA SER D 527 56.11 18.55 23.07
C SER D 527 55.35 17.68 22.08
N ALA D 528 54.83 16.53 22.55
CA ALA D 528 54.09 15.65 21.66
C ALA D 528 52.76 16.27 21.26
N ARG D 529 52.05 16.89 22.21
CA ARG D 529 50.80 17.56 21.88
C ARG D 529 51.01 18.65 20.85
N PHE D 530 52.13 19.37 20.94
CA PHE D 530 52.39 20.45 19.99
C PHE D 530 52.71 19.90 18.60
N ALA D 531 53.53 18.86 18.53
CA ALA D 531 53.73 18.17 17.25
C ALA D 531 52.42 17.64 16.70
N LEU D 532 51.51 17.21 17.59
CA LEU D 532 50.21 16.73 17.16
C LEU D 532 49.34 17.85 16.62
N PHE D 533 49.48 19.05 17.16
CA PHE D 533 48.71 20.22 16.73
C PHE D 533 49.69 21.28 16.25
N SER D 534 50.27 21.06 15.08
CA SER D 534 51.31 21.94 14.56
C SER D 534 50.69 23.04 13.72
N LEU D 535 50.98 24.29 14.07
CA LEU D 535 50.61 25.44 13.27
C LEU D 535 51.72 25.83 12.29
N PHE D 536 52.78 25.03 12.21
CA PHE D 536 53.98 25.39 11.44
C PHE D 536 54.25 24.38 10.32
N LYS D 537 53.19 23.76 9.78
CA LYS D 537 53.35 22.92 8.60
C LYS D 537 53.44 23.81 7.36
N PRO D 538 54.30 23.48 6.39
CA PRO D 538 54.57 24.42 5.29
C PRO D 538 53.36 24.83 4.50
N GLN D 539 52.27 24.08 4.56
CA GLN D 539 51.06 24.44 3.84
C GLN D 539 49.85 24.06 4.67
N ILE D 540 48.73 24.71 4.34
CA ILE D 540 47.50 24.64 5.12
C ILE D 540 46.44 24.02 4.22
N ILE D 541 45.89 22.89 4.66
CA ILE D 541 44.92 22.14 3.86
C ILE D 541 43.77 23.05 3.48
N ARG D 542 43.75 23.49 2.23
CA ARG D 542 42.53 24.07 1.69
C ARG D 542 41.38 23.08 1.87
N VAL D 543 40.17 23.61 2.03
CA VAL D 543 38.99 22.77 2.11
C VAL D 543 38.28 22.92 0.78
N VAL D 544 38.39 21.92 -0.08
CA VAL D 544 37.74 21.93 -1.39
C VAL D 544 36.30 22.36 -1.18
N LEU D 545 35.90 23.43 -1.86
CA LEU D 545 34.61 24.05 -1.60
C LEU D 545 33.46 23.15 -2.09
N ASN D 546 32.37 23.16 -1.34
CA ASN D 546 31.08 22.67 -1.81
C ASN D 546 30.48 23.78 -2.65
N PRO D 547 29.18 23.85 -2.90
CA PRO D 547 28.65 25.04 -3.55
C PRO D 547 28.93 26.28 -2.71
N VAL D 548 29.57 27.27 -3.32
CA VAL D 548 30.08 28.41 -2.56
C VAL D 548 28.94 29.10 -1.84
N LYS D 549 29.14 29.36 -0.55
CA LYS D 549 28.16 30.06 0.26
C LYS D 549 28.41 31.57 0.17
N LEU D 550 27.36 32.31 -0.18
CA LEU D 550 27.45 33.77 -0.32
C LEU D 550 26.78 34.50 0.84
N THR D 551 26.28 33.80 1.85
CA THR D 551 25.60 34.43 2.97
C THR D 551 26.05 33.77 4.27
N TRP D 552 25.71 34.44 5.37
CA TRP D 552 26.11 34.00 6.72
C TRP D 552 24.91 33.46 7.48
N GLN D 570 48.85 28.10 1.71
CA GLN D 570 50.18 28.41 2.21
C GLN D 570 50.11 29.01 3.61
N ASN D 571 51.08 28.67 4.45
CA ASN D 571 51.03 28.98 5.87
C ASN D 571 52.03 30.09 6.21
N PRO D 572 51.59 31.31 6.47
CA PRO D 572 52.54 32.38 6.82
C PRO D 572 53.42 32.07 8.02
N LEU D 573 52.98 31.19 8.92
CA LEU D 573 53.77 30.91 10.11
C LEU D 573 54.99 30.06 9.81
N TRP D 574 54.91 29.19 8.81
CA TRP D 574 56.06 28.37 8.45
C TRP D 574 57.10 29.17 7.69
N LEU D 575 56.67 30.13 6.87
CA LEU D 575 57.62 31.00 6.18
C LEU D 575 58.54 31.69 7.17
N ALA D 576 58.01 32.15 8.30
CA ALA D 576 58.77 32.92 9.26
C ALA D 576 59.72 32.08 10.10
N THR D 577 59.65 30.75 10.02
CA THR D 577 60.51 29.88 10.81
C THR D 577 61.48 29.06 9.97
N ARG D 578 61.36 29.07 8.64
CA ARG D 578 62.28 28.35 7.77
C ARG D 578 61.77 28.36 6.34
N ASN E 4 -22.52 -39.80 47.72
CA ASN E 4 -21.82 -39.35 46.53
C ASN E 4 -22.73 -39.42 45.31
N HIS E 5 -23.03 -40.65 44.87
CA HIS E 5 -23.90 -40.83 43.71
C HIS E 5 -25.26 -40.21 43.93
N LYS E 6 -25.75 -40.19 45.17
CA LYS E 6 -27.07 -39.64 45.44
C LYS E 6 -27.12 -38.15 45.15
N ASP E 7 -26.03 -37.42 45.47
CA ASP E 7 -26.01 -35.99 45.27
C ASP E 7 -25.80 -35.63 43.80
N TRP E 8 -24.98 -36.42 43.10
CA TRP E 8 -24.76 -36.18 41.68
C TRP E 8 -26.06 -36.31 40.89
N ASP E 9 -26.89 -37.29 41.24
CA ASP E 9 -28.18 -37.45 40.58
C ASP E 9 -29.13 -36.32 40.92
N PHE E 10 -29.11 -35.86 42.17
CA PHE E 10 -30.01 -34.80 42.59
C PHE E 10 -29.74 -33.52 41.83
N VAL E 11 -28.46 -33.14 41.73
CA VAL E 11 -28.12 -31.85 41.11
C VAL E 11 -28.42 -31.88 39.62
N ASN E 12 -28.08 -32.97 38.94
CA ASN E 12 -28.39 -33.08 37.51
C ASN E 12 -29.90 -32.98 37.29
N ARG E 13 -30.68 -33.69 38.08
CA ARG E 13 -32.13 -33.64 37.92
C ARG E 13 -32.67 -32.23 38.13
N GLN E 14 -32.17 -31.53 39.15
CA GLN E 14 -32.62 -30.17 39.41
C GLN E 14 -32.25 -29.25 38.24
N LEU E 15 -31.05 -29.41 37.69
CA LEU E 15 -30.62 -28.56 36.59
C LEU E 15 -31.40 -28.87 35.31
N VAL E 16 -31.60 -30.15 35.01
CA VAL E 16 -32.39 -30.52 33.83
C VAL E 16 -33.79 -29.95 33.94
N ALA E 17 -34.40 -30.07 35.12
CA ALA E 17 -35.73 -29.51 35.33
C ALA E 17 -35.74 -28.01 35.07
N LYS E 18 -34.73 -27.30 35.59
CA LYS E 18 -34.66 -25.86 35.36
C LYS E 18 -34.53 -25.55 33.87
N MET E 19 -33.61 -26.23 33.19
CA MET E 19 -33.39 -25.99 31.77
C MET E 19 -34.66 -26.25 30.97
N LEU E 20 -35.27 -27.42 31.15
CA LEU E 20 -36.46 -27.77 30.38
C LEU E 20 -37.58 -26.77 30.60
N ALA E 21 -37.81 -26.38 31.86
CA ALA E 21 -38.94 -25.51 32.17
C ALA E 21 -38.75 -24.13 31.57
N GLU E 22 -37.55 -23.55 31.69
CA GLU E 22 -37.34 -22.19 31.20
C GLU E 22 -37.32 -22.14 29.68
N LEU E 23 -36.66 -23.11 29.04
CA LEU E 23 -36.65 -23.15 27.58
C LEU E 23 -38.03 -23.41 27.01
N GLU E 24 -38.86 -24.19 27.72
CA GLU E 24 -40.24 -24.38 27.29
C GLU E 24 -41.03 -23.07 27.43
N TYR E 25 -40.75 -22.32 28.48
CA TYR E 25 -41.39 -21.01 28.65
C TYR E 25 -40.96 -20.04 27.56
N GLU E 26 -39.67 -20.08 27.18
CA GLU E 26 -39.20 -19.28 26.05
C GLU E 26 -39.62 -19.86 24.71
N GLN E 27 -40.37 -20.96 24.71
CA GLN E 27 -40.97 -21.54 23.51
C GLN E 27 -39.94 -22.14 22.56
N VAL E 28 -38.72 -22.41 23.03
CA VAL E 28 -37.78 -23.18 22.22
C VAL E 28 -38.43 -24.49 21.80
N PHE E 29 -39.24 -25.06 22.67
CA PHE E 29 -40.04 -26.24 22.36
C PHE E 29 -41.24 -26.24 23.30
N HIS E 30 -42.18 -27.15 23.05
CA HIS E 30 -43.44 -27.20 23.78
C HIS E 30 -43.61 -28.56 24.45
N ALA E 31 -44.09 -28.54 25.69
CA ALA E 31 -44.36 -29.76 26.45
C ALA E 31 -45.79 -30.20 26.15
N GLU E 32 -45.93 -31.35 25.50
CA GLU E 32 -47.24 -31.88 25.15
C GLU E 32 -47.88 -32.52 26.37
N SER E 33 -49.02 -32.00 26.78
CA SER E 33 -49.71 -32.51 27.97
C SER E 33 -50.25 -33.91 27.69
N GLN E 34 -49.76 -34.89 28.43
CA GLN E 34 -50.24 -36.26 28.34
C GLN E 34 -51.37 -36.55 29.33
N GLY E 35 -51.90 -35.52 29.98
CA GLY E 35 -52.96 -35.70 30.95
C GLY E 35 -52.44 -36.15 32.30
N ASP E 36 -53.27 -35.94 33.33
CA ASP E 36 -52.96 -36.36 34.69
C ASP E 36 -51.68 -35.67 35.20
N GLY E 37 -51.53 -34.39 34.87
CA GLY E 37 -50.37 -33.65 35.30
C GLY E 37 -49.06 -34.20 34.80
N ARG E 38 -49.07 -34.94 33.69
N ARG E 38 -49.08 -34.96 33.70
CA ARG E 38 -47.87 -35.53 33.12
CA ARG E 38 -47.87 -35.52 33.11
C ARG E 38 -47.61 -34.91 31.75
C ARG E 38 -47.62 -34.86 31.77
N TYR E 39 -46.34 -34.62 31.47
CA TYR E 39 -45.94 -33.89 30.28
C TYR E 39 -44.89 -34.66 29.49
N CYS E 40 -44.62 -34.14 28.30
CA CYS E 40 -43.72 -34.77 27.34
C CYS E 40 -43.10 -33.68 26.48
N ILE E 41 -41.78 -33.73 26.33
CA ILE E 41 -41.03 -32.78 25.51
C ILE E 41 -40.23 -33.58 24.49
N ASN E 42 -40.49 -33.33 23.20
CA ASN E 42 -39.85 -34.05 22.12
C ASN E 42 -38.68 -33.23 21.58
N LEU E 43 -37.50 -33.83 21.56
CA LEU E 43 -36.31 -33.25 20.97
C LEU E 43 -35.74 -34.22 19.94
N PRO E 44 -34.92 -33.74 19.01
CA PRO E 44 -34.27 -34.66 18.07
C PRO E 44 -33.46 -35.72 18.80
N GLY E 45 -33.87 -36.97 18.65
CA GLY E 45 -33.13 -38.08 19.21
C GLY E 45 -33.43 -38.40 20.66
N ALA E 46 -34.46 -37.78 21.25
CA ALA E 46 -34.78 -38.06 22.64
C ALA E 46 -36.14 -37.47 22.98
N GLN E 47 -36.79 -38.07 23.96
CA GLN E 47 -38.11 -37.65 24.43
C GLN E 47 -38.08 -37.61 25.95
N TRP E 48 -38.39 -36.45 26.53
CA TRP E 48 -38.34 -36.26 27.97
C TRP E 48 -39.75 -36.32 28.55
N ARG E 49 -39.94 -37.15 29.56
CA ARG E 49 -41.21 -37.29 30.25
C ARG E 49 -41.05 -36.87 31.70
N PHE E 50 -42.12 -36.32 32.27
CA PHE E 50 -42.07 -35.81 33.63
C PHE E 50 -43.47 -35.40 34.05
N SER E 51 -43.63 -35.22 35.37
CA SER E 51 -44.84 -34.65 35.94
C SER E 51 -44.57 -33.19 36.28
N ALA E 52 -45.57 -32.34 36.10
CA ALA E 52 -45.38 -30.92 36.30
C ALA E 52 -46.72 -30.22 36.48
N GLU E 53 -46.64 -28.99 36.97
CA GLU E 53 -47.79 -28.10 37.13
C GLU E 53 -47.46 -26.77 36.47
N ARG E 54 -48.35 -26.29 35.60
CA ARG E 54 -48.10 -25.06 34.87
C ARG E 54 -48.71 -23.88 35.64
N GLY E 55 -47.88 -22.89 35.96
CA GLY E 55 -48.29 -21.77 36.77
C GLY E 55 -49.01 -20.70 35.96
N ILE E 56 -49.31 -19.60 36.65
CA ILE E 56 -50.12 -18.53 36.06
C ILE E 56 -49.37 -17.79 34.96
N TRP E 57 -48.03 -17.82 34.98
CA TRP E 57 -47.25 -17.18 33.93
C TRP E 57 -47.09 -18.05 32.69
N GLY E 58 -47.57 -19.29 32.73
CA GLY E 58 -47.31 -20.25 31.67
C GLY E 58 -46.05 -21.06 31.85
N TRP E 59 -45.35 -20.87 32.96
CA TRP E 59 -44.08 -21.52 33.23
C TRP E 59 -44.31 -22.78 34.05
N LEU E 60 -43.62 -23.86 33.68
CA LEU E 60 -43.83 -25.16 34.31
C LEU E 60 -43.10 -25.26 35.64
N TRP E 61 -43.74 -25.95 36.59
CA TRP E 61 -43.11 -26.36 37.85
C TRP E 61 -42.85 -27.86 37.70
N ILE E 62 -41.61 -28.23 37.44
CA ILE E 62 -41.27 -29.61 37.11
C ILE E 62 -40.81 -30.32 38.38
N ASP E 63 -41.38 -31.51 38.62
CA ASP E 63 -40.92 -32.41 39.68
C ASP E 63 -39.75 -33.21 39.13
N ALA E 64 -38.53 -32.79 39.49
CA ALA E 64 -37.33 -33.39 38.92
C ALA E 64 -37.20 -34.87 39.25
N GLN E 65 -37.86 -35.35 40.30
CA GLN E 65 -37.79 -36.76 40.64
C GLN E 65 -38.54 -37.63 39.62
N THR E 66 -39.58 -37.07 38.98
CA THR E 66 -40.29 -37.78 37.94
C THR E 66 -39.56 -37.74 36.61
N LEU E 67 -38.44 -37.02 36.53
CA LEU E 67 -37.76 -36.75 35.28
C LEU E 67 -37.20 -38.03 34.68
N ARG E 68 -37.56 -38.30 33.43
CA ARG E 68 -37.11 -39.49 32.72
C ARG E 68 -36.84 -39.15 31.26
N CYS E 69 -35.72 -39.64 30.74
CA CYS E 69 -35.37 -39.48 29.34
C CYS E 69 -35.27 -40.86 28.69
N ALA E 70 -35.88 -41.00 27.51
CA ALA E 70 -35.89 -42.28 26.82
C ALA E 70 -34.46 -42.74 26.54
N ASP E 71 -34.08 -43.87 27.13
CA ASP E 71 -32.81 -44.54 26.82
C ASP E 71 -31.60 -43.73 27.27
N GLU E 72 -31.74 -42.92 28.32
CA GLU E 72 -30.64 -42.12 28.82
C GLU E 72 -30.76 -41.91 30.32
N PRO E 73 -29.66 -41.90 31.07
CA PRO E 73 -29.72 -41.37 32.44
C PRO E 73 -29.89 -39.86 32.42
N VAL E 74 -30.50 -39.34 33.48
CA VAL E 74 -30.85 -37.93 33.56
C VAL E 74 -29.58 -37.16 33.90
N LEU E 75 -28.93 -36.58 32.90
CA LEU E 75 -27.72 -35.80 33.08
C LEU E 75 -27.82 -34.51 32.30
N ALA E 76 -27.45 -33.40 32.94
CA ALA E 76 -27.46 -32.10 32.26
C ALA E 76 -26.56 -32.13 31.03
N GLN E 77 -25.42 -32.81 31.13
CA GLN E 77 -24.51 -32.93 29.99
C GLN E 77 -25.23 -33.51 28.79
N THR E 78 -26.04 -34.56 29.00
CA THR E 78 -26.77 -35.17 27.90
C THR E 78 -27.75 -34.19 27.27
N LEU E 79 -28.52 -33.48 28.10
CA LEU E 79 -29.49 -32.52 27.58
C LEU E 79 -28.80 -31.46 26.73
N LEU E 80 -27.64 -30.95 27.19
CA LEU E 80 -26.96 -29.91 26.45
C LEU E 80 -26.58 -30.38 25.05
N MET E 81 -26.09 -31.62 24.93
CA MET E 81 -25.78 -32.17 23.62
C MET E 81 -27.04 -32.27 22.76
N GLN E 82 -28.17 -32.62 23.38
CA GLN E 82 -29.43 -32.72 22.66
C GLN E 82 -29.91 -31.36 22.16
N LEU E 83 -29.44 -30.27 22.75
CA LEU E 83 -29.85 -28.93 22.35
C LEU E 83 -28.96 -28.34 21.27
N LYS E 84 -27.81 -28.96 20.98
CA LYS E 84 -26.92 -28.44 19.94
C LYS E 84 -27.63 -28.23 18.62
N PRO E 85 -28.45 -29.16 18.11
CA PRO E 85 -29.19 -28.85 16.87
C PRO E 85 -30.32 -27.86 17.09
N VAL E 86 -30.98 -27.93 18.25
CA VAL E 86 -32.11 -27.05 18.52
C VAL E 86 -31.67 -25.59 18.50
N LEU E 87 -30.54 -25.29 19.13
CA LEU E 87 -30.04 -23.93 19.23
C LEU E 87 -28.91 -23.64 18.25
N SER E 88 -28.60 -24.57 17.37
CA SER E 88 -27.62 -24.36 16.30
C SER E 88 -26.30 -23.85 16.88
N MET E 89 -25.81 -24.57 17.89
CA MET E 89 -24.56 -24.22 18.54
C MET E 89 -23.39 -24.87 17.80
N SER E 90 -22.29 -24.13 17.69
CA SER E 90 -21.06 -24.68 17.15
C SER E 90 -20.37 -25.55 18.18
N ASP E 91 -19.44 -26.38 17.70
CA ASP E 91 -18.69 -27.24 18.62
C ASP E 91 -17.98 -26.43 19.70
N ALA E 92 -17.54 -25.22 19.38
CA ALA E 92 -16.86 -24.38 20.36
C ALA E 92 -17.86 -23.76 21.34
N THR E 93 -19.03 -23.35 20.85
CA THR E 93 -20.06 -22.83 21.74
C THR E 93 -20.49 -23.88 22.75
N VAL E 94 -20.60 -25.13 22.32
CA VAL E 94 -21.01 -26.20 23.23
C VAL E 94 -19.93 -26.45 24.28
N ALA E 95 -18.69 -26.62 23.84
CA ALA E 95 -17.59 -26.82 24.79
C ALA E 95 -17.52 -25.66 25.77
N GLU E 96 -17.80 -24.44 25.30
CA GLU E 96 -17.89 -23.29 26.21
C GLU E 96 -18.96 -23.53 27.26
N HIS E 97 -20.15 -23.97 26.83
CA HIS E 97 -21.24 -24.17 27.78
C HIS E 97 -21.01 -25.37 28.68
N MET E 98 -20.21 -26.34 28.22
CA MET E 98 -19.85 -27.47 29.07
C MET E 98 -19.16 -26.98 30.34
N GLN E 99 -18.17 -26.10 30.18
CA GLN E 99 -17.48 -25.55 31.34
C GLN E 99 -18.44 -24.76 32.22
N ASP E 100 -19.34 -23.98 31.61
CA ASP E 100 -20.35 -23.28 32.38
C ASP E 100 -21.29 -24.27 33.08
N LEU E 101 -21.62 -25.37 32.41
CA LEU E 101 -22.48 -26.38 33.02
C LEU E 101 -21.81 -27.00 34.24
N TYR E 102 -20.61 -27.56 34.06
CA TYR E 102 -19.92 -28.22 35.16
C TYR E 102 -19.57 -27.25 36.27
N ALA E 103 -19.25 -26.00 35.94
CA ALA E 103 -19.05 -24.99 36.97
C ALA E 103 -20.32 -24.77 37.77
N THR E 104 -21.47 -24.96 37.14
CA THR E 104 -22.75 -24.80 37.85
C THR E 104 -23.06 -26.01 38.72
N LEU E 105 -22.73 -27.22 38.24
CA LEU E 105 -22.94 -28.41 39.06
C LEU E 105 -22.00 -28.42 40.26
N LEU E 106 -20.74 -28.00 40.07
CA LEU E 106 -19.84 -27.88 41.22
C LEU E 106 -20.38 -26.90 42.23
N GLY E 107 -20.94 -25.79 41.78
CA GLY E 107 -21.53 -24.82 42.70
C GLY E 107 -22.74 -25.39 43.43
N ASP E 108 -23.61 -26.08 42.69
CA ASP E 108 -24.80 -26.66 43.33
C ASP E 108 -24.41 -27.73 44.34
N LEU E 109 -23.34 -28.48 44.08
CA LEU E 109 -22.87 -29.46 45.05
C LEU E 109 -22.42 -28.79 46.34
N GLN E 110 -21.74 -27.65 46.22
CA GLN E 110 -21.29 -26.93 47.42
C GLN E 110 -22.48 -26.43 48.22
N LEU E 111 -23.46 -25.84 47.56
CA LEU E 111 -24.65 -25.35 48.26
C LEU E 111 -25.40 -26.51 48.90
N LEU E 112 -25.45 -27.66 48.23
CA LEU E 112 -26.10 -28.82 48.81
C LEU E 112 -25.36 -29.31 50.05
N LYS E 113 -24.03 -29.32 50.01
CA LYS E 113 -23.26 -29.75 51.17
C LYS E 113 -23.34 -28.75 52.30
N ALA E 114 -23.35 -27.45 51.98
CA ALA E 114 -23.36 -26.42 53.01
C ALA E 114 -24.75 -26.21 53.62
N ARG E 115 -25.80 -26.73 52.99
CA ARG E 115 -27.16 -26.50 53.46
C ARG E 115 -27.81 -27.76 54.02
N ARG E 116 -27.02 -28.76 54.41
CA ARG E 116 -27.57 -30.00 54.93
C ARG E 116 -28.15 -29.80 56.33
N GLY E 117 -29.24 -30.51 56.60
CA GLY E 117 -29.85 -30.53 57.92
C GLY E 117 -30.18 -29.16 58.47
N LEU E 118 -30.29 -28.16 57.60
CA LEU E 118 -30.64 -26.80 58.00
C LEU E 118 -32.07 -26.52 57.54
N SER E 119 -32.93 -26.24 58.51
CA SER E 119 -34.33 -25.92 58.20
C SER E 119 -34.43 -24.51 57.63
N ALA E 120 -35.61 -24.22 57.07
CA ALA E 120 -35.88 -22.86 56.61
C ALA E 120 -35.70 -21.86 57.75
N SER E 121 -36.20 -22.18 58.94
CA SER E 121 -36.01 -21.31 60.08
C SER E 121 -34.53 -21.13 60.40
N ASP E 122 -33.76 -22.23 60.34
CA ASP E 122 -32.32 -22.11 60.51
C ASP E 122 -31.72 -21.19 59.46
N LEU E 123 -32.12 -21.36 58.20
CA LEU E 123 -31.49 -20.64 57.10
C LEU E 123 -31.65 -19.13 57.25
N ILE E 124 -32.78 -18.67 57.79
CA ILE E 124 -32.99 -17.23 57.96
C ILE E 124 -32.31 -16.68 59.20
N ASP E 125 -31.75 -17.52 60.05
CA ASP E 125 -31.00 -17.09 61.23
C ASP E 125 -29.52 -16.91 60.95
N LEU E 126 -29.06 -17.25 59.76
CA LEU E 126 -27.64 -17.13 59.45
C LEU E 126 -27.25 -15.66 59.33
N ASP E 127 -25.95 -15.41 59.50
CA ASP E 127 -25.41 -14.09 59.20
C ASP E 127 -25.84 -13.67 57.80
N ALA E 128 -26.27 -12.41 57.67
CA ALA E 128 -26.78 -11.93 56.40
C ALA E 128 -25.82 -12.21 55.26
N ASP E 129 -24.50 -12.08 55.52
CA ASP E 129 -23.52 -12.30 54.48
C ASP E 129 -23.42 -13.78 54.10
N ARG E 130 -23.43 -14.66 55.09
CA ARG E 130 -23.39 -16.09 54.80
C ARG E 130 -24.63 -16.53 54.02
N LEU E 131 -25.80 -16.03 54.42
CA LEU E 131 -27.04 -16.39 53.72
C LEU E 131 -26.98 -15.98 52.26
N GLN E 132 -26.48 -14.78 51.98
CA GLN E 132 -26.36 -14.33 50.59
C GLN E 132 -25.44 -15.25 49.80
N CYS E 133 -24.40 -15.78 50.45
CA CYS E 133 -23.48 -16.69 49.76
C CYS E 133 -24.18 -17.98 49.35
N LEU E 134 -25.13 -18.46 50.17
CA LEU E 134 -25.75 -19.75 49.95
C LEU E 134 -26.96 -19.69 49.02
N LEU E 135 -27.21 -18.55 48.39
CA LEU E 135 -28.33 -18.45 47.46
C LEU E 135 -28.12 -19.39 46.27
N SER E 136 -29.23 -19.78 45.65
CA SER E 136 -29.16 -20.67 44.49
C SER E 136 -28.59 -19.96 43.27
N GLY E 137 -28.71 -18.65 43.21
CA GLY E 137 -28.23 -17.85 42.09
C GLY E 137 -29.36 -17.32 41.24
N HIS E 138 -29.01 -16.96 40.00
CA HIS E 138 -29.98 -16.33 39.11
C HIS E 138 -31.03 -17.37 38.70
N PRO E 139 -32.32 -17.06 38.84
CA PRO E 139 -33.34 -18.10 38.62
C PRO E 139 -33.68 -18.38 37.17
N LYS E 140 -33.24 -17.53 36.24
CA LYS E 140 -33.60 -17.69 34.83
C LYS E 140 -32.56 -18.46 34.03
N PHE E 141 -31.28 -18.12 34.19
CA PHE E 141 -30.25 -18.68 33.31
C PHE E 141 -29.90 -20.11 33.71
N ALA E 142 -29.76 -20.96 32.70
CA ALA E 142 -29.53 -22.39 32.94
C ALA E 142 -28.25 -22.61 33.73
N PHE E 143 -27.16 -21.95 33.35
CA PHE E 143 -25.85 -22.13 33.96
C PHE E 143 -25.48 -20.83 34.67
N ASN E 144 -26.13 -20.59 35.81
CA ASN E 144 -26.02 -19.31 36.49
C ASN E 144 -24.75 -19.19 37.32
N LYS E 145 -23.88 -20.20 37.34
CA LYS E 145 -22.60 -20.11 38.03
C LYS E 145 -21.43 -20.35 37.09
N GLY E 146 -21.67 -20.30 35.78
CA GLY E 146 -20.58 -20.33 34.81
C GLY E 146 -19.92 -18.97 34.68
N ARG E 147 -18.60 -18.97 34.58
CA ARG E 147 -17.85 -17.72 34.48
C ARG E 147 -16.65 -17.96 33.59
N ARG E 148 -16.65 -17.34 32.41
CA ARG E 148 -15.66 -17.64 31.38
C ARG E 148 -14.26 -17.68 31.95
N GLY E 149 -13.55 -18.77 31.70
CA GLY E 149 -12.17 -18.92 32.08
C GLY E 149 -11.92 -19.29 33.52
N TRP E 150 -12.96 -19.45 34.34
CA TRP E 150 -12.80 -19.79 35.74
C TRP E 150 -12.84 -21.31 35.92
N GLY E 151 -11.72 -21.87 36.37
CA GLY E 151 -11.67 -23.28 36.73
C GLY E 151 -12.08 -23.51 38.17
N LYS E 152 -11.91 -24.75 38.61
CA LYS E 152 -12.30 -25.11 39.97
C LYS E 152 -11.57 -24.25 41.01
N GLU E 153 -10.29 -23.96 40.78
CA GLU E 153 -9.52 -23.18 41.74
C GLU E 153 -10.07 -21.78 41.88
N ALA E 154 -10.27 -21.08 40.76
CA ALA E 154 -10.77 -19.71 40.81
C ALA E 154 -12.19 -19.66 41.35
N LEU E 155 -13.03 -20.62 40.96
CA LEU E 155 -14.39 -20.69 41.48
C LEU E 155 -14.38 -20.79 43.02
N GLU E 156 -13.66 -21.77 43.55
CA GLU E 156 -13.70 -22.00 45.00
C GLU E 156 -13.17 -20.81 45.78
N ARG E 157 -12.21 -20.06 45.22
CA ARG E 157 -11.57 -18.99 45.96
C ARG E 157 -12.39 -17.70 45.93
N TYR E 158 -12.99 -17.37 44.79
CA TYR E 158 -13.53 -16.04 44.57
C TYR E 158 -15.03 -16.01 44.30
N ALA E 159 -15.68 -17.16 44.11
CA ALA E 159 -17.13 -17.14 43.86
C ALA E 159 -17.89 -17.17 45.19
N PRO E 160 -19.09 -16.58 45.23
CA PRO E 160 -19.80 -16.48 46.51
C PRO E 160 -20.30 -17.81 47.05
N GLU E 161 -20.68 -18.74 46.18
CA GLU E 161 -21.29 -19.99 46.66
C GLU E 161 -20.34 -20.82 47.51
N TYR E 162 -19.04 -20.50 47.53
CA TYR E 162 -18.09 -21.21 48.38
C TYR E 162 -17.74 -20.42 49.64
N ALA E 163 -18.08 -19.13 49.70
CA ALA E 163 -17.99 -18.36 50.94
C ALA E 163 -16.57 -18.29 51.47
N ASN E 164 -15.59 -18.23 50.57
CA ASN E 164 -14.19 -18.10 50.95
C ASN E 164 -13.75 -16.64 50.85
N THR E 165 -12.79 -16.28 51.69
CA THR E 165 -12.29 -14.92 51.79
C THR E 165 -10.91 -14.83 51.14
N PHE E 166 -10.46 -13.59 50.92
CA PHE E 166 -9.20 -13.36 50.23
C PHE E 166 -8.81 -11.90 50.39
N ARG E 167 -7.50 -11.65 50.33
CA ARG E 167 -6.97 -10.30 50.39
C ARG E 167 -6.93 -9.69 49.00
N LEU E 168 -6.92 -8.35 48.97
CA LEU E 168 -6.84 -7.62 47.72
C LEU E 168 -5.39 -7.31 47.37
N HIS E 169 -5.11 -7.33 46.07
CA HIS E 169 -3.82 -6.91 45.56
C HIS E 169 -3.80 -5.39 45.40
N TRP E 170 -2.62 -4.80 45.55
CA TRP E 170 -2.46 -3.35 45.56
C TRP E 170 -1.42 -2.91 44.55
N LEU E 171 -1.73 -1.84 43.82
CA LEU E 171 -0.83 -1.26 42.85
C LEU E 171 -0.54 0.19 43.22
N ALA E 172 0.42 0.78 42.51
CA ALA E 172 0.73 2.20 42.61
C ALA E 172 0.71 2.81 41.22
N VAL E 173 -0.06 3.90 41.07
CA VAL E 173 -0.23 4.55 39.79
C VAL E 173 -0.06 6.05 39.97
N LYS E 174 0.46 6.71 38.93
CA LYS E 174 0.72 8.14 39.00
C LYS E 174 -0.58 8.92 39.03
N ARG E 175 -0.61 9.99 39.84
CA ARG E 175 -1.81 10.79 39.96
C ARG E 175 -2.24 11.36 38.61
N GLU E 176 -1.29 11.69 37.75
CA GLU E 176 -1.62 12.25 36.44
C GLU E 176 -2.39 11.26 35.57
N HIS E 177 -2.38 9.98 35.93
CA HIS E 177 -3.05 8.95 35.14
C HIS E 177 -4.45 8.62 35.64
N MET E 178 -4.82 9.05 36.84
CA MET E 178 -6.00 8.54 37.53
C MET E 178 -7.06 9.61 37.64
N VAL E 179 -8.29 9.27 37.24
CA VAL E 179 -9.46 10.09 37.53
C VAL E 179 -10.04 9.61 38.85
N TRP E 180 -10.28 10.56 39.76
CA TRP E 180 -10.68 10.24 41.13
C TRP E 180 -11.90 11.08 41.49
N ARG E 181 -13.05 10.43 41.65
CA ARG E 181 -14.32 11.12 41.86
C ARG E 181 -14.78 11.06 43.31
N CYS E 182 -13.83 11.00 44.26
CA CYS E 182 -14.20 11.04 45.67
C CYS E 182 -14.83 12.38 46.02
N ASP E 183 -15.95 12.34 46.74
CA ASP E 183 -16.73 13.53 47.05
C ASP E 183 -17.00 13.60 48.54
N GLY E 184 -17.32 14.80 49.01
CA GLY E 184 -17.71 15.02 50.38
C GLY E 184 -16.54 15.04 51.34
N SER E 185 -16.72 14.44 52.52
CA SER E 185 -15.69 14.41 53.55
C SER E 185 -14.74 13.23 53.42
N LEU E 186 -15.03 12.28 52.52
CA LEU E 186 -14.18 11.12 52.37
C LEU E 186 -12.84 11.50 51.74
N THR E 187 -11.80 10.76 52.12
CA THR E 187 -10.47 10.93 51.55
C THR E 187 -9.85 9.56 51.33
N ILE E 188 -8.71 9.54 50.65
CA ILE E 188 -8.02 8.29 50.37
C ILE E 188 -7.58 7.62 51.67
N GLY E 189 -7.06 8.41 52.61
CA GLY E 189 -6.65 7.84 53.89
C GLY E 189 -7.78 7.12 54.60
N THR E 190 -8.98 7.72 54.58
CA THR E 190 -10.15 7.06 55.16
C THR E 190 -10.41 5.73 54.48
N LEU E 191 -10.44 5.72 53.14
CA LEU E 191 -10.70 4.48 52.40
C LEU E 191 -9.65 3.42 52.74
N LEU E 192 -8.38 3.82 52.78
CA LEU E 192 -7.33 2.87 53.14
C LEU E 192 -7.53 2.32 54.55
N ALA E 193 -8.14 3.10 55.44
CA ALA E 193 -8.43 2.62 56.79
C ALA E 193 -9.51 1.56 56.80
N ALA E 194 -10.44 1.61 55.84
CA ALA E 194 -11.49 0.61 55.75
C ALA E 194 -10.97 -0.71 55.20
N ALA E 195 -9.86 -0.70 54.47
CA ALA E 195 -9.30 -1.90 53.87
C ALA E 195 -8.07 -2.42 54.59
N MET E 196 -7.54 -1.67 55.57
CA MET E 196 -6.32 -2.07 56.26
C MET E 196 -6.44 -1.71 57.73
N ASP E 197 -6.08 -2.64 58.60
CA ASP E 197 -5.96 -2.34 60.02
C ASP E 197 -4.62 -1.65 60.28
N PRO E 198 -4.47 -1.01 61.44
CA PRO E 198 -3.24 -0.22 61.68
C PRO E 198 -1.95 -0.98 61.40
N GLN E 199 -1.91 -2.28 61.67
CA GLN E 199 -0.69 -3.03 61.44
C GLN E 199 -0.38 -3.18 59.95
N GLU E 200 -1.40 -3.44 59.14
CA GLU E 200 -1.18 -3.62 57.70
C GLU E 200 -0.88 -2.28 57.03
N PHE E 201 -1.58 -1.22 57.42
CA PHE E 201 -1.33 0.09 56.83
C PHE E 201 0.12 0.51 57.00
N ALA E 202 0.78 0.05 58.07
CA ALA E 202 2.18 0.38 58.28
C ALA E 202 3.09 -0.49 57.42
N ARG E 203 2.77 -1.79 57.31
CA ARG E 203 3.53 -2.66 56.42
C ARG E 203 3.37 -2.22 54.97
N PHE E 204 2.16 -1.77 54.60
CA PHE E 204 1.93 -1.25 53.25
C PHE E 204 2.78 -0.01 53.00
N ASN E 205 2.79 0.93 53.95
CA ASN E 205 3.58 2.15 53.78
C ASN E 205 5.07 1.85 53.77
N GLN E 206 5.50 0.82 54.51
CA GLN E 206 6.89 0.40 54.46
C GLN E 206 7.28 0.00 53.05
N VAL E 207 6.48 -0.86 52.43
CA VAL E 207 6.73 -1.23 51.03
C VAL E 207 6.60 -0.02 50.13
N TRP E 208 5.64 0.87 50.43
CA TRP E 208 5.48 2.10 49.66
C TRP E 208 6.77 2.90 49.64
N GLN E 209 7.40 3.06 50.80
CA GLN E 209 8.68 3.77 50.87
C GLN E 209 9.81 2.93 50.28
N ASP E 210 9.74 1.60 50.42
CA ASP E 210 10.77 0.74 49.85
C ASP E 210 10.86 0.91 48.34
N ASN E 211 9.74 1.16 47.68
CA ASN E 211 9.71 1.39 46.24
C ASN E 211 9.96 2.84 45.87
N GLY E 212 10.24 3.70 46.84
CA GLY E 212 10.54 5.10 46.56
C GLY E 212 9.37 5.88 46.00
N LEU E 213 8.17 5.64 46.50
CA LEU E 213 6.98 6.32 46.00
C LEU E 213 6.71 7.58 46.83
N ASP E 214 5.98 8.51 46.21
CA ASP E 214 5.66 9.78 46.84
C ASP E 214 4.19 10.14 46.65
N ASN E 215 3.82 11.38 47.00
CA ASN E 215 2.44 11.82 46.87
C ASN E 215 1.98 11.93 45.43
N ASP E 216 2.91 11.89 44.46
CA ASP E 216 2.54 11.85 43.06
C ASP E 216 1.96 10.50 42.65
N TRP E 217 2.00 9.51 43.54
CA TRP E 217 1.42 8.19 43.30
C TRP E 217 0.20 7.99 44.18
N LEU E 218 -0.63 7.03 43.78
CA LEU E 218 -1.85 6.69 44.52
C LEU E 218 -2.00 5.17 44.55
N PRO E 219 -2.44 4.59 45.67
CA PRO E 219 -2.70 3.15 45.68
C PRO E 219 -3.95 2.80 44.91
N LEU E 220 -3.92 1.62 44.28
CA LEU E 220 -5.06 1.09 43.55
C LEU E 220 -5.27 -0.36 43.99
N PRO E 221 -6.39 -0.70 44.63
CA PRO E 221 -6.67 -2.11 44.92
C PRO E 221 -7.13 -2.85 43.68
N VAL E 222 -6.84 -4.14 43.65
CA VAL E 222 -7.16 -4.99 42.51
C VAL E 222 -7.59 -6.36 43.01
N HIS E 223 -8.64 -6.90 42.39
CA HIS E 223 -9.09 -8.24 42.71
C HIS E 223 -7.99 -9.24 42.35
N PRO E 224 -7.65 -10.18 43.25
CA PRO E 224 -6.50 -11.05 42.95
C PRO E 224 -6.63 -11.83 41.66
N TRP E 225 -7.86 -12.25 41.28
CA TRP E 225 -8.03 -12.92 40.00
C TRP E 225 -7.73 -11.96 38.84
N GLN E 226 -8.16 -10.70 38.96
CA GLN E 226 -7.86 -9.71 37.93
C GLN E 226 -6.35 -9.51 37.80
N TRP E 227 -5.64 -9.43 38.93
CA TRP E 227 -4.19 -9.31 38.87
C TRP E 227 -3.54 -10.58 38.33
N GLN E 228 -4.03 -11.74 38.80
CA GLN E 228 -3.39 -13.01 38.46
C GLN E 228 -3.55 -13.33 36.96
N GLN E 229 -4.75 -13.13 36.42
CA GLN E 229 -5.07 -13.59 35.08
C GLN E 229 -4.95 -12.52 34.01
N LYS E 230 -5.11 -11.24 34.36
CA LYS E 230 -5.20 -10.18 33.37
C LYS E 230 -4.09 -9.16 33.51
N ILE E 231 -3.99 -8.47 34.65
CA ILE E 231 -3.14 -7.29 34.72
C ILE E 231 -1.67 -7.67 34.74
N SER E 232 -1.31 -8.72 35.49
CA SER E 232 0.10 -9.12 35.53
C SER E 232 0.62 -9.54 34.17
N LEU E 233 -0.27 -9.79 33.21
CA LEU E 233 0.10 -10.16 31.85
C LEU E 233 -0.20 -9.08 30.84
N ASP E 234 -1.42 -8.54 30.83
CA ASP E 234 -1.82 -7.59 29.79
C ASP E 234 -1.07 -6.27 29.93
N PHE E 235 -0.76 -5.85 31.15
CA PHE E 235 -0.06 -4.60 31.39
C PHE E 235 1.39 -4.84 31.82
N ILE E 236 1.99 -5.93 31.35
CA ILE E 236 3.36 -6.26 31.74
C ILE E 236 4.32 -5.18 31.28
N ALA E 237 4.03 -4.54 30.14
CA ALA E 237 4.90 -3.46 29.66
C ALA E 237 4.91 -2.30 30.64
N ASP E 238 3.74 -1.90 31.14
CA ASP E 238 3.68 -0.79 32.09
C ASP E 238 4.39 -1.14 33.39
N LEU E 239 4.42 -2.41 33.77
CA LEU E 239 5.09 -2.81 35.01
C LEU E 239 6.62 -2.76 34.85
N ALA E 240 7.12 -3.19 33.69
CA ALA E 240 8.56 -3.18 33.47
C ALA E 240 9.08 -1.77 33.23
N GLU E 241 8.32 -0.94 32.51
CA GLU E 241 8.73 0.44 32.28
C GLU E 241 8.75 1.23 33.58
N GLY E 242 7.93 0.84 34.56
CA GLY E 242 7.80 1.58 35.79
C GLY E 242 6.58 2.48 35.88
N ARG E 243 5.75 2.52 34.83
CA ARG E 243 4.54 3.32 34.88
C ARG E 243 3.56 2.81 35.94
N MET E 244 3.72 1.57 36.38
CA MET E 244 2.91 1.01 37.46
C MET E 244 3.81 0.16 38.35
N VAL E 245 3.44 0.05 39.62
CA VAL E 245 4.20 -0.68 40.61
C VAL E 245 3.29 -1.68 41.30
N SER E 246 3.71 -2.94 41.35
CA SER E 246 2.97 -4.00 42.02
C SER E 246 3.46 -4.10 43.47
N LEU E 247 2.60 -3.75 44.42
CA LEU E 247 2.99 -3.74 45.82
C LEU E 247 2.74 -5.08 46.51
N GLY E 248 1.72 -5.81 46.10
CA GLY E 248 1.39 -7.08 46.70
C GLY E 248 0.04 -7.04 47.40
N GLU E 249 -0.23 -8.11 48.15
CA GLU E 249 -1.48 -8.24 48.87
C GLU E 249 -1.34 -7.67 50.28
N PHE E 250 -2.36 -6.90 50.70
CA PHE E 250 -2.34 -6.25 51.99
C PHE E 250 -3.78 -6.07 52.47
N GLY E 251 -3.93 -5.97 53.78
CA GLY E 251 -5.17 -5.47 54.36
C GLY E 251 -6.15 -6.57 54.75
N ASP E 252 -7.41 -6.15 54.87
CA ASP E 252 -8.47 -7.00 55.38
C ASP E 252 -8.86 -8.07 54.37
N LEU E 253 -9.63 -9.04 54.85
CA LEU E 253 -10.16 -10.10 54.02
C LEU E 253 -11.53 -9.70 53.48
N TRP E 254 -11.82 -10.10 52.24
CA TRP E 254 -13.03 -9.69 51.56
C TRP E 254 -13.83 -10.91 51.11
N LEU E 255 -15.14 -10.74 51.05
CA LEU E 255 -16.08 -11.80 50.71
C LEU E 255 -16.93 -11.34 49.53
N ALA E 256 -17.10 -12.22 48.54
CA ALA E 256 -17.78 -11.85 47.31
C ALA E 256 -19.29 -11.92 47.47
N GLN E 257 -19.98 -10.97 46.86
CA GLN E 257 -21.44 -10.96 46.83
C GLN E 257 -21.95 -11.75 45.62
N GLN E 258 -23.26 -11.71 45.39
CA GLN E 258 -23.83 -12.36 44.22
C GLN E 258 -23.33 -11.71 42.93
N SER E 259 -23.15 -10.39 42.94
CA SER E 259 -22.64 -9.69 41.77
C SER E 259 -21.19 -10.03 41.46
N LEU E 260 -20.47 -10.65 42.41
CA LEU E 260 -19.13 -11.19 42.18
C LEU E 260 -18.07 -10.11 42.16
N ARG E 261 -18.35 -8.96 41.51
CA ARG E 261 -17.40 -7.87 41.50
C ARG E 261 -17.45 -7.06 42.78
N THR E 262 -18.60 -7.00 43.43
CA THR E 262 -18.76 -6.24 44.68
C THR E 262 -18.45 -7.15 45.86
N LEU E 263 -17.57 -6.69 46.74
CA LEU E 263 -17.08 -7.48 47.86
C LEU E 263 -17.47 -6.84 49.17
N THR E 264 -17.71 -7.68 50.18
CA THR E 264 -17.97 -7.25 51.54
C THR E 264 -16.76 -7.53 52.41
N ASN E 265 -16.44 -6.61 53.30
CA ASN E 265 -15.32 -6.79 54.22
C ASN E 265 -15.70 -7.78 55.30
N ALA E 266 -15.01 -8.93 55.33
CA ALA E 266 -15.30 -9.98 56.29
C ALA E 266 -14.49 -9.86 57.59
N SER E 267 -13.40 -9.11 57.57
CA SER E 267 -12.58 -8.96 58.77
C SER E 267 -13.12 -7.88 59.70
N ARG E 268 -13.69 -6.82 59.15
CA ARG E 268 -14.23 -5.72 59.95
C ARG E 268 -15.44 -5.14 59.24
N GLN E 269 -16.53 -4.94 59.97
CA GLN E 269 -17.76 -4.41 59.39
C GLN E 269 -17.61 -2.90 59.24
N GLY E 270 -16.84 -2.51 58.22
CA GLY E 270 -16.48 -1.11 58.06
C GLY E 270 -17.64 -0.21 57.69
N GLY E 271 -18.59 -0.72 56.90
CA GLY E 271 -19.68 0.07 56.38
C GLY E 271 -19.58 0.38 54.91
N LEU E 272 -18.47 0.05 54.27
CA LEU E 272 -18.28 0.27 52.85
C LEU E 272 -17.92 -1.04 52.15
N ASP E 273 -18.70 -1.38 51.14
CA ASP E 273 -18.33 -2.44 50.21
C ASP E 273 -17.49 -1.86 49.09
N ILE E 274 -16.76 -2.74 48.42
CA ILE E 274 -15.87 -2.35 47.33
C ILE E 274 -16.25 -3.13 46.09
N LYS E 275 -16.13 -2.48 44.93
CA LYS E 275 -16.43 -3.10 43.65
C LYS E 275 -15.20 -2.97 42.75
N LEU E 276 -14.72 -4.10 42.25
CA LEU E 276 -13.49 -4.14 41.47
C LEU E 276 -13.75 -4.74 40.10
N PRO E 277 -12.93 -4.40 39.10
CA PRO E 277 -13.14 -4.96 37.76
C PRO E 277 -12.85 -6.46 37.72
N LEU E 278 -13.64 -7.17 36.92
CA LEU E 278 -13.41 -8.59 36.62
C LEU E 278 -13.62 -8.75 35.11
N THR E 279 -12.53 -8.63 34.36
CA THR E 279 -12.58 -8.71 32.90
C THR E 279 -12.74 -10.17 32.52
N ILE E 280 -13.97 -10.57 32.22
CA ILE E 280 -14.32 -11.96 31.92
C ILE E 280 -14.68 -12.15 30.46
N TYR E 281 -15.63 -11.36 29.95
CA TYR E 281 -16.03 -11.44 28.56
C TYR E 281 -15.52 -10.23 27.78
N PRO E 298 -23.00 8.88 38.68
CA PRO E 298 -22.19 9.92 39.31
C PRO E 298 -22.96 11.24 39.37
N LEU E 299 -23.42 11.62 40.56
CA LEU E 299 -24.31 12.76 40.73
C LEU E 299 -25.75 12.34 40.49
N ALA E 300 -25.95 11.24 39.75
CA ALA E 300 -27.29 10.67 39.61
C ALA E 300 -27.72 10.04 40.93
N SER E 301 -26.85 9.22 41.53
CA SER E 301 -27.14 8.67 42.84
C SER E 301 -27.44 9.77 43.85
N ARG E 302 -26.67 10.85 43.83
CA ARG E 302 -26.95 11.98 44.71
C ARG E 302 -28.31 12.60 44.41
N TRP E 303 -28.78 12.49 43.16
CA TRP E 303 -30.08 13.03 42.79
C TRP E 303 -31.21 12.14 43.30
N LEU E 304 -31.09 10.82 43.13
CA LEU E 304 -32.11 9.92 43.63
C LEU E 304 -32.18 9.96 45.15
N GLN E 305 -31.03 10.05 45.82
CA GLN E 305 -31.04 10.21 47.28
C GLN E 305 -31.91 11.39 47.68
N GLN E 306 -31.86 12.48 46.91
CA GLN E 306 -32.69 13.64 47.20
C GLN E 306 -34.15 13.35 46.92
N VAL E 307 -34.45 12.77 45.74
CA VAL E 307 -35.84 12.51 45.36
C VAL E 307 -36.54 11.70 46.44
N PHE E 308 -35.88 10.64 46.93
CA PHE E 308 -36.51 9.80 47.95
C PHE E 308 -36.67 10.55 49.27
N ALA E 309 -35.78 11.50 49.54
CA ALA E 309 -35.93 12.33 50.74
C ALA E 309 -37.00 13.39 50.53
N THR E 310 -37.08 13.96 49.32
CA THR E 310 -38.06 15.00 49.04
C THR E 310 -39.45 14.40 48.91
N ASP E 311 -39.64 13.50 47.94
CA ASP E 311 -40.95 12.93 47.68
C ASP E 311 -41.52 12.29 48.94
N ALA E 312 -42.79 12.58 49.21
CA ALA E 312 -43.44 12.04 50.40
C ALA E 312 -43.80 10.57 50.23
N THR E 313 -44.34 10.21 49.06
CA THR E 313 -44.68 8.81 48.80
C THR E 313 -43.45 7.93 48.98
N LEU E 314 -42.28 8.42 48.57
CA LEU E 314 -41.06 7.63 48.69
C LEU E 314 -40.47 7.72 50.10
N LYS E 315 -40.60 8.86 50.78
CA LYS E 315 -40.17 8.95 52.16
C LYS E 315 -41.01 8.04 53.05
N GLN E 316 -42.30 7.92 52.74
CA GLN E 316 -43.18 7.05 53.53
C GLN E 316 -42.81 5.58 53.35
N SER E 317 -42.37 5.20 52.15
CA SER E 317 -42.00 3.81 51.90
C SER E 317 -40.73 3.40 52.63
N GLY E 318 -39.88 4.37 52.97
CA GLY E 318 -38.59 4.07 53.55
C GLY E 318 -37.51 3.71 52.56
N ALA E 319 -37.85 3.63 51.27
CA ALA E 319 -36.87 3.27 50.25
C ALA E 319 -35.56 4.03 50.45
N VAL E 320 -34.45 3.31 50.36
CA VAL E 320 -33.12 3.85 50.58
C VAL E 320 -32.30 3.72 49.31
N ILE E 321 -31.48 4.72 49.03
CA ILE E 321 -30.54 4.70 47.91
C ILE E 321 -29.15 4.57 48.49
N LEU E 322 -28.49 3.44 48.24
CA LEU E 322 -27.11 3.26 48.64
C LEU E 322 -26.20 3.94 47.62
N GLY E 323 -25.30 4.80 48.11
CA GLY E 323 -24.51 5.66 47.25
C GLY E 323 -23.10 5.14 46.99
N GLU E 324 -22.48 5.75 45.98
CA GLU E 324 -21.10 5.45 45.57
C GLU E 324 -20.27 6.71 45.78
N PRO E 325 -19.83 6.97 47.02
CA PRO E 325 -19.15 8.26 47.28
C PRO E 325 -17.81 8.40 46.58
N ALA E 326 -17.09 7.31 46.36
CA ALA E 326 -15.75 7.37 45.78
C ALA E 326 -15.62 6.38 44.64
N ALA E 327 -14.89 6.78 43.61
CA ALA E 327 -14.64 5.94 42.44
C ALA E 327 -13.36 6.41 41.78
N GLY E 328 -12.81 5.57 40.91
CA GLY E 328 -11.60 5.92 40.21
C GLY E 328 -11.32 4.97 39.06
N TYR E 329 -10.56 5.48 38.09
CA TYR E 329 -10.10 4.66 36.96
C TYR E 329 -8.86 5.32 36.37
N VAL E 330 -8.30 4.68 35.35
CA VAL E 330 -7.06 5.13 34.72
C VAL E 330 -7.37 5.57 33.29
N SER E 331 -6.53 6.46 32.76
CA SER E 331 -6.70 6.99 31.42
C SER E 331 -5.36 7.07 30.70
N HIS E 332 -5.32 6.57 29.47
CA HIS E 332 -4.14 6.65 28.62
C HIS E 332 -2.86 6.28 29.36
N ARG E 344 -8.98 0.62 27.25
CA ARG E 344 -8.70 -0.65 27.92
C ARG E 344 -8.28 -0.41 29.37
N TYR E 345 -7.55 0.69 29.61
CA TYR E 345 -7.15 1.03 30.97
C TYR E 345 -8.37 1.35 31.83
N GLN E 346 -9.37 2.02 31.25
CA GLN E 346 -10.52 2.45 32.04
C GLN E 346 -11.33 1.26 32.55
N GLU E 347 -11.51 0.24 31.73
CA GLU E 347 -12.38 -0.88 32.10
C GLU E 347 -11.70 -1.83 33.09
N MET E 348 -10.41 -2.10 32.90
CA MET E 348 -9.74 -3.15 33.66
C MET E 348 -9.11 -2.67 34.96
N LEU E 349 -8.88 -1.37 35.11
CA LEU E 349 -8.27 -0.81 36.31
C LEU E 349 -9.20 0.25 36.88
N GLY E 350 -9.58 0.09 38.14
CA GLY E 350 -10.46 1.04 38.78
C GLY E 350 -11.00 0.47 40.08
N VAL E 351 -11.73 1.32 40.79
CA VAL E 351 -12.33 0.95 42.06
C VAL E 351 -13.57 1.80 42.29
N ILE E 352 -14.60 1.19 42.88
CA ILE E 352 -15.83 1.88 43.24
C ILE E 352 -16.17 1.48 44.67
N TRP E 353 -16.45 2.47 45.51
CA TRP E 353 -16.83 2.26 46.91
C TRP E 353 -18.32 2.48 47.05
N ARG E 354 -19.03 1.49 47.58
CA ARG E 354 -20.47 1.53 47.74
C ARG E 354 -20.84 1.59 49.22
N GLU E 355 -21.97 2.24 49.49
CA GLU E 355 -22.50 2.28 50.85
C GLU E 355 -23.05 0.91 51.24
N ASN E 356 -22.59 0.39 52.37
CA ASN E 356 -23.09 -0.86 52.91
C ASN E 356 -24.43 -0.64 53.61
N PRO E 357 -25.40 -1.56 53.44
CA PRO E 357 -26.70 -1.37 54.09
C PRO E 357 -26.63 -0.97 55.56
N CYS E 358 -25.64 -1.48 56.30
CA CYS E 358 -25.56 -1.19 57.74
C CYS E 358 -25.58 0.30 58.02
N ARG E 359 -25.10 1.12 57.07
CA ARG E 359 -25.14 2.57 57.26
C ARG E 359 -26.56 3.08 57.47
N TRP E 360 -27.56 2.38 56.93
CA TRP E 360 -28.93 2.87 56.92
C TRP E 360 -29.90 1.99 57.71
N LEU E 361 -29.44 0.90 58.31
CA LEU E 361 -30.33 -0.02 59.00
C LEU E 361 -30.48 0.36 60.47
N LYS E 362 -31.68 0.13 60.99
CA LYS E 362 -31.92 0.23 62.42
C LYS E 362 -31.42 -1.03 63.11
N PRO E 363 -31.13 -0.95 64.42
CA PRO E 363 -30.53 -2.11 65.09
C PRO E 363 -31.37 -3.38 64.99
N ASP E 364 -32.69 -3.27 64.98
CA ASP E 364 -33.56 -4.45 64.94
C ASP E 364 -33.78 -4.98 63.53
N GLU E 365 -33.10 -4.44 62.53
CA GLU E 365 -33.31 -4.81 61.13
C GLU E 365 -32.14 -5.64 60.61
N SER E 366 -32.46 -6.59 59.72
CA SER E 366 -31.46 -7.44 59.10
C SER E 366 -31.65 -7.42 57.59
N PRO E 367 -30.57 -7.34 56.81
CA PRO E 367 -30.71 -7.29 55.35
C PRO E 367 -30.72 -8.67 54.71
N ILE E 368 -31.50 -8.77 53.64
CA ILE E 368 -31.53 -9.98 52.80
C ILE E 368 -31.76 -9.54 51.37
N LEU E 369 -31.31 -10.37 50.43
CA LEU E 369 -31.67 -10.19 49.03
C LEU E 369 -33.05 -10.78 48.79
N MET E 370 -33.86 -10.08 48.00
CA MET E 370 -35.22 -10.54 47.74
C MET E 370 -35.23 -11.93 47.13
N ALA E 371 -34.17 -12.30 46.41
CA ALA E 371 -34.08 -13.65 45.86
C ALA E 371 -34.14 -14.72 46.93
N THR E 372 -33.88 -14.35 48.20
CA THR E 372 -34.02 -15.30 49.29
C THR E 372 -35.43 -15.89 49.33
N LEU E 373 -36.42 -15.12 48.89
CA LEU E 373 -37.81 -15.57 48.88
C LEU E 373 -38.11 -16.54 47.73
N MET E 374 -37.10 -16.95 46.98
CA MET E 374 -37.22 -18.00 45.99
C MET E 374 -36.66 -19.33 46.49
N GLU E 375 -36.12 -19.36 47.69
CA GLU E 375 -35.40 -20.51 48.21
C GLU E 375 -36.31 -21.41 49.03
N CYS E 376 -35.94 -22.69 49.07
CA CYS E 376 -36.54 -23.66 49.97
C CYS E 376 -35.43 -24.37 50.72
N ASP E 377 -35.80 -25.09 51.78
CA ASP E 377 -34.81 -25.83 52.55
C ASP E 377 -34.66 -27.24 51.98
N GLU E 378 -33.84 -28.03 52.67
CA GLU E 378 -33.64 -29.43 52.31
C GLU E 378 -34.97 -30.14 52.10
N ASN E 379 -35.99 -29.80 52.88
CA ASN E 379 -37.27 -30.49 52.87
C ASN E 379 -38.34 -29.75 52.06
N ASN E 380 -37.91 -28.88 51.14
CA ASN E 380 -38.85 -28.15 50.28
C ASN E 380 -39.79 -27.27 51.10
N GLN E 381 -39.31 -26.74 52.23
CA GLN E 381 -40.06 -25.75 52.99
C GLN E 381 -39.63 -24.36 52.57
N PRO E 382 -40.51 -23.52 52.03
CA PRO E 382 -40.07 -22.19 51.60
C PRO E 382 -39.59 -21.35 52.77
N LEU E 383 -38.50 -20.62 52.54
CA LEU E 383 -38.01 -19.69 53.56
C LEU E 383 -38.98 -18.54 53.77
N ILE E 384 -39.68 -18.12 52.72
CA ILE E 384 -40.67 -17.06 52.85
C ILE E 384 -41.71 -17.43 53.90
N GLY E 385 -42.01 -18.72 54.06
CA GLY E 385 -42.89 -19.14 55.13
C GLY E 385 -42.27 -18.95 56.49
N ALA E 386 -40.96 -19.18 56.61
CA ALA E 386 -40.28 -18.99 57.88
C ALA E 386 -40.34 -17.53 58.32
N TYR E 387 -40.15 -16.60 57.38
CA TYR E 387 -40.31 -15.18 57.70
C TYR E 387 -41.73 -14.88 58.15
N ILE E 388 -42.71 -15.50 57.50
CA ILE E 388 -44.11 -15.26 57.86
C ILE E 388 -44.39 -15.82 59.26
N ASP E 389 -43.93 -17.04 59.53
CA ASP E 389 -44.19 -17.65 60.83
C ASP E 389 -43.67 -16.79 61.96
N ARG E 390 -42.51 -16.17 61.77
CA ARG E 390 -41.93 -15.31 62.79
C ARG E 390 -42.52 -13.90 62.80
N SER E 391 -43.26 -13.52 61.77
CA SER E 391 -43.92 -12.23 61.76
C SER E 391 -45.16 -12.23 62.63
N GLY E 392 -45.79 -13.39 62.81
CA GLY E 392 -47.07 -13.47 63.47
C GLY E 392 -48.23 -12.99 62.63
N LEU E 393 -47.99 -12.70 61.36
CA LEU E 393 -49.01 -12.20 60.44
C LEU E 393 -49.51 -13.33 59.56
N ASP E 394 -50.74 -13.20 59.10
CA ASP E 394 -51.24 -14.10 58.07
C ASP E 394 -50.59 -13.78 56.74
N ALA E 395 -50.51 -14.79 55.88
CA ALA E 395 -49.77 -14.64 54.63
C ALA E 395 -50.20 -13.40 53.87
N GLU E 396 -51.50 -13.20 53.70
CA GLU E 396 -51.99 -12.14 52.83
C GLU E 396 -51.51 -10.77 53.30
N THR E 397 -51.56 -10.50 54.61
CA THR E 397 -51.04 -9.23 55.11
C THR E 397 -49.54 -9.12 54.87
N TRP E 398 -48.81 -10.22 55.05
CA TRP E 398 -47.38 -10.21 54.81
C TRP E 398 -47.06 -9.91 53.35
N LEU E 399 -47.81 -10.52 52.43
CA LEU E 399 -47.61 -10.24 51.01
C LEU E 399 -47.96 -8.80 50.68
N THR E 400 -49.07 -8.30 51.21
CA THR E 400 -49.44 -6.91 50.97
C THR E 400 -48.33 -5.96 51.37
N GLN E 401 -47.66 -6.25 52.50
CA GLN E 401 -46.59 -5.39 52.96
C GLN E 401 -45.40 -5.43 52.01
N LEU E 402 -45.01 -6.63 51.58
CA LEU E 402 -43.89 -6.73 50.63
C LEU E 402 -44.15 -5.92 49.38
N PHE E 403 -45.37 -6.02 48.83
CA PHE E 403 -45.69 -5.29 47.61
C PHE E 403 -45.63 -3.78 47.82
N ARG E 404 -46.19 -3.30 48.93
CA ARG E 404 -46.13 -1.86 49.22
C ARG E 404 -44.70 -1.39 49.40
N VAL E 405 -43.82 -2.25 49.91
CA VAL E 405 -42.43 -1.87 50.15
C VAL E 405 -41.64 -1.83 48.85
N VAL E 406 -41.82 -2.82 47.99
CA VAL E 406 -40.96 -3.01 46.82
C VAL E 406 -41.55 -2.39 45.58
N VAL E 407 -42.80 -2.71 45.26
CA VAL E 407 -43.35 -2.35 43.96
C VAL E 407 -43.76 -0.88 43.91
N VAL E 408 -44.38 -0.39 44.99
CA VAL E 408 -44.92 0.98 44.96
C VAL E 408 -43.82 2.01 44.71
N PRO E 409 -42.69 2.02 45.43
CA PRO E 409 -41.65 3.02 45.13
C PRO E 409 -41.15 2.94 43.71
N LEU E 410 -40.87 1.73 43.21
CA LEU E 410 -40.43 1.57 41.83
C LEU E 410 -41.45 2.14 40.86
N TYR E 411 -42.74 1.88 41.10
CA TYR E 411 -43.77 2.33 40.17
C TYR E 411 -44.02 3.83 40.28
N HIS E 412 -43.98 4.36 41.50
CA HIS E 412 -44.13 5.81 41.69
C HIS E 412 -43.02 6.57 40.99
N LEU E 413 -41.77 6.17 41.23
CA LEU E 413 -40.64 6.81 40.55
C LEU E 413 -40.84 6.81 39.04
N LEU E 414 -41.44 5.75 38.50
CA LEU E 414 -41.62 5.66 37.05
C LEU E 414 -42.71 6.61 36.57
N CYS E 415 -43.84 6.67 37.27
CA CYS E 415 -44.99 7.42 36.78
C CYS E 415 -44.83 8.92 37.01
N ARG E 416 -44.21 9.33 38.11
CA ARG E 416 -44.09 10.74 38.43
C ARG E 416 -42.87 11.39 37.77
N TYR E 417 -41.73 10.70 37.79
CA TYR E 417 -40.48 11.26 37.30
C TYR E 417 -40.03 10.69 35.97
N GLY E 418 -40.63 9.59 35.50
CA GLY E 418 -40.20 8.99 34.25
C GLY E 418 -38.86 8.30 34.35
N VAL E 419 -38.58 7.63 35.46
CA VAL E 419 -37.29 6.98 35.70
C VAL E 419 -37.56 5.51 36.02
N ALA E 420 -36.78 4.63 35.40
CA ALA E 420 -36.87 3.20 35.65
C ALA E 420 -35.55 2.70 36.23
N LEU E 421 -35.65 1.75 37.15
CA LEU E 421 -34.48 1.09 37.73
C LEU E 421 -34.70 -0.41 37.70
N ILE E 422 -33.70 -1.15 37.22
CA ILE E 422 -33.81 -2.59 37.15
C ILE E 422 -34.20 -3.13 38.52
N ALA E 423 -35.03 -4.18 38.51
CA ALA E 423 -35.63 -4.72 39.73
C ALA E 423 -35.42 -6.23 39.77
N HIS E 424 -34.17 -6.65 39.86
CA HIS E 424 -33.83 -8.06 39.94
C HIS E 424 -33.79 -8.51 41.40
N GLY E 425 -33.88 -9.83 41.58
CA GLY E 425 -33.73 -10.40 42.91
C GLY E 425 -32.37 -10.16 43.52
N GLN E 426 -31.36 -9.89 42.68
CA GLN E 426 -29.99 -9.78 43.17
C GLN E 426 -29.71 -8.41 43.78
N ASN E 427 -30.30 -7.35 43.25
CA ASN E 427 -29.97 -6.00 43.69
C ASN E 427 -31.09 -5.34 44.47
N ILE E 428 -32.11 -6.09 44.89
CA ILE E 428 -33.14 -5.59 45.79
C ILE E 428 -32.87 -6.19 47.16
N THR E 429 -32.38 -5.37 48.08
CA THR E 429 -32.14 -5.77 49.46
C THR E 429 -33.31 -5.31 50.31
N LEU E 430 -33.82 -6.21 51.15
CA LEU E 430 -34.92 -5.92 52.05
C LEU E 430 -34.41 -5.82 53.47
N ALA E 431 -34.88 -4.79 54.20
CA ALA E 431 -34.62 -4.67 55.62
C ALA E 431 -35.69 -5.46 56.36
N MET E 432 -35.26 -6.47 57.12
CA MET E 432 -36.17 -7.39 57.79
C MET E 432 -36.09 -7.18 59.30
N LYS E 433 -37.26 -6.99 59.93
CA LYS E 433 -37.36 -6.88 61.37
C LYS E 433 -38.37 -7.90 61.85
N LYS E 434 -37.90 -8.92 62.58
CA LYS E 434 -38.76 -9.99 63.07
C LYS E 434 -39.53 -10.64 61.93
N GLY E 435 -38.84 -10.84 60.81
CA GLY E 435 -39.44 -11.50 59.66
C GLY E 435 -40.31 -10.63 58.79
N VAL E 436 -40.37 -9.32 59.04
CA VAL E 436 -41.22 -8.40 58.29
C VAL E 436 -40.31 -7.48 57.48
N PRO E 437 -40.53 -7.33 56.18
CA PRO E 437 -39.75 -6.34 55.40
C PRO E 437 -40.20 -4.92 55.74
N GLN E 438 -39.24 -4.11 56.21
CA GLN E 438 -39.54 -2.73 56.57
C GLN E 438 -39.50 -1.80 55.36
N ARG E 439 -38.39 -1.84 54.62
CA ARG E 439 -38.20 -0.97 53.48
C ARG E 439 -37.20 -1.61 52.54
N VAL E 440 -37.05 -1.03 51.35
CA VAL E 440 -36.23 -1.59 50.29
C VAL E 440 -34.96 -0.76 50.13
N LEU E 441 -33.85 -1.43 49.83
CA LEU E 441 -32.56 -0.79 49.60
C LEU E 441 -32.12 -1.11 48.17
N LEU E 442 -31.67 -0.07 47.46
CA LEU E 442 -31.28 -0.18 46.06
C LEU E 442 -29.82 0.26 45.90
N LYS E 443 -29.11 -0.37 44.97
CA LYS E 443 -27.65 -0.18 44.95
C LYS E 443 -26.99 -0.09 43.57
N ASP E 444 -27.39 -0.91 42.60
CA ASP E 444 -26.65 -1.07 41.35
C ASP E 444 -27.39 -0.39 40.20
N PHE E 445 -26.81 0.67 39.66
CA PHE E 445 -27.37 1.32 38.49
C PHE E 445 -26.33 2.26 37.87
N GLN E 446 -26.61 2.65 36.62
CA GLN E 446 -25.75 3.47 35.78
C GLN E 446 -26.04 3.09 34.34
N GLY E 447 -25.54 1.93 33.91
CA GLY E 447 -26.05 1.29 32.71
C GLY E 447 -27.43 0.71 32.93
N ASP E 448 -27.76 0.39 34.18
CA ASP E 448 -29.08 -0.15 34.50
C ASP E 448 -30.18 0.92 34.43
N MET E 449 -29.82 2.18 34.57
CA MET E 449 -30.83 3.24 34.55
C MET E 449 -31.42 3.40 33.15
N ARG E 450 -32.62 3.98 33.10
CA ARG E 450 -33.27 4.33 31.85
C ARG E 450 -34.16 5.54 32.09
N LEU E 451 -34.52 6.22 31.01
CA LEU E 451 -35.40 7.37 31.06
C LEU E 451 -36.45 7.25 29.96
N VAL E 452 -37.53 8.01 30.12
CA VAL E 452 -38.64 7.98 29.17
C VAL E 452 -38.40 9.01 28.08
N LYS E 453 -38.73 8.64 26.84
CA LYS E 453 -38.55 9.56 25.72
C LYS E 453 -39.31 10.85 25.96
N ASP E 454 -40.49 10.76 26.56
CA ASP E 454 -41.28 11.96 26.86
C ASP E 454 -40.51 12.87 27.81
N ALA E 455 -40.83 14.16 27.75
CA ALA E 455 -40.21 15.18 28.59
C ALA E 455 -41.16 15.49 29.73
N PHE E 456 -40.81 15.05 30.93
CA PHE E 456 -41.67 15.28 32.09
C PHE E 456 -41.23 16.53 32.83
N PRO E 457 -42.15 17.44 33.18
CA PRO E 457 -41.75 18.61 33.99
C PRO E 457 -41.03 18.22 35.27
N GLU E 458 -41.45 17.13 35.91
CA GLU E 458 -40.80 16.70 37.14
C GLU E 458 -39.33 16.38 36.92
N MET E 459 -38.95 16.02 35.70
CA MET E 459 -37.59 15.58 35.40
C MET E 459 -36.66 16.72 35.02
N ASP E 460 -37.15 17.97 34.96
CA ASP E 460 -36.27 19.09 34.65
C ASP E 460 -35.10 19.16 35.63
N SER E 461 -35.37 18.92 36.92
CA SER E 461 -34.33 18.98 37.93
C SER E 461 -33.15 18.07 37.58
N LEU E 462 -33.41 16.96 36.87
CA LEU E 462 -32.38 16.03 36.47
C LEU E 462 -31.28 16.75 35.70
N PRO E 463 -30.05 16.85 36.24
CA PRO E 463 -28.95 17.47 35.48
C PRO E 463 -28.90 17.05 34.02
N GLN E 464 -28.75 18.03 33.12
CA GLN E 464 -28.58 17.72 31.71
C GLN E 464 -27.34 16.88 31.47
N GLU E 465 -26.30 17.06 32.29
CA GLU E 465 -25.14 16.17 32.24
C GLU E 465 -25.57 14.73 32.51
N VAL E 466 -26.47 14.53 33.47
CA VAL E 466 -27.04 13.21 33.70
C VAL E 466 -28.02 12.85 32.59
N ARG E 467 -28.75 13.85 32.08
CA ARG E 467 -29.75 13.59 31.05
C ARG E 467 -29.09 13.23 29.73
N ASP E 468 -28.08 13.99 29.32
CA ASP E 468 -27.43 13.73 28.03
C ASP E 468 -26.90 12.32 27.95
N VAL E 469 -26.37 11.79 29.06
CA VAL E 469 -25.80 10.44 29.08
C VAL E 469 -26.85 9.36 29.30
N THR E 470 -28.10 9.73 29.60
CA THR E 470 -29.14 8.77 29.93
C THR E 470 -30.00 8.49 28.71
N ALA E 471 -30.15 7.21 28.37
CA ALA E 471 -30.96 6.82 27.23
C ALA E 471 -32.43 7.15 27.47
N ARG E 472 -33.15 7.43 26.38
CA ARG E 472 -34.57 7.77 26.43
C ARG E 472 -35.36 6.78 25.60
N LEU E 473 -36.24 6.03 26.26
CA LEU E 473 -37.07 5.03 25.61
C LEU E 473 -38.54 5.39 25.77
N SER E 474 -39.39 4.69 25.02
CA SER E 474 -40.82 4.94 25.07
C SER E 474 -41.45 4.27 26.28
N ALA E 475 -42.66 4.72 26.61
CA ALA E 475 -43.34 4.23 27.81
C ALA E 475 -43.57 2.72 27.75
N ASP E 476 -44.12 2.23 26.64
CA ASP E 476 -44.39 0.80 26.52
C ASP E 476 -43.13 -0.02 26.72
N TYR E 477 -41.99 0.48 26.24
CA TYR E 477 -40.73 -0.25 26.39
C TYR E 477 -40.24 -0.21 27.84
N LEU E 478 -40.54 0.87 28.56
CA LEU E 478 -40.16 0.94 29.97
C LEU E 478 -40.98 -0.03 30.81
N ILE E 479 -42.29 -0.04 30.60
CA ILE E 479 -43.16 -0.99 31.29
C ILE E 479 -42.62 -2.41 31.13
N HIS E 480 -42.27 -2.78 29.90
CA HIS E 480 -41.74 -4.09 29.63
C HIS E 480 -40.58 -4.43 30.57
N ASP E 481 -39.74 -3.44 30.86
CA ASP E 481 -38.62 -3.68 31.78
C ASP E 481 -39.13 -3.94 33.19
N LEU E 482 -40.10 -3.15 33.66
CA LEU E 482 -40.63 -3.36 35.01
C LEU E 482 -41.37 -4.68 35.12
N GLN E 483 -42.21 -4.99 34.11
CA GLN E 483 -42.92 -6.26 34.11
C GLN E 483 -41.95 -7.43 34.00
N THR E 484 -41.16 -7.46 32.94
CA THR E 484 -40.21 -8.54 32.75
C THR E 484 -39.09 -8.50 33.78
N GLY E 485 -38.70 -7.31 34.22
CA GLY E 485 -37.58 -7.20 35.14
C GLY E 485 -37.92 -7.69 36.55
N HIS E 486 -39.08 -7.32 37.05
CA HIS E 486 -39.49 -7.70 38.41
C HIS E 486 -40.55 -8.79 38.44
N PHE E 487 -41.66 -8.61 37.73
CA PHE E 487 -42.75 -9.57 37.83
C PHE E 487 -42.35 -10.92 37.26
N VAL E 488 -41.85 -10.95 36.03
CA VAL E 488 -41.55 -12.22 35.38
C VAL E 488 -40.29 -12.87 35.93
N THR E 489 -39.30 -12.07 36.35
CA THR E 489 -38.02 -12.59 36.78
C THR E 489 -37.89 -12.72 38.29
N VAL E 490 -38.90 -12.29 39.05
CA VAL E 490 -38.86 -12.44 40.50
C VAL E 490 -40.13 -13.12 40.98
N LEU E 491 -41.26 -12.42 40.88
CA LEU E 491 -42.50 -12.93 41.45
C LEU E 491 -42.91 -14.28 40.83
N ARG E 492 -42.53 -14.51 39.57
CA ARG E 492 -42.82 -15.79 38.94
C ARG E 492 -42.26 -16.96 39.75
N PHE E 493 -41.15 -16.74 40.47
CA PHE E 493 -40.52 -17.77 41.26
C PHE E 493 -40.89 -17.71 42.74
N VAL E 494 -41.62 -16.69 43.17
CA VAL E 494 -42.09 -16.59 44.55
C VAL E 494 -43.51 -17.11 44.70
N SER E 495 -44.40 -16.75 43.77
CA SER E 495 -45.79 -17.12 43.91
C SER E 495 -46.02 -18.63 43.95
N PRO E 496 -45.23 -19.48 43.28
CA PRO E 496 -45.41 -20.93 43.47
C PRO E 496 -45.19 -21.36 44.90
N LEU E 497 -44.19 -20.79 45.58
CA LEU E 497 -43.93 -21.12 46.97
C LEU E 497 -45.09 -20.71 47.86
N MET E 498 -45.80 -19.63 47.49
CA MET E 498 -46.97 -19.23 48.26
C MET E 498 -48.13 -20.20 48.04
N ALA E 499 -48.30 -20.69 46.81
CA ALA E 499 -49.36 -21.66 46.55
C ALA E 499 -49.16 -22.92 47.40
N ARG E 500 -47.92 -23.28 47.68
CA ARG E 500 -47.63 -24.41 48.54
C ARG E 500 -47.95 -24.13 50.00
N LEU E 501 -48.14 -22.86 50.36
CA LEU E 501 -48.48 -22.47 51.72
C LEU E 501 -49.93 -22.00 51.86
N GLY E 502 -50.76 -22.28 50.86
CA GLY E 502 -52.18 -21.99 50.95
C GLY E 502 -52.64 -20.70 50.31
N VAL E 503 -51.77 -20.02 49.58
CA VAL E 503 -52.10 -18.78 48.89
C VAL E 503 -51.95 -19.02 47.39
N PRO E 504 -53.03 -19.33 46.68
CA PRO E 504 -52.93 -19.56 45.24
C PRO E 504 -52.37 -18.34 44.51
N GLU E 505 -51.80 -18.59 43.34
CA GLU E 505 -51.23 -17.51 42.55
C GLU E 505 -52.27 -16.45 42.21
N ARG E 506 -53.48 -16.88 41.85
CA ARG E 506 -54.54 -15.93 41.53
C ARG E 506 -54.70 -14.93 42.67
N ARG E 507 -54.85 -15.42 43.90
CA ARG E 507 -54.93 -14.52 45.05
C ARG E 507 -53.65 -13.72 45.20
N PHE E 508 -52.49 -14.38 45.06
CA PHE E 508 -51.21 -13.69 45.16
C PHE E 508 -51.21 -12.41 44.33
N TYR E 509 -51.74 -12.46 43.11
CA TYR E 509 -51.71 -11.31 42.23
C TYR E 509 -52.93 -10.40 42.38
N GLN E 510 -54.02 -10.88 42.98
CA GLN E 510 -55.08 -9.98 43.41
C GLN E 510 -54.55 -9.01 44.46
N LEU E 511 -53.74 -9.50 45.39
CA LEU E 511 -53.14 -8.63 46.40
C LEU E 511 -52.25 -7.57 45.75
N LEU E 512 -51.34 -8.00 44.87
CA LEU E 512 -50.48 -7.07 44.18
C LEU E 512 -51.30 -6.04 43.40
N ALA E 513 -52.35 -6.50 42.73
CA ALA E 513 -53.21 -5.58 41.98
C ALA E 513 -53.90 -4.61 42.92
N ALA E 514 -54.33 -5.09 44.10
CA ALA E 514 -55.02 -4.21 45.05
C ALA E 514 -54.06 -3.17 45.62
N VAL E 515 -52.81 -3.56 45.87
CA VAL E 515 -51.82 -2.60 46.36
C VAL E 515 -51.60 -1.50 45.34
N LEU E 516 -51.55 -1.86 44.05
CA LEU E 516 -51.36 -0.86 43.01
C LEU E 516 -52.59 0.03 42.87
N SER E 517 -53.79 -0.56 42.88
CA SER E 517 -55.01 0.22 42.74
C SER E 517 -55.16 1.22 43.88
N ASP E 518 -55.02 0.75 45.12
CA ASP E 518 -55.09 1.65 46.27
C ASP E 518 -54.11 2.80 46.12
N TYR E 519 -52.88 2.48 45.71
CA TYR E 519 -51.88 3.53 45.51
C TYR E 519 -52.32 4.52 44.45
N MET E 520 -52.88 4.03 43.34
CA MET E 520 -53.29 4.92 42.26
C MET E 520 -54.47 5.79 42.68
N GLN E 521 -55.37 5.25 43.51
CA GLN E 521 -56.48 6.05 43.99
C GLN E 521 -55.99 7.24 44.81
N GLU E 522 -54.93 7.04 45.59
CA GLU E 522 -54.38 8.10 46.43
C GLU E 522 -53.67 9.18 45.62
N HIS E 523 -53.56 9.04 44.29
CA HIS E 523 -52.83 9.98 43.45
C HIS E 523 -53.61 10.23 42.17
N PRO E 524 -54.81 10.82 42.27
CA PRO E 524 -55.62 11.01 41.07
C PRO E 524 -55.06 12.03 40.09
N GLN E 525 -54.20 12.95 40.55
CA GLN E 525 -53.58 13.89 39.61
C GLN E 525 -52.67 13.18 38.62
N MET E 526 -52.24 11.95 38.94
CA MET E 526 -51.40 11.16 38.04
C MET E 526 -52.22 10.18 37.21
N SER E 527 -53.53 10.42 37.07
CA SER E 527 -54.38 9.52 36.32
C SER E 527 -53.84 9.28 34.92
N ALA E 528 -53.38 10.33 34.25
CA ALA E 528 -52.87 10.18 32.89
C ALA E 528 -51.59 9.35 32.88
N ARG E 529 -50.66 9.64 33.79
CA ARG E 529 -49.41 8.89 33.85
C ARG E 529 -49.68 7.41 34.06
N PHE E 530 -50.76 7.06 34.77
CA PHE E 530 -51.07 5.65 35.01
C PHE E 530 -51.54 4.96 33.73
N ALA E 531 -52.33 5.64 32.91
CA ALA E 531 -52.71 5.08 31.62
C ALA E 531 -51.48 4.85 30.74
N LEU E 532 -50.56 5.83 30.72
CA LEU E 532 -49.34 5.68 29.94
C LEU E 532 -48.51 4.51 30.42
N PHE E 533 -48.51 4.26 31.73
CA PHE E 533 -47.74 3.17 32.34
C PHE E 533 -48.72 2.19 33.00
N SER E 534 -49.47 1.48 32.18
CA SER E 534 -50.53 0.59 32.68
C SER E 534 -50.00 -0.83 32.84
N LEU E 535 -50.16 -1.36 34.06
CA LEU E 535 -49.79 -2.74 34.35
C LEU E 535 -50.98 -3.69 34.24
N PHE E 536 -52.14 -3.21 33.79
CA PHE E 536 -53.35 -4.02 33.75
C PHE E 536 -53.88 -4.20 32.34
N LYS E 537 -53.04 -4.03 31.32
CA LYS E 537 -53.42 -4.40 29.98
C LYS E 537 -53.47 -5.93 29.87
N PRO E 538 -54.39 -6.48 29.09
CA PRO E 538 -54.60 -7.93 29.12
C PRO E 538 -53.45 -8.74 28.59
N GLN E 539 -52.51 -8.11 27.86
CA GLN E 539 -51.38 -8.82 27.28
C GLN E 539 -50.08 -8.20 27.77
N ILE E 540 -49.05 -9.05 27.91
CA ILE E 540 -47.69 -8.62 28.18
C ILE E 540 -46.85 -8.96 26.96
N ILE E 541 -46.02 -8.01 26.55
CA ILE E 541 -45.09 -8.24 25.45
C ILE E 541 -43.92 -9.07 25.95
N ARG E 542 -43.45 -9.99 25.12
CA ARG E 542 -42.24 -10.76 25.40
C ARG E 542 -41.38 -10.75 24.14
N VAL E 543 -40.11 -10.40 24.30
CA VAL E 543 -39.20 -10.35 23.17
C VAL E 543 -38.79 -11.77 22.80
N VAL E 544 -38.60 -12.00 21.50
CA VAL E 544 -38.17 -13.30 21.02
C VAL E 544 -36.66 -13.40 21.16
N LEU E 545 -36.21 -14.45 21.80
CA LEU E 545 -34.80 -14.59 22.03
C LEU E 545 -34.21 -15.01 20.77
N ASN E 546 -33.38 -14.18 20.14
CA ASN E 546 -32.79 -14.51 18.82
C ASN E 546 -32.12 -15.79 19.03
N PRO E 547 -30.90 -15.71 19.65
CA PRO E 547 -30.38 -16.98 20.06
C PRO E 547 -30.62 -16.88 21.57
N VAL E 548 -31.08 -17.94 22.18
CA VAL E 548 -31.33 -17.94 23.58
C VAL E 548 -30.05 -17.93 24.26
N LYS E 549 -29.95 -17.32 25.41
CA LYS E 549 -28.68 -17.33 26.14
C LYS E 549 -28.80 -18.27 27.32
N LEU E 550 -27.81 -19.14 27.48
CA LEU E 550 -27.82 -20.13 28.56
C LEU E 550 -27.02 -19.72 29.78
N THR E 551 -26.14 -18.73 29.65
CA THR E 551 -25.25 -18.32 30.72
C THR E 551 -25.44 -16.84 31.01
N TRP E 552 -25.26 -16.48 32.28
CA TRP E 552 -25.24 -15.10 32.83
C TRP E 552 -26.22 -15.02 34.00
N LEU E 562 -38.28 -15.10 12.07
CA LEU E 562 -39.10 -15.11 13.29
C LEU E 562 -39.35 -13.68 13.79
N PRO E 563 -40.47 -13.46 14.47
CA PRO E 563 -40.89 -12.10 14.77
C PRO E 563 -40.01 -11.42 15.81
N ASN E 564 -40.04 -10.08 15.77
CA ASN E 564 -39.30 -9.29 16.75
C ASN E 564 -39.79 -9.58 18.17
N TYR E 565 -41.10 -9.43 18.40
CA TYR E 565 -41.68 -9.62 19.71
C TYR E 565 -43.04 -10.29 19.53
N LEU E 566 -43.65 -10.62 20.66
CA LEU E 566 -44.99 -11.20 20.70
C LEU E 566 -45.82 -10.50 21.75
N GLU E 567 -47.11 -10.33 21.46
CA GLU E 567 -48.03 -9.77 22.44
C GLU E 567 -49.10 -10.80 22.74
N ASP E 568 -48.66 -12.03 23.03
CA ASP E 568 -49.56 -13.17 23.22
C ASP E 568 -49.49 -13.76 24.61
N LEU E 569 -48.83 -13.10 25.55
CA LEU E 569 -48.74 -13.56 26.93
C LEU E 569 -49.77 -12.83 27.77
N GLN E 570 -50.63 -13.58 28.44
CA GLN E 570 -51.68 -12.99 29.26
C GLN E 570 -51.10 -12.42 30.54
N ASN E 571 -51.62 -11.25 30.94
CA ASN E 571 -51.13 -10.53 32.10
C ASN E 571 -51.76 -11.07 33.38
N PRO E 572 -50.99 -11.69 34.28
CA PRO E 572 -51.59 -12.17 35.53
C PRO E 572 -52.35 -11.10 36.29
N LEU E 573 -51.86 -9.87 36.30
CA LEU E 573 -52.57 -8.79 36.98
C LEU E 573 -53.94 -8.54 36.35
N TRP E 574 -54.06 -8.76 35.04
CA TRP E 574 -55.36 -8.69 34.39
C TRP E 574 -56.18 -9.95 34.65
N LEU E 575 -55.52 -11.11 34.75
CA LEU E 575 -56.23 -12.35 35.04
C LEU E 575 -56.76 -12.36 36.46
N ALA E 576 -55.97 -11.86 37.42
CA ALA E 576 -56.35 -11.94 38.82
C ALA E 576 -57.50 -10.99 39.16
N THR E 577 -57.53 -9.80 38.55
CA THR E 577 -58.66 -8.91 38.69
C THR E 577 -59.84 -9.35 37.82
N ARG E 578 -59.61 -10.24 36.86
CA ARG E 578 -60.67 -10.78 36.03
C ARG E 578 -61.33 -9.68 35.20
N ASN F 4 15.76 2.00 38.60
CA ASN F 4 16.05 3.37 38.20
C ASN F 4 16.39 3.42 36.71
N HIS F 5 16.60 4.64 36.20
CA HIS F 5 16.85 4.82 34.77
C HIS F 5 18.16 4.17 34.34
N LYS F 6 19.12 4.02 35.25
CA LYS F 6 20.42 3.49 34.87
C LYS F 6 20.32 2.02 34.44
N ASP F 7 19.52 1.22 35.14
CA ASP F 7 19.43 -0.20 34.82
C ASP F 7 18.46 -0.48 33.68
N TRP F 8 17.42 0.34 33.54
CA TRP F 8 16.50 0.17 32.41
C TRP F 8 17.22 0.40 31.08
N ASP F 9 18.20 1.31 31.06
CA ASP F 9 18.96 1.55 29.84
C ASP F 9 19.96 0.42 29.60
N PHE F 10 20.63 -0.04 30.65
CA PHE F 10 21.62 -1.10 30.50
C PHE F 10 20.98 -2.37 29.93
N VAL F 11 19.82 -2.75 30.45
CA VAL F 11 19.19 -4.00 30.02
C VAL F 11 18.69 -3.90 28.59
N ASN F 12 18.11 -2.74 28.22
CA ASN F 12 17.64 -2.59 26.85
C ASN F 12 18.80 -2.59 25.87
N ARG F 13 19.92 -1.96 26.24
CA ARG F 13 21.08 -1.94 25.34
C ARG F 13 21.64 -3.34 25.15
N GLN F 14 21.82 -4.10 26.24
CA GLN F 14 22.35 -5.45 26.14
C GLN F 14 21.45 -6.31 25.27
N LEU F 15 20.12 -6.12 25.36
CA LEU F 15 19.20 -6.94 24.59
C LEU F 15 19.21 -6.56 23.12
N VAL F 16 19.25 -5.26 22.82
CA VAL F 16 19.32 -4.83 21.42
C VAL F 16 20.59 -5.37 20.77
N ALA F 17 21.73 -5.28 21.47
CA ALA F 17 22.97 -5.81 20.93
C ALA F 17 22.85 -7.31 20.66
N LYS F 18 22.27 -8.05 21.61
CA LYS F 18 22.08 -9.49 21.41
C LYS F 18 21.18 -9.74 20.21
N MET F 19 20.07 -9.01 20.11
CA MET F 19 19.16 -9.19 18.98
C MET F 19 19.85 -8.90 17.66
N LEU F 20 20.51 -7.75 17.56
CA LEU F 20 21.13 -7.36 16.29
C LEU F 20 22.24 -8.33 15.91
N ALA F 21 23.06 -8.75 16.87
CA ALA F 21 24.22 -9.58 16.55
C ALA F 21 23.79 -10.99 16.14
N GLU F 22 22.79 -11.55 16.80
CA GLU F 22 22.35 -12.90 16.46
C GLU F 22 21.56 -12.91 15.17
N LEU F 23 20.75 -11.88 14.93
CA LEU F 23 20.02 -11.79 13.66
C LEU F 23 20.96 -11.52 12.49
N GLU F 24 22.02 -10.74 12.72
CA GLU F 24 23.02 -10.53 11.68
C GLU F 24 23.75 -11.82 11.36
N TYR F 25 24.05 -12.62 12.40
CA TYR F 25 24.71 -13.89 12.19
C TYR F 25 23.82 -14.89 11.46
N GLU F 26 22.50 -14.75 11.61
CA GLU F 26 21.54 -15.58 10.89
C GLU F 26 21.25 -15.06 9.49
N GLN F 27 21.88 -13.97 9.07
CA GLN F 27 21.73 -13.43 7.73
C GLN F 27 20.36 -12.78 7.50
N VAL F 28 19.62 -12.46 8.56
CA VAL F 28 18.40 -11.68 8.41
C VAL F 28 18.73 -10.32 7.81
N PHE F 29 19.84 -9.74 8.25
CA PHE F 29 20.37 -8.52 7.66
C PHE F 29 21.87 -8.52 7.88
N HIS F 30 22.55 -7.48 7.38
CA HIS F 30 24.00 -7.47 7.34
C HIS F 30 24.54 -6.16 7.92
N ALA F 31 25.56 -6.29 8.74
CA ALA F 31 26.27 -5.12 9.26
C ALA F 31 27.31 -4.66 8.24
N GLU F 32 27.34 -3.36 7.99
CA GLU F 32 28.21 -2.78 6.97
C GLU F 32 29.43 -2.17 7.66
N SER F 33 30.58 -2.83 7.50
CA SER F 33 31.81 -2.30 8.07
C SER F 33 32.08 -0.91 7.53
N GLN F 34 32.35 0.04 8.43
CA GLN F 34 32.69 1.40 8.07
C GLN F 34 34.12 1.76 8.46
N GLY F 35 34.96 0.76 8.70
CA GLY F 35 36.33 1.00 9.12
C GLY F 35 36.42 1.24 10.62
N ASP F 36 37.67 1.33 11.09
CA ASP F 36 37.99 1.58 12.50
C ASP F 36 37.00 0.89 13.44
N GLY F 37 36.81 -0.41 13.20
CA GLY F 37 36.00 -1.22 14.10
C GLY F 37 34.58 -0.76 14.28
N ARG F 38 34.05 0.02 13.33
CA ARG F 38 32.69 0.51 13.40
C ARG F 38 31.80 -0.21 12.39
N TYR F 39 30.53 -0.35 12.75
CA TYR F 39 29.54 -0.95 11.88
C TYR F 39 28.26 -0.12 11.95
N CYS F 40 27.39 -0.36 10.97
CA CYS F 40 26.04 0.16 11.02
C CYS F 40 25.12 -0.83 10.32
N ILE F 41 23.88 -0.89 10.79
CA ILE F 41 22.88 -1.81 10.27
C ILE F 41 21.70 -0.98 9.79
N ASN F 42 21.32 -1.15 8.52
CA ASN F 42 20.29 -0.35 7.89
C ASN F 42 18.98 -1.14 7.86
N LEU F 43 17.95 -0.62 8.51
CA LEU F 43 16.61 -1.18 8.50
C LEU F 43 15.64 -0.15 7.94
N PRO F 44 14.46 -0.60 7.49
CA PRO F 44 13.46 0.37 6.99
C PRO F 44 13.10 1.39 8.08
N GLY F 45 13.42 2.64 7.80
CA GLY F 45 13.05 3.72 8.69
C GLY F 45 13.97 3.94 9.88
N ALA F 46 15.11 3.26 9.93
CA ALA F 46 16.03 3.43 11.04
C ALA F 46 17.38 2.85 10.69
N GLN F 47 18.42 3.44 11.27
CA GLN F 47 19.80 2.99 11.09
C GLN F 47 20.43 2.80 12.46
N TRP F 48 21.06 1.66 12.67
CA TRP F 48 21.72 1.34 13.93
C TRP F 48 23.23 1.46 13.73
N ARG F 49 23.87 2.29 14.54
CA ARG F 49 25.32 2.46 14.52
C ARG F 49 25.91 1.96 15.82
N PHE F 50 27.11 1.39 15.74
CA PHE F 50 27.75 0.83 16.92
C PHE F 50 29.15 0.37 16.56
N SER F 51 29.98 0.26 17.58
CA SER F 51 31.29 -0.36 17.46
C SER F 51 31.18 -1.85 17.75
N ALA F 52 32.02 -2.64 17.09
CA ALA F 52 31.94 -4.08 17.27
C ALA F 52 33.19 -4.73 16.67
N GLU F 53 33.45 -5.94 17.15
CA GLU F 53 34.51 -6.80 16.63
C GLU F 53 33.86 -8.10 16.17
N ARG F 54 34.22 -8.56 14.97
CA ARG F 54 33.67 -9.79 14.43
C ARG F 54 34.58 -10.96 14.79
N GLY F 55 34.01 -11.96 15.45
CA GLY F 55 34.76 -13.11 15.89
C GLY F 55 34.98 -14.13 14.79
N ILE F 56 35.67 -15.22 15.16
CA ILE F 56 36.09 -16.21 14.19
C ILE F 56 34.92 -16.97 13.59
N TRP F 57 33.77 -16.98 14.27
CA TRP F 57 32.57 -17.58 13.70
C TRP F 57 31.87 -16.66 12.72
N GLY F 58 32.28 -15.40 12.62
CA GLY F 58 31.54 -14.41 11.88
C GLY F 58 30.48 -13.71 12.68
N TRP F 59 30.45 -13.91 14.00
CA TRP F 59 29.45 -13.32 14.88
C TRP F 59 30.03 -12.09 15.57
N LEU F 60 29.23 -11.03 15.63
CA LEU F 60 29.71 -9.75 16.12
C LEU F 60 29.74 -9.71 17.64
N TRP F 61 30.77 -9.06 18.18
CA TRP F 61 30.83 -8.69 19.59
C TRP F 61 30.54 -7.18 19.66
N ILE F 62 29.33 -6.84 20.08
CA ILE F 62 28.86 -5.46 20.07
C ILE F 62 29.03 -4.86 21.46
N ASP F 63 29.66 -3.68 21.52
CA ASP F 63 29.70 -2.90 22.74
C ASP F 63 28.38 -2.15 22.87
N ALA F 64 27.53 -2.60 23.79
CA ALA F 64 26.19 -2.03 23.90
C ALA F 64 26.22 -0.56 24.27
N GLN F 65 27.30 -0.08 24.90
CA GLN F 65 27.39 1.34 25.24
C GLN F 65 27.44 2.21 23.99
N THR F 66 28.00 1.70 22.90
CA THR F 66 28.14 2.47 21.66
C THR F 66 26.89 2.42 20.78
N LEU F 67 25.84 1.72 21.20
CA LEU F 67 24.65 1.60 20.37
C LEU F 67 23.97 2.96 20.21
N ARG F 68 23.66 3.32 18.97
CA ARG F 68 22.92 4.53 18.66
C ARG F 68 21.96 4.23 17.53
N CYS F 69 20.77 4.85 17.58
CA CYS F 69 19.79 4.78 16.50
C CYS F 69 19.26 6.18 16.27
N ALA F 70 19.92 6.92 15.39
CA ALA F 70 19.61 8.33 15.22
C ALA F 70 19.57 9.00 16.58
N ASP F 71 18.57 9.83 16.85
CA ASP F 71 18.40 10.39 18.18
C ASP F 71 17.41 9.60 19.04
N GLU F 72 16.85 8.51 18.51
CA GLU F 72 15.86 7.75 19.24
C GLU F 72 16.52 7.01 20.41
N PRO F 73 15.78 6.84 21.52
CA PRO F 73 16.35 6.09 22.65
C PRO F 73 16.46 4.61 22.35
N VAL F 74 17.51 3.99 22.86
CA VAL F 74 17.82 2.59 22.58
C VAL F 74 16.89 1.72 23.43
N LEU F 75 15.88 1.14 22.79
CA LEU F 75 14.91 0.29 23.47
C LEU F 75 14.64 -0.94 22.62
N ALA F 76 14.49 -2.09 23.27
CA ALA F 76 14.19 -3.32 22.55
C ALA F 76 12.83 -3.22 21.85
N GLN F 77 11.86 -2.54 22.49
CA GLN F 77 10.56 -2.33 21.87
C GLN F 77 10.72 -1.70 20.49
N THR F 78 11.50 -0.62 20.40
CA THR F 78 11.68 0.07 19.13
C THR F 78 12.22 -0.88 18.06
N LEU F 79 13.29 -1.61 18.38
CA LEU F 79 13.86 -2.54 17.42
C LEU F 79 12.84 -3.57 16.96
N LEU F 80 12.03 -4.07 17.90
CA LEU F 80 11.06 -5.11 17.54
C LEU F 80 10.06 -4.60 16.51
N MET F 81 9.51 -3.40 16.74
CA MET F 81 8.61 -2.82 15.75
C MET F 81 9.33 -2.65 14.40
N GLN F 82 10.58 -2.20 14.43
CA GLN F 82 11.35 -2.06 13.20
C GLN F 82 11.51 -3.39 12.47
N LEU F 83 11.45 -4.50 13.21
CA LEU F 83 11.56 -5.82 12.60
C LEU F 83 10.23 -6.36 12.09
N LYS F 84 9.13 -5.66 12.34
CA LYS F 84 7.83 -6.13 11.86
C LYS F 84 7.81 -6.27 10.34
N PRO F 85 8.24 -5.27 9.56
CA PRO F 85 8.32 -5.51 8.10
C PRO F 85 9.37 -6.54 7.74
N VAL F 86 10.52 -6.53 8.43
CA VAL F 86 11.62 -7.40 8.07
C VAL F 86 11.22 -8.87 8.21
N LEU F 87 10.52 -9.20 9.28
CA LEU F 87 10.12 -10.58 9.55
C LEU F 87 8.66 -10.85 9.16
N SER F 88 7.98 -9.89 8.55
CA SER F 88 6.62 -10.07 8.07
C SER F 88 5.73 -10.64 9.17
N MET F 89 5.72 -9.96 10.31
CA MET F 89 4.91 -10.37 11.45
C MET F 89 3.57 -9.65 11.44
N SER F 90 2.53 -10.38 11.82
CA SER F 90 1.20 -9.79 11.95
C SER F 90 1.12 -8.97 13.23
N ASP F 91 0.10 -8.11 13.29
CA ASP F 91 -0.13 -7.33 14.50
C ASP F 91 -0.18 -8.21 15.74
N ALA F 92 -0.70 -9.43 15.59
CA ALA F 92 -0.80 -10.35 16.73
C ALA F 92 0.55 -11.00 17.05
N THR F 93 1.31 -11.36 16.02
CA THR F 93 2.62 -11.95 16.25
C THR F 93 3.53 -10.97 17.00
N VAL F 94 3.45 -9.69 16.67
CA VAL F 94 4.26 -8.68 17.35
C VAL F 94 3.83 -8.56 18.80
N ALA F 95 2.52 -8.47 19.05
CA ALA F 95 2.03 -8.38 20.42
C ALA F 95 2.42 -9.60 21.23
N GLU F 96 2.56 -10.77 20.58
CA GLU F 96 3.05 -11.95 21.27
C GLU F 96 4.49 -11.76 21.71
N HIS F 97 5.34 -11.24 20.82
CA HIS F 97 6.75 -11.08 21.14
C HIS F 97 6.98 -9.95 22.13
N MET F 98 6.08 -8.98 22.20
CA MET F 98 6.19 -7.92 23.19
C MET F 98 6.16 -8.51 24.61
N GLN F 99 5.22 -9.41 24.86
CA GLN F 99 5.17 -10.06 26.18
C GLN F 99 6.44 -10.85 26.44
N ASP F 100 6.91 -11.60 25.44
CA ASP F 100 8.18 -12.30 25.58
C ASP F 100 9.32 -11.31 25.80
N LEU F 101 9.28 -10.18 25.10
CA LEU F 101 10.31 -9.16 25.26
C LEU F 101 10.33 -8.63 26.69
N TYR F 102 9.19 -8.12 27.17
CA TYR F 102 9.16 -7.52 28.50
C TYR F 102 9.37 -8.57 29.58
N ALA F 103 8.90 -9.81 29.36
CA ALA F 103 9.20 -10.87 30.30
C ALA F 103 10.71 -11.09 30.42
N THR F 104 11.42 -10.92 29.31
CA THR F 104 12.88 -11.08 29.34
C THR F 104 13.55 -9.90 30.02
N LEU F 105 13.05 -8.68 29.78
CA LEU F 105 13.61 -7.51 30.46
C LEU F 105 13.40 -7.60 31.96
N LEU F 106 12.24 -8.13 32.38
CA LEU F 106 11.99 -8.30 33.82
C LEU F 106 12.99 -9.27 34.43
N GLY F 107 13.25 -10.39 33.76
CA GLY F 107 14.22 -11.34 34.28
C GLY F 107 15.62 -10.76 34.31
N ASP F 108 16.03 -10.07 33.24
CA ASP F 108 17.36 -9.48 33.20
C ASP F 108 17.55 -8.44 34.32
N LEU F 109 16.48 -7.74 34.68
CA LEU F 109 16.56 -6.80 35.80
C LEU F 109 16.76 -7.55 37.12
N GLN F 110 16.05 -8.66 37.31
CA GLN F 110 16.22 -9.44 38.53
C GLN F 110 17.65 -9.94 38.68
N LEU F 111 18.20 -10.50 37.60
CA LEU F 111 19.58 -10.98 37.63
C LEU F 111 20.54 -9.84 37.93
N LEU F 112 20.31 -8.67 37.33
CA LEU F 112 21.16 -7.52 37.58
C LEU F 112 21.11 -7.13 39.06
N LYS F 113 19.93 -7.15 39.66
CA LYS F 113 19.79 -6.80 41.07
C LYS F 113 20.44 -7.85 41.96
N ALA F 114 20.26 -9.13 41.63
CA ALA F 114 20.75 -10.21 42.49
C ALA F 114 22.24 -10.45 42.33
N ARG F 115 22.85 -9.98 41.25
CA ARG F 115 24.27 -10.21 40.98
C ARG F 115 25.13 -8.99 41.26
N ARG F 116 24.59 -7.97 41.93
CA ARG F 116 25.34 -6.76 42.20
C ARG F 116 26.47 -7.03 43.20
N GLY F 117 27.61 -6.41 42.95
CA GLY F 117 28.73 -6.49 43.88
C GLY F 117 29.27 -7.90 44.09
N LEU F 118 28.95 -8.83 43.19
CA LEU F 118 29.41 -10.21 43.29
C LEU F 118 30.43 -10.46 42.19
N SER F 119 31.68 -10.66 42.59
CA SER F 119 32.76 -10.91 41.63
C SER F 119 32.58 -12.30 41.00
N ALA F 120 33.36 -12.55 39.96
CA ALA F 120 33.37 -13.88 39.35
C ALA F 120 33.75 -14.94 40.37
N SER F 121 34.75 -14.65 41.21
CA SER F 121 35.13 -15.60 42.27
C SER F 121 33.97 -15.81 43.23
N ASP F 122 33.25 -14.75 43.57
CA ASP F 122 32.07 -14.89 44.44
C ASP F 122 31.03 -15.78 43.79
N LEU F 123 30.75 -15.56 42.49
CA LEU F 123 29.67 -16.27 41.83
C LEU F 123 29.91 -17.77 41.82
N ILE F 124 31.14 -18.20 41.55
CA ILE F 124 31.45 -19.62 41.49
C ILE F 124 31.44 -20.29 42.85
N ASP F 125 31.42 -19.50 43.94
CA ASP F 125 31.31 -20.04 45.28
C ASP F 125 29.87 -20.29 45.70
N LEU F 126 28.90 -19.78 44.97
CA LEU F 126 27.50 -19.93 45.34
C LEU F 126 27.11 -21.40 45.34
N ASP F 127 26.04 -21.69 46.09
CA ASP F 127 25.41 -23.00 45.97
C ASP F 127 25.13 -23.30 44.50
N ALA F 128 25.36 -24.55 44.11
CA ALA F 128 25.22 -24.91 42.70
C ALA F 128 23.83 -24.57 42.17
N ASP F 129 22.80 -24.71 43.00
CA ASP F 129 21.44 -24.44 42.56
C ASP F 129 21.20 -22.95 42.38
N ARG F 130 21.71 -22.14 43.30
CA ARG F 130 21.52 -20.68 43.17
C ARG F 130 22.26 -20.15 41.96
N LEU F 131 23.46 -20.65 41.69
CA LEU F 131 24.20 -20.23 40.50
C LEU F 131 23.42 -20.54 39.24
N GLN F 132 22.92 -21.78 39.12
CA GLN F 132 22.14 -22.15 37.95
C GLN F 132 20.95 -21.21 37.76
N CYS F 133 20.33 -20.77 38.86
CA CYS F 133 19.21 -19.84 38.77
C CYS F 133 19.65 -18.50 38.19
N LEU F 134 20.88 -18.09 38.44
CA LEU F 134 21.34 -16.75 38.08
C LEU F 134 21.97 -16.68 36.69
N LEU F 135 22.00 -17.77 35.93
CA LEU F 135 22.54 -17.72 34.58
C LEU F 135 21.66 -16.85 33.70
N SER F 136 22.28 -16.25 32.67
CA SER F 136 21.59 -15.31 31.82
C SER F 136 20.52 -15.96 30.95
N GLY F 137 20.62 -17.26 30.70
CA GLY F 137 19.66 -17.98 29.90
C GLY F 137 20.25 -18.43 28.58
N HIS F 138 19.36 -18.82 27.67
CA HIS F 138 19.78 -19.34 26.38
C HIS F 138 20.47 -18.23 25.60
N PRO F 139 21.68 -18.46 25.06
CA PRO F 139 22.44 -17.36 24.45
C PRO F 139 22.02 -17.00 23.04
N LYS F 140 21.29 -17.88 22.35
CA LYS F 140 20.94 -17.61 20.95
C LYS F 140 19.62 -16.85 20.81
N PHE F 141 18.60 -17.25 21.56
CA PHE F 141 17.27 -16.69 21.35
C PHE F 141 17.16 -15.29 21.93
N ALA F 142 16.52 -14.41 21.17
CA ALA F 142 16.44 -13.00 21.54
C ALA F 142 15.74 -12.82 22.88
N PHE F 143 14.59 -13.48 23.06
CA PHE F 143 13.77 -13.34 24.26
C PHE F 143 13.80 -14.66 25.00
N ASN F 144 14.92 -14.94 25.65
CA ASN F 144 15.17 -16.26 26.23
C ASN F 144 14.41 -16.51 27.53
N LYS F 145 13.59 -15.55 27.99
CA LYS F 145 12.76 -15.76 29.17
C LYS F 145 11.28 -15.50 28.88
N GLY F 146 10.90 -15.33 27.62
CA GLY F 146 9.49 -15.24 27.28
C GLY F 146 8.84 -16.61 27.36
N ARG F 147 7.64 -16.64 27.95
CA ARG F 147 6.91 -17.90 28.17
C ARG F 147 5.43 -17.60 27.99
N ARG F 148 4.86 -18.11 26.91
CA ARG F 148 3.49 -17.78 26.52
C ARG F 148 2.53 -17.87 27.70
N GLY F 149 1.84 -16.78 27.98
CA GLY F 149 0.82 -16.76 29.00
C GLY F 149 1.30 -16.50 30.41
N TRP F 150 2.61 -16.36 30.62
CA TRP F 150 3.16 -16.11 31.95
C TRP F 150 3.31 -14.61 32.17
N GLY F 151 2.55 -14.08 33.14
CA GLY F 151 2.69 -12.70 33.54
C GLY F 151 3.74 -12.52 34.62
N LYS F 152 3.78 -11.31 35.18
CA LYS F 152 4.78 -11.00 36.19
C LYS F 152 4.64 -11.90 37.41
N GLU F 153 3.40 -12.25 37.77
CA GLU F 153 3.18 -13.12 38.93
C GLU F 153 3.76 -14.51 38.69
N ALA F 154 3.44 -15.10 37.53
CA ALA F 154 3.89 -16.46 37.25
C ALA F 154 5.40 -16.52 37.07
N LEU F 155 5.98 -15.52 36.39
CA LEU F 155 7.42 -15.50 36.20
C LEU F 155 8.16 -15.46 37.53
N GLU F 156 7.72 -14.58 38.43
CA GLU F 156 8.40 -14.45 39.73
C GLU F 156 8.28 -15.72 40.56
N ARG F 157 7.19 -16.46 40.42
CA ARG F 157 6.94 -17.60 41.28
C ARG F 157 7.62 -18.88 40.79
N TYR F 158 7.68 -19.09 39.48
CA TYR F 158 8.06 -20.39 38.92
C TYR F 158 9.26 -20.35 37.99
N ALA F 159 9.68 -19.17 37.53
CA ALA F 159 10.82 -19.11 36.63
C ALA F 159 12.13 -19.12 37.43
N PRO F 160 13.20 -19.69 36.88
CA PRO F 160 14.43 -19.85 37.67
C PRO F 160 15.14 -18.54 37.99
N GLU F 161 15.08 -17.56 37.08
CA GLU F 161 15.86 -16.34 37.28
C GLU F 161 15.44 -15.57 38.53
N TYR F 162 14.30 -15.89 39.13
CA TYR F 162 13.90 -15.28 40.39
C TYR F 162 14.24 -16.12 41.61
N ALA F 163 14.49 -17.42 41.42
CA ALA F 163 15.01 -18.28 42.48
C ALA F 163 14.03 -18.41 43.65
N ASN F 164 12.74 -18.48 43.33
CA ASN F 164 11.70 -18.69 44.32
C ASN F 164 11.27 -20.14 44.35
N THR F 165 10.79 -20.59 45.50
CA THR F 165 10.41 -21.98 45.72
C THR F 165 8.89 -22.08 45.82
N PHE F 166 8.39 -23.31 45.67
CA PHE F 166 6.95 -23.52 45.65
C PHE F 166 6.64 -25.00 45.85
N ARG F 167 5.43 -25.26 46.34
CA ARG F 167 4.95 -26.61 46.57
C ARG F 167 4.22 -27.14 45.34
N LEU F 168 4.14 -28.47 45.26
CA LEU F 168 3.45 -29.13 44.16
C LEU F 168 2.00 -29.40 44.51
N HIS F 169 1.14 -29.29 43.50
CA HIS F 169 -0.24 -29.71 43.64
C HIS F 169 -0.35 -31.21 43.39
N TRP F 170 -1.32 -31.85 44.04
CA TRP F 170 -1.45 -33.30 43.98
C TRP F 170 -2.88 -33.68 43.59
N LEU F 171 -2.99 -34.56 42.60
CA LEU F 171 -4.25 -35.14 42.18
C LEU F 171 -4.30 -36.61 42.56
N ALA F 172 -5.49 -37.19 42.42
CA ALA F 172 -5.68 -38.62 42.53
C ALA F 172 -6.30 -39.12 41.23
N VAL F 173 -5.76 -40.23 40.72
CA VAL F 173 -6.17 -40.78 39.43
C VAL F 173 -6.28 -42.29 39.56
N LYS F 174 -7.22 -42.87 38.84
CA LYS F 174 -7.45 -44.30 38.92
C LYS F 174 -6.33 -45.07 38.23
N ARG F 175 -5.86 -46.13 38.89
CA ARG F 175 -4.72 -46.89 38.38
C ARG F 175 -4.95 -47.34 36.95
N GLU F 176 -6.20 -47.68 36.60
CA GLU F 176 -6.49 -48.17 35.25
C GLU F 176 -6.35 -47.10 34.19
N HIS F 177 -6.40 -45.82 34.56
CA HIS F 177 -6.27 -44.74 33.61
C HIS F 177 -4.83 -44.29 33.38
N MET F 178 -3.88 -44.82 34.14
CA MET F 178 -2.51 -44.34 34.13
C MET F 178 -1.55 -45.45 33.77
N VAL F 179 -0.50 -45.10 33.03
CA VAL F 179 0.60 -45.99 32.72
C VAL F 179 1.76 -45.61 33.63
N TRP F 180 2.21 -46.54 34.46
CA TRP F 180 3.32 -46.31 35.36
C TRP F 180 4.47 -47.26 35.06
N ARG F 181 5.68 -46.72 35.03
CA ARG F 181 6.89 -47.49 34.82
C ARG F 181 7.85 -47.21 35.96
N CYS F 182 8.31 -48.26 36.63
CA CYS F 182 9.16 -48.13 37.81
C CYS F 182 10.36 -49.06 37.67
N ASP F 183 11.53 -48.57 38.08
CA ASP F 183 12.80 -49.26 37.87
C ASP F 183 13.34 -49.78 39.18
N GLY F 184 13.65 -51.08 39.22
CA GLY F 184 14.41 -51.65 40.32
C GLY F 184 13.73 -51.48 41.66
N SER F 185 14.53 -51.10 42.66
CA SER F 185 14.04 -51.02 44.04
C SER F 185 13.02 -49.90 44.22
N LEU F 186 12.96 -48.95 43.31
CA LEU F 186 12.07 -47.81 43.47
C LEU F 186 10.62 -48.25 43.58
N THR F 187 9.86 -47.55 44.42
CA THR F 187 8.42 -47.69 44.48
C THR F 187 7.82 -46.29 44.66
N ILE F 188 6.49 -46.21 44.63
CA ILE F 188 5.83 -44.91 44.82
C ILE F 188 6.17 -44.35 46.19
N GLY F 189 6.06 -45.19 47.22
CA GLY F 189 6.33 -44.73 48.57
C GLY F 189 7.67 -44.04 48.70
N THR F 190 8.68 -44.58 48.02
CA THR F 190 9.99 -43.91 47.99
C THR F 190 9.87 -42.54 47.33
N LEU F 191 9.26 -42.50 46.14
CA LEU F 191 9.13 -41.23 45.42
C LEU F 191 8.37 -40.21 46.25
N LEU F 192 7.25 -40.62 46.85
CA LEU F 192 6.48 -39.72 47.70
C LEU F 192 7.30 -39.26 48.88
N ALA F 193 8.11 -40.14 49.46
CA ALA F 193 8.96 -39.75 50.58
C ALA F 193 10.00 -38.74 50.16
N ALA F 194 10.42 -38.77 48.88
CA ALA F 194 11.36 -37.77 48.38
C ALA F 194 10.71 -36.42 48.16
N ALA F 195 9.39 -36.37 48.03
CA ALA F 195 8.66 -35.12 47.84
C ALA F 195 7.96 -34.64 49.11
N MET F 196 7.90 -35.47 50.15
CA MET F 196 7.20 -35.13 51.39
C MET F 196 7.99 -35.66 52.57
N ASP F 197 8.16 -34.82 53.59
CA ASP F 197 8.72 -35.28 54.85
C ASP F 197 7.67 -36.11 55.58
N PRO F 198 8.05 -36.84 56.62
CA PRO F 198 7.07 -37.70 57.31
C PRO F 198 5.84 -36.95 57.77
N GLN F 199 5.97 -35.66 58.11
CA GLN F 199 4.81 -34.90 58.58
C GLN F 199 3.83 -34.64 57.44
N GLU F 200 4.32 -34.24 56.27
CA GLU F 200 3.43 -33.96 55.15
C GLU F 200 2.86 -35.24 54.55
N PHE F 201 3.60 -36.34 54.61
CA PHE F 201 3.08 -37.61 54.10
C PHE F 201 1.83 -38.02 54.86
N ALA F 202 1.79 -37.76 56.17
CA ALA F 202 0.64 -38.14 56.98
C ALA F 202 -0.55 -37.23 56.73
N ARG F 203 -0.33 -35.91 56.68
CA ARG F 203 -1.41 -34.99 56.33
C ARG F 203 -1.98 -35.33 54.97
N PHE F 204 -1.11 -35.73 54.03
CA PHE F 204 -1.57 -36.14 52.71
C PHE F 204 -2.42 -37.40 52.78
N ASN F 205 -2.04 -38.36 53.63
CA ASN F 205 -2.80 -39.60 53.75
C ASN F 205 -4.14 -39.36 54.44
N GLN F 206 -4.20 -38.41 55.38
CA GLN F 206 -5.47 -38.06 56.00
C GLN F 206 -6.46 -37.56 54.96
N VAL F 207 -6.05 -36.58 54.14
CA VAL F 207 -6.89 -36.09 53.07
C VAL F 207 -7.23 -37.22 52.10
N TRP F 208 -6.24 -38.05 51.78
CA TRP F 208 -6.49 -39.21 50.92
C TRP F 208 -7.63 -40.04 51.47
N GLN F 209 -7.61 -40.32 52.77
CA GLN F 209 -8.67 -41.12 53.38
C GLN F 209 -9.96 -40.33 53.54
N ASP F 210 -9.87 -38.99 53.66
CA ASP F 210 -11.08 -38.18 53.78
C ASP F 210 -11.90 -38.19 52.50
N ASN F 211 -11.24 -38.30 51.35
CA ASN F 211 -11.92 -38.37 50.06
C ASN F 211 -12.37 -39.78 49.69
N GLY F 212 -12.13 -40.76 50.56
CA GLY F 212 -12.55 -42.13 50.31
C GLY F 212 -11.79 -42.78 49.17
N LEU F 213 -10.46 -42.64 49.17
CA LEU F 213 -9.61 -43.22 48.13
C LEU F 213 -8.95 -44.50 48.63
N ASP F 214 -8.63 -45.38 47.68
CA ASP F 214 -8.09 -46.70 47.99
C ASP F 214 -6.96 -46.99 47.01
N ASN F 215 -6.47 -48.24 47.05
CA ASN F 215 -5.36 -48.64 46.20
C ASN F 215 -5.68 -48.58 44.72
N ASP F 216 -6.95 -48.45 44.33
CA ASP F 216 -7.31 -48.27 42.94
C ASP F 216 -6.94 -46.89 42.42
N TRP F 217 -6.54 -45.98 43.30
CA TRP F 217 -6.11 -44.64 42.92
C TRP F 217 -4.61 -44.50 43.11
N LEU F 218 -4.06 -43.42 42.56
CA LEU F 218 -2.66 -43.10 42.66
C LEU F 218 -2.51 -41.60 42.81
N PRO F 219 -1.48 -41.13 43.52
CA PRO F 219 -1.23 -39.68 43.56
C PRO F 219 -0.43 -39.24 42.35
N LEU F 220 -0.88 -38.13 41.76
CA LEU F 220 -0.19 -37.53 40.62
C LEU F 220 0.23 -36.11 40.99
N PRO F 221 1.51 -35.82 41.15
CA PRO F 221 1.91 -34.42 41.36
C PRO F 221 1.66 -33.59 40.13
N VAL F 222 1.37 -32.30 40.36
CA VAL F 222 1.06 -31.38 39.27
C VAL F 222 1.72 -30.04 39.58
N HIS F 223 2.38 -29.47 38.59
CA HIS F 223 2.96 -28.15 38.74
C HIS F 223 1.85 -27.15 39.07
N PRO F 224 2.01 -26.29 40.08
CA PRO F 224 0.89 -25.40 40.46
C PRO F 224 0.38 -24.55 39.30
N TRP F 225 1.28 -24.05 38.43
CA TRP F 225 0.82 -23.29 37.28
C TRP F 225 -0.01 -24.16 36.34
N GLN F 226 0.43 -25.39 36.11
CA GLN F 226 -0.35 -26.31 35.28
C GLN F 226 -1.74 -26.53 35.87
N TRP F 227 -1.82 -26.76 37.18
CA TRP F 227 -3.12 -26.92 37.83
C TRP F 227 -3.92 -25.63 37.78
N GLN F 228 -3.27 -24.50 38.01
CA GLN F 228 -3.96 -23.22 38.13
C GLN F 228 -4.58 -22.79 36.81
N GLN F 229 -3.82 -22.92 35.71
CA GLN F 229 -4.22 -22.35 34.44
C GLN F 229 -4.79 -23.36 33.45
N LYS F 230 -4.46 -24.65 33.59
CA LYS F 230 -4.82 -25.64 32.58
C LYS F 230 -5.74 -26.72 33.12
N ILE F 231 -5.30 -27.48 34.12
CA ILE F 231 -6.04 -28.67 34.52
C ILE F 231 -7.32 -28.31 35.25
N SER F 232 -7.27 -27.33 36.15
CA SER F 232 -8.46 -26.95 36.90
C SER F 232 -9.56 -26.44 35.98
N LEU F 233 -9.23 -26.07 34.74
CA LEU F 233 -10.21 -25.60 33.77
C LEU F 233 -10.47 -26.60 32.66
N ASP F 234 -9.42 -27.14 32.04
CA ASP F 234 -9.59 -28.00 30.88
C ASP F 234 -10.21 -29.35 31.26
N PHE F 235 -9.84 -29.89 32.41
CA PHE F 235 -10.37 -31.16 32.89
C PHE F 235 -11.43 -30.98 33.97
N ILE F 236 -12.13 -29.84 33.95
CA ILE F 236 -13.14 -29.57 34.96
C ILE F 236 -14.27 -30.59 34.89
N ALA F 237 -14.54 -31.14 33.71
CA ALA F 237 -15.53 -32.20 33.59
C ALA F 237 -15.09 -33.42 34.41
N ASP F 238 -13.85 -33.86 34.22
CA ASP F 238 -13.36 -35.01 34.97
C ASP F 238 -13.42 -34.76 36.46
N LEU F 239 -13.13 -33.53 36.90
CA LEU F 239 -13.15 -33.22 38.32
C LEU F 239 -14.59 -33.20 38.86
N ALA F 240 -15.53 -32.73 38.04
CA ALA F 240 -16.92 -32.67 38.48
C ALA F 240 -17.57 -34.05 38.53
N GLU F 241 -17.15 -34.96 37.65
CA GLU F 241 -17.71 -36.30 37.61
C GLU F 241 -17.00 -37.28 38.54
N GLY F 242 -15.86 -36.89 39.12
CA GLY F 242 -15.14 -37.76 40.01
C GLY F 242 -14.09 -38.63 39.36
N ARG F 243 -13.94 -38.57 38.03
CA ARG F 243 -12.88 -39.31 37.36
C ARG F 243 -11.51 -38.91 37.88
N MET F 244 -11.40 -37.73 38.51
CA MET F 244 -10.13 -37.18 38.93
C MET F 244 -10.39 -36.29 40.14
N VAL F 245 -9.54 -36.38 41.14
CA VAL F 245 -9.77 -35.74 42.43
C VAL F 245 -8.60 -34.81 42.75
N SER F 246 -8.92 -33.58 43.15
CA SER F 246 -7.92 -32.60 43.53
C SER F 246 -7.70 -32.64 45.04
N LEU F 247 -6.47 -32.97 45.46
CA LEU F 247 -6.18 -33.10 46.87
C LEU F 247 -5.63 -31.82 47.50
N GLY F 248 -4.91 -31.01 46.74
CA GLY F 248 -4.34 -29.77 47.24
C GLY F 248 -2.82 -29.80 47.20
N GLU F 249 -2.22 -28.83 47.88
CA GLU F 249 -0.77 -28.67 47.89
C GLU F 249 -0.16 -29.36 49.11
N PHE F 250 0.91 -30.10 48.89
CA PHE F 250 1.56 -30.87 49.95
C PHE F 250 3.05 -31.00 49.63
N GLY F 251 3.83 -31.20 50.69
CA GLY F 251 5.19 -31.71 50.55
C GLY F 251 6.26 -30.64 50.55
N ASP F 252 7.39 -31.01 49.94
CA ASP F 252 8.60 -30.21 49.97
C ASP F 252 8.50 -29.03 49.02
N LEU F 253 9.42 -28.08 49.19
CA LEU F 253 9.54 -26.93 48.32
C LEU F 253 10.47 -27.26 47.16
N TRP F 254 10.06 -26.88 45.95
CA TRP F 254 10.80 -27.22 44.74
C TRP F 254 11.31 -25.94 44.07
N LEU F 255 12.43 -26.09 43.37
CA LEU F 255 13.10 -24.98 42.70
C LEU F 255 13.23 -25.30 41.22
N ALA F 256 12.92 -24.31 40.38
CA ALA F 256 12.94 -24.52 38.94
C ALA F 256 14.35 -24.47 38.39
N GLN F 257 14.63 -25.35 37.44
CA GLN F 257 15.89 -25.34 36.70
C GLN F 257 15.75 -24.50 35.43
N GLN F 258 16.84 -24.39 34.67
CA GLN F 258 16.79 -23.62 33.43
C GLN F 258 15.74 -24.18 32.48
N SER F 259 15.60 -25.51 32.42
CA SER F 259 14.60 -26.13 31.55
C SER F 259 13.17 -25.87 32.03
N LEU F 260 12.99 -25.32 33.22
CA LEU F 260 11.69 -24.85 33.70
C LEU F 260 10.76 -25.98 34.12
N ARG F 261 10.65 -27.03 33.29
CA ARG F 261 9.78 -28.14 33.63
C ARG F 261 10.39 -29.04 34.71
N THR F 262 11.72 -29.11 34.78
CA THR F 262 12.42 -29.96 35.73
C THR F 262 12.78 -29.15 36.97
N LEU F 263 12.51 -29.72 38.15
CA LEU F 263 12.62 -28.99 39.41
C LEU F 263 13.59 -29.69 40.34
N THR F 264 14.25 -28.89 41.17
CA THR F 264 15.15 -29.38 42.21
C THR F 264 14.48 -29.19 43.57
N ASN F 265 14.61 -30.20 44.43
CA ASN F 265 14.04 -30.14 45.76
C ASN F 265 14.91 -29.25 46.63
N ALA F 266 14.36 -28.10 47.03
CA ALA F 266 15.12 -27.10 47.78
C ALA F 266 15.10 -27.33 49.28
N SER F 267 14.21 -28.18 49.80
CA SER F 267 14.09 -28.38 51.23
C SER F 267 14.90 -29.57 51.74
N ARG F 268 15.14 -30.57 50.91
CA ARG F 268 15.94 -31.73 51.29
C ARG F 268 16.66 -32.22 50.04
N GLN F 269 17.98 -32.10 50.02
CA GLN F 269 18.77 -32.57 48.87
C GLN F 269 18.59 -34.07 48.72
N GLY F 270 17.40 -34.50 48.29
CA GLY F 270 17.07 -35.91 48.31
C GLY F 270 17.88 -36.72 47.30
N GLY F 271 18.15 -36.13 46.13
CA GLY F 271 18.88 -36.81 45.08
C GLY F 271 18.06 -37.20 43.87
N LEU F 272 16.77 -36.83 43.82
CA LEU F 272 15.95 -37.01 42.63
C LEU F 272 15.31 -35.68 42.26
N ASP F 273 15.39 -35.34 40.99
CA ASP F 273 14.67 -34.20 40.43
C ASP F 273 13.39 -34.70 39.76
N ILE F 274 12.42 -33.81 39.64
CA ILE F 274 11.12 -34.13 39.07
C ILE F 274 10.89 -33.24 37.85
N LYS F 275 10.25 -33.80 36.83
CA LYS F 275 9.92 -33.09 35.61
C LYS F 275 8.42 -33.23 35.36
N LEU F 276 7.74 -32.10 35.21
CA LEU F 276 6.29 -32.07 35.10
C LEU F 276 5.87 -31.34 33.83
N PRO F 277 4.68 -31.64 33.32
CA PRO F 277 4.22 -30.93 32.11
C PRO F 277 3.93 -29.46 32.37
N LEU F 278 4.17 -28.66 31.34
CA LEU F 278 3.82 -27.24 31.32
C LEU F 278 3.28 -26.93 29.93
N THR F 279 1.97 -27.02 29.77
CA THR F 279 1.33 -26.85 28.47
C THR F 279 1.28 -25.37 28.15
N ILE F 280 2.26 -24.90 27.39
CA ILE F 280 2.39 -23.49 27.05
C ILE F 280 2.02 -23.23 25.59
N TYR F 281 2.55 -24.04 24.68
CA TYR F 281 2.23 -23.91 23.25
C TYR F 281 1.43 -25.12 22.77
N TYR F 293 2.77 -41.43 22.27
CA TYR F 293 2.68 -42.83 22.70
C TYR F 293 3.93 -43.61 22.31
N ILE F 294 5.05 -42.90 22.20
CA ILE F 294 6.33 -43.53 21.90
C ILE F 294 7.24 -43.38 23.12
N ALA F 295 6.66 -43.59 24.31
CA ALA F 295 7.40 -43.37 25.55
C ALA F 295 8.58 -44.32 25.68
N ALA F 296 8.39 -45.58 25.26
CA ALA F 296 9.40 -46.63 25.41
C ALA F 296 10.80 -46.13 25.08
N GLY F 297 11.30 -45.18 25.88
CA GLY F 297 12.65 -44.71 25.77
C GLY F 297 13.52 -45.00 26.98
N PRO F 298 13.08 -45.86 27.92
CA PRO F 298 14.01 -46.27 28.97
C PRO F 298 14.98 -47.33 28.46
N LEU F 299 14.61 -48.02 27.38
CA LEU F 299 15.54 -48.92 26.72
C LEU F 299 16.78 -48.16 26.26
N ALA F 300 16.60 -46.93 25.80
CA ALA F 300 17.74 -46.14 25.32
C ALA F 300 18.57 -45.60 26.48
N SER F 301 17.93 -45.06 27.50
CA SER F 301 18.65 -44.58 28.68
C SER F 301 19.44 -45.73 29.32
N ARG F 302 18.74 -46.79 29.71
CA ARG F 302 19.41 -47.98 30.23
C ARG F 302 20.43 -48.55 29.24
N TRP F 303 20.28 -48.22 27.95
CA TRP F 303 21.23 -48.72 26.95
C TRP F 303 22.48 -47.87 26.88
N LEU F 304 22.34 -46.54 26.94
CA LEU F 304 23.52 -45.68 26.96
C LEU F 304 24.34 -45.92 28.22
N GLN F 305 23.66 -46.16 29.35
CA GLN F 305 24.37 -46.52 30.57
C GLN F 305 25.22 -47.77 30.36
N GLN F 306 24.78 -48.70 29.52
CA GLN F 306 25.65 -49.79 29.08
C GLN F 306 26.87 -49.22 28.36
N VAL F 307 26.62 -48.46 27.29
CA VAL F 307 27.69 -48.09 26.36
C VAL F 307 28.83 -47.40 27.09
N PHE F 308 28.50 -46.52 28.04
CA PHE F 308 29.54 -45.77 28.73
C PHE F 308 30.26 -46.61 29.77
N ALA F 309 29.57 -47.58 30.37
CA ALA F 309 30.24 -48.52 31.27
C ALA F 309 31.08 -49.53 30.49
N THR F 310 30.66 -49.87 29.27
CA THR F 310 31.37 -50.88 28.48
C THR F 310 32.57 -50.25 27.76
N ASP F 311 32.31 -49.34 26.83
CA ASP F 311 33.36 -48.75 26.02
C ASP F 311 34.48 -48.20 26.90
N ALA F 312 35.72 -48.57 26.57
CA ALA F 312 36.86 -48.13 27.37
C ALA F 312 37.13 -46.65 27.15
N THR F 313 36.97 -46.16 25.93
CA THR F 313 37.16 -44.74 25.66
C THR F 313 36.22 -43.89 26.50
N LEU F 314 34.99 -44.37 26.71
CA LEU F 314 34.01 -43.61 27.46
C LEU F 314 34.16 -43.80 28.96
N LYS F 315 34.52 -45.01 29.40
CA LYS F 315 34.80 -45.22 30.81
C LYS F 315 35.98 -44.38 31.27
N GLN F 316 37.01 -44.25 30.42
CA GLN F 316 38.15 -43.42 30.76
C GLN F 316 37.78 -41.94 30.84
N SER F 317 36.81 -41.51 30.04
CA SER F 317 36.37 -40.12 30.10
C SER F 317 35.59 -39.83 31.37
N GLY F 318 34.97 -40.86 31.96
CA GLY F 318 34.14 -40.68 33.13
C GLY F 318 32.72 -40.23 32.84
N ALA F 319 32.36 -40.05 31.57
CA ALA F 319 31.03 -39.58 31.21
C ALA F 319 29.96 -40.38 31.94
N VAL F 320 28.96 -39.67 32.46
CA VAL F 320 27.88 -40.27 33.26
C VAL F 320 26.56 -40.05 32.52
N ILE F 321 25.71 -41.07 32.57
CA ILE F 321 24.36 -41.00 32.01
C ILE F 321 23.39 -40.92 33.17
N LEU F 322 22.78 -39.76 33.37
CA LEU F 322 21.70 -39.62 34.32
C LEU F 322 20.43 -40.23 33.74
N GLY F 323 19.79 -41.13 34.49
CA GLY F 323 18.68 -41.89 34.00
C GLY F 323 17.33 -41.39 34.49
N GLU F 324 16.28 -41.96 33.90
CA GLU F 324 14.89 -41.69 34.28
C GLU F 324 14.28 -43.00 34.80
N PRO F 325 14.47 -43.31 36.08
CA PRO F 325 14.03 -44.63 36.58
C PRO F 325 12.53 -44.78 36.68
N ALA F 326 11.76 -43.69 36.76
CA ALA F 326 10.32 -43.78 36.90
C ALA F 326 9.64 -42.70 36.05
N ALA F 327 8.51 -43.06 35.47
CA ALA F 327 7.73 -42.13 34.65
C ALA F 327 6.28 -42.59 34.65
N GLY F 328 5.39 -41.67 34.30
CA GLY F 328 3.97 -41.98 34.26
C GLY F 328 3.21 -40.95 33.48
N TYR F 329 2.10 -41.39 32.86
CA TYR F 329 1.19 -40.50 32.16
C TYR F 329 -0.20 -41.11 32.18
N VAL F 330 -1.18 -40.33 31.76
CA VAL F 330 -2.59 -40.73 31.82
C VAL F 330 -3.03 -41.23 30.45
N SER F 331 -3.94 -42.19 30.46
CA SER F 331 -4.51 -42.76 29.25
C SER F 331 -6.03 -42.62 29.29
N HIS F 332 -6.63 -42.71 28.10
CA HIS F 332 -8.09 -42.59 27.90
C HIS F 332 -8.87 -42.10 29.12
N TYR F 343 -5.58 -37.94 23.79
CA TYR F 343 -4.19 -37.59 23.50
C TYR F 343 -3.78 -36.35 24.28
N ARG F 344 -4.79 -35.56 24.71
CA ARG F 344 -4.50 -34.43 25.57
C ARG F 344 -4.15 -34.87 26.99
N TYR F 345 -4.67 -36.03 27.42
CA TYR F 345 -4.32 -36.55 28.73
C TYR F 345 -2.85 -36.93 28.79
N GLN F 346 -2.32 -37.52 27.72
CA GLN F 346 -0.93 -37.98 27.73
C GLN F 346 0.04 -36.81 27.84
N GLU F 347 -0.23 -35.71 27.15
CA GLU F 347 0.70 -34.59 27.13
C GLU F 347 0.59 -33.74 28.38
N MET F 348 -0.63 -33.56 28.91
CA MET F 348 -0.87 -32.60 29.98
C MET F 348 -0.82 -33.20 31.37
N LEU F 349 -0.90 -34.52 31.50
CA LEU F 349 -0.90 -35.18 32.81
C LEU F 349 0.17 -36.26 32.82
N GLY F 350 1.11 -36.16 33.75
CA GLY F 350 2.17 -37.13 33.86
C GLY F 350 3.28 -36.60 34.75
N VAL F 351 4.28 -37.45 34.96
CA VAL F 351 5.41 -37.12 35.80
C VAL F 351 6.61 -37.94 35.35
N ILE F 352 7.79 -37.35 35.46
CA ILE F 352 9.06 -38.02 35.17
C ILE F 352 10.02 -37.72 36.30
N TRP F 353 10.67 -38.75 36.82
CA TRP F 353 11.66 -38.62 37.88
C TRP F 353 13.05 -38.83 37.28
N ARG F 354 13.97 -37.93 37.61
CA ARG F 354 15.31 -37.93 37.04
C ARG F 354 16.36 -38.04 38.13
N GLU F 355 17.50 -38.64 37.77
CA GLU F 355 18.61 -38.77 38.70
C GLU F 355 19.28 -37.41 38.91
N ASN F 356 19.46 -37.04 40.18
CA ASN F 356 20.20 -35.83 40.52
C ASN F 356 21.70 -36.11 40.48
N PRO F 357 22.51 -35.18 39.96
CA PRO F 357 23.96 -35.42 39.91
C PRO F 357 24.57 -35.89 41.21
N CYS F 358 24.06 -35.41 42.35
CA CYS F 358 24.68 -35.75 43.64
C CYS F 358 24.86 -37.25 43.81
N ARG F 359 23.98 -38.05 43.18
CA ARG F 359 24.11 -39.50 43.27
C ARG F 359 25.46 -39.99 42.73
N TRP F 360 26.01 -39.29 41.74
CA TRP F 360 27.21 -39.74 41.04
C TRP F 360 28.43 -38.87 41.30
N LEU F 361 28.29 -37.80 42.09
CA LEU F 361 29.41 -36.88 42.30
C LEU F 361 30.39 -37.43 43.33
N LYS F 362 31.67 -37.16 43.10
CA LYS F 362 32.75 -37.50 44.03
C LYS F 362 32.68 -36.57 45.23
N PRO F 363 33.66 -36.59 46.17
CA PRO F 363 33.47 -35.85 47.42
C PRO F 363 33.59 -34.34 47.26
N ASP F 364 34.67 -33.87 46.62
CA ASP F 364 34.95 -32.45 46.51
C ASP F 364 34.49 -31.86 45.18
N GLU F 365 33.70 -32.60 44.40
CA GLU F 365 33.22 -32.09 43.13
C GLU F 365 31.96 -31.26 43.33
N SER F 366 31.87 -30.15 42.59
CA SER F 366 30.69 -29.31 42.58
C SER F 366 30.16 -29.20 41.15
N PRO F 367 28.84 -29.25 40.97
CA PRO F 367 28.28 -29.22 39.61
C PRO F 367 27.99 -27.81 39.11
N ILE F 368 28.19 -27.64 37.80
CA ILE F 368 27.80 -26.41 37.10
C ILE F 368 27.30 -26.79 35.72
N LEU F 369 26.39 -25.96 35.20
CA LEU F 369 26.05 -26.04 33.78
C LEU F 369 27.18 -25.43 32.96
N MET F 370 27.48 -26.05 31.82
CA MET F 370 28.54 -25.52 30.97
C MET F 370 28.25 -24.09 30.56
N ALA F 371 26.96 -23.72 30.46
CA ALA F 371 26.59 -22.34 30.15
C ALA F 371 27.19 -21.36 31.16
N THR F 372 27.56 -21.82 32.35
CA THR F 372 28.24 -20.95 33.32
C THR F 372 29.49 -20.33 32.72
N LEU F 373 30.12 -21.00 31.75
CA LEU F 373 31.35 -20.51 31.14
C LEU F 373 31.12 -19.39 30.15
N MET F 374 29.87 -19.03 29.89
CA MET F 374 29.54 -17.85 29.07
C MET F 374 29.36 -16.60 29.91
N GLU F 375 29.40 -16.72 31.23
CA GLU F 375 28.99 -15.64 32.12
C GLU F 375 30.15 -14.74 32.50
N CYS F 376 29.83 -13.47 32.74
CA CYS F 376 30.77 -12.51 33.27
C CYS F 376 30.13 -11.83 34.48
N ASP F 377 30.97 -11.19 35.29
CA ASP F 377 30.47 -10.50 36.46
C ASP F 377 30.12 -9.06 36.11
N GLU F 378 29.71 -8.29 37.12
CA GLU F 378 29.32 -6.90 36.92
C GLU F 378 30.41 -6.11 36.21
N ASN F 379 31.68 -6.49 36.40
CA ASN F 379 32.81 -5.77 35.82
C ASN F 379 33.37 -6.45 34.58
N ASN F 380 32.59 -7.33 33.95
CA ASN F 380 32.99 -7.99 32.70
C ASN F 380 34.22 -8.88 32.89
N GLN F 381 34.38 -9.46 34.08
CA GLN F 381 35.43 -10.45 34.31
C GLN F 381 34.86 -11.84 34.16
N PRO F 382 35.31 -12.64 33.19
CA PRO F 382 34.66 -13.95 32.96
C PRO F 382 34.79 -14.87 34.16
N LEU F 383 33.73 -15.65 34.40
CA LEU F 383 33.77 -16.67 35.45
C LEU F 383 34.73 -17.80 35.10
N ILE F 384 34.86 -18.13 33.81
CA ILE F 384 35.79 -19.17 33.40
C ILE F 384 37.20 -18.83 33.84
N GLY F 385 37.55 -17.54 33.88
CA GLY F 385 38.85 -17.15 34.40
C GLY F 385 38.98 -17.40 35.88
N ALA F 386 37.88 -17.27 36.64
CA ALA F 386 37.91 -17.58 38.06
C ALA F 386 38.16 -19.07 38.28
N TYR F 387 37.49 -19.92 37.51
CA TYR F 387 37.77 -21.36 37.59
C TYR F 387 39.23 -21.66 37.27
N ILE F 388 39.83 -20.89 36.35
CA ILE F 388 41.22 -21.13 35.98
C ILE F 388 42.15 -20.61 37.08
N ASP F 389 41.81 -19.47 37.68
CA ASP F 389 42.66 -18.91 38.73
C ASP F 389 42.80 -19.88 39.89
N ARG F 390 41.71 -20.50 40.31
CA ARG F 390 41.75 -21.44 41.43
C ARG F 390 42.31 -22.80 41.05
N SER F 391 42.22 -23.18 39.78
CA SER F 391 42.79 -24.45 39.35
C SER F 391 44.31 -24.41 39.45
N GLY F 392 44.92 -23.24 39.35
CA GLY F 392 46.36 -23.13 39.28
C GLY F 392 46.96 -23.55 37.96
N LEU F 393 46.13 -23.83 36.97
CA LEU F 393 46.58 -24.35 35.68
C LEU F 393 46.74 -23.23 34.68
N ASP F 394 47.62 -23.46 33.70
CA ASP F 394 47.69 -22.58 32.54
C ASP F 394 46.39 -22.71 31.74
N ALA F 395 45.91 -21.59 31.22
CA ALA F 395 44.62 -21.58 30.53
C ALA F 395 44.56 -22.65 29.45
N GLU F 396 45.63 -22.81 28.69
CA GLU F 396 45.61 -23.72 27.55
C GLU F 396 45.44 -25.17 28.00
N THR F 397 46.03 -25.54 29.13
CA THR F 397 45.81 -26.89 29.67
C THR F 397 44.40 -27.04 30.21
N TRP F 398 43.90 -26.01 30.91
CA TRP F 398 42.53 -26.05 31.41
C TRP F 398 41.55 -26.31 30.28
N LEU F 399 41.70 -25.57 29.18
CA LEU F 399 40.82 -25.78 28.02
C LEU F 399 41.01 -27.17 27.43
N THR F 400 42.26 -27.62 27.31
CA THR F 400 42.50 -28.97 26.82
C THR F 400 41.76 -30.00 27.67
N GLN F 401 41.68 -29.78 28.97
CA GLN F 401 40.93 -30.68 29.84
C GLN F 401 39.45 -30.63 29.52
N LEU F 402 38.89 -29.41 29.40
CA LEU F 402 37.47 -29.27 29.08
C LEU F 402 37.13 -29.99 27.79
N PHE F 403 37.94 -29.80 26.74
CA PHE F 403 37.65 -30.43 25.46
C PHE F 403 37.71 -31.96 25.57
N ARG F 404 38.71 -32.48 26.27
CA ARG F 404 38.79 -33.94 26.46
C ARG F 404 37.58 -34.46 27.22
N VAL F 405 37.04 -33.66 28.14
CA VAL F 405 35.92 -34.10 28.95
C VAL F 405 34.63 -34.13 28.14
N VAL F 406 34.41 -33.09 27.34
CA VAL F 406 33.11 -32.85 26.72
C VAL F 406 33.07 -33.45 25.31
N VAL F 407 33.99 -33.01 24.45
CA VAL F 407 33.86 -33.28 23.02
C VAL F 407 34.18 -34.74 22.71
N VAL F 408 35.22 -35.29 23.35
CA VAL F 408 35.69 -36.62 22.98
C VAL F 408 34.62 -37.68 23.17
N PRO F 409 33.94 -37.78 24.33
CA PRO F 409 32.88 -38.79 24.45
C PRO F 409 31.81 -38.66 23.39
N LEU F 410 31.32 -37.44 23.16
CA LEU F 410 30.23 -37.25 22.21
C LEU F 410 30.70 -37.54 20.79
N TYR F 411 31.91 -37.13 20.44
CA TYR F 411 32.43 -37.43 19.11
C TYR F 411 32.71 -38.92 18.94
N HIS F 412 33.10 -39.60 20.01
CA HIS F 412 33.32 -41.05 19.93
C HIS F 412 32.01 -41.80 19.76
N LEU F 413 31.07 -41.56 20.66
CA LEU F 413 29.73 -42.15 20.59
C LEU F 413 29.19 -42.02 19.18
N LEU F 414 29.45 -40.87 18.55
CA LEU F 414 28.94 -40.62 17.22
C LEU F 414 29.67 -41.46 16.18
N CYS F 415 31.01 -41.45 16.21
CA CYS F 415 31.77 -42.11 15.15
C CYS F 415 31.73 -43.63 15.28
N ARG F 416 31.71 -44.15 16.50
CA ARG F 416 31.71 -45.58 16.71
C ARG F 416 30.30 -46.18 16.64
N TYR F 417 29.35 -45.57 17.35
CA TYR F 417 28.00 -46.09 17.47
C TYR F 417 27.00 -45.37 16.57
N GLY F 418 27.38 -44.28 15.94
CA GLY F 418 26.47 -43.57 15.07
C GLY F 418 25.35 -42.87 15.81
N VAL F 419 25.59 -42.44 17.05
CA VAL F 419 24.57 -41.85 17.90
C VAL F 419 24.94 -40.40 18.16
N ALA F 420 23.96 -39.52 18.05
CA ALA F 420 24.14 -38.09 18.31
C ALA F 420 23.21 -37.66 19.44
N LEU F 421 23.74 -36.89 20.38
CA LEU F 421 22.96 -36.36 21.49
C LEU F 421 23.04 -34.84 21.49
N ILE F 422 21.95 -34.20 21.93
CA ILE F 422 21.94 -32.75 22.07
C ILE F 422 23.06 -32.34 23.01
N ALA F 423 23.70 -31.21 22.68
CA ALA F 423 24.86 -30.74 23.43
C ALA F 423 24.79 -29.22 23.61
N HIS F 424 23.77 -28.77 24.35
CA HIS F 424 23.60 -27.37 24.66
C HIS F 424 24.23 -27.03 26.01
N GLY F 425 24.44 -25.74 26.24
CA GLY F 425 25.05 -25.30 27.49
C GLY F 425 24.19 -25.63 28.70
N GLN F 426 22.88 -25.70 28.52
CA GLN F 426 21.96 -25.94 29.63
C GLN F 426 21.62 -27.42 29.82
N ASN F 427 22.02 -28.29 28.88
CA ASN F 427 21.83 -29.73 29.02
C ASN F 427 23.12 -30.45 29.38
N ILE F 428 24.22 -29.73 29.54
CA ILE F 428 25.53 -30.30 29.84
C ILE F 428 25.94 -29.83 31.23
N THR F 429 26.14 -30.78 32.14
CA THR F 429 26.58 -30.49 33.50
C THR F 429 28.03 -30.91 33.65
N LEU F 430 28.84 -30.04 34.25
CA LEU F 430 30.25 -30.31 34.50
C LEU F 430 30.48 -30.55 35.98
N ALA F 431 31.33 -31.52 36.29
CA ALA F 431 31.77 -31.77 37.66
C ALA F 431 33.07 -31.02 37.90
N MET F 432 33.05 -30.06 38.82
CA MET F 432 34.17 -29.17 39.05
C MET F 432 34.83 -29.50 40.38
N LYS F 433 36.14 -29.70 40.36
CA LYS F 433 36.95 -29.94 41.56
C LYS F 433 38.12 -28.96 41.54
N LYS F 434 38.09 -27.99 42.45
CA LYS F 434 39.13 -26.97 42.51
C LYS F 434 39.22 -26.18 41.20
N GLY F 435 38.07 -25.95 40.58
CA GLY F 435 38.00 -25.19 39.36
C GLY F 435 38.33 -25.95 38.10
N VAL F 436 38.56 -27.26 38.18
CA VAL F 436 38.92 -28.09 37.03
C VAL F 436 37.73 -29.00 36.72
N PRO F 437 37.25 -29.03 35.48
CA PRO F 437 36.19 -30.01 35.13
C PRO F 437 36.75 -31.42 35.10
N GLN F 438 36.13 -32.31 35.88
CA GLN F 438 36.57 -33.70 35.95
C GLN F 438 35.90 -34.57 34.88
N ARG F 439 34.58 -34.48 34.77
CA ARG F 439 33.83 -35.26 33.79
C ARG F 439 32.52 -34.55 33.50
N VAL F 440 31.81 -35.07 32.51
CA VAL F 440 30.57 -34.46 32.04
C VAL F 440 29.39 -35.35 32.42
N LEU F 441 28.25 -34.71 32.69
CA LEU F 441 27.01 -35.39 33.03
C LEU F 441 25.93 -34.98 32.03
N LEU F 442 25.21 -35.96 31.50
CA LEU F 442 24.24 -35.74 30.44
C LEU F 442 22.83 -35.93 31.00
N LYS F 443 21.99 -34.90 30.87
CA LYS F 443 20.67 -34.91 31.49
C LYS F 443 19.56 -35.32 30.52
N ASP F 444 18.90 -34.34 29.90
CA ASP F 444 17.69 -34.60 29.13
C ASP F 444 18.04 -34.87 27.67
N PHE F 445 17.56 -36.01 27.15
CA PHE F 445 17.83 -36.33 25.75
C PHE F 445 16.90 -37.40 25.17
N GLN F 446 15.71 -37.64 25.75
CA GLN F 446 14.81 -38.62 25.19
C GLN F 446 14.40 -38.27 23.77
N GLY F 447 14.19 -36.99 23.49
CA GLY F 447 13.78 -36.55 22.18
C GLY F 447 14.87 -35.85 21.40
N ASP F 448 15.88 -35.32 22.10
CA ASP F 448 17.01 -34.65 21.47
C ASP F 448 18.03 -35.64 20.88
N MET F 449 17.64 -36.90 20.70
CA MET F 449 18.52 -37.93 20.19
C MET F 449 18.26 -38.18 18.71
N ARG F 450 19.32 -38.57 18.00
CA ARG F 450 19.22 -38.89 16.58
C ARG F 450 20.24 -39.97 16.26
N LEU F 451 20.01 -40.65 15.13
CA LEU F 451 20.87 -41.74 14.67
C LEU F 451 21.35 -41.47 13.25
N VAL F 452 22.48 -42.09 12.91
CA VAL F 452 23.01 -42.01 11.56
C VAL F 452 22.21 -42.95 10.65
N LYS F 453 22.12 -42.59 9.37
CA LYS F 453 21.35 -43.39 8.43
C LYS F 453 22.07 -44.69 8.10
N ASP F 454 23.36 -44.62 7.79
CA ASP F 454 24.11 -45.79 7.35
C ASP F 454 24.04 -46.90 8.39
N ALA F 455 24.35 -48.12 7.94
CA ALA F 455 24.20 -49.33 8.74
C ALA F 455 25.53 -49.67 9.40
N PHE F 456 25.60 -49.49 10.73
CA PHE F 456 26.76 -49.86 11.54
C PHE F 456 26.43 -51.08 12.40
N PRO F 457 27.38 -52.00 12.63
CA PRO F 457 27.10 -53.15 13.51
C PRO F 457 26.85 -52.74 14.95
N GLU F 458 27.69 -51.86 15.48
CA GLU F 458 27.56 -51.39 16.86
C GLU F 458 26.16 -50.90 17.17
N MET F 459 25.36 -50.65 16.12
CA MET F 459 23.97 -50.23 16.26
C MET F 459 22.99 -51.39 16.33
N ASP F 460 23.41 -52.60 15.95
CA ASP F 460 22.51 -53.75 16.03
C ASP F 460 22.00 -53.96 17.45
N SER F 461 22.80 -53.58 18.45
CA SER F 461 22.43 -53.78 19.85
C SER F 461 21.56 -52.64 20.38
N LEU F 462 20.61 -52.19 19.57
CA LEU F 462 19.65 -51.17 19.99
C LEU F 462 18.26 -51.78 19.93
N PRO F 463 17.50 -51.80 21.04
CA PRO F 463 16.10 -52.22 20.95
C PRO F 463 15.42 -51.68 19.70
N GLN F 464 15.00 -52.59 18.82
CA GLN F 464 14.32 -52.18 17.59
C GLN F 464 13.26 -51.12 17.87
N GLU F 465 12.66 -51.15 19.06
CA GLU F 465 11.78 -50.06 19.48
C GLU F 465 12.53 -48.74 19.48
N VAL F 466 13.81 -48.75 19.89
CA VAL F 466 14.60 -47.53 19.89
C VAL F 466 14.80 -47.02 18.47
N ARG F 467 15.00 -47.93 17.51
CA ARG F 467 15.12 -47.51 16.12
C ARG F 467 13.84 -46.90 15.59
N ASP F 468 12.69 -47.28 16.16
CA ASP F 468 11.40 -46.85 15.64
C ASP F 468 11.21 -45.34 15.80
N VAL F 469 11.31 -44.83 17.03
CA VAL F 469 10.97 -43.45 17.31
C VAL F 469 12.16 -42.51 17.17
N THR F 470 13.38 -43.02 17.04
CA THR F 470 14.57 -42.19 16.94
C THR F 470 14.80 -41.86 15.46
N ALA F 471 14.55 -40.60 15.09
CA ALA F 471 14.73 -40.18 13.70
C ALA F 471 16.14 -40.48 13.22
N ARG F 472 16.22 -41.11 12.04
CA ARG F 472 17.49 -41.50 11.46
C ARG F 472 17.93 -40.47 10.44
N LEU F 473 19.20 -40.08 10.49
CA LEU F 473 19.71 -38.92 9.78
C LEU F 473 21.02 -39.28 9.10
N SER F 474 21.35 -38.54 8.04
CA SER F 474 22.59 -38.79 7.32
C SER F 474 23.78 -38.17 8.06
N ALA F 475 24.97 -38.65 7.73
CA ALA F 475 26.17 -38.28 8.47
C ALA F 475 26.43 -36.78 8.39
N ASP F 476 26.33 -36.21 7.18
CA ASP F 476 26.58 -34.77 7.02
C ASP F 476 25.67 -33.95 7.92
N TYR F 477 24.36 -34.23 7.88
CA TYR F 477 23.42 -33.50 8.73
C TYR F 477 23.61 -33.85 10.20
N LEU F 478 24.04 -35.08 10.50
CA LEU F 478 24.24 -35.48 11.88
C LEU F 478 25.36 -34.69 12.54
N ILE F 479 26.30 -34.18 11.75
CA ILE F 479 27.39 -33.37 12.31
C ILE F 479 26.83 -32.13 13.01
N HIS F 480 25.77 -31.53 12.45
CA HIS F 480 25.17 -30.35 13.05
C HIS F 480 24.93 -30.53 14.54
N ASP F 481 24.35 -31.67 14.92
CA ASP F 481 24.04 -31.93 16.32
C ASP F 481 25.25 -31.73 17.23
N LEU F 482 26.45 -31.70 16.66
CA LEU F 482 27.67 -31.39 17.42
C LEU F 482 28.34 -30.10 16.99
N GLN F 483 28.31 -29.75 15.70
CA GLN F 483 28.82 -28.45 15.27
C GLN F 483 27.88 -27.34 15.72
N THR F 484 26.65 -27.33 15.18
CA THR F 484 25.69 -26.29 15.52
C THR F 484 25.21 -26.41 16.95
N GLY F 485 25.12 -27.63 17.48
CA GLY F 485 24.57 -27.85 18.81
C GLY F 485 25.52 -27.47 19.92
N HIS F 486 26.81 -27.76 19.76
CA HIS F 486 27.80 -27.50 20.80
C HIS F 486 28.77 -26.40 20.42
N PHE F 487 29.46 -26.53 19.29
CA PHE F 487 30.45 -25.53 18.89
C PHE F 487 29.80 -24.16 18.69
N VAL F 488 28.80 -24.11 17.81
CA VAL F 488 28.19 -22.82 17.45
C VAL F 488 27.38 -22.26 18.61
N THR F 489 26.73 -23.11 19.38
CA THR F 489 25.80 -22.64 20.41
C THR F 489 26.46 -22.49 21.78
N VAL F 490 27.67 -23.03 21.97
CA VAL F 490 28.33 -22.94 23.27
C VAL F 490 29.69 -22.27 23.12
N LEU F 491 30.60 -22.93 22.40
CA LEU F 491 31.97 -22.43 22.30
C LEU F 491 32.02 -21.05 21.65
N ARG F 492 31.08 -20.76 20.75
CA ARG F 492 31.05 -19.44 20.10
C ARG F 492 30.94 -18.32 21.13
N PHE F 493 30.32 -18.58 22.28
CA PHE F 493 30.16 -17.59 23.33
C PHE F 493 31.23 -17.67 24.41
N VAL F 494 32.09 -18.69 24.37
CA VAL F 494 33.14 -18.86 25.37
C VAL F 494 34.47 -18.31 24.87
N SER F 495 34.83 -18.61 23.63
CA SER F 495 36.13 -18.18 23.13
C SER F 495 36.32 -16.66 23.12
N PRO F 496 35.31 -15.83 22.91
CA PRO F 496 35.53 -14.38 23.08
C PRO F 496 35.98 -14.03 24.49
N LEU F 497 35.42 -14.70 25.50
CA LEU F 497 35.87 -14.48 26.87
C LEU F 497 37.31 -14.92 27.06
N MET F 498 37.72 -15.99 26.37
CA MET F 498 39.11 -16.42 26.44
C MET F 498 40.04 -15.40 25.80
N ALA F 499 39.67 -14.90 24.62
CA ALA F 499 40.46 -13.85 23.98
C ALA F 499 40.67 -12.69 24.93
N ARG F 500 39.70 -12.42 25.80
CA ARG F 500 39.84 -11.37 26.81
C ARG F 500 40.86 -11.74 27.88
N LEU F 501 41.19 -13.02 28.04
CA LEU F 501 42.11 -13.48 29.07
C LEU F 501 43.46 -13.92 28.49
N GLY F 502 43.74 -13.55 27.23
CA GLY F 502 45.03 -13.83 26.64
C GLY F 502 45.10 -15.06 25.76
N VAL F 503 43.97 -15.63 25.37
CA VAL F 503 43.96 -16.77 24.46
C VAL F 503 43.12 -16.40 23.24
N PRO F 504 43.72 -15.93 22.15
CA PRO F 504 42.94 -15.58 20.96
C PRO F 504 42.09 -16.76 20.50
N GLU F 505 41.00 -16.45 19.80
CA GLU F 505 40.13 -17.50 19.30
C GLU F 505 40.90 -18.50 18.44
N ARG F 506 41.81 -18.00 17.61
CA ARG F 506 42.60 -18.88 16.76
C ARG F 506 43.27 -19.98 17.58
N ARG F 507 43.90 -19.60 18.69
CA ARG F 507 44.56 -20.58 19.54
C ARG F 507 43.54 -21.48 20.24
N PHE F 508 42.47 -20.87 20.78
CA PHE F 508 41.39 -21.62 21.40
C PHE F 508 41.01 -22.85 20.56
N TYR F 509 40.79 -22.64 19.26
CA TYR F 509 40.37 -23.73 18.39
C TYR F 509 41.54 -24.54 17.84
N GLN F 510 42.78 -24.07 18.03
CA GLN F 510 43.93 -24.93 17.78
C GLN F 510 43.98 -26.06 18.80
N LEU F 511 43.62 -25.77 20.06
CA LEU F 511 43.61 -26.80 21.09
C LEU F 511 42.53 -27.83 20.82
N LEU F 512 41.31 -27.38 20.50
CA LEU F 512 40.23 -28.31 20.23
C LEU F 512 40.59 -29.25 19.09
N ALA F 513 41.21 -28.72 18.04
CA ALA F 513 41.62 -29.57 16.91
C ALA F 513 42.68 -30.57 17.34
N ALA F 514 43.63 -30.15 18.18
CA ALA F 514 44.67 -31.06 18.63
C ALA F 514 44.11 -32.14 19.53
N VAL F 515 43.19 -31.79 20.43
CA VAL F 515 42.53 -32.81 21.25
C VAL F 515 41.83 -33.83 20.37
N LEU F 516 41.11 -33.36 19.35
CA LEU F 516 40.53 -34.27 18.38
C LEU F 516 41.63 -35.06 17.66
N SER F 517 42.56 -34.34 17.02
CA SER F 517 43.67 -35.00 16.33
C SER F 517 44.30 -36.07 17.20
N ASP F 518 44.69 -35.72 18.43
CA ASP F 518 45.26 -36.71 19.34
C ASP F 518 44.32 -37.88 19.54
N TYR F 519 43.03 -37.60 19.74
CA TYR F 519 42.05 -38.65 19.95
C TYR F 519 41.99 -39.59 18.75
N MET F 520 41.84 -39.02 17.54
CA MET F 520 41.64 -39.85 16.36
C MET F 520 42.86 -40.73 16.10
N GLN F 521 44.06 -40.21 16.35
CA GLN F 521 45.28 -41.00 16.18
C GLN F 521 45.27 -42.24 17.06
N GLU F 522 44.53 -42.23 18.17
CA GLU F 522 44.44 -43.36 19.06
C GLU F 522 43.42 -44.40 18.62
N HIS F 523 42.59 -44.10 17.63
CA HIS F 523 41.56 -45.01 17.14
C HIS F 523 41.65 -45.08 15.62
N PRO F 524 42.72 -45.66 15.08
CA PRO F 524 42.87 -45.74 13.63
C PRO F 524 41.91 -46.71 12.97
N GLN F 525 41.27 -47.60 13.72
CA GLN F 525 40.26 -48.48 13.13
C GLN F 525 39.00 -47.72 12.74
N MET F 526 38.89 -46.44 13.10
CA MET F 526 37.74 -45.61 12.78
C MET F 526 38.08 -44.54 11.75
N SER F 527 39.19 -44.71 11.02
CA SER F 527 39.57 -43.73 10.01
C SER F 527 38.44 -43.49 9.02
N ALA F 528 37.72 -44.55 8.65
CA ALA F 528 36.61 -44.38 7.71
C ALA F 528 35.45 -43.65 8.37
N ARG F 529 35.03 -44.09 9.55
CA ARG F 529 34.04 -43.35 10.32
C ARG F 529 34.42 -41.88 10.39
N PHE F 530 35.67 -41.61 10.73
CA PHE F 530 36.14 -40.23 10.85
C PHE F 530 36.00 -39.46 9.54
N ALA F 531 36.13 -40.16 8.41
CA ALA F 531 35.90 -39.50 7.12
C ALA F 531 34.44 -39.11 6.96
N LEU F 532 33.52 -40.00 7.35
CA LEU F 532 32.10 -39.69 7.24
C LEU F 532 31.70 -38.56 8.18
N PHE F 533 32.32 -38.50 9.36
CA PHE F 533 31.98 -37.50 10.38
C PHE F 533 33.16 -36.56 10.59
N SER F 534 33.42 -35.72 9.60
CA SER F 534 34.56 -34.82 9.63
C SER F 534 34.14 -33.46 10.18
N LEU F 535 34.81 -33.02 11.25
CA LEU F 535 34.60 -31.70 11.82
C LEU F 535 35.53 -30.66 11.24
N PHE F 536 36.35 -31.01 10.26
CA PHE F 536 37.38 -30.11 9.72
C PHE F 536 37.11 -29.70 8.28
N LYS F 537 35.90 -29.91 7.78
CA LYS F 537 35.57 -29.42 6.45
C LYS F 537 35.73 -27.90 6.42
N PRO F 538 36.14 -27.33 5.28
CA PRO F 538 36.45 -25.90 5.27
C PRO F 538 35.26 -25.02 5.58
N GLN F 539 34.05 -25.47 5.29
CA GLN F 539 32.85 -24.69 5.55
C GLN F 539 31.79 -25.58 6.21
N ILE F 540 30.88 -24.94 6.93
CA ILE F 540 29.81 -25.61 7.64
C ILE F 540 28.49 -25.30 6.95
N ILE F 541 27.66 -26.32 6.78
CA ILE F 541 26.34 -26.13 6.19
C ILE F 541 25.44 -25.41 7.19
N ARG F 542 24.69 -24.43 6.70
CA ARG F 542 23.75 -23.67 7.52
C ARG F 542 22.33 -24.03 7.11
N VAL F 543 21.53 -24.48 8.07
CA VAL F 543 20.13 -24.79 7.83
C VAL F 543 19.41 -23.48 7.56
N VAL F 544 18.96 -23.28 6.31
CA VAL F 544 18.57 -21.96 5.86
C VAL F 544 17.17 -21.62 6.35
N LEU F 545 16.89 -20.31 6.40
CA LEU F 545 15.55 -19.76 6.54
C LEU F 545 14.72 -20.43 7.63
N ASN F 546 13.56 -21.00 7.24
CA ASN F 546 12.50 -21.30 8.20
C ASN F 546 12.04 -19.98 8.79
N PRO F 547 11.02 -19.97 9.64
CA PRO F 547 10.71 -18.74 10.38
C PRO F 547 11.75 -18.46 11.44
N VAL F 548 12.17 -17.20 11.52
CA VAL F 548 13.14 -16.78 12.53
C VAL F 548 12.49 -16.89 13.89
N LYS F 549 13.03 -17.76 14.75
CA LYS F 549 12.48 -17.99 16.07
C LYS F 549 13.13 -17.03 17.07
N LEU F 550 12.29 -16.35 17.86
CA LEU F 550 12.77 -15.37 18.83
C LEU F 550 12.58 -15.83 20.28
N THR F 551 12.12 -17.05 20.51
CA THR F 551 11.83 -17.52 21.86
C THR F 551 12.16 -19.00 21.96
N TRP F 552 12.41 -19.43 23.21
CA TRP F 552 12.72 -20.83 23.60
C TRP F 552 14.15 -20.89 24.11
N GLU F 567 24.19 -22.61 1.48
CA GLU F 567 24.31 -23.36 2.72
C GLU F 567 25.77 -23.67 3.04
N ASP F 568 26.53 -22.62 3.37
CA ASP F 568 27.93 -22.79 3.70
C ASP F 568 28.41 -21.56 4.47
N LEU F 569 29.12 -21.79 5.58
CA LEU F 569 29.73 -20.70 6.32
C LEU F 569 31.01 -21.21 6.99
N GLN F 570 31.67 -20.34 7.73
CA GLN F 570 33.03 -20.58 8.20
C GLN F 570 33.08 -21.74 9.20
N ASN F 571 34.20 -22.48 9.15
CA ASN F 571 34.51 -23.47 10.17
C ASN F 571 35.77 -23.05 10.90
N PRO F 572 35.66 -22.51 12.13
CA PRO F 572 36.88 -22.06 12.82
C PRO F 572 37.91 -23.14 13.03
N LEU F 573 37.50 -24.40 13.18
CA LEU F 573 38.48 -25.48 13.30
C LEU F 573 39.36 -25.55 12.06
N TRP F 574 38.78 -25.34 10.88
CA TRP F 574 39.57 -25.35 9.66
C TRP F 574 40.39 -24.08 9.53
N LEU F 575 39.89 -22.95 10.03
CA LEU F 575 40.62 -21.69 9.92
C LEU F 575 41.81 -21.65 10.86
N ALA F 576 41.63 -22.07 12.11
CA ALA F 576 42.71 -21.99 13.09
C ALA F 576 43.87 -22.90 12.75
N THR F 577 43.66 -23.91 11.90
CA THR F 577 44.72 -24.80 11.46
C THR F 577 45.22 -24.50 10.06
N ARG F 578 44.54 -23.61 9.33
CA ARG F 578 44.89 -23.31 7.94
C ARG F 578 44.90 -24.59 7.11
N ASN G 4 26.61 -17.05 -26.22
CA ASN G 4 25.63 -15.97 -26.13
C ASN G 4 25.14 -15.82 -24.70
N HIS G 5 24.46 -16.85 -24.18
CA HIS G 5 24.06 -16.85 -22.79
C HIS G 5 25.28 -16.89 -21.87
N LYS G 6 26.36 -17.54 -22.32
CA LYS G 6 27.61 -17.53 -21.56
C LYS G 6 28.28 -16.17 -21.62
N ASP G 7 28.11 -15.44 -22.74
CA ASP G 7 28.68 -14.11 -22.85
C ASP G 7 27.96 -13.12 -21.93
N TRP G 8 26.63 -13.21 -21.86
CA TRP G 8 25.88 -12.31 -20.99
C TRP G 8 26.30 -12.49 -19.54
N ASP G 9 26.46 -13.74 -19.08
CA ASP G 9 26.89 -13.98 -17.72
C ASP G 9 28.32 -13.51 -17.49
N PHE G 10 29.21 -13.78 -18.46
CA PHE G 10 30.61 -13.41 -18.29
C PHE G 10 30.79 -11.91 -18.13
N VAL G 11 30.13 -11.13 -19.00
CA VAL G 11 30.31 -9.68 -18.97
C VAL G 11 29.70 -9.09 -17.70
N ASN G 12 28.54 -9.61 -17.28
CA ASN G 12 27.94 -9.11 -16.05
C ASN G 12 28.82 -9.42 -14.84
N ARG G 13 29.40 -10.62 -14.81
CA ARG G 13 30.27 -10.98 -13.70
C ARG G 13 31.52 -10.10 -13.67
N GLN G 14 32.16 -9.90 -14.82
CA GLN G 14 33.36 -9.07 -14.86
C GLN G 14 33.05 -7.64 -14.43
N LEU G 15 31.88 -7.12 -14.80
CA LEU G 15 31.54 -5.75 -14.44
C LEU G 15 31.22 -5.62 -12.95
N VAL G 16 30.49 -6.59 -12.39
CA VAL G 16 30.20 -6.56 -10.96
C VAL G 16 31.50 -6.60 -10.16
N ALA G 17 32.44 -7.45 -10.57
CA ALA G 17 33.73 -7.52 -9.88
C ALA G 17 34.46 -6.19 -9.94
N LYS G 18 34.47 -5.55 -11.10
CA LYS G 18 35.14 -4.26 -11.24
C LYS G 18 34.48 -3.19 -10.36
N MET G 19 33.14 -3.14 -10.37
CA MET G 19 32.43 -2.18 -9.53
C MET G 19 32.76 -2.39 -8.06
N LEU G 20 32.55 -3.62 -7.57
CA LEU G 20 32.76 -3.88 -6.14
C LEU G 20 34.20 -3.60 -5.72
N ALA G 21 35.17 -4.06 -6.52
CA ALA G 21 36.57 -3.93 -6.12
C ALA G 21 37.00 -2.46 -6.09
N GLU G 22 36.66 -1.70 -7.13
CA GLU G 22 37.06 -0.29 -7.16
C GLU G 22 36.32 0.52 -6.11
N LEU G 23 35.07 0.16 -5.80
CA LEU G 23 34.32 0.88 -4.78
C LEU G 23 34.79 0.53 -3.38
N GLU G 24 35.24 -0.71 -3.17
CA GLU G 24 35.85 -1.05 -1.89
C GLU G 24 37.19 -0.32 -1.72
N TYR G 25 37.95 -0.19 -2.81
CA TYR G 25 39.20 0.55 -2.76
C TYR G 25 38.98 2.03 -2.48
N GLU G 26 37.86 2.58 -2.97
CA GLU G 26 37.46 3.95 -2.62
C GLU G 26 36.81 4.03 -1.26
N GLN G 27 36.67 2.91 -0.55
CA GLN G 27 36.15 2.89 0.82
C GLN G 27 34.68 3.32 0.89
N VAL G 28 33.94 3.12 -0.20
CA VAL G 28 32.48 3.19 -0.12
C VAL G 28 31.96 2.10 0.80
N PHE G 29 32.67 0.97 0.85
CA PHE G 29 32.39 -0.09 1.80
C PHE G 29 33.65 -0.94 1.91
N HIS G 30 33.65 -1.85 2.87
CA HIS G 30 34.84 -2.64 3.21
C HIS G 30 34.52 -4.13 3.13
N ALA G 31 35.39 -4.87 2.46
CA ALA G 31 35.28 -6.32 2.44
C ALA G 31 35.85 -6.89 3.73
N GLU G 32 35.16 -7.89 4.27
CA GLU G 32 35.59 -8.57 5.48
C GLU G 32 36.10 -9.96 5.12
N SER G 33 37.26 -10.31 5.66
CA SER G 33 37.88 -11.59 5.32
C SER G 33 37.11 -12.74 5.98
N GLN G 34 36.70 -13.70 5.16
CA GLN G 34 36.09 -14.93 5.65
C GLN G 34 37.10 -16.07 5.75
N GLY G 35 38.39 -15.76 5.72
CA GLY G 35 39.42 -16.76 5.80
C GLY G 35 39.62 -17.48 4.48
N ASP G 36 40.84 -17.96 4.23
CA ASP G 36 41.16 -18.71 3.02
C ASP G 36 40.87 -17.89 1.77
N GLY G 37 41.18 -16.60 1.83
CA GLY G 37 40.97 -15.74 0.68
C GLY G 37 39.52 -15.57 0.29
N ARG G 38 38.60 -15.79 1.23
CA ARG G 38 37.18 -15.57 1.00
C ARG G 38 36.79 -14.24 1.62
N TYR G 39 36.11 -13.41 0.83
CA TYR G 39 35.67 -12.09 1.25
C TYR G 39 34.17 -11.98 1.09
N CYS G 40 33.58 -11.04 1.82
CA CYS G 40 32.19 -10.70 1.63
C CYS G 40 32.05 -9.19 1.79
N ILE G 41 31.15 -8.61 0.99
CA ILE G 41 30.87 -7.18 1.01
C ILE G 41 29.40 -7.02 1.32
N ASN G 42 29.10 -6.34 2.42
CA ASN G 42 27.74 -6.21 2.91
C ASN G 42 27.14 -4.88 2.44
N LEU G 43 25.98 -4.97 1.82
CA LEU G 43 25.19 -3.84 1.39
C LEU G 43 23.81 -3.90 2.04
N PRO G 44 23.09 -2.79 2.12
CA PRO G 44 21.72 -2.86 2.63
C PRO G 44 20.88 -3.79 1.77
N GLY G 45 20.43 -4.87 2.37
CA GLY G 45 19.56 -5.81 1.68
C GLY G 45 20.25 -6.87 0.86
N ALA G 46 21.58 -6.94 0.85
CA ALA G 46 22.26 -7.96 0.07
C ALA G 46 23.68 -8.13 0.55
N GLN G 47 24.20 -9.35 0.34
CA GLN G 47 25.58 -9.70 0.67
C GLN G 47 26.24 -10.29 -0.57
N TRP G 48 27.43 -9.82 -0.88
CA TRP G 48 28.23 -10.33 -1.99
C TRP G 48 29.41 -11.12 -1.44
N ARG G 49 29.46 -12.41 -1.78
CA ARG G 49 30.56 -13.27 -1.39
C ARG G 49 31.36 -13.65 -2.62
N PHE G 50 32.67 -13.85 -2.42
CA PHE G 50 33.58 -14.10 -3.54
C PHE G 50 34.96 -14.39 -2.97
N SER G 51 35.79 -15.05 -3.78
CA SER G 51 37.19 -15.24 -3.47
C SER G 51 38.00 -14.16 -4.16
N ALA G 52 39.06 -13.71 -3.49
CA ALA G 52 39.85 -12.62 -4.04
C ALA G 52 41.20 -12.58 -3.35
N GLU G 53 42.13 -11.86 -3.97
CA GLU G 53 43.47 -11.64 -3.45
C GLU G 53 43.70 -10.14 -3.40
N ARG G 54 44.05 -9.61 -2.24
CA ARG G 54 44.21 -8.18 -2.08
C ARG G 54 45.65 -7.80 -2.41
N GLY G 55 45.82 -6.87 -3.35
CA GLY G 55 47.13 -6.49 -3.82
C GLY G 55 47.80 -5.45 -2.95
N ILE G 56 48.98 -5.03 -3.41
CA ILE G 56 49.85 -4.17 -2.61
C ILE G 56 49.25 -2.78 -2.46
N TRP G 57 48.49 -2.32 -3.46
CA TRP G 57 47.79 -1.05 -3.31
C TRP G 57 46.59 -1.14 -2.39
N GLY G 58 46.20 -2.35 -1.98
CA GLY G 58 44.98 -2.53 -1.20
C GLY G 58 43.74 -2.66 -2.04
N TRP G 59 43.87 -2.96 -3.32
CA TRP G 59 42.75 -3.10 -4.23
C TRP G 59 42.56 -4.59 -4.56
N LEU G 60 41.33 -5.07 -4.42
CA LEU G 60 41.06 -6.49 -4.50
C LEU G 60 41.11 -6.99 -5.94
N TRP G 61 41.77 -8.13 -6.13
CA TRP G 61 41.69 -8.89 -7.38
C TRP G 61 40.62 -9.95 -7.16
N ILE G 62 39.49 -9.79 -7.83
CA ILE G 62 38.32 -10.63 -7.59
C ILE G 62 38.20 -11.65 -8.71
N ASP G 63 37.96 -12.91 -8.32
CA ASP G 63 37.64 -13.97 -9.26
C ASP G 63 36.14 -13.88 -9.55
N ALA G 64 35.81 -13.43 -10.76
CA ALA G 64 34.41 -13.16 -11.09
C ALA G 64 33.58 -14.43 -11.14
N GLN G 65 34.20 -15.59 -11.36
CA GLN G 65 33.43 -16.84 -11.37
C GLN G 65 32.94 -17.22 -9.98
N THR G 66 33.66 -16.81 -8.93
CA THR G 66 33.24 -17.12 -7.57
C THR G 66 32.18 -16.14 -7.05
N LEU G 67 31.73 -15.20 -7.87
CA LEU G 67 30.82 -14.18 -7.40
C LEU G 67 29.47 -14.79 -7.05
N ARG G 68 28.95 -14.44 -5.88
CA ARG G 68 27.66 -14.94 -5.42
C ARG G 68 26.99 -13.85 -4.61
N CYS G 69 25.71 -13.62 -4.89
CA CYS G 69 24.85 -12.74 -4.10
C CYS G 69 23.62 -13.54 -3.72
N ALA G 70 23.77 -14.41 -2.72
CA ALA G 70 22.68 -15.30 -2.31
C ALA G 70 22.32 -16.14 -3.54
N ASP G 71 21.03 -16.32 -3.85
CA ASP G 71 20.60 -17.03 -5.05
C ASP G 71 20.26 -16.08 -6.19
N GLU G 72 20.31 -14.78 -5.97
CA GLU G 72 20.04 -13.83 -7.04
C GLU G 72 21.04 -14.03 -8.17
N PRO G 73 20.63 -13.88 -9.43
CA PRO G 73 21.59 -13.96 -10.53
C PRO G 73 22.53 -12.78 -10.53
N VAL G 74 23.78 -13.04 -10.93
CA VAL G 74 24.85 -12.04 -10.85
C VAL G 74 24.67 -11.09 -12.04
N LEU G 75 24.11 -9.92 -11.78
CA LEU G 75 23.87 -8.91 -12.81
C LEU G 75 24.31 -7.55 -12.30
N ALA G 76 25.00 -6.79 -13.15
CA ALA G 76 25.41 -5.45 -12.77
C ALA G 76 24.21 -4.58 -12.42
N GLN G 77 23.07 -4.83 -13.07
CA GLN G 77 21.86 -4.07 -12.78
C GLN G 77 21.47 -4.22 -11.31
N THR G 78 21.43 -5.45 -10.82
CA THR G 78 21.06 -5.69 -9.42
C THR G 78 21.97 -4.91 -8.49
N LEU G 79 23.28 -4.98 -8.72
CA LEU G 79 24.22 -4.23 -7.88
C LEU G 79 23.91 -2.74 -7.92
N LEU G 80 23.64 -2.19 -9.10
CA LEU G 80 23.39 -0.76 -9.21
C LEU G 80 22.19 -0.34 -8.38
N MET G 81 21.10 -1.12 -8.44
CA MET G 81 19.95 -0.82 -7.61
C MET G 81 20.30 -0.91 -6.13
N GLN G 82 21.05 -1.94 -5.74
CA GLN G 82 21.50 -2.05 -4.36
C GLN G 82 22.35 -0.85 -3.94
N LEU G 83 22.97 -0.17 -4.89
CA LEU G 83 23.81 0.99 -4.61
C LEU G 83 23.01 2.29 -4.51
N LYS G 84 21.72 2.27 -4.83
CA LYS G 84 20.92 3.48 -4.72
C LYS G 84 20.95 4.06 -3.31
N PRO G 85 20.72 3.28 -2.24
CA PRO G 85 20.87 3.86 -0.90
C PRO G 85 22.30 4.20 -0.55
N VAL G 86 23.25 3.34 -0.96
CA VAL G 86 24.65 3.51 -0.56
C VAL G 86 25.16 4.88 -1.01
N LEU G 87 24.88 5.24 -2.26
CA LEU G 87 25.38 6.48 -2.83
C LEU G 87 24.33 7.58 -2.86
N SER G 88 23.17 7.35 -2.23
CA SER G 88 22.12 8.36 -2.14
C SER G 88 21.76 8.90 -3.52
N MET G 89 21.36 8.00 -4.40
CA MET G 89 21.01 8.34 -5.78
C MET G 89 19.51 8.58 -5.90
N SER G 90 19.15 9.60 -6.66
CA SER G 90 17.77 9.82 -7.03
C SER G 90 17.36 8.84 -8.13
N ASP G 91 16.04 8.64 -8.27
CA ASP G 91 15.55 7.73 -9.31
C ASP G 91 16.07 8.14 -10.68
N ALA G 92 16.18 9.44 -10.94
CA ALA G 92 16.69 9.91 -12.23
C ALA G 92 18.18 9.63 -12.36
N THR G 93 18.94 9.86 -11.29
CA THR G 93 20.36 9.53 -11.31
C THR G 93 20.58 8.05 -11.61
N VAL G 94 19.74 7.19 -11.04
CA VAL G 94 19.87 5.75 -11.28
C VAL G 94 19.58 5.42 -12.74
N ALA G 95 18.48 5.96 -13.26
CA ALA G 95 18.13 5.73 -14.67
C ALA G 95 19.21 6.26 -15.60
N GLU G 96 19.89 7.33 -15.20
CA GLU G 96 21.03 7.82 -15.97
C GLU G 96 22.12 6.77 -16.05
N HIS G 97 22.48 6.18 -14.91
CA HIS G 97 23.59 5.24 -14.86
C HIS G 97 23.24 3.89 -15.47
N MET G 98 21.95 3.50 -15.45
CA MET G 98 21.54 2.29 -16.15
C MET G 98 21.93 2.35 -17.63
N GLN G 99 21.69 3.49 -18.27
CA GLN G 99 22.04 3.64 -19.68
C GLN G 99 23.55 3.60 -19.86
N ASP G 100 24.29 4.20 -18.93
CA ASP G 100 25.74 4.03 -18.93
C ASP G 100 26.13 2.58 -18.68
N LEU G 101 25.37 1.90 -17.81
CA LEU G 101 25.65 0.50 -17.52
C LEU G 101 25.44 -0.37 -18.74
N TYR G 102 24.28 -0.24 -19.40
CA TYR G 102 23.97 -1.10 -20.53
C TYR G 102 24.81 -0.74 -21.76
N ALA G 103 25.19 0.53 -21.90
CA ALA G 103 26.11 0.89 -22.98
C ALA G 103 27.47 0.24 -22.78
N THR G 104 27.90 0.07 -21.53
CA THR G 104 29.17 -0.59 -21.26
C THR G 104 29.09 -2.09 -21.53
N LEU G 105 27.96 -2.72 -21.20
CA LEU G 105 27.80 -4.14 -21.47
C LEU G 105 27.78 -4.40 -22.97
N LEU G 106 27.08 -3.56 -23.75
CA LEU G 106 27.09 -3.71 -25.19
C LEU G 106 28.51 -3.65 -25.74
N GLY G 107 29.29 -2.67 -25.29
CA GLY G 107 30.68 -2.58 -25.73
C GLY G 107 31.50 -3.77 -25.29
N ASP G 108 31.31 -4.21 -24.04
CA ASP G 108 31.99 -5.42 -23.57
C ASP G 108 31.60 -6.64 -24.39
N LEU G 109 30.35 -6.70 -24.85
CA LEU G 109 29.94 -7.80 -25.71
C LEU G 109 30.62 -7.71 -27.07
N GLN G 110 30.78 -6.49 -27.59
CA GLN G 110 31.46 -6.31 -28.87
C GLN G 110 32.91 -6.73 -28.78
N LEU G 111 33.62 -6.27 -27.75
CA LEU G 111 35.02 -6.64 -27.58
C LEU G 111 35.17 -8.15 -27.44
N LEU G 112 34.25 -8.78 -26.72
CA LEU G 112 34.29 -10.22 -26.56
C LEU G 112 34.16 -10.93 -27.92
N LYS G 113 33.25 -10.45 -28.77
CA LYS G 113 33.11 -11.02 -30.10
C LYS G 113 34.34 -10.77 -30.95
N ALA G 114 34.83 -9.53 -30.96
CA ALA G 114 35.91 -9.16 -31.87
C ALA G 114 37.25 -9.73 -31.45
N ARG G 115 37.40 -10.14 -30.20
CA ARG G 115 38.66 -10.68 -29.69
C ARG G 115 38.63 -12.20 -29.58
N ARG G 116 37.69 -12.86 -30.26
CA ARG G 116 37.56 -14.31 -30.15
C ARG G 116 38.65 -15.02 -30.96
N GLY G 117 39.13 -16.13 -30.40
CA GLY G 117 40.18 -16.92 -31.04
C GLY G 117 41.48 -16.18 -31.25
N LEU G 118 41.69 -15.06 -30.57
CA LEU G 118 42.89 -14.26 -30.72
C LEU G 118 43.75 -14.38 -29.47
N SER G 119 44.95 -14.95 -29.63
CA SER G 119 45.89 -15.06 -28.54
C SER G 119 46.49 -13.68 -28.23
N ALA G 120 47.20 -13.61 -27.10
CA ALA G 120 47.88 -12.38 -26.74
C ALA G 120 48.86 -11.96 -27.83
N SER G 121 49.58 -12.93 -28.41
CA SER G 121 50.52 -12.62 -29.47
C SER G 121 49.79 -12.20 -30.75
N ASP G 122 48.63 -12.82 -31.01
CA ASP G 122 47.80 -12.35 -32.13
C ASP G 122 47.39 -10.90 -31.94
N LEU G 123 47.10 -10.51 -30.70
CA LEU G 123 46.58 -9.17 -30.46
C LEU G 123 47.65 -8.10 -30.65
N ILE G 124 48.89 -8.40 -30.28
CA ILE G 124 49.96 -7.40 -30.44
C ILE G 124 50.42 -7.27 -31.88
N ASP G 125 49.98 -8.16 -32.77
CA ASP G 125 50.32 -8.07 -34.19
C ASP G 125 49.38 -7.19 -34.98
N LEU G 126 48.25 -6.78 -34.40
CA LEU G 126 47.23 -6.11 -35.17
C LEU G 126 47.70 -4.72 -35.60
N ASP G 127 46.97 -4.16 -36.57
CA ASP G 127 47.13 -2.77 -36.94
C ASP G 127 46.99 -1.89 -35.70
N ALA G 128 47.98 -1.02 -35.48
CA ALA G 128 48.07 -0.26 -34.24
C ALA G 128 46.74 0.45 -33.93
N ASP G 129 46.08 0.95 -34.96
CA ASP G 129 44.78 1.59 -34.75
C ASP G 129 43.71 0.57 -34.38
N ARG G 130 43.78 -0.64 -34.95
CA ARG G 130 42.81 -1.66 -34.61
C ARG G 130 43.00 -2.14 -33.18
N LEU G 131 44.25 -2.37 -32.78
CA LEU G 131 44.51 -2.79 -31.40
C LEU G 131 44.00 -1.76 -30.41
N GLN G 132 44.18 -0.47 -30.69
CA GLN G 132 43.69 0.55 -29.78
C GLN G 132 42.18 0.50 -29.65
N CYS G 133 41.48 0.23 -30.75
CA CYS G 133 40.01 0.16 -30.71
C CYS G 133 39.54 -0.95 -29.78
N LEU G 134 40.30 -2.04 -29.67
CA LEU G 134 39.85 -3.23 -28.96
C LEU G 134 40.25 -3.24 -27.49
N LEU G 135 40.80 -2.13 -26.98
CA LEU G 135 41.10 -2.06 -25.56
C LEU G 135 39.81 -2.04 -24.74
N SER G 136 39.90 -2.49 -23.49
CA SER G 136 38.73 -2.57 -22.63
C SER G 136 38.23 -1.20 -22.17
N GLY G 137 39.09 -0.18 -22.20
CA GLY G 137 38.72 1.15 -21.78
C GLY G 137 39.42 1.58 -20.50
N HIS G 138 38.81 2.56 -19.84
CA HIS G 138 39.41 3.11 -18.62
C HIS G 138 39.28 2.09 -17.49
N PRO G 139 40.35 1.77 -16.77
CA PRO G 139 40.29 0.68 -15.78
C PRO G 139 39.66 1.05 -14.46
N LYS G 140 39.48 2.33 -14.15
CA LYS G 140 38.93 2.73 -12.86
C LYS G 140 37.41 2.87 -12.88
N PHE G 141 36.86 3.50 -13.91
CA PHE G 141 35.46 3.88 -13.89
C PHE G 141 34.56 2.69 -14.22
N ALA G 142 33.50 2.54 -13.44
CA ALA G 142 32.62 1.39 -13.54
C ALA G 142 32.06 1.25 -14.95
N PHE G 143 31.38 2.30 -15.44
CA PHE G 143 30.75 2.26 -16.75
C PHE G 143 31.59 3.06 -17.74
N ASN G 144 32.73 2.48 -18.10
CA ASN G 144 33.77 3.18 -18.86
C ASN G 144 33.41 3.39 -20.33
N LYS G 145 32.25 2.92 -20.78
CA LYS G 145 31.78 3.20 -22.14
C LYS G 145 30.42 3.88 -22.15
N GLY G 146 29.92 4.29 -20.99
CA GLY G 146 28.70 5.07 -20.95
C GLY G 146 28.95 6.49 -21.43
N ARG G 147 28.04 6.97 -22.27
CA ARG G 147 28.16 8.30 -22.88
C ARG G 147 26.77 8.90 -22.98
N ARG G 148 26.50 9.88 -22.13
CA ARG G 148 25.17 10.46 -21.99
C ARG G 148 24.55 10.77 -23.35
N GLY G 149 23.32 10.29 -23.55
CA GLY G 149 22.59 10.56 -24.77
C GLY G 149 22.89 9.64 -25.93
N TRP G 150 23.91 8.80 -25.83
CA TRP G 150 24.30 7.92 -26.92
C TRP G 150 23.56 6.60 -26.78
N GLY G 151 22.64 6.33 -27.71
CA GLY G 151 21.98 5.04 -27.77
C GLY G 151 22.80 4.02 -28.54
N LYS G 152 22.18 2.88 -28.80
CA LYS G 152 22.88 1.81 -29.49
C LYS G 152 23.39 2.26 -30.85
N GLU G 153 22.59 3.05 -31.57
CA GLU G 153 23.02 3.52 -32.90
C GLU G 153 24.26 4.40 -32.79
N ALA G 154 24.21 5.42 -31.94
CA ALA G 154 25.34 6.34 -31.82
C ALA G 154 26.59 5.61 -31.34
N LEU G 155 26.43 4.63 -30.46
CA LEU G 155 27.59 3.88 -29.96
C LEU G 155 28.25 3.09 -31.07
N GLU G 156 27.47 2.35 -31.85
CA GLU G 156 28.04 1.50 -32.88
C GLU G 156 28.73 2.31 -33.98
N ARG G 157 28.25 3.52 -34.25
CA ARG G 157 28.78 4.30 -35.37
C ARG G 157 30.06 5.04 -34.99
N TYR G 158 30.13 5.56 -33.77
CA TYR G 158 31.16 6.53 -33.42
C TYR G 158 32.06 6.12 -32.26
N ALA G 159 31.69 5.10 -31.48
CA ALA G 159 32.52 4.73 -30.35
C ALA G 159 33.65 3.81 -30.80
N PRO G 160 34.83 3.91 -30.17
CA PRO G 160 36.00 3.15 -30.66
C PRO G 160 35.84 1.64 -30.54
N GLU G 161 35.13 1.14 -29.53
CA GLU G 161 35.07 -0.31 -29.33
C GLU G 161 34.41 -1.04 -30.48
N TYR G 162 33.65 -0.33 -31.32
CA TYR G 162 33.07 -0.93 -32.52
C TYR G 162 33.90 -0.70 -33.77
N ALA G 163 34.84 0.24 -33.73
CA ALA G 163 35.83 0.42 -34.79
C ALA G 163 35.18 0.67 -36.16
N ASN G 164 34.16 1.49 -36.18
CA ASN G 164 33.53 1.91 -37.42
C ASN G 164 34.03 3.29 -37.83
N THR G 165 34.05 3.54 -39.12
CA THR G 165 34.53 4.78 -39.67
C THR G 165 33.37 5.63 -40.15
N PHE G 166 33.64 6.92 -40.34
CA PHE G 166 32.59 7.85 -40.72
C PHE G 166 33.21 9.10 -41.31
N ARG G 167 32.38 9.87 -42.01
CA ARG G 167 32.78 11.13 -42.60
C ARG G 167 32.45 12.28 -41.66
N LEU G 168 33.17 13.39 -41.86
CA LEU G 168 32.93 14.59 -41.08
C LEU G 168 31.95 15.50 -41.79
N HIS G 169 31.12 16.18 -41.00
CA HIS G 169 30.26 17.23 -41.50
C HIS G 169 31.05 18.53 -41.57
N TRP G 170 30.68 19.38 -42.53
CA TRP G 170 31.43 20.61 -42.79
C TRP G 170 30.49 21.80 -42.80
N LEU G 171 30.87 22.85 -42.08
CA LEU G 171 30.16 24.11 -42.07
C LEU G 171 31.02 25.20 -42.71
N ALA G 172 30.38 26.31 -43.03
CA ALA G 172 31.05 27.55 -43.38
C ALA G 172 30.72 28.58 -42.31
N VAL G 173 31.75 29.25 -41.80
CA VAL G 173 31.59 30.26 -40.77
C VAL G 173 32.35 31.51 -41.20
N LYS G 174 31.79 32.66 -40.91
CA LYS G 174 32.42 33.92 -41.28
C LYS G 174 33.77 34.04 -40.58
N ARG G 175 34.78 34.43 -41.36
CA ARG G 175 36.14 34.51 -40.84
C ARG G 175 36.23 35.41 -39.60
N GLU G 176 35.41 36.47 -39.56
CA GLU G 176 35.43 37.39 -38.43
C GLU G 176 35.01 36.70 -37.14
N HIS G 177 34.14 35.70 -37.22
CA HIS G 177 33.56 35.06 -36.03
C HIS G 177 34.43 33.94 -35.48
N MET G 178 35.60 33.67 -36.07
CA MET G 178 36.42 32.55 -35.66
C MET G 178 37.81 33.00 -35.27
N VAL G 179 38.33 32.40 -34.19
CA VAL G 179 39.72 32.56 -33.79
C VAL G 179 40.50 31.40 -34.39
N TRP G 180 41.58 31.71 -35.09
CA TRP G 180 42.36 30.71 -35.81
C TRP G 180 43.82 30.88 -35.44
N ARG G 181 44.42 29.83 -34.87
CA ARG G 181 45.77 29.89 -34.31
C ARG G 181 46.74 29.02 -35.10
N CYS G 182 46.55 28.90 -36.41
CA CYS G 182 47.46 28.10 -37.23
C CYS G 182 48.88 28.64 -37.14
N ASP G 183 49.84 27.72 -37.20
CA ASP G 183 51.24 28.03 -36.95
C ASP G 183 52.11 27.63 -38.13
N GLY G 184 53.26 28.30 -38.26
CA GLY G 184 54.35 27.91 -39.10
C GLY G 184 53.98 27.88 -40.57
N SER G 185 54.60 26.95 -41.29
CA SER G 185 54.42 26.81 -42.73
C SER G 185 53.02 26.32 -43.10
N LEU G 186 52.22 25.91 -42.12
CA LEU G 186 50.95 25.26 -42.41
C LEU G 186 49.93 26.26 -42.95
N THR G 187 48.95 25.74 -43.69
CA THR G 187 47.89 26.54 -44.30
C THR G 187 46.59 25.73 -44.26
N ILE G 188 45.47 26.44 -44.45
CA ILE G 188 44.18 25.77 -44.51
C ILE G 188 44.17 24.72 -45.62
N GLY G 189 44.64 25.10 -46.82
CA GLY G 189 44.64 24.18 -47.93
C GLY G 189 45.32 22.87 -47.62
N THR G 190 46.43 22.93 -46.87
CA THR G 190 47.12 21.71 -46.47
C THR G 190 46.23 20.85 -45.58
N LEU G 191 45.57 21.48 -44.61
CA LEU G 191 44.66 20.75 -43.72
C LEU G 191 43.53 20.10 -44.52
N LEU G 192 42.86 20.89 -45.36
CA LEU G 192 41.78 20.35 -46.17
C LEU G 192 42.28 19.19 -47.03
N ALA G 193 43.52 19.27 -47.51
CA ALA G 193 44.09 18.18 -48.27
C ALA G 193 44.30 16.94 -47.42
N ALA G 194 44.46 17.10 -46.10
CA ALA G 194 44.59 15.95 -45.20
C ALA G 194 43.27 15.26 -44.93
N ALA G 195 42.14 15.97 -45.07
CA ALA G 195 40.82 15.41 -44.83
C ALA G 195 40.04 15.10 -46.10
N MET G 196 40.52 15.55 -47.27
CA MET G 196 39.79 15.39 -48.51
C MET G 196 40.75 15.02 -49.62
N ASP G 197 40.47 13.92 -50.32
CA ASP G 197 41.26 13.56 -51.49
C ASP G 197 40.94 14.51 -52.63
N PRO G 198 41.79 14.55 -53.66
CA PRO G 198 41.56 15.52 -54.75
C PRO G 198 40.16 15.44 -55.35
N GLN G 199 39.59 14.24 -55.47
CA GLN G 199 38.24 14.14 -56.00
C GLN G 199 37.22 14.77 -55.07
N GLU G 200 37.41 14.61 -53.76
CA GLU G 200 36.46 15.17 -52.80
C GLU G 200 36.63 16.68 -52.66
N PHE G 201 37.87 17.14 -52.54
CA PHE G 201 38.12 18.57 -52.37
C PHE G 201 37.48 19.39 -53.48
N ALA G 202 37.37 18.81 -54.69
CA ALA G 202 36.74 19.52 -55.80
C ALA G 202 35.23 19.59 -55.62
N ARG G 203 34.61 18.49 -55.19
CA ARG G 203 33.18 18.52 -54.93
C ARG G 203 32.85 19.49 -53.80
N PHE G 204 33.74 19.57 -52.81
CA PHE G 204 33.56 20.51 -51.70
C PHE G 204 33.58 21.95 -52.19
N ASN G 205 34.46 22.25 -53.16
CA ASN G 205 34.55 23.62 -53.67
C ASN G 205 33.36 23.96 -54.56
N GLN G 206 32.88 22.99 -55.34
CA GLN G 206 31.68 23.24 -56.14
C GLN G 206 30.52 23.63 -55.24
N VAL G 207 30.31 22.89 -54.14
CA VAL G 207 29.28 23.25 -53.18
C VAL G 207 29.65 24.57 -52.49
N TRP G 208 30.94 24.81 -52.26
CA TRP G 208 31.37 26.08 -51.70
C TRP G 208 30.94 27.25 -52.59
N GLN G 209 30.99 27.05 -53.91
CA GLN G 209 30.61 28.10 -54.84
C GLN G 209 29.10 28.13 -55.07
N ASP G 210 28.46 26.95 -55.18
CA ASP G 210 27.02 26.91 -55.29
C ASP G 210 26.35 27.73 -54.20
N ASN G 211 27.01 27.87 -53.04
CA ASN G 211 26.50 28.65 -51.93
C ASN G 211 26.91 30.12 -52.00
N GLY G 212 27.68 30.51 -53.00
CA GLY G 212 28.11 31.90 -53.11
C GLY G 212 29.01 32.35 -51.98
N LEU G 213 29.95 31.50 -51.57
CA LEU G 213 30.91 31.84 -50.52
C LEU G 213 32.24 32.26 -51.12
N ASP G 214 33.08 32.84 -50.28
CA ASP G 214 34.33 33.45 -50.74
C ASP G 214 35.35 33.35 -49.61
N ASN G 215 36.47 34.06 -49.76
CA ASN G 215 37.55 34.05 -48.78
C ASN G 215 37.17 34.72 -47.47
N ASP G 216 35.98 35.32 -47.35
CA ASP G 216 35.51 35.81 -46.06
C ASP G 216 34.95 34.68 -45.19
N TRP G 217 34.75 33.50 -45.74
CA TRP G 217 34.24 32.36 -45.00
C TRP G 217 35.34 31.32 -44.83
N LEU G 218 35.13 30.41 -43.88
CA LEU G 218 36.10 29.38 -43.55
C LEU G 218 35.39 28.04 -43.36
N PRO G 219 35.99 26.95 -43.83
CA PRO G 219 35.43 25.63 -43.52
C PRO G 219 35.70 25.23 -42.08
N LEU G 220 34.68 24.67 -41.44
CA LEU G 220 34.79 24.18 -40.07
C LEU G 220 34.30 22.73 -40.04
N PRO G 221 35.19 21.75 -39.84
CA PRO G 221 34.73 20.37 -39.70
C PRO G 221 33.96 20.18 -38.41
N VAL G 222 33.00 19.25 -38.44
CA VAL G 222 32.14 18.96 -37.31
C VAL G 222 31.90 17.46 -37.25
N HIS G 223 31.93 16.92 -36.03
CA HIS G 223 31.63 15.52 -35.83
C HIS G 223 30.17 15.26 -36.18
N PRO G 224 29.84 14.21 -36.94
CA PRO G 224 28.44 14.02 -37.36
C PRO G 224 27.46 13.91 -36.20
N TRP G 225 27.86 13.29 -35.08
CA TRP G 225 26.98 13.26 -33.93
C TRP G 225 26.73 14.66 -33.37
N GLN G 226 27.78 15.48 -33.31
CA GLN G 226 27.61 16.87 -32.87
C GLN G 226 26.64 17.60 -33.79
N TRP G 227 26.85 17.50 -35.10
CA TRP G 227 25.92 18.13 -36.04
C TRP G 227 24.52 17.57 -35.89
N GLN G 228 24.41 16.25 -35.76
CA GLN G 228 23.10 15.59 -35.73
C GLN G 228 22.31 16.00 -34.49
N GLN G 229 22.92 15.88 -33.32
CA GLN G 229 22.19 16.00 -32.06
C GLN G 229 22.19 17.41 -31.49
N LYS G 230 23.18 18.24 -31.83
CA LYS G 230 23.39 19.51 -31.13
C LYS G 230 23.29 20.71 -32.05
N ILE G 231 24.08 20.75 -33.13
CA ILE G 231 24.26 21.99 -33.87
C ILE G 231 23.12 22.23 -34.85
N SER G 232 22.66 21.18 -35.54
CA SER G 232 21.53 21.35 -36.45
C SER G 232 20.25 21.71 -35.71
N LEU G 233 20.24 21.62 -34.38
CA LEU G 233 19.09 21.98 -33.55
C LEU G 233 19.35 23.18 -32.65
N ASP G 234 20.47 23.19 -31.92
CA ASP G 234 20.74 24.28 -30.99
C ASP G 234 21.00 25.59 -31.73
N PHE G 235 21.66 25.53 -32.89
CA PHE G 235 22.00 26.71 -33.68
C PHE G 235 21.12 26.86 -34.91
N ILE G 236 19.92 26.29 -34.90
CA ILE G 236 19.08 26.33 -36.08
C ILE G 236 18.77 27.76 -36.49
N ALA G 237 18.74 28.68 -35.53
CA ALA G 237 18.53 30.09 -35.86
C ALA G 237 19.65 30.60 -36.76
N ASP G 238 20.90 30.36 -36.37
CA ASP G 238 22.03 30.80 -37.18
C ASP G 238 21.98 30.19 -38.57
N LEU G 239 21.58 28.92 -38.67
CA LEU G 239 21.49 28.27 -39.98
C LEU G 239 20.38 28.87 -40.83
N ALA G 240 19.23 29.17 -40.21
CA ALA G 240 18.11 29.71 -40.97
C ALA G 240 18.38 31.12 -41.45
N GLU G 241 19.17 31.90 -40.70
CA GLU G 241 19.46 33.27 -41.05
C GLU G 241 20.76 33.45 -41.84
N GLY G 242 21.51 32.37 -42.04
CA GLY G 242 22.67 32.41 -42.89
C GLY G 242 23.97 32.82 -42.22
N ARG G 243 23.96 33.08 -40.91
CA ARG G 243 25.21 33.31 -40.20
C ARG G 243 26.09 32.06 -40.20
N MET G 244 25.53 30.91 -40.57
CA MET G 244 26.28 29.67 -40.72
C MET G 244 25.64 28.87 -41.84
N VAL G 245 26.48 28.22 -42.65
CA VAL G 245 26.02 27.46 -43.80
C VAL G 245 26.44 26.01 -43.62
N SER G 246 25.47 25.11 -43.71
CA SER G 246 25.73 23.67 -43.66
C SER G 246 26.10 23.19 -45.06
N LEU G 247 27.35 22.74 -45.22
CA LEU G 247 27.82 22.28 -46.52
C LEU G 247 27.59 20.79 -46.74
N GLY G 248 27.65 20.00 -45.69
CA GLY G 248 27.41 18.57 -45.78
C GLY G 248 28.67 17.76 -45.50
N GLU G 249 28.56 16.46 -45.72
CA GLU G 249 29.67 15.55 -45.47
C GLU G 249 30.62 15.51 -46.66
N PHE G 250 31.92 15.50 -46.36
CA PHE G 250 32.95 15.48 -47.40
C PHE G 250 34.19 14.82 -46.85
N GLY G 251 34.96 14.22 -47.74
CA GLY G 251 36.33 13.86 -47.44
C GLY G 251 36.57 12.43 -46.98
N ASP G 252 37.63 12.25 -46.19
CA ASP G 252 38.09 10.93 -45.79
C ASP G 252 37.20 10.35 -44.70
N LEU G 253 37.38 9.05 -44.45
CA LEU G 253 36.74 8.36 -43.35
C LEU G 253 37.63 8.44 -42.12
N TRP G 254 37.03 8.68 -40.97
CA TRP G 254 37.76 8.86 -39.72
C TRP G 254 37.38 7.78 -38.72
N LEU G 255 38.33 7.47 -37.84
CA LEU G 255 38.20 6.42 -36.85
C LEU G 255 38.41 7.00 -35.46
N ALA G 256 37.57 6.62 -34.51
CA ALA G 256 37.60 7.21 -33.18
C ALA G 256 38.68 6.55 -32.33
N GLN G 257 39.38 7.37 -31.54
CA GLN G 257 40.36 6.89 -30.59
C GLN G 257 39.69 6.68 -29.24
N GLN G 258 40.47 6.27 -28.24
CA GLN G 258 39.94 6.09 -26.89
C GLN G 258 39.32 7.37 -26.36
N SER G 259 39.95 8.52 -26.63
CA SER G 259 39.41 9.79 -26.15
C SER G 259 38.10 10.17 -26.83
N LEU G 260 37.71 9.47 -27.90
CA LEU G 260 36.41 9.65 -28.54
C LEU G 260 36.35 10.95 -29.34
N ARG G 261 36.81 12.06 -28.75
CA ARG G 261 36.81 13.34 -29.45
C ARG G 261 37.89 13.40 -30.52
N THR G 262 39.00 12.71 -30.32
CA THR G 262 40.11 12.73 -31.26
C THR G 262 39.97 11.56 -32.24
N LEU G 263 40.23 11.84 -33.51
CA LEU G 263 39.98 10.88 -34.58
C LEU G 263 41.25 10.65 -35.39
N THR G 264 41.38 9.44 -35.91
CA THR G 264 42.46 9.07 -36.81
C THR G 264 41.90 8.87 -38.21
N ASN G 265 42.65 9.33 -39.20
CA ASN G 265 42.25 9.17 -40.60
C ASN G 265 42.54 7.75 -41.03
N ALA G 266 41.47 6.98 -41.31
CA ALA G 266 41.61 5.61 -41.78
C ALA G 266 41.74 5.51 -43.29
N SER G 267 41.30 6.52 -44.03
CA SER G 267 41.41 6.50 -45.49
C SER G 267 42.85 6.70 -45.93
N ARG G 268 43.58 7.59 -45.27
CA ARG G 268 44.95 7.91 -45.65
C ARG G 268 45.74 8.29 -44.41
N GLN G 269 46.87 7.63 -44.18
CA GLN G 269 47.71 7.93 -43.03
C GLN G 269 48.47 9.22 -43.34
N GLY G 270 47.92 10.35 -42.92
CA GLY G 270 48.39 11.66 -43.37
C GLY G 270 49.32 12.38 -42.42
N GLY G 271 49.40 11.94 -41.17
CA GLY G 271 50.27 12.56 -40.19
C GLY G 271 49.57 13.43 -39.17
N LEU G 272 48.30 13.77 -39.36
CA LEU G 272 47.55 14.61 -38.44
C LEU G 272 46.28 13.90 -37.99
N ASP G 273 46.07 13.87 -36.68
CA ASP G 273 44.76 13.54 -36.11
C ASP G 273 43.95 14.82 -35.95
N ILE G 274 42.64 14.65 -35.79
CA ILE G 274 41.73 15.76 -35.60
C ILE G 274 40.95 15.54 -34.31
N LYS G 275 40.67 16.64 -33.60
CA LYS G 275 39.92 16.59 -32.35
C LYS G 275 38.75 17.57 -32.48
N LEU G 276 37.54 17.07 -32.31
CA LEU G 276 36.33 17.83 -32.51
C LEU G 276 35.49 17.87 -31.24
N PRO G 277 34.63 18.88 -31.08
CA PRO G 277 33.78 18.93 -29.88
C PRO G 277 32.73 17.84 -29.86
N LEU G 278 32.46 17.32 -28.67
CA LEU G 278 31.35 16.41 -28.42
C LEU G 278 30.65 16.88 -27.14
N THR G 279 29.59 17.67 -27.30
CA THR G 279 28.85 18.24 -26.18
C THR G 279 27.93 17.17 -25.61
N ILE G 280 28.42 16.47 -24.59
CA ILE G 280 27.70 15.37 -23.97
C ILE G 280 27.04 15.81 -22.67
N TYR G 281 27.79 16.46 -21.79
CA TYR G 281 27.26 16.95 -20.52
C TYR G 281 27.12 18.46 -20.53
N PRO G 290 37.88 29.75 -20.93
CA PRO G 290 37.13 28.73 -21.66
C PRO G 290 37.65 28.58 -23.08
N GLY G 291 37.68 29.70 -23.81
CA GLY G 291 38.42 29.78 -25.05
C GLY G 291 39.87 30.18 -24.86
N LYS G 292 40.21 30.67 -23.67
CA LYS G 292 41.61 30.94 -23.36
C LYS G 292 42.39 29.66 -23.13
N TYR G 293 41.72 28.61 -22.65
CA TYR G 293 42.39 27.33 -22.46
C TYR G 293 42.70 26.65 -23.79
N ILE G 294 41.73 26.66 -24.71
CA ILE G 294 41.96 26.09 -26.03
C ILE G 294 43.08 26.85 -26.75
N ALA G 295 43.21 28.15 -26.48
CA ALA G 295 44.22 28.96 -27.15
C ALA G 295 45.63 28.67 -26.63
N ALA G 296 45.77 28.34 -25.34
CA ALA G 296 47.08 28.23 -24.74
C ALA G 296 47.81 26.97 -25.20
N GLY G 297 47.08 25.87 -25.40
CA GLY G 297 47.67 24.59 -25.71
C GLY G 297 48.84 24.66 -26.67
N PRO G 298 48.61 25.22 -27.86
CA PRO G 298 49.71 25.39 -28.82
C PRO G 298 50.89 26.17 -28.25
N LEU G 299 50.62 27.18 -27.43
CA LEU G 299 51.71 27.95 -26.83
C LEU G 299 52.52 27.10 -25.85
N ALA G 300 51.84 26.24 -25.06
CA ALA G 300 52.54 25.38 -24.14
C ALA G 300 53.23 24.22 -24.85
N SER G 301 52.62 23.71 -25.92
CA SER G 301 53.24 22.66 -26.72
C SER G 301 54.60 23.12 -27.25
N ARG G 302 54.64 24.30 -27.85
CA ARG G 302 55.89 24.83 -28.39
C ARG G 302 56.95 24.93 -27.30
N TRP G 303 56.55 25.17 -26.05
CA TRP G 303 57.52 25.34 -24.98
C TRP G 303 58.09 23.99 -24.54
N LEU G 304 57.24 23.00 -24.31
CA LEU G 304 57.72 21.70 -23.84
C LEU G 304 58.58 21.02 -24.89
N GLN G 305 58.25 21.19 -26.17
CA GLN G 305 59.11 20.68 -27.23
C GLN G 305 60.51 21.28 -27.13
N GLN G 306 60.60 22.57 -26.82
CA GLN G 306 61.90 23.19 -26.63
C GLN G 306 62.61 22.62 -25.41
N VAL G 307 61.86 22.34 -24.34
CA VAL G 307 62.47 21.79 -23.13
C VAL G 307 63.02 20.39 -23.39
N PHE G 308 62.20 19.52 -23.99
CA PHE G 308 62.64 18.16 -24.24
C PHE G 308 63.80 18.12 -25.22
N ALA G 309 63.89 19.13 -26.10
CA ALA G 309 65.03 19.21 -27.02
C ALA G 309 66.28 19.74 -26.33
N THR G 310 66.13 20.62 -25.34
CA THR G 310 67.25 21.25 -24.66
C THR G 310 67.80 20.40 -23.51
N ASP G 311 66.92 19.90 -22.65
CA ASP G 311 67.34 19.13 -21.50
C ASP G 311 68.01 17.84 -21.93
N ALA G 312 69.19 17.56 -21.35
CA ALA G 312 69.94 16.37 -21.74
C ALA G 312 69.31 15.09 -21.18
N THR G 313 68.85 15.12 -19.94
CA THR G 313 68.15 13.96 -19.38
C THR G 313 66.97 13.56 -20.26
N LEU G 314 66.23 14.56 -20.78
CA LEU G 314 65.08 14.27 -21.61
C LEU G 314 65.48 13.99 -23.05
N LYS G 315 66.59 14.56 -23.52
CA LYS G 315 67.16 14.11 -24.79
C LYS G 315 67.42 12.61 -24.75
N GLN G 316 68.13 12.15 -23.72
CA GLN G 316 68.52 10.74 -23.64
C GLN G 316 67.32 9.83 -23.54
N SER G 317 66.21 10.30 -22.96
CA SER G 317 65.04 9.45 -22.79
C SER G 317 64.32 9.22 -24.11
N GLY G 318 64.47 10.13 -25.06
CA GLY G 318 63.75 10.03 -26.33
C GLY G 318 62.31 10.49 -26.27
N ALA G 319 61.83 10.91 -25.10
CA ALA G 319 60.44 11.35 -24.96
C ALA G 319 60.09 12.36 -26.05
N VAL G 320 58.90 12.19 -26.62
CA VAL G 320 58.42 13.04 -27.71
C VAL G 320 57.18 13.78 -27.24
N ILE G 321 57.05 15.03 -27.66
CA ILE G 321 55.88 15.86 -27.39
C ILE G 321 55.13 16.00 -28.70
N LEU G 322 53.94 15.38 -28.78
CA LEU G 322 53.06 15.58 -29.92
C LEU G 322 52.41 16.94 -29.80
N GLY G 323 52.43 17.72 -30.89
CA GLY G 323 52.01 19.10 -30.87
C GLY G 323 50.64 19.33 -31.48
N GLU G 324 50.14 20.55 -31.27
CA GLU G 324 48.86 21.01 -31.82
C GLU G 324 49.15 22.21 -32.72
N PRO G 325 49.52 21.96 -33.99
CA PRO G 325 49.92 23.09 -34.85
C PRO G 325 48.79 24.03 -35.21
N ALA G 326 47.53 23.57 -35.20
CA ALA G 326 46.41 24.40 -35.60
C ALA G 326 45.26 24.21 -34.61
N ALA G 327 44.52 25.29 -34.37
CA ALA G 327 43.40 25.27 -33.46
C ALA G 327 42.47 26.43 -33.80
N GLY G 328 41.20 26.27 -33.44
CA GLY G 328 40.23 27.31 -33.71
C GLY G 328 38.93 27.08 -32.98
N TYR G 329 38.21 28.18 -32.76
CA TYR G 329 36.89 28.13 -32.15
C TYR G 329 36.14 29.39 -32.58
N VAL G 330 34.83 29.38 -32.33
CA VAL G 330 33.95 30.46 -32.75
C VAL G 330 33.74 31.42 -31.58
N SER G 331 33.66 32.71 -31.89
CA SER G 331 33.45 33.75 -30.89
C SER G 331 32.21 34.55 -31.28
N HIS G 332 31.20 34.53 -30.42
CA HIS G 332 30.01 35.36 -30.61
C HIS G 332 29.20 34.89 -31.82
N TYR G 343 30.91 31.77 -25.89
CA TYR G 343 30.25 31.19 -24.72
C TYR G 343 29.87 29.72 -25.01
N ARG G 344 28.66 29.49 -25.53
CA ARG G 344 28.34 28.18 -26.07
C ARG G 344 29.13 27.90 -27.33
N TYR G 345 29.28 28.92 -28.18
CA TYR G 345 29.97 28.75 -29.45
C TYR G 345 31.40 28.28 -29.25
N GLN G 346 32.07 28.80 -28.21
CA GLN G 346 33.43 28.39 -27.93
C GLN G 346 33.52 26.89 -27.68
N GLU G 347 32.57 26.34 -26.92
CA GLU G 347 32.64 24.95 -26.50
C GLU G 347 32.11 23.98 -27.56
N MET G 348 31.12 24.41 -28.33
CA MET G 348 30.41 23.49 -29.22
C MET G 348 30.92 23.54 -30.66
N LEU G 349 31.63 24.60 -31.06
CA LEU G 349 32.11 24.75 -32.42
C LEU G 349 33.60 25.08 -32.38
N GLY G 350 34.40 24.24 -33.02
CA GLY G 350 35.84 24.44 -33.04
C GLY G 350 36.53 23.20 -33.54
N VAL G 351 37.84 23.33 -33.74
CA VAL G 351 38.65 22.22 -34.26
C VAL G 351 40.05 22.35 -33.70
N ILE G 352 40.66 21.19 -33.43
CA ILE G 352 42.05 21.12 -33.01
C ILE G 352 42.75 20.06 -33.85
N TRP G 353 43.87 20.42 -34.45
CA TRP G 353 44.66 19.49 -35.24
C TRP G 353 45.88 19.06 -34.44
N ARG G 354 46.18 17.76 -34.48
CA ARG G 354 47.19 17.18 -33.62
C ARG G 354 48.22 16.38 -34.41
N GLU G 355 49.40 16.26 -33.82
CA GLU G 355 50.48 15.48 -34.41
C GLU G 355 50.24 13.99 -34.18
N ASN G 356 50.21 13.25 -35.27
CA ASN G 356 50.14 11.80 -35.24
C ASN G 356 51.50 11.24 -34.82
N PRO G 357 51.52 10.15 -34.02
CA PRO G 357 52.81 9.52 -33.72
C PRO G 357 53.64 9.16 -34.95
N CYS G 358 53.00 8.88 -36.10
CA CYS G 358 53.75 8.38 -37.24
C CYS G 358 54.83 9.35 -37.69
N ARG G 359 54.63 10.65 -37.50
CA ARG G 359 55.68 11.63 -37.78
C ARG G 359 56.99 11.22 -37.12
N TRP G 360 56.92 10.94 -35.81
CA TRP G 360 58.09 10.81 -34.97
C TRP G 360 58.58 9.39 -34.84
N LEU G 361 57.90 8.42 -35.45
CA LEU G 361 58.25 7.02 -35.31
C LEU G 361 59.32 6.62 -36.32
N LYS G 362 60.25 5.80 -35.87
CA LYS G 362 61.19 5.16 -36.76
C LYS G 362 60.45 4.10 -37.58
N PRO G 363 61.02 3.67 -38.71
CA PRO G 363 60.28 2.75 -39.57
C PRO G 363 59.93 1.44 -38.89
N ASP G 364 60.81 0.99 -37.99
CA ASP G 364 60.68 -0.29 -37.31
C ASP G 364 59.92 -0.16 -35.99
N GLU G 365 59.33 1.00 -35.71
CA GLU G 365 58.64 1.23 -34.46
C GLU G 365 57.13 1.24 -34.68
N SER G 366 56.40 0.71 -33.73
CA SER G 366 54.95 0.69 -33.77
C SER G 366 54.39 1.31 -32.49
N PRO G 367 53.38 2.17 -32.60
CA PRO G 367 52.81 2.79 -31.40
C PRO G 367 51.73 1.94 -30.76
N ILE G 368 51.69 2.01 -29.43
CA ILE G 368 50.62 1.40 -28.65
C ILE G 368 50.34 2.31 -27.47
N LEU G 369 49.10 2.27 -26.98
CA LEU G 369 48.79 2.92 -25.72
C LEU G 369 49.35 2.08 -24.58
N MET G 370 49.76 2.76 -23.51
CA MET G 370 50.28 2.05 -22.36
C MET G 370 49.20 1.18 -21.72
N ALA G 371 47.94 1.59 -21.85
CA ALA G 371 46.84 0.78 -21.33
C ALA G 371 46.86 -0.64 -21.91
N THR G 372 47.47 -0.82 -23.08
CA THR G 372 47.59 -2.16 -23.66
C THR G 372 48.21 -3.14 -22.69
N LEU G 373 49.03 -2.66 -21.76
CA LEU G 373 49.71 -3.52 -20.80
C LEU G 373 48.81 -3.96 -19.66
N MET G 374 47.55 -3.52 -19.63
CA MET G 374 46.57 -4.00 -18.66
C MET G 374 45.71 -5.13 -19.22
N GLU G 375 45.87 -5.48 -20.48
CA GLU G 375 44.96 -6.38 -21.17
C GLU G 375 45.46 -7.81 -21.12
N CYS G 376 44.52 -8.75 -21.16
CA CYS G 376 44.79 -10.17 -21.31
C CYS G 376 43.95 -10.71 -22.46
N ASP G 377 44.26 -11.93 -22.88
CA ASP G 377 43.54 -12.54 -23.99
C ASP G 377 42.39 -13.40 -23.47
N GLU G 378 41.73 -14.09 -24.40
CA GLU G 378 40.69 -15.05 -24.06
C GLU G 378 41.06 -15.89 -22.85
N ASN G 379 42.27 -16.44 -22.86
CA ASN G 379 42.72 -17.40 -21.86
C ASN G 379 43.50 -16.75 -20.72
N ASN G 380 43.32 -15.45 -20.51
CA ASN G 380 43.96 -14.74 -19.41
C ASN G 380 45.49 -14.74 -19.54
N GLN G 381 45.99 -14.74 -20.78
CA GLN G 381 47.41 -14.59 -21.04
C GLN G 381 47.71 -13.11 -21.22
N PRO G 382 48.45 -12.46 -20.31
CA PRO G 382 48.68 -11.02 -20.44
C PRO G 382 49.40 -10.66 -21.72
N LEU G 383 48.94 -9.60 -22.38
CA LEU G 383 49.63 -9.08 -23.55
C LEU G 383 51.02 -8.58 -23.20
N ILE G 384 51.20 -8.07 -21.99
CA ILE G 384 52.54 -7.66 -21.55
C ILE G 384 53.48 -8.85 -21.57
N GLY G 385 52.95 -10.05 -21.37
CA GLY G 385 53.77 -11.25 -21.48
C GLY G 385 54.16 -11.56 -22.92
N ALA G 386 53.29 -11.22 -23.87
CA ALA G 386 53.62 -11.45 -25.27
C ALA G 386 54.72 -10.50 -25.74
N TYR G 387 54.67 -9.24 -25.31
CA TYR G 387 55.74 -8.31 -25.65
C TYR G 387 57.07 -8.77 -25.09
N ILE G 388 57.07 -9.36 -23.90
CA ILE G 388 58.31 -9.81 -23.28
C ILE G 388 58.88 -10.99 -24.05
N ASP G 389 58.03 -11.95 -24.43
CA ASP G 389 58.52 -13.15 -25.10
C ASP G 389 59.20 -12.80 -26.42
N ARG G 390 58.68 -11.80 -27.13
CA ARG G 390 59.29 -11.39 -28.39
C ARG G 390 60.62 -10.68 -28.18
N SER G 391 60.77 -9.97 -27.06
CA SER G 391 61.98 -9.20 -26.84
C SER G 391 63.19 -10.09 -26.63
N GLY G 392 62.97 -11.33 -26.17
CA GLY G 392 64.08 -12.16 -25.76
C GLY G 392 64.75 -11.72 -24.49
N LEU G 393 64.17 -10.75 -23.79
CA LEU G 393 64.71 -10.22 -22.55
C LEU G 393 63.95 -10.82 -21.36
N ASP G 394 64.66 -11.01 -20.26
CA ASP G 394 64.03 -11.47 -19.04
C ASP G 394 63.09 -10.39 -18.50
N ALA G 395 62.08 -10.82 -17.75
CA ALA G 395 61.02 -9.91 -17.33
C ALA G 395 61.58 -8.67 -16.64
N GLU G 396 62.50 -8.86 -15.69
CA GLU G 396 62.95 -7.74 -14.86
C GLU G 396 63.65 -6.67 -15.69
N THR G 397 64.43 -7.08 -16.70
CA THR G 397 65.06 -6.10 -17.57
C THR G 397 64.02 -5.35 -18.39
N TRP G 398 63.03 -6.07 -18.92
CA TRP G 398 61.96 -5.42 -19.67
C TRP G 398 61.26 -4.37 -18.83
N LEU G 399 60.99 -4.67 -17.56
CA LEU G 399 60.30 -3.72 -16.70
C LEU G 399 61.18 -2.50 -16.40
N THR G 400 62.45 -2.73 -16.08
CA THR G 400 63.36 -1.61 -15.88
C THR G 400 63.33 -0.66 -17.07
N GLN G 401 63.28 -1.22 -18.28
CA GLN G 401 63.24 -0.39 -19.48
C GLN G 401 61.96 0.43 -19.54
N LEU G 402 60.82 -0.21 -19.26
CA LEU G 402 59.55 0.50 -19.28
C LEU G 402 59.56 1.68 -18.30
N PHE G 403 60.18 1.50 -17.13
CA PHE G 403 60.16 2.54 -16.11
C PHE G 403 61.06 3.71 -16.50
N ARG G 404 62.23 3.42 -17.08
CA ARG G 404 63.10 4.51 -17.54
C ARG G 404 62.43 5.31 -18.65
N VAL G 405 61.66 4.65 -19.51
CA VAL G 405 61.04 5.34 -20.63
C VAL G 405 59.92 6.25 -20.16
N VAL G 406 59.12 5.79 -19.20
CA VAL G 406 57.88 6.46 -18.85
C VAL G 406 58.06 7.35 -17.63
N VAL G 407 58.56 6.79 -16.53
CA VAL G 407 58.55 7.50 -15.25
C VAL G 407 59.62 8.56 -15.22
N VAL G 408 60.84 8.24 -15.65
CA VAL G 408 61.95 9.18 -15.52
C VAL G 408 61.66 10.50 -16.21
N PRO G 409 61.24 10.54 -17.47
CA PRO G 409 60.95 11.85 -18.08
C PRO G 409 59.89 12.63 -17.32
N LEU G 410 58.82 11.96 -16.88
CA LEU G 410 57.76 12.65 -16.14
C LEU G 410 58.29 13.20 -14.82
N TYR G 411 59.05 12.39 -14.09
CA TYR G 411 59.52 12.82 -12.77
C TYR G 411 60.58 13.92 -12.89
N HIS G 412 61.46 13.83 -13.89
CA HIS G 412 62.45 14.88 -14.10
C HIS G 412 61.78 16.21 -14.43
N LEU G 413 60.84 16.19 -15.39
CA LEU G 413 60.09 17.39 -15.72
C LEU G 413 59.50 18.02 -14.46
N LEU G 414 58.96 17.20 -13.56
CA LEU G 414 58.34 17.72 -12.35
C LEU G 414 59.38 18.32 -11.40
N CYS G 415 60.48 17.61 -11.18
CA CYS G 415 61.44 18.01 -10.15
C CYS G 415 62.30 19.19 -10.60
N ARG G 416 62.62 19.28 -11.89
CA ARG G 416 63.47 20.36 -12.38
C ARG G 416 62.66 21.58 -12.84
N TYR G 417 61.54 21.36 -13.53
CA TYR G 417 60.78 22.44 -14.11
C TYR G 417 59.47 22.72 -13.38
N GLY G 418 59.15 21.95 -12.34
CA GLY G 418 57.93 22.19 -11.59
C GLY G 418 56.67 21.96 -12.40
N VAL G 419 56.71 21.06 -13.39
CA VAL G 419 55.60 20.80 -14.28
C VAL G 419 55.18 19.35 -14.12
N ALA G 420 53.87 19.12 -14.00
CA ALA G 420 53.31 17.78 -13.87
C ALA G 420 52.44 17.49 -15.07
N LEU G 421 52.42 16.23 -15.48
CA LEU G 421 51.63 15.78 -16.62
C LEU G 421 50.73 14.62 -16.22
N ILE G 422 49.48 14.66 -16.66
CA ILE G 422 48.63 13.49 -16.56
C ILE G 422 49.37 12.31 -17.18
N ALA G 423 49.26 11.17 -16.54
CA ALA G 423 49.97 9.99 -16.99
C ALA G 423 49.07 8.78 -16.74
N HIS G 424 48.02 8.65 -17.54
CA HIS G 424 47.15 7.48 -17.48
C HIS G 424 47.27 6.69 -18.78
N GLY G 425 46.82 5.44 -18.71
CA GLY G 425 47.11 4.50 -19.77
C GLY G 425 46.59 4.90 -21.13
N GLN G 426 45.58 5.77 -21.19
CA GLN G 426 44.93 6.12 -22.44
C GLN G 426 45.60 7.29 -23.16
N ASN G 427 46.49 8.03 -22.50
CA ASN G 427 47.17 9.17 -23.11
C ASN G 427 48.68 9.00 -23.17
N ILE G 428 49.20 7.83 -22.81
CA ILE G 428 50.62 7.54 -22.89
C ILE G 428 50.82 6.56 -24.03
N THR G 429 51.51 7.00 -25.08
CA THR G 429 51.84 6.15 -26.22
C THR G 429 53.30 5.74 -26.15
N LEU G 430 53.55 4.45 -26.38
CA LEU G 430 54.89 3.90 -26.35
C LEU G 430 55.35 3.56 -27.76
N ALA G 431 56.61 3.87 -28.05
CA ALA G 431 57.23 3.44 -29.29
C ALA G 431 57.84 2.07 -29.06
N MET G 432 57.36 1.07 -29.80
CA MET G 432 57.77 -0.32 -29.62
C MET G 432 58.57 -0.78 -30.82
N LYS G 433 59.75 -1.35 -30.57
CA LYS G 433 60.58 -1.94 -31.61
C LYS G 433 60.90 -3.37 -31.17
N LYS G 434 60.36 -4.35 -31.89
CA LYS G 434 60.57 -5.76 -31.57
C LYS G 434 60.23 -6.05 -30.10
N GLY G 435 59.07 -5.56 -29.67
CA GLY G 435 58.56 -5.86 -28.35
C GLY G 435 59.19 -5.12 -27.20
N VAL G 436 60.02 -4.11 -27.47
CA VAL G 436 60.68 -3.34 -26.42
C VAL G 436 60.21 -1.89 -26.54
N PRO G 437 59.71 -1.27 -25.48
CA PRO G 437 59.37 0.16 -25.56
C PRO G 437 60.63 1.01 -25.65
N GLN G 438 60.73 1.79 -26.72
CA GLN G 438 61.89 2.63 -26.96
C GLN G 438 61.77 3.98 -26.24
N ARG G 439 60.65 4.65 -26.41
CA ARG G 439 60.46 5.99 -25.87
C ARG G 439 58.98 6.25 -25.73
N VAL G 440 58.64 7.26 -24.94
CA VAL G 440 57.26 7.58 -24.62
C VAL G 440 56.84 8.79 -25.45
N LEU G 441 55.59 8.77 -25.92
CA LEU G 441 54.98 9.87 -26.66
C LEU G 441 53.81 10.41 -25.83
N LEU G 442 53.76 11.73 -25.68
CA LEU G 442 52.76 12.39 -24.84
C LEU G 442 51.87 13.26 -25.71
N LYS G 443 50.55 13.16 -25.49
CA LYS G 443 49.55 13.77 -26.36
C LYS G 443 48.77 14.89 -25.70
N ASP G 444 48.13 14.62 -24.57
CA ASP G 444 47.13 15.50 -24.00
C ASP G 444 47.73 16.32 -22.86
N PHE G 445 47.56 17.65 -22.93
CA PHE G 445 48.15 18.55 -21.94
C PHE G 445 47.10 19.32 -21.15
N GLN G 446 46.49 20.35 -21.74
CA GLN G 446 45.72 21.34 -20.99
C GLN G 446 44.95 20.75 -19.81
N GLY G 447 44.35 19.58 -20.01
CA GLY G 447 43.45 19.01 -19.03
C GLY G 447 44.07 18.75 -17.67
N ASP G 448 45.11 17.90 -17.61
CA ASP G 448 45.68 17.48 -16.34
C ASP G 448 47.07 18.07 -16.11
N MET G 449 47.50 19.01 -16.95
CA MET G 449 48.74 19.72 -16.69
C MET G 449 48.59 20.62 -15.45
N ARG G 450 49.63 20.63 -14.62
CA ARG G 450 49.57 21.37 -13.36
C ARG G 450 50.97 21.83 -12.98
N LEU G 451 51.04 23.02 -12.38
CA LEU G 451 52.30 23.65 -12.02
C LEU G 451 52.40 23.74 -10.50
N VAL G 452 53.63 23.95 -10.04
CA VAL G 452 53.90 24.09 -8.61
C VAL G 452 53.75 25.55 -8.22
N LYS G 453 53.13 25.79 -7.05
CA LYS G 453 52.97 27.16 -6.57
C LYS G 453 54.32 27.85 -6.39
N ASP G 454 55.35 27.08 -6.06
CA ASP G 454 56.69 27.65 -5.92
C ASP G 454 57.17 28.22 -7.25
N ALA G 455 58.08 29.19 -7.16
CA ALA G 455 58.64 29.86 -8.33
C ALA G 455 60.03 29.29 -8.60
N PHE G 456 60.13 28.45 -9.63
CA PHE G 456 61.40 27.86 -10.02
C PHE G 456 62.05 28.70 -11.11
N PRO G 457 63.35 29.00 -11.03
CA PRO G 457 63.98 29.73 -12.14
C PRO G 457 63.77 29.07 -13.49
N GLU G 458 63.76 27.74 -13.53
CA GLU G 458 63.60 27.02 -14.79
C GLU G 458 62.22 27.21 -15.41
N MET G 459 61.29 27.84 -14.70
CA MET G 459 59.96 28.09 -15.24
C MET G 459 59.76 29.53 -15.68
N ASP G 460 60.73 30.41 -15.46
CA ASP G 460 60.62 31.79 -15.92
C ASP G 460 60.37 31.85 -17.43
N SER G 461 60.89 30.87 -18.18
CA SER G 461 60.77 30.87 -19.64
C SER G 461 59.38 30.50 -20.14
N LEU G 462 58.45 30.12 -19.25
CA LEU G 462 57.15 29.62 -19.68
C LEU G 462 56.22 30.80 -19.98
N PRO G 463 55.56 30.84 -21.14
CA PRO G 463 54.71 31.99 -21.44
C PRO G 463 53.61 32.15 -20.39
N GLN G 464 53.42 33.40 -19.95
CA GLN G 464 52.46 33.65 -18.87
C GLN G 464 51.05 33.29 -19.29
N GLU G 465 50.72 33.42 -20.58
CA GLU G 465 49.40 33.03 -21.05
C GLU G 465 49.11 31.58 -20.69
N VAL G 466 50.09 30.70 -20.89
CA VAL G 466 49.94 29.31 -20.44
C VAL G 466 49.90 29.24 -18.93
N ARG G 467 50.66 30.10 -18.25
CA ARG G 467 50.72 30.07 -16.78
C ARG G 467 49.37 30.39 -16.16
N ASP G 468 48.65 31.36 -16.73
CA ASP G 468 47.48 31.92 -16.07
C ASP G 468 46.25 31.02 -16.14
N VAL G 469 46.23 30.05 -17.06
CA VAL G 469 45.08 29.18 -17.22
C VAL G 469 45.36 27.78 -16.71
N THR G 470 46.41 27.62 -15.90
CA THR G 470 46.82 26.32 -15.36
C THR G 470 46.81 26.39 -13.85
N ALA G 471 46.15 25.42 -13.21
CA ALA G 471 46.13 25.37 -11.76
C ALA G 471 47.53 25.21 -11.21
N ARG G 472 47.90 26.10 -10.29
CA ARG G 472 49.15 25.99 -9.54
C ARG G 472 48.85 25.33 -8.20
N LEU G 473 49.66 24.33 -7.85
CA LEU G 473 49.41 23.52 -6.67
C LEU G 473 50.65 23.45 -5.80
N SER G 474 50.45 23.02 -4.56
CA SER G 474 51.55 22.80 -3.65
C SER G 474 52.27 21.51 -4.01
N ALA G 475 53.56 21.44 -3.65
CA ALA G 475 54.38 20.29 -4.01
C ALA G 475 53.77 19.00 -3.47
N ASP G 476 53.33 19.01 -2.20
CA ASP G 476 52.75 17.80 -1.61
C ASP G 476 51.54 17.32 -2.40
N TYR G 477 50.72 18.25 -2.87
CA TYR G 477 49.52 17.88 -3.61
C TYR G 477 49.75 17.81 -5.10
N LEU G 478 50.94 18.19 -5.58
CA LEU G 478 51.30 17.97 -6.96
C LEU G 478 51.83 16.57 -7.20
N ILE G 479 52.25 15.86 -6.16
CA ILE G 479 52.68 14.47 -6.29
C ILE G 479 51.49 13.60 -6.72
N HIS G 480 50.35 13.77 -6.05
CA HIS G 480 49.19 12.95 -6.33
C HIS G 480 48.85 12.97 -7.82
N ASP G 481 48.86 14.15 -8.43
CA ASP G 481 48.63 14.27 -9.86
C ASP G 481 49.55 13.33 -10.63
N LEU G 482 50.60 12.82 -9.98
CA LEU G 482 51.48 11.81 -10.54
C LEU G 482 51.31 10.43 -9.88
N GLN G 483 51.23 10.36 -8.56
CA GLN G 483 50.97 9.08 -7.90
C GLN G 483 49.56 8.60 -8.24
N THR G 484 48.56 9.43 -7.93
CA THR G 484 47.17 9.08 -8.17
C THR G 484 46.86 9.00 -9.66
N GLY G 485 47.55 9.79 -10.48
CA GLY G 485 47.30 9.82 -11.91
C GLY G 485 48.00 8.70 -12.67
N HIS G 486 49.21 8.34 -12.25
CA HIS G 486 50.00 7.34 -12.96
C HIS G 486 50.10 6.02 -12.18
N PHE G 487 50.61 6.07 -10.95
CA PHE G 487 50.85 4.84 -10.23
C PHE G 487 49.54 4.12 -9.89
N VAL G 488 48.59 4.83 -9.29
CA VAL G 488 47.35 4.19 -8.86
C VAL G 488 46.45 3.87 -10.04
N THR G 489 46.54 4.66 -11.12
CA THR G 489 45.64 4.50 -12.25
C THR G 489 46.23 3.68 -13.39
N VAL G 490 47.52 3.36 -13.34
CA VAL G 490 48.16 2.61 -14.41
C VAL G 490 48.85 1.37 -13.86
N LEU G 491 49.91 1.59 -13.08
CA LEU G 491 50.72 0.47 -12.61
C LEU G 491 49.92 -0.48 -11.72
N ARG G 492 48.94 0.05 -10.99
CA ARG G 492 48.08 -0.80 -10.17
C ARG G 492 47.43 -1.91 -10.98
N PHE G 493 47.23 -1.68 -12.29
CA PHE G 493 46.57 -2.64 -13.16
C PHE G 493 47.53 -3.46 -14.00
N VAL G 494 48.83 -3.18 -13.94
CA VAL G 494 49.83 -3.94 -14.66
C VAL G 494 50.53 -4.94 -13.75
N SER G 495 50.88 -4.52 -12.53
CA SER G 495 51.66 -5.39 -11.66
C SER G 495 50.95 -6.71 -11.31
N PRO G 496 49.62 -6.76 -11.18
CA PRO G 496 49.00 -8.08 -10.96
C PRO G 496 49.24 -9.05 -12.11
N LEU G 497 49.26 -8.55 -13.35
CA LEU G 497 49.58 -9.40 -14.49
C LEU G 497 51.01 -9.90 -14.41
N MET G 498 51.92 -9.09 -13.86
CA MET G 498 53.31 -9.52 -13.69
C MET G 498 53.42 -10.62 -12.65
N ALA G 499 52.70 -10.48 -11.53
CA ALA G 499 52.70 -11.52 -10.51
C ALA G 499 52.30 -12.87 -11.11
N ARG G 500 51.47 -12.86 -12.15
CA ARG G 500 51.09 -14.10 -12.82
C ARG G 500 52.23 -14.65 -13.65
N LEU G 501 53.13 -13.80 -14.12
CA LEU G 501 54.23 -14.22 -14.98
C LEU G 501 55.53 -14.41 -14.20
N GLY G 502 55.46 -14.47 -12.88
CA GLY G 502 56.62 -14.79 -12.06
C GLY G 502 57.34 -13.62 -11.46
N VAL G 503 56.77 -12.42 -11.49
CA VAL G 503 57.38 -11.23 -10.92
C VAL G 503 56.42 -10.68 -9.86
N PRO G 504 56.66 -10.95 -8.59
CA PRO G 504 55.75 -10.44 -7.54
C PRO G 504 55.69 -8.92 -7.55
N GLU G 505 54.56 -8.40 -7.05
CA GLU G 505 54.40 -6.95 -6.97
C GLU G 505 55.51 -6.30 -6.16
N ARG G 506 55.91 -6.95 -5.06
CA ARG G 506 57.01 -6.43 -4.26
C ARG G 506 58.24 -6.19 -5.10
N ARG G 507 58.63 -7.19 -5.88
CA ARG G 507 59.75 -7.04 -6.80
C ARG G 507 59.44 -6.01 -7.88
N PHE G 508 58.19 -5.99 -8.36
CA PHE G 508 57.79 -5.03 -9.38
C PHE G 508 58.12 -3.60 -8.98
N TYR G 509 57.90 -3.24 -7.72
CA TYR G 509 58.12 -1.88 -7.27
C TYR G 509 59.50 -1.66 -6.67
N GLN G 510 60.21 -2.71 -6.28
CA GLN G 510 61.64 -2.58 -6.01
C GLN G 510 62.38 -2.13 -7.27
N LEU G 511 61.98 -2.68 -8.42
CA LEU G 511 62.57 -2.28 -9.69
C LEU G 511 62.28 -0.82 -9.99
N LEU G 512 61.02 -0.41 -9.81
CA LEU G 512 60.66 0.98 -10.01
C LEU G 512 61.44 1.88 -9.05
N ALA G 513 61.53 1.49 -7.78
CA ALA G 513 62.29 2.28 -6.81
C ALA G 513 63.76 2.39 -7.20
N ALA G 514 64.31 1.34 -7.81
CA ALA G 514 65.72 1.37 -8.20
C ALA G 514 65.94 2.31 -9.38
N VAL G 515 65.06 2.26 -10.38
CA VAL G 515 65.17 3.19 -11.51
C VAL G 515 65.16 4.63 -11.00
N LEU G 516 64.28 4.93 -10.05
CA LEU G 516 64.22 6.29 -9.51
C LEU G 516 65.46 6.61 -8.68
N SER G 517 65.90 5.68 -7.84
CA SER G 517 67.09 5.91 -7.03
C SER G 517 68.32 6.11 -7.91
N ASP G 518 68.50 5.24 -8.91
CA ASP G 518 69.61 5.44 -9.84
C ASP G 518 69.50 6.77 -10.54
N TYR G 519 68.30 7.12 -11.01
CA TYR G 519 68.10 8.40 -11.64
C TYR G 519 68.45 9.55 -10.71
N MET G 520 68.02 9.47 -9.45
CA MET G 520 68.27 10.56 -8.50
C MET G 520 69.74 10.65 -8.13
N GLN G 521 70.44 9.52 -8.05
CA GLN G 521 71.87 9.56 -7.77
C GLN G 521 72.64 10.29 -8.86
N GLU G 522 72.16 10.24 -10.10
CA GLU G 522 72.83 10.89 -11.22
C GLU G 522 72.65 12.40 -11.23
N HIS G 523 71.74 12.94 -10.44
CA HIS G 523 71.46 14.38 -10.40
C HIS G 523 71.56 14.87 -8.96
N PRO G 524 72.78 14.91 -8.40
CA PRO G 524 72.91 15.34 -7.00
C PRO G 524 72.60 16.82 -6.82
N GLN G 525 72.58 17.60 -7.90
CA GLN G 525 72.23 19.01 -7.85
C GLN G 525 70.75 19.24 -7.59
N MET G 526 69.93 18.19 -7.52
CA MET G 526 68.51 18.31 -7.25
C MET G 526 68.11 17.65 -5.93
N SER G 527 69.07 17.33 -5.06
CA SER G 527 68.76 16.69 -3.79
C SER G 527 67.53 17.32 -3.14
N ALA G 528 67.49 18.65 -3.07
CA ALA G 528 66.39 19.33 -2.42
C ALA G 528 65.09 19.16 -3.20
N ARG G 529 65.14 19.31 -4.53
CA ARG G 529 63.95 19.12 -5.34
C ARG G 529 63.36 17.73 -5.16
N PHE G 530 64.21 16.73 -4.90
CA PHE G 530 63.72 15.37 -4.68
C PHE G 530 63.10 15.23 -3.30
N ALA G 531 63.70 15.84 -2.28
CA ALA G 531 63.08 15.87 -0.96
C ALA G 531 61.73 16.55 -1.01
N LEU G 532 61.60 17.56 -1.89
CA LEU G 532 60.33 18.27 -2.04
C LEU G 532 59.29 17.38 -2.69
N PHE G 533 59.68 16.59 -3.67
CA PHE G 533 58.77 15.72 -4.43
C PHE G 533 59.12 14.26 -4.15
N SER G 534 58.88 13.83 -2.91
CA SER G 534 59.24 12.49 -2.48
C SER G 534 58.16 11.50 -2.86
N LEU G 535 58.54 10.44 -3.57
CA LEU G 535 57.66 9.34 -3.88
C LEU G 535 57.78 8.18 -2.90
N PHE G 536 58.60 8.33 -1.86
CA PHE G 536 58.85 7.27 -0.90
C PHE G 536 58.32 7.60 0.49
N LYS G 537 57.40 8.56 0.58
CA LYS G 537 56.70 8.77 1.84
C LYS G 537 55.93 7.51 2.20
N PRO G 538 55.92 7.10 3.48
CA PRO G 538 55.29 5.83 3.83
C PRO G 538 53.78 5.81 3.61
N GLN G 539 53.14 6.97 3.56
CA GLN G 539 51.69 7.05 3.38
C GLN G 539 51.37 7.94 2.19
N ILE G 540 50.31 7.58 1.47
CA ILE G 540 49.79 8.36 0.35
C ILE G 540 48.47 8.97 0.79
N ILE G 541 48.34 10.29 0.62
CA ILE G 541 47.10 10.97 0.96
C ILE G 541 46.03 10.62 -0.06
N ARG G 542 44.84 10.25 0.43
CA ARG G 542 43.71 9.92 -0.44
C ARG G 542 42.65 11.00 -0.27
N VAL G 543 42.30 11.67 -1.37
CA VAL G 543 41.35 12.77 -1.36
C VAL G 543 40.03 12.28 -1.94
N VAL G 544 38.98 12.32 -1.13
CA VAL G 544 37.66 11.86 -1.55
C VAL G 544 36.66 13.00 -1.38
N LEU G 545 37.10 14.23 -1.68
CA LEU G 545 36.21 15.39 -1.51
C LEU G 545 34.96 15.27 -2.37
N ASN G 546 35.11 14.88 -3.65
CA ASN G 546 33.97 14.83 -4.53
C ASN G 546 33.30 13.46 -4.46
N PRO G 547 32.00 13.37 -4.71
CA PRO G 547 31.34 12.06 -4.71
C PRO G 547 31.78 11.23 -5.89
N VAL G 548 31.61 9.92 -5.73
CA VAL G 548 32.02 8.98 -6.77
C VAL G 548 31.48 9.39 -8.13
N LYS G 549 32.32 9.24 -9.16
CA LYS G 549 31.88 9.25 -10.54
C LYS G 549 31.98 7.82 -11.06
N LEU G 550 30.92 7.37 -11.74
CA LEU G 550 30.89 6.03 -12.31
C LEU G 550 31.18 6.03 -13.81
N THR G 551 31.63 7.16 -14.36
CA THR G 551 31.74 7.34 -15.79
C THR G 551 32.99 8.17 -16.10
N TRP G 552 33.52 7.96 -17.31
CA TRP G 552 34.67 8.66 -17.91
C TRP G 552 35.91 7.78 -17.91
N ASP G 568 44.38 7.01 4.39
CA ASP G 568 45.82 6.86 4.17
C ASP G 568 46.15 5.48 3.60
N LEU G 569 46.75 5.47 2.42
CA LEU G 569 47.17 4.24 1.77
C LEU G 569 48.62 3.94 2.08
N GLN G 570 48.98 2.67 1.92
CA GLN G 570 50.38 2.29 1.90
C GLN G 570 50.98 2.69 0.57
N ASN G 571 52.27 2.99 0.58
CA ASN G 571 52.97 3.41 -0.62
C ASN G 571 53.84 2.26 -1.10
N PRO G 572 53.44 1.52 -2.14
CA PRO G 572 54.22 0.34 -2.55
C PRO G 572 55.70 0.63 -2.74
N LEU G 573 56.05 1.86 -3.11
CA LEU G 573 57.46 2.23 -3.21
C LEU G 573 58.13 2.21 -1.84
N TRP G 574 57.38 2.52 -0.78
CA TRP G 574 57.91 2.41 0.57
C TRP G 574 57.86 0.98 1.07
N LEU G 575 56.73 0.30 0.85
CA LEU G 575 56.62 -1.11 1.24
C LEU G 575 57.67 -1.96 0.53
N ALA G 576 57.89 -1.71 -0.75
CA ALA G 576 58.81 -2.53 -1.54
C ALA G 576 60.22 -2.54 -0.99
N THR G 577 60.55 -1.67 -0.04
CA THR G 577 61.90 -1.58 0.51
C THR G 577 61.89 -1.93 2.00
N ARG G 578 61.12 -2.95 2.37
CA ARG G 578 61.05 -3.43 3.74
C ARG G 578 60.94 -2.29 4.75
N HIS H 2 22.31 35.73 -46.92
CA HIS H 2 23.22 36.56 -47.75
C HIS H 2 23.24 36.04 -49.19
N MET H 3 22.31 35.13 -49.48
CA MET H 3 22.05 34.65 -50.83
C MET H 3 20.56 34.54 -51.11
N ASN H 4 19.70 34.99 -50.17
CA ASN H 4 18.26 34.77 -50.26
C ASN H 4 17.50 35.93 -49.63
N HIS H 5 18.07 37.13 -49.65
CA HIS H 5 17.39 38.28 -49.03
C HIS H 5 15.96 38.42 -49.54
N LYS H 6 15.77 38.28 -50.86
CA LYS H 6 14.43 38.38 -51.43
C LYS H 6 13.53 37.27 -50.89
N ASP H 7 14.02 36.04 -50.88
CA ASP H 7 13.24 34.93 -50.34
C ASP H 7 13.06 35.06 -48.83
N TRP H 8 14.12 35.47 -48.12
CA TRP H 8 14.02 35.60 -46.67
C TRP H 8 12.99 36.64 -46.26
N ASP H 9 12.79 37.68 -47.07
CA ASP H 9 11.79 38.69 -46.75
C ASP H 9 10.39 38.20 -47.06
N PHE H 10 10.22 37.49 -48.18
CA PHE H 10 8.89 37.00 -48.56
C PHE H 10 8.34 36.03 -47.52
N VAL H 11 9.18 35.10 -47.06
CA VAL H 11 8.69 34.08 -46.13
C VAL H 11 8.33 34.71 -44.79
N ASN H 12 9.13 35.67 -44.32
CA ASN H 12 8.82 36.32 -43.05
C ASN H 12 7.54 37.14 -43.14
N ARG H 13 7.35 37.88 -44.23
CA ARG H 13 6.15 38.69 -44.37
C ARG H 13 4.90 37.82 -44.41
N GLN H 14 4.93 36.73 -45.18
CA GLN H 14 3.79 35.81 -45.20
C GLN H 14 3.51 35.26 -43.81
N LEU H 15 4.56 34.91 -43.07
CA LEU H 15 4.35 34.33 -41.75
C LEU H 15 3.81 35.35 -40.76
N VAL H 16 4.32 36.58 -40.79
CA VAL H 16 3.77 37.63 -39.93
C VAL H 16 2.31 37.85 -40.23
N ALA H 17 1.95 37.88 -41.51
CA ALA H 17 0.56 38.09 -41.90
C ALA H 17 -0.33 36.96 -41.38
N LYS H 18 0.13 35.72 -41.52
CA LYS H 18 -0.64 34.58 -41.02
C LYS H 18 -0.88 34.69 -39.52
N MET H 19 0.20 34.95 -38.76
CA MET H 19 0.07 35.07 -37.32
C MET H 19 -0.90 36.20 -36.94
N LEU H 20 -0.70 37.38 -37.51
CA LEU H 20 -1.52 38.53 -37.15
C LEU H 20 -3.00 38.26 -37.43
N ALA H 21 -3.30 37.75 -38.62
CA ALA H 21 -4.69 37.54 -39.01
C ALA H 21 -5.36 36.48 -38.14
N GLU H 22 -4.69 35.34 -37.94
CA GLU H 22 -5.31 34.25 -37.19
C GLU H 22 -5.45 34.61 -35.72
N LEU H 23 -4.47 35.33 -35.15
CA LEU H 23 -4.59 35.77 -33.76
C LEU H 23 -5.65 36.84 -33.60
N GLU H 24 -5.84 37.68 -34.63
CA GLU H 24 -6.90 38.66 -34.60
C GLU H 24 -8.27 37.98 -34.68
N TYR H 25 -8.37 36.94 -35.51
CA TYR H 25 -9.62 36.18 -35.59
C TYR H 25 -9.91 35.47 -34.27
N GLU H 26 -8.86 34.94 -33.61
CA GLU H 26 -9.02 34.37 -32.28
C GLU H 26 -9.26 35.43 -31.21
N GLN H 27 -9.17 36.71 -31.56
CA GLN H 27 -9.46 37.82 -30.65
C GLN H 27 -8.45 37.90 -29.51
N VAL H 28 -7.20 37.50 -29.78
CA VAL H 28 -6.09 37.89 -28.93
C VAL H 28 -5.93 39.39 -28.95
N PHE H 29 -6.13 40.01 -30.12
CA PHE H 29 -6.19 41.45 -30.26
C PHE H 29 -7.12 41.76 -31.43
N HIS H 30 -7.49 43.04 -31.53
CA HIS H 30 -8.42 43.50 -32.56
C HIS H 30 -7.72 44.48 -33.49
N ALA H 31 -7.94 44.31 -34.79
CA ALA H 31 -7.50 45.30 -35.77
C ALA H 31 -8.47 46.47 -35.77
N GLU H 32 -7.94 47.68 -35.61
CA GLU H 32 -8.74 48.89 -35.63
C GLU H 32 -8.80 49.41 -37.06
N SER H 33 -10.00 49.56 -37.60
CA SER H 33 -10.15 49.99 -38.98
C SER H 33 -9.70 51.43 -39.13
N GLN H 34 -8.85 51.66 -40.12
CA GLN H 34 -8.45 53.00 -40.51
C GLN H 34 -9.31 53.56 -41.64
N GLY H 35 -10.28 52.78 -42.12
CA GLY H 35 -10.98 53.13 -43.33
C GLY H 35 -10.07 53.00 -44.53
N ASP H 36 -10.66 52.96 -45.73
CA ASP H 36 -9.89 52.77 -46.95
C ASP H 36 -9.21 51.40 -46.98
N GLY H 37 -9.80 50.43 -46.27
CA GLY H 37 -9.23 49.09 -46.24
C GLY H 37 -7.84 49.02 -45.64
N ARG H 38 -7.52 49.91 -44.71
CA ARG H 38 -6.26 49.88 -43.98
C ARG H 38 -6.54 49.55 -42.52
N TYR H 39 -5.58 48.92 -41.86
CA TYR H 39 -5.78 48.44 -40.50
C TYR H 39 -4.53 48.65 -39.67
N CYS H 40 -4.74 48.75 -38.36
CA CYS H 40 -3.68 48.90 -37.39
C CYS H 40 -3.93 47.93 -36.25
N ILE H 41 -2.91 47.16 -35.89
CA ILE H 41 -2.97 46.24 -34.74
C ILE H 41 -2.00 46.75 -33.69
N ASN H 42 -2.50 46.98 -32.49
CA ASN H 42 -1.72 47.58 -31.41
C ASN H 42 -1.21 46.49 -30.48
N LEU H 43 0.10 46.43 -30.31
CA LEU H 43 0.75 45.56 -29.34
C LEU H 43 1.62 46.41 -28.43
N PRO H 44 1.96 45.91 -27.24
CA PRO H 44 2.86 46.66 -26.36
C PRO H 44 4.18 47.01 -27.04
N GLY H 45 4.46 48.30 -27.17
CA GLY H 45 5.70 48.76 -27.76
C GLY H 45 5.76 48.75 -29.27
N ALA H 46 4.66 48.44 -29.96
CA ALA H 46 4.71 48.36 -31.40
C ALA H 46 3.29 48.38 -31.97
N GLN H 47 3.16 48.96 -33.16
CA GLN H 47 1.94 48.93 -33.94
C GLN H 47 2.23 48.25 -35.27
N TRP H 48 1.30 47.41 -35.73
CA TRP H 48 1.39 46.79 -37.03
C TRP H 48 0.34 47.40 -37.95
N ARG H 49 0.79 47.92 -39.08
CA ARG H 49 -0.08 48.59 -40.03
C ARG H 49 0.03 47.88 -41.37
N PHE H 50 -1.11 47.75 -42.06
CA PHE H 50 -1.21 46.92 -43.25
C PHE H 50 -2.56 47.15 -43.90
N SER H 51 -2.65 46.77 -45.16
CA SER H 51 -3.92 46.76 -45.88
C SER H 51 -4.47 45.34 -45.88
N ALA H 52 -5.80 45.23 -45.77
CA ALA H 52 -6.42 43.92 -45.69
C ALA H 52 -7.89 44.02 -46.07
N GLU H 53 -8.48 42.86 -46.35
CA GLU H 53 -9.90 42.73 -46.66
C GLU H 53 -10.47 41.66 -45.74
N ARG H 54 -11.49 42.02 -44.97
CA ARG H 54 -12.08 41.09 -44.00
C ARG H 54 -13.15 40.25 -44.68
N GLY H 55 -13.01 38.93 -44.56
CA GLY H 55 -13.92 38.01 -45.22
C GLY H 55 -15.24 37.82 -44.49
N ILE H 56 -16.07 36.96 -45.06
CA ILE H 56 -17.41 36.73 -44.52
C ILE H 56 -17.35 36.04 -43.16
N TRP H 57 -16.26 35.32 -42.86
CA TRP H 57 -16.11 34.65 -41.59
C TRP H 57 -15.61 35.58 -40.49
N GLY H 58 -15.26 36.82 -40.81
CA GLY H 58 -14.62 37.71 -39.86
C GLY H 58 -13.11 37.63 -39.85
N TRP H 59 -12.52 36.90 -40.79
CA TRP H 59 -11.08 36.67 -40.83
C TRP H 59 -10.42 37.57 -41.88
N LEU H 60 -9.27 38.13 -41.52
CA LEU H 60 -8.63 39.14 -42.36
C LEU H 60 -7.78 38.51 -43.45
N TRP H 61 -7.88 39.08 -44.66
CA TRP H 61 -6.99 38.76 -45.77
C TRP H 61 -5.94 39.87 -45.83
N ILE H 62 -4.73 39.57 -45.40
CA ILE H 62 -3.67 40.59 -45.29
C ILE H 62 -2.77 40.50 -46.52
N ASP H 63 -2.47 41.66 -47.10
CA ASP H 63 -1.44 41.76 -48.13
C ASP H 63 -0.10 41.90 -47.43
N ALA H 64 0.71 40.83 -47.45
CA ALA H 64 1.97 40.83 -46.72
C ALA H 64 2.95 41.86 -47.25
N GLN H 65 2.78 42.33 -48.49
CA GLN H 65 3.68 43.33 -49.04
C GLN H 65 3.44 44.71 -48.44
N THR H 66 2.20 44.99 -48.02
CA THR H 66 1.88 46.26 -47.38
C THR H 66 2.25 46.29 -45.90
N LEU H 67 2.84 45.21 -45.39
CA LEU H 67 3.08 45.08 -43.96
C LEU H 67 4.22 45.99 -43.52
N ARG H 68 4.02 46.69 -42.41
CA ARG H 68 5.09 47.50 -41.82
C ARG H 68 4.83 47.66 -40.33
N CYS H 69 5.91 47.91 -39.59
CA CYS H 69 5.86 48.11 -38.14
C CYS H 69 6.91 49.17 -37.82
N ALA H 70 6.50 50.45 -37.90
CA ALA H 70 7.42 51.57 -37.66
C ALA H 70 8.56 51.45 -38.68
N ASP H 71 9.81 51.64 -38.27
CA ASP H 71 10.96 51.42 -39.12
C ASP H 71 11.63 50.08 -38.86
N GLU H 72 11.06 49.25 -38.00
CA GLU H 72 11.62 47.93 -37.75
C GLU H 72 11.42 47.05 -38.97
N PRO H 73 12.38 46.16 -39.27
CA PRO H 73 12.18 45.23 -40.38
C PRO H 73 11.17 44.15 -40.03
N VAL H 74 10.39 43.75 -41.03
CA VAL H 74 9.31 42.77 -40.85
C VAL H 74 9.92 41.39 -40.67
N LEU H 75 9.95 40.90 -39.43
CA LEU H 75 10.50 39.59 -39.13
C LEU H 75 9.57 38.84 -38.18
N ALA H 76 9.35 37.56 -38.48
CA ALA H 76 8.52 36.73 -37.61
C ALA H 76 9.04 36.72 -36.19
N GLN H 77 10.37 36.57 -36.03
CA GLN H 77 10.97 36.60 -34.69
C GLN H 77 10.54 37.84 -33.93
N THR H 78 10.55 38.99 -34.59
CA THR H 78 10.21 40.24 -33.92
C THR H 78 8.76 40.23 -33.43
N LEU H 79 7.84 39.71 -34.24
CA LEU H 79 6.46 39.57 -33.79
C LEU H 79 6.37 38.64 -32.60
N LEU H 80 7.11 37.52 -32.62
CA LEU H 80 7.00 36.55 -31.54
C LEU H 80 7.44 37.15 -30.21
N MET H 81 8.53 37.92 -30.21
CA MET H 81 8.98 38.57 -28.99
C MET H 81 7.94 39.56 -28.49
N GLN H 82 7.29 40.29 -29.40
CA GLN H 82 6.25 41.23 -29.00
C GLN H 82 5.04 40.53 -28.40
N LEU H 83 4.83 39.25 -28.72
CA LEU H 83 3.70 38.50 -28.20
C LEU H 83 3.99 37.87 -26.84
N LYS H 84 5.23 37.91 -26.38
CA LYS H 84 5.56 37.30 -25.09
C LYS H 84 4.71 37.88 -23.95
N PRO H 85 4.53 39.20 -23.83
CA PRO H 85 3.61 39.69 -22.78
C PRO H 85 2.16 39.35 -23.08
N VAL H 86 1.75 39.40 -24.34
CA VAL H 86 0.35 39.18 -24.70
C VAL H 86 -0.08 37.77 -24.29
N LEU H 87 0.76 36.78 -24.60
CA LEU H 87 0.42 35.38 -24.34
C LEU H 87 1.03 34.85 -23.06
N SER H 88 1.69 35.70 -22.27
CA SER H 88 2.26 35.30 -20.98
C SER H 88 3.13 34.06 -21.12
N MET H 89 4.14 34.18 -21.98
CA MET H 89 5.05 33.08 -22.28
C MET H 89 6.31 33.18 -21.43
N SER H 90 6.75 32.03 -20.92
CA SER H 90 8.02 31.98 -20.20
C SER H 90 9.18 32.01 -21.19
N ASP H 91 10.35 32.41 -20.67
CA ASP H 91 11.55 32.43 -21.51
C ASP H 91 11.75 31.10 -22.22
N ALA H 92 11.42 30.00 -21.55
CA ALA H 92 11.56 28.69 -22.17
C ALA H 92 10.49 28.46 -23.22
N THR H 93 9.25 28.86 -22.94
CA THR H 93 8.18 28.72 -23.92
C THR H 93 8.50 29.49 -25.20
N VAL H 94 9.14 30.66 -25.06
CA VAL H 94 9.51 31.45 -26.23
C VAL H 94 10.65 30.76 -26.98
N ALA H 95 11.63 30.23 -26.25
CA ALA H 95 12.74 29.54 -26.90
C ALA H 95 12.24 28.32 -27.66
N GLU H 96 11.23 27.62 -27.14
CA GLU H 96 10.65 26.50 -27.84
C GLU H 96 9.99 26.96 -29.15
N HIS H 97 9.22 28.05 -29.09
CA HIS H 97 8.56 28.53 -30.29
C HIS H 97 9.54 29.10 -31.31
N MET H 98 10.71 29.58 -30.84
CA MET H 98 11.75 30.01 -31.77
C MET H 98 12.15 28.88 -32.70
N GLN H 99 12.41 27.69 -32.15
CA GLN H 99 12.76 26.54 -32.97
C GLN H 99 11.60 26.17 -33.89
N ASP H 100 10.38 26.21 -33.37
CA ASP H 100 9.21 25.97 -34.22
C ASP H 100 9.10 27.04 -35.30
N LEU H 101 9.48 28.28 -34.98
CA LEU H 101 9.41 29.37 -35.93
C LEU H 101 10.45 29.19 -37.03
N TYR H 102 11.69 28.89 -36.65
CA TYR H 102 12.76 28.74 -37.64
C TYR H 102 12.60 27.45 -38.44
N ALA H 103 12.12 26.38 -37.81
CA ALA H 103 11.80 25.17 -38.57
C ALA H 103 10.77 25.46 -39.64
N THR H 104 9.81 26.35 -39.34
CA THR H 104 8.78 26.68 -40.32
C THR H 104 9.35 27.52 -41.46
N LEU H 105 10.19 28.50 -41.15
CA LEU H 105 10.79 29.31 -42.19
C LEU H 105 11.67 28.48 -43.11
N LEU H 106 12.42 27.52 -42.54
CA LEU H 106 13.25 26.64 -43.37
C LEU H 106 12.39 25.87 -44.37
N GLY H 107 11.28 25.29 -43.90
CA GLY H 107 10.40 24.59 -44.80
C GLY H 107 9.74 25.50 -45.82
N ASP H 108 9.33 26.70 -45.37
CA ASP H 108 8.73 27.66 -46.29
C ASP H 108 9.75 28.17 -47.30
N LEU H 109 11.03 28.23 -46.92
CA LEU H 109 12.08 28.52 -47.90
C LEU H 109 12.20 27.37 -48.90
N GLN H 110 12.13 26.13 -48.42
CA GLN H 110 12.26 24.98 -49.31
C GLN H 110 11.11 24.94 -50.31
N LEU H 111 9.88 25.13 -49.82
CA LEU H 111 8.72 25.09 -50.71
C LEU H 111 8.82 26.18 -51.77
N LEU H 112 9.26 27.37 -51.38
CA LEU H 112 9.44 28.45 -52.33
C LEU H 112 10.45 28.07 -53.41
N LYS H 113 11.53 27.39 -53.04
CA LYS H 113 12.51 26.96 -54.02
C LYS H 113 11.94 25.91 -54.96
N ALA H 114 11.21 24.93 -54.42
CA ALA H 114 10.72 23.80 -55.20
C ALA H 114 9.52 24.14 -56.08
N ARG H 115 8.87 25.28 -55.85
CA ARG H 115 7.66 25.64 -56.57
C ARG H 115 7.89 26.80 -57.55
N ARG H 116 9.14 27.12 -57.83
CA ARG H 116 9.45 28.28 -58.67
C ARG H 116 9.04 28.03 -60.12
N GLY H 117 8.59 29.10 -60.77
CA GLY H 117 8.25 29.04 -62.19
C GLY H 117 7.23 27.98 -62.54
N LEU H 118 6.53 27.44 -61.56
CA LEU H 118 5.53 26.41 -61.77
C LEU H 118 4.15 27.03 -61.68
N SER H 119 3.40 26.98 -62.78
CA SER H 119 2.06 27.52 -62.81
C SER H 119 1.12 26.65 -61.97
N ALA H 120 -0.08 27.17 -61.73
CA ALA H 120 -1.10 26.37 -61.08
C ALA H 120 -1.42 25.13 -61.90
N SER H 121 -1.45 25.26 -63.23
CA SER H 121 -1.66 24.10 -64.09
C SER H 121 -0.50 23.12 -63.99
N ASP H 122 0.74 23.63 -63.92
CA ASP H 122 1.89 22.76 -63.74
C ASP H 122 1.77 21.96 -62.45
N LEU H 123 1.42 22.65 -61.36
CA LEU H 123 1.43 22.02 -60.03
C LEU H 123 0.46 20.85 -59.97
N ILE H 124 -0.72 20.99 -60.58
CA ILE H 124 -1.72 19.93 -60.52
C ILE H 124 -1.36 18.74 -61.40
N ASP H 125 -0.36 18.89 -62.28
CA ASP H 125 0.11 17.77 -63.09
C ASP H 125 1.18 16.94 -62.40
N LEU H 126 1.68 17.37 -61.26
CA LEU H 126 2.73 16.63 -60.58
C LEU H 126 2.19 15.32 -60.01
N ASP H 127 3.10 14.38 -59.80
CA ASP H 127 2.74 13.13 -59.13
C ASP H 127 1.98 13.42 -57.85
N ALA H 128 0.92 12.65 -57.62
CA ALA H 128 0.04 12.90 -56.47
C ALA H 128 0.84 13.00 -55.18
N ASP H 129 1.88 12.17 -55.04
CA ASP H 129 2.68 12.19 -53.81
C ASP H 129 3.59 13.41 -53.75
N ARG H 130 4.14 13.83 -54.89
CA ARG H 130 4.96 15.04 -54.93
C ARG H 130 4.14 16.27 -54.60
N LEU H 131 2.91 16.34 -55.12
CA LEU H 131 2.05 17.48 -54.82
C LEU H 131 1.75 17.58 -53.33
N GLN H 132 1.37 16.45 -52.71
CA GLN H 132 1.11 16.44 -51.28
C GLN H 132 2.29 16.98 -50.49
N CYS H 133 3.52 16.69 -50.95
CA CYS H 133 4.70 17.13 -50.23
C CYS H 133 4.86 18.65 -50.28
N LEU H 134 4.48 19.29 -51.38
CA LEU H 134 4.73 20.70 -51.59
C LEU H 134 3.62 21.60 -51.07
N LEU H 135 2.65 21.05 -50.33
CA LEU H 135 1.61 21.87 -49.75
C LEU H 135 2.17 22.74 -48.63
N SER H 136 1.49 23.86 -48.38
CA SER H 136 1.99 24.83 -47.40
C SER H 136 1.84 24.32 -45.97
N GLY H 137 0.97 23.37 -45.73
CA GLY H 137 0.77 22.81 -44.40
C GLY H 137 -0.53 23.30 -43.78
N HIS H 138 -0.65 23.04 -42.49
CA HIS H 138 -1.87 23.41 -41.78
C HIS H 138 -2.10 24.91 -41.90
N PRO H 139 -3.31 25.35 -42.26
CA PRO H 139 -3.53 26.79 -42.51
C PRO H 139 -3.80 27.62 -41.27
N LYS H 140 -4.11 26.99 -40.14
CA LYS H 140 -4.51 27.73 -38.95
C LYS H 140 -3.33 28.04 -38.04
N PHE H 141 -2.46 27.05 -37.78
CA PHE H 141 -1.43 27.21 -36.77
C PHE H 141 -0.26 28.02 -37.29
N ALA H 142 0.26 28.91 -36.43
CA ALA H 142 1.27 29.86 -36.84
C ALA H 142 2.54 29.17 -37.34
N PHE H 143 3.02 28.17 -36.59
CA PHE H 143 4.25 27.46 -36.92
C PHE H 143 3.86 26.03 -37.27
N ASN H 144 3.40 25.84 -38.51
CA ASN H 144 2.82 24.57 -38.92
C ASN H 144 3.86 23.52 -39.30
N LYS H 145 5.16 23.85 -39.25
CA LYS H 145 6.21 22.87 -39.49
C LYS H 145 7.15 22.73 -38.30
N GLY H 146 6.78 23.26 -37.13
CA GLY H 146 7.57 23.07 -35.94
C GLY H 146 7.32 21.70 -35.35
N ARG H 147 8.42 21.03 -34.98
CA ARG H 147 8.35 19.65 -34.48
C ARG H 147 9.41 19.49 -33.40
N ARG H 148 8.96 19.35 -32.15
CA ARG H 148 9.84 19.36 -31.00
C ARG H 148 11.02 18.42 -31.20
N GLY H 149 12.23 18.95 -31.05
CA GLY H 149 13.44 18.15 -31.07
C GLY H 149 14.04 17.90 -32.44
N TRP H 150 13.40 18.36 -33.51
CA TRP H 150 13.91 18.13 -34.86
C TRP H 150 14.77 19.31 -35.28
N GLY H 151 16.05 19.06 -35.52
CA GLY H 151 16.94 20.05 -36.10
C GLY H 151 16.86 20.06 -37.61
N LYS H 152 17.75 20.83 -38.21
CA LYS H 152 17.74 20.97 -39.67
C LYS H 152 17.95 19.62 -40.35
N GLU H 153 18.78 18.76 -39.78
CA GLU H 153 19.06 17.46 -40.38
C GLU H 153 17.81 16.59 -40.39
N ALA H 154 17.10 16.52 -39.26
CA ALA H 154 15.91 15.68 -39.17
C ALA H 154 14.80 16.21 -40.08
N LEU H 155 14.64 17.54 -40.14
CA LEU H 155 13.62 18.12 -40.99
C LEU H 155 13.83 17.75 -42.45
N GLU H 156 15.06 17.90 -42.94
CA GLU H 156 15.33 17.64 -44.34
C GLU H 156 15.15 16.18 -44.71
N ARG H 157 15.43 15.27 -43.78
CA ARG H 157 15.42 13.84 -44.10
C ARG H 157 14.02 13.25 -44.06
N TYR H 158 13.19 13.70 -43.12
CA TYR H 158 11.93 13.03 -42.82
C TYR H 158 10.70 13.91 -42.94
N ALA H 159 10.86 15.23 -43.02
CA ALA H 159 9.68 16.08 -43.14
C ALA H 159 9.18 16.08 -44.59
N PRO H 160 7.86 16.20 -44.78
CA PRO H 160 7.32 16.09 -46.15
C PRO H 160 7.69 17.25 -47.05
N GLU H 161 7.84 18.48 -46.52
CA GLU H 161 8.08 19.62 -47.39
C GLU H 161 9.41 19.52 -48.12
N TYR H 162 10.31 18.63 -47.69
CA TYR H 162 11.55 18.38 -48.41
C TYR H 162 11.45 17.19 -49.35
N ALA H 163 10.47 16.31 -49.15
CA ALA H 163 10.15 15.26 -50.12
C ALA H 163 11.30 14.29 -50.32
N ASN H 164 12.03 14.00 -49.25
CA ASN H 164 13.10 13.02 -49.29
C ASN H 164 12.60 11.67 -48.78
N THR H 165 13.23 10.60 -49.24
CA THR H 165 12.83 9.25 -48.93
C THR H 165 13.86 8.60 -48.01
N PHE H 166 13.43 7.51 -47.36
CA PHE H 166 14.28 6.85 -46.39
C PHE H 166 13.80 5.42 -46.18
N ARG H 167 14.72 4.58 -45.74
CA ARG H 167 14.38 3.21 -45.37
C ARG H 167 13.88 3.17 -43.92
N LEU H 168 13.19 2.08 -43.60
CA LEU H 168 12.72 1.84 -42.25
C LEU H 168 13.71 0.97 -41.50
N HIS H 169 13.80 1.19 -40.19
CA HIS H 169 14.56 0.33 -39.30
C HIS H 169 13.68 -0.81 -38.83
N TRP H 170 14.28 -1.97 -38.60
CA TRP H 170 13.53 -3.18 -38.31
C TRP H 170 14.03 -3.81 -37.01
N LEU H 171 13.09 -4.18 -36.15
CA LEU H 171 13.36 -4.85 -34.89
C LEU H 171 12.77 -6.25 -34.90
N ALA H 172 13.22 -7.06 -33.95
CA ALA H 172 12.61 -8.35 -33.67
C ALA H 172 12.08 -8.33 -32.25
N VAL H 173 10.83 -8.74 -32.07
CA VAL H 173 10.18 -8.73 -30.77
C VAL H 173 9.55 -10.10 -30.53
N LYS H 174 9.56 -10.54 -29.27
CA LYS H 174 8.97 -11.81 -28.91
C LYS H 174 7.47 -11.77 -29.14
N ARG H 175 6.93 -12.82 -29.77
CA ARG H 175 5.50 -12.88 -30.04
C ARG H 175 4.69 -12.66 -28.77
N GLU H 176 5.09 -13.29 -27.67
CA GLU H 176 4.37 -13.16 -26.41
C GLU H 176 4.28 -11.71 -25.94
N HIS H 177 5.12 -10.82 -26.48
CA HIS H 177 5.19 -9.43 -26.05
C HIS H 177 4.37 -8.48 -26.92
N MET H 178 3.66 -8.98 -27.92
CA MET H 178 3.00 -8.10 -28.87
C MET H 178 1.52 -8.42 -29.01
N VAL H 179 0.75 -7.36 -29.23
CA VAL H 179 -0.63 -7.46 -29.68
C VAL H 179 -0.63 -7.20 -31.19
N TRP H 180 -1.25 -8.10 -31.95
CA TRP H 180 -1.22 -8.07 -33.40
C TRP H 180 -2.64 -8.26 -33.91
N ARG H 181 -3.16 -7.28 -34.65
CA ARG H 181 -4.57 -7.24 -35.02
C ARG H 181 -4.77 -7.39 -36.52
N CYS H 182 -3.88 -8.12 -37.18
CA CYS H 182 -4.04 -8.36 -38.61
C CYS H 182 -5.35 -9.09 -38.88
N ASP H 183 -6.03 -8.68 -39.95
CA ASP H 183 -7.36 -9.19 -40.26
C ASP H 183 -7.42 -9.65 -41.71
N GLY H 184 -8.29 -10.63 -41.97
CA GLY H 184 -8.59 -11.04 -43.32
C GLY H 184 -7.56 -11.97 -43.93
N SER H 185 -7.29 -11.78 -45.22
CA SER H 185 -6.39 -12.64 -45.98
C SER H 185 -4.93 -12.22 -45.87
N LEU H 186 -4.63 -11.14 -45.17
CA LEU H 186 -3.25 -10.70 -45.04
C LEU H 186 -2.50 -11.56 -44.04
N THR H 187 -1.19 -11.65 -44.25
CA THR H 187 -0.28 -12.30 -43.32
C THR H 187 0.94 -11.39 -43.15
N ILE H 188 1.82 -11.77 -42.23
CA ILE H 188 3.04 -10.99 -42.01
C ILE H 188 3.89 -10.97 -43.26
N GLY H 189 4.06 -12.13 -43.89
CA GLY H 189 4.85 -12.21 -45.11
C GLY H 189 4.38 -11.24 -46.17
N THR H 190 3.06 -11.21 -46.43
CA THR H 190 2.52 -10.27 -47.41
C THR H 190 2.89 -8.84 -47.06
N LEU H 191 2.77 -8.47 -45.78
CA LEU H 191 3.15 -7.13 -45.36
C LEU H 191 4.63 -6.88 -45.61
N LEU H 192 5.49 -7.84 -45.26
CA LEU H 192 6.92 -7.70 -45.53
C LEU H 192 7.19 -7.56 -47.02
N ALA H 193 6.43 -8.29 -47.85
CA ALA H 193 6.59 -8.18 -49.29
C ALA H 193 6.15 -6.82 -49.82
N ALA H 194 5.29 -6.12 -49.10
CA ALA H 194 4.92 -4.76 -49.47
C ALA H 194 6.01 -3.75 -49.09
N ALA H 195 6.88 -4.09 -48.14
CA ALA H 195 7.94 -3.20 -47.69
C ALA H 195 9.33 -3.66 -48.14
N MET H 196 9.44 -4.81 -48.80
CA MET H 196 10.73 -5.32 -49.22
C MET H 196 10.58 -6.04 -50.55
N ASP H 197 11.48 -5.75 -51.48
CA ASP H 197 11.55 -6.52 -52.71
C ASP H 197 12.19 -7.87 -52.41
N PRO H 198 12.12 -8.82 -53.33
CA PRO H 198 12.69 -10.14 -53.05
C PRO H 198 14.16 -10.11 -52.65
N GLN H 199 14.96 -9.21 -53.25
CA GLN H 199 16.38 -9.16 -52.95
C GLN H 199 16.62 -8.69 -51.52
N GLU H 200 15.99 -7.58 -51.12
CA GLU H 200 16.15 -7.10 -49.74
C GLU H 200 15.56 -8.09 -48.74
N PHE H 201 14.47 -8.76 -49.12
CA PHE H 201 13.86 -9.75 -48.24
C PHE H 201 14.87 -10.83 -47.83
N ALA H 202 15.63 -11.34 -48.80
CA ALA H 202 16.58 -12.40 -48.50
C ALA H 202 17.69 -11.90 -47.59
N ARG H 203 18.24 -10.72 -47.88
CA ARG H 203 19.22 -10.12 -46.99
C ARG H 203 18.63 -9.97 -45.59
N PHE H 204 17.34 -9.66 -45.49
CA PHE H 204 16.67 -9.58 -44.21
C PHE H 204 16.59 -10.95 -43.54
N ASN H 205 16.19 -11.99 -44.30
CA ASN H 205 16.12 -13.33 -43.75
C ASN H 205 17.51 -13.84 -43.35
N GLN H 206 18.52 -13.50 -44.14
CA GLN H 206 19.88 -13.92 -43.81
C GLN H 206 20.30 -13.40 -42.43
N VAL H 207 20.04 -12.11 -42.18
CA VAL H 207 20.33 -11.55 -40.86
C VAL H 207 19.42 -12.15 -39.81
N TRP H 208 18.16 -12.40 -40.16
CA TRP H 208 17.22 -12.99 -39.21
C TRP H 208 17.73 -14.32 -38.66
N GLN H 209 18.45 -15.09 -39.48
CA GLN H 209 19.04 -16.34 -39.02
C GLN H 209 20.36 -16.11 -38.30
N ASP H 210 21.13 -15.11 -38.72
CA ASP H 210 22.42 -14.85 -38.08
C ASP H 210 22.24 -14.52 -36.60
N ASN H 211 21.13 -13.88 -36.24
CA ASN H 211 20.83 -13.58 -34.84
C ASN H 211 20.13 -14.74 -34.12
N GLY H 212 19.92 -15.86 -34.81
CA GLY H 212 19.35 -17.04 -34.17
C GLY H 212 17.90 -16.92 -33.80
N LEU H 213 17.10 -16.26 -34.63
CA LEU H 213 15.69 -16.01 -34.34
C LEU H 213 14.80 -17.02 -35.07
N ASP H 214 13.63 -17.25 -34.50
CA ASP H 214 12.71 -18.27 -35.03
C ASP H 214 11.31 -17.65 -35.07
N ASN H 215 10.31 -18.52 -35.23
CA ASN H 215 8.92 -18.08 -35.30
C ASN H 215 8.38 -17.59 -33.96
N ASP H 216 9.14 -17.73 -32.87
CA ASP H 216 8.76 -17.11 -31.62
C ASP H 216 8.87 -15.59 -31.69
N TRP H 217 9.59 -15.05 -32.66
CA TRP H 217 9.85 -13.63 -32.79
C TRP H 217 9.07 -13.06 -33.97
N LEU H 218 8.99 -11.73 -34.01
CA LEU H 218 8.26 -11.02 -35.05
C LEU H 218 9.07 -9.82 -35.52
N PRO H 219 9.01 -9.48 -36.82
CA PRO H 219 9.60 -8.22 -37.27
C PRO H 219 8.72 -7.04 -36.90
N LEU H 220 9.37 -5.96 -36.49
CA LEU H 220 8.67 -4.71 -36.17
C LEU H 220 9.37 -3.57 -36.89
N PRO H 221 8.75 -2.93 -37.88
CA PRO H 221 9.38 -1.77 -38.52
C PRO H 221 9.36 -0.56 -37.60
N VAL H 222 10.36 0.31 -37.78
CA VAL H 222 10.51 1.50 -36.95
C VAL H 222 10.98 2.65 -37.82
N HIS H 223 10.40 3.83 -37.60
CA HIS H 223 10.85 5.03 -38.27
C HIS H 223 12.28 5.34 -37.85
N PRO H 224 13.19 5.65 -38.79
CA PRO H 224 14.60 5.81 -38.41
C PRO H 224 14.85 6.93 -37.42
N TRP H 225 14.00 7.96 -37.39
CA TRP H 225 14.14 8.99 -36.36
C TRP H 225 13.73 8.45 -34.99
N GLN H 226 12.67 7.65 -34.95
CA GLN H 226 12.27 7.02 -33.70
C GLN H 226 13.35 6.07 -33.19
N TRP H 227 13.95 5.30 -34.10
CA TRP H 227 15.05 4.43 -33.71
C TRP H 227 16.25 5.24 -33.25
N GLN H 228 16.62 6.26 -34.04
CA GLN H 228 17.82 7.03 -33.78
C GLN H 228 17.73 7.78 -32.45
N GLN H 229 16.60 8.45 -32.21
CA GLN H 229 16.48 9.37 -31.09
C GLN H 229 15.89 8.74 -29.84
N LYS H 230 15.00 7.76 -29.97
CA LYS H 230 14.20 7.28 -28.85
C LYS H 230 14.50 5.83 -28.49
N ILE H 231 14.34 4.89 -29.42
CA ILE H 231 14.32 3.49 -29.04
C ILE H 231 15.73 2.95 -28.78
N SER H 232 16.68 3.28 -29.65
CA SER H 232 18.06 2.82 -29.41
C SER H 232 18.58 3.29 -28.06
N LEU H 233 17.95 4.29 -27.45
CA LEU H 233 18.35 4.82 -26.15
C LEU H 233 17.35 4.45 -25.05
N ASP H 234 16.08 4.82 -25.19
CA ASP H 234 15.12 4.61 -24.12
C ASP H 234 14.94 3.13 -23.81
N PHE H 235 15.09 2.26 -24.81
CA PHE H 235 14.97 0.82 -24.62
C PHE H 235 16.31 0.11 -24.72
N ILE H 236 17.39 0.79 -24.36
CA ILE H 236 18.72 0.20 -24.46
C ILE H 236 18.83 -1.01 -23.56
N ALA H 237 18.18 -0.98 -22.39
CA ALA H 237 18.19 -2.14 -21.50
C ALA H 237 17.63 -3.37 -22.22
N ASP H 238 16.46 -3.23 -22.83
CA ASP H 238 15.84 -4.35 -23.53
C ASP H 238 16.75 -4.89 -24.63
N LEU H 239 17.51 -4.01 -25.29
CA LEU H 239 18.40 -4.45 -26.35
C LEU H 239 19.59 -5.21 -25.79
N ALA H 240 20.13 -4.76 -24.66
CA ALA H 240 21.26 -5.45 -24.06
C ALA H 240 20.85 -6.82 -23.52
N GLU H 241 19.67 -6.91 -22.91
CA GLU H 241 19.24 -8.16 -22.30
C GLU H 241 18.82 -9.20 -23.32
N GLY H 242 18.56 -8.80 -24.56
CA GLY H 242 18.11 -9.73 -25.58
C GLY H 242 16.61 -9.85 -25.73
N ARG H 243 15.83 -9.18 -24.88
CA ARG H 243 14.38 -9.15 -25.06
C ARG H 243 13.97 -8.48 -26.37
N MET H 244 14.92 -7.89 -27.09
CA MET H 244 14.63 -7.11 -28.28
C MET H 244 15.90 -7.02 -29.10
N VAL H 245 15.77 -7.17 -30.41
CA VAL H 245 16.92 -7.30 -31.31
C VAL H 245 16.80 -6.26 -32.42
N SER H 246 17.88 -5.51 -32.64
CA SER H 246 17.95 -4.55 -33.73
C SER H 246 18.57 -5.24 -34.95
N LEU H 247 17.83 -5.25 -36.06
CA LEU H 247 18.28 -5.92 -37.27
C LEU H 247 18.89 -4.98 -38.28
N GLY H 248 18.53 -3.70 -38.27
CA GLY H 248 19.07 -2.73 -39.20
C GLY H 248 18.02 -2.28 -40.20
N GLU H 249 18.47 -1.42 -41.11
CA GLU H 249 17.60 -0.87 -42.14
C GLU H 249 17.53 -1.82 -43.33
N PHE H 250 16.32 -2.08 -43.80
CA PHE H 250 16.09 -2.99 -44.90
C PHE H 250 14.92 -2.49 -45.74
N GLY H 251 14.94 -2.84 -47.02
CA GLY H 251 13.75 -2.75 -47.84
C GLY H 251 13.55 -1.46 -48.62
N ASP H 252 12.27 -1.16 -48.90
CA ASP H 252 11.93 -0.09 -49.82
C ASP H 252 12.13 1.29 -49.19
N LEU H 253 12.01 2.31 -50.01
CA LEU H 253 12.09 3.70 -49.58
C LEU H 253 10.69 4.24 -49.36
N TRP H 254 10.53 5.01 -48.29
CA TRP H 254 9.24 5.54 -47.89
C TRP H 254 9.26 7.06 -47.90
N LEU H 255 8.10 7.65 -48.14
CA LEU H 255 7.93 9.09 -48.24
C LEU H 255 6.89 9.55 -47.24
N ALA H 256 7.18 10.64 -46.55
CA ALA H 256 6.31 11.13 -45.49
C ALA H 256 5.14 11.91 -46.06
N GLN H 257 3.98 11.72 -45.45
CA GLN H 257 2.79 12.50 -45.80
C GLN H 257 2.69 13.71 -44.88
N GLN H 258 1.61 14.47 -45.02
CA GLN H 258 1.40 15.65 -44.19
C GLN H 258 1.30 15.27 -42.72
N SER H 259 0.73 14.11 -42.41
CA SER H 259 0.63 13.64 -41.03
C SER H 259 1.99 13.28 -40.44
N LEU H 260 3.02 13.14 -41.26
CA LEU H 260 4.39 12.90 -40.80
C LEU H 260 4.58 11.48 -40.28
N ARG H 261 3.61 10.96 -39.52
CA ARG H 261 3.71 9.58 -39.04
C ARG H 261 3.33 8.57 -40.11
N THR H 262 2.44 8.92 -41.03
CA THR H 262 2.01 8.02 -42.08
C THR H 262 2.89 8.20 -43.31
N LEU H 263 3.38 7.09 -43.86
CA LEU H 263 4.35 7.12 -44.95
C LEU H 263 3.79 6.42 -46.17
N THR H 264 4.22 6.88 -47.34
CA THR H 264 3.88 6.28 -48.62
C THR H 264 5.12 5.59 -49.19
N ASN H 265 4.91 4.41 -49.78
CA ASN H 265 6.01 3.68 -50.41
C ASN H 265 6.38 4.35 -51.71
N ALA H 266 7.61 4.86 -51.79
CA ALA H 266 8.09 5.55 -52.98
C ALA H 266 8.79 4.63 -53.97
N SER H 267 9.21 3.44 -53.55
CA SER H 267 9.91 2.53 -54.44
C SER H 267 8.95 1.70 -55.29
N ARG H 268 7.80 1.32 -54.74
CA ARG H 268 6.85 0.46 -55.44
C ARG H 268 5.45 0.80 -54.96
N GLN H 269 4.59 1.24 -55.87
CA GLN H 269 3.19 1.47 -55.54
C GLN H 269 2.54 0.13 -55.19
N GLY H 270 2.27 -0.08 -53.91
CA GLY H 270 1.82 -1.38 -53.44
C GLY H 270 0.39 -1.43 -52.95
N GLY H 271 -0.18 -0.27 -52.63
CA GLY H 271 -1.54 -0.20 -52.13
C GLY H 271 -1.67 -0.10 -50.62
N LEU H 272 -0.56 -0.10 -49.88
CA LEU H 272 -0.58 0.00 -48.43
C LEU H 272 0.38 1.08 -47.98
N ASP H 273 -0.13 2.04 -47.21
CA ASP H 273 0.71 2.98 -46.49
C ASP H 273 0.97 2.45 -45.07
N ILE H 274 2.02 2.98 -44.45
CA ILE H 274 2.43 2.55 -43.11
C ILE H 274 2.45 3.77 -42.20
N LYS H 275 2.04 3.57 -40.95
CA LYS H 275 2.03 4.61 -39.93
C LYS H 275 2.85 4.13 -38.75
N LEU H 276 3.85 4.92 -38.36
CA LEU H 276 4.78 4.51 -37.33
C LEU H 276 4.82 5.54 -36.20
N PRO H 277 5.15 5.12 -34.98
CA PRO H 277 5.21 6.09 -33.88
C PRO H 277 6.32 7.11 -34.06
N LEU H 278 6.02 8.35 -33.69
CA LEU H 278 7.00 9.42 -33.60
C LEU H 278 6.77 10.10 -32.26
N THR H 279 7.63 9.79 -31.28
CA THR H 279 7.44 10.27 -29.92
C THR H 279 8.11 11.63 -29.81
N ILE H 280 7.31 12.68 -29.95
CA ILE H 280 7.80 14.06 -30.00
C ILE H 280 7.43 14.81 -28.73
N TYR H 281 6.15 14.80 -28.36
CA TYR H 281 5.69 15.48 -27.15
C TYR H 281 5.37 14.46 -26.05
N TYR H 293 -5.79 4.22 -21.96
CA TYR H 293 -4.54 3.47 -21.99
C TYR H 293 -4.16 3.13 -23.42
N ILE H 294 -4.57 1.94 -23.89
CA ILE H 294 -4.43 1.53 -25.28
C ILE H 294 -5.81 1.20 -25.80
N ALA H 295 -6.25 1.94 -26.82
CA ALA H 295 -7.55 1.71 -27.42
C ALA H 295 -7.41 1.75 -28.92
N ALA H 296 -7.74 0.65 -29.58
CA ALA H 296 -7.78 0.57 -31.03
C ALA H 296 -9.14 0.01 -31.41
N GLY H 297 -9.96 0.85 -32.04
CA GLY H 297 -11.26 0.42 -32.48
C GLY H 297 -11.42 0.41 -33.98
N PRO H 298 -10.56 -0.33 -34.70
CA PRO H 298 -10.84 -0.58 -36.12
C PRO H 298 -12.18 -1.23 -36.36
N LEU H 299 -12.85 -1.74 -35.32
CA LEU H 299 -14.26 -2.10 -35.46
C LEU H 299 -15.04 -0.97 -36.11
N ALA H 300 -14.64 0.27 -35.89
CA ALA H 300 -15.27 1.41 -36.53
C ALA H 300 -15.02 1.39 -38.04
N SER H 301 -13.77 1.16 -38.45
CA SER H 301 -13.44 1.16 -39.87
C SER H 301 -14.26 0.10 -40.61
N ARG H 302 -14.17 -1.15 -40.18
CA ARG H 302 -14.98 -2.20 -40.79
C ARG H 302 -16.46 -1.88 -40.66
N TRP H 303 -16.85 -1.12 -39.63
CA TRP H 303 -18.25 -0.75 -39.46
C TRP H 303 -18.65 0.39 -40.37
N LEU H 304 -17.78 1.40 -40.54
CA LEU H 304 -18.09 2.51 -41.43
C LEU H 304 -18.11 2.08 -42.88
N GLN H 305 -17.16 1.24 -43.29
CA GLN H 305 -17.21 0.64 -44.61
C GLN H 305 -18.54 -0.06 -44.83
N GLN H 306 -19.03 -0.74 -43.79
CA GLN H 306 -20.32 -1.42 -43.85
C GLN H 306 -21.47 -0.44 -44.05
N VAL H 307 -21.38 0.73 -43.40
CA VAL H 307 -22.44 1.72 -43.52
C VAL H 307 -22.46 2.32 -44.92
N PHE H 308 -21.30 2.72 -45.43
CA PHE H 308 -21.25 3.40 -46.72
C PHE H 308 -21.66 2.48 -47.85
N ALA H 309 -21.43 1.17 -47.71
CA ALA H 309 -21.90 0.23 -48.71
C ALA H 309 -23.41 0.02 -48.61
N THR H 310 -23.95 0.05 -47.39
CA THR H 310 -25.37 -0.21 -47.18
C THR H 310 -26.22 0.98 -47.59
N ASP H 311 -26.06 2.11 -46.89
CA ASP H 311 -26.89 3.28 -47.13
C ASP H 311 -26.85 3.68 -48.60
N ALA H 312 -28.03 3.94 -49.16
CA ALA H 312 -28.11 4.32 -50.57
C ALA H 312 -27.51 5.69 -50.81
N THR H 313 -27.88 6.68 -49.98
CA THR H 313 -27.32 8.02 -50.12
C THR H 313 -25.80 7.98 -50.12
N LEU H 314 -25.20 7.18 -49.24
CA LEU H 314 -23.75 7.08 -49.20
C LEU H 314 -23.21 6.34 -50.41
N LYS H 315 -23.85 5.22 -50.77
CA LYS H 315 -23.46 4.52 -52.00
C LYS H 315 -23.56 5.46 -53.20
N GLN H 316 -24.55 6.35 -53.20
CA GLN H 316 -24.71 7.28 -54.31
C GLN H 316 -23.60 8.33 -54.34
N SER H 317 -23.12 8.74 -53.17
CA SER H 317 -22.07 9.76 -53.13
C SER H 317 -20.72 9.21 -53.57
N GLY H 318 -20.51 7.89 -53.41
CA GLY H 318 -19.23 7.29 -53.70
C GLY H 318 -18.22 7.36 -52.57
N ALA H 319 -18.61 7.91 -51.42
CA ALA H 319 -17.68 8.03 -50.29
C ALA H 319 -16.98 6.70 -50.03
N VAL H 320 -15.67 6.78 -49.80
CA VAL H 320 -14.84 5.61 -49.57
C VAL H 320 -14.23 5.70 -48.18
N ILE H 321 -14.16 4.57 -47.50
CA ILE H 321 -13.53 4.45 -46.19
C ILE H 321 -12.24 3.68 -46.38
N LEU H 322 -11.10 4.33 -46.17
CA LEU H 322 -9.81 3.65 -46.20
C LEU H 322 -9.59 2.96 -44.86
N GLY H 323 -9.27 1.66 -44.92
CA GLY H 323 -9.25 0.82 -43.74
C GLY H 323 -7.84 0.61 -43.18
N GLU H 324 -7.82 -0.04 -42.01
CA GLU H 324 -6.59 -0.40 -41.31
C GLU H 324 -6.60 -1.91 -41.12
N PRO H 325 -6.17 -2.68 -42.12
CA PRO H 325 -6.27 -4.14 -42.01
C PRO H 325 -5.32 -4.76 -41.01
N ALA H 326 -4.21 -4.10 -40.70
CA ALA H 326 -3.23 -4.66 -39.78
C ALA H 326 -2.71 -3.58 -38.86
N ALA H 327 -2.45 -3.97 -37.61
CA ALA H 327 -1.93 -3.06 -36.60
C ALA H 327 -1.27 -3.88 -35.51
N GLY H 328 -0.39 -3.24 -34.76
CA GLY H 328 0.32 -3.91 -33.69
C GLY H 328 1.02 -2.96 -32.74
N TYR H 329 1.21 -3.40 -31.50
CA TYR H 329 1.94 -2.62 -30.52
C TYR H 329 2.47 -3.56 -29.46
N VAL H 330 3.41 -3.07 -28.66
CA VAL H 330 4.12 -3.89 -27.70
C VAL H 330 3.54 -3.69 -26.32
N SER H 331 3.54 -4.77 -25.54
CA SER H 331 3.07 -4.78 -24.17
C SER H 331 4.20 -5.24 -23.25
N HIS H 332 4.05 -4.96 -21.96
CA HIS H 332 5.05 -5.37 -20.97
C HIS H 332 6.39 -4.71 -21.27
N ARG H 344 4.09 3.04 -22.27
CA ARG H 344 5.35 3.52 -22.84
C ARG H 344 5.80 2.62 -23.99
N TYR H 345 5.79 1.30 -23.76
CA TYR H 345 6.03 0.36 -24.86
C TYR H 345 4.92 0.44 -25.89
N GLN H 346 3.68 0.69 -25.45
CA GLN H 346 2.57 0.80 -26.39
C GLN H 346 2.77 1.98 -27.33
N GLU H 347 2.96 3.17 -26.76
CA GLU H 347 2.96 4.39 -27.56
C GLU H 347 4.18 4.50 -28.45
N MET H 348 5.31 3.93 -28.04
CA MET H 348 6.57 4.11 -28.73
C MET H 348 6.93 2.97 -29.68
N LEU H 349 6.28 1.81 -29.55
CA LEU H 349 6.56 0.66 -30.39
C LEU H 349 5.26 0.13 -30.96
N GLY H 350 5.11 0.19 -32.27
CA GLY H 350 3.90 -0.26 -32.91
C GLY H 350 3.94 0.05 -34.39
N VAL H 351 2.92 -0.44 -35.09
CA VAL H 351 2.79 -0.25 -36.53
C VAL H 351 1.33 -0.34 -36.89
N ILE H 352 0.92 0.49 -37.86
CA ILE H 352 -0.43 0.46 -38.40
C ILE H 352 -0.32 0.52 -39.92
N TRP H 353 -0.94 -0.44 -40.59
CA TRP H 353 -0.98 -0.48 -42.04
C TRP H 353 -2.30 0.12 -42.51
N ARG H 354 -2.22 1.01 -43.50
CA ARG H 354 -3.39 1.71 -44.01
C ARG H 354 -3.53 1.47 -45.50
N GLU H 355 -4.79 1.45 -45.96
CA GLU H 355 -5.07 1.29 -47.37
C GLU H 355 -4.68 2.55 -48.15
N ASN H 356 -3.86 2.37 -49.18
CA ASN H 356 -3.53 3.47 -50.08
C ASN H 356 -4.71 3.74 -51.02
N PRO H 357 -5.03 5.01 -51.29
CA PRO H 357 -6.16 5.29 -52.20
C PRO H 357 -6.16 4.48 -53.47
N CYS H 358 -4.98 4.22 -54.07
CA CYS H 358 -4.94 3.52 -55.35
C CYS H 358 -5.77 2.24 -55.35
N ARG H 359 -5.95 1.64 -54.16
CA ARG H 359 -6.77 0.43 -54.07
C ARG H 359 -8.20 0.68 -54.55
N TRP H 360 -8.71 1.90 -54.40
CA TRP H 360 -10.12 2.19 -54.64
C TRP H 360 -10.36 3.13 -55.82
N LEU H 361 -9.34 3.44 -56.62
CA LEU H 361 -9.44 4.47 -57.64
C LEU H 361 -9.51 3.86 -59.03
N LYS H 362 -10.47 4.34 -59.82
CA LYS H 362 -10.47 4.03 -61.24
C LYS H 362 -9.19 4.60 -61.87
N PRO H 363 -8.59 3.90 -62.84
CA PRO H 363 -7.30 4.37 -63.39
C PRO H 363 -7.37 5.78 -63.99
N ASP H 364 -8.55 6.34 -64.22
CA ASP H 364 -8.67 7.71 -64.67
C ASP H 364 -8.68 8.73 -63.53
N GLU H 365 -8.67 8.27 -62.28
CA GLU H 365 -8.77 9.12 -61.12
C GLU H 365 -7.41 9.35 -60.48
N SER H 366 -7.16 10.60 -60.08
CA SER H 366 -5.94 10.96 -59.38
C SER H 366 -6.29 11.54 -58.00
N PRO H 367 -5.56 11.18 -56.95
CA PRO H 367 -5.91 11.67 -55.61
C PRO H 367 -5.23 12.97 -55.24
N ILE H 368 -5.95 13.82 -54.51
CA ILE H 368 -5.40 15.04 -53.96
C ILE H 368 -6.01 15.27 -52.58
N LEU H 369 -5.25 15.93 -51.72
CA LEU H 369 -5.79 16.40 -50.44
C LEU H 369 -6.58 17.68 -50.68
N MET H 370 -7.71 17.81 -49.99
CA MET H 370 -8.56 18.98 -50.18
C MET H 370 -7.80 20.26 -49.90
N ALA H 371 -6.86 20.23 -48.94
CA ALA H 371 -6.01 21.37 -48.67
C ALA H 371 -5.32 21.88 -49.93
N THR H 372 -5.20 21.04 -50.96
CA THR H 372 -4.67 21.49 -52.24
C THR H 372 -5.43 22.70 -52.76
N LEU H 373 -6.71 22.79 -52.44
CA LEU H 373 -7.56 23.88 -52.94
C LEU H 373 -7.32 25.19 -52.20
N MET H 374 -6.43 25.23 -51.22
CA MET H 374 -6.06 26.46 -50.53
C MET H 374 -4.81 27.10 -51.13
N GLU H 375 -4.22 26.50 -52.16
CA GLU H 375 -2.91 26.88 -52.65
C GLU H 375 -3.00 27.84 -53.82
N CYS H 376 -1.93 28.63 -53.99
CA CYS H 376 -1.74 29.48 -55.15
C CYS H 376 -0.33 29.24 -55.68
N ASP H 377 -0.08 29.67 -56.92
CA ASP H 377 1.25 29.57 -57.48
C ASP H 377 2.04 30.84 -57.17
N GLU H 378 3.29 30.87 -57.65
CA GLU H 378 4.12 32.07 -57.50
C GLU H 378 3.35 33.33 -57.86
N ASN H 379 2.62 33.30 -58.97
CA ASN H 379 1.90 34.46 -59.46
C ASN H 379 0.50 34.58 -58.86
N ASN H 380 0.26 33.93 -57.72
CA ASN H 380 -0.99 34.07 -56.97
C ASN H 380 -2.20 33.56 -57.76
N GLN H 381 -1.98 32.60 -58.66
CA GLN H 381 -3.08 31.97 -59.39
C GLN H 381 -3.58 30.76 -58.60
N PRO H 382 -4.83 30.73 -58.16
CA PRO H 382 -5.29 29.58 -57.37
C PRO H 382 -5.25 28.28 -58.16
N LEU H 383 -4.90 27.20 -57.48
CA LEU H 383 -4.92 25.87 -58.10
C LEU H 383 -6.35 25.39 -58.33
N ILE H 384 -7.29 25.79 -57.46
CA ILE H 384 -8.68 25.44 -57.68
C ILE H 384 -9.18 25.97 -59.01
N GLY H 385 -8.62 27.09 -59.47
CA GLY H 385 -8.99 27.60 -60.78
C GLY H 385 -8.49 26.71 -61.91
N ALA H 386 -7.28 26.17 -61.77
CA ALA H 386 -6.75 25.27 -62.79
C ALA H 386 -7.61 24.01 -62.90
N TYR H 387 -8.04 23.46 -61.76
CA TYR H 387 -8.94 22.30 -61.80
C TYR H 387 -10.23 22.63 -62.53
N ILE H 388 -10.72 23.86 -62.37
CA ILE H 388 -11.94 24.27 -63.06
C ILE H 388 -11.68 24.43 -64.55
N ASP H 389 -10.59 25.11 -64.91
CA ASP H 389 -10.29 25.33 -66.32
C ASP H 389 -10.18 24.01 -67.08
N ARG H 390 -9.66 22.97 -66.42
CA ARG H 390 -9.61 21.66 -67.06
C ARG H 390 -10.95 20.94 -67.04
N SER H 391 -11.87 21.36 -66.16
CA SER H 391 -13.17 20.70 -66.07
C SER H 391 -14.11 21.12 -67.19
N GLY H 392 -13.84 22.25 -67.85
CA GLY H 392 -14.76 22.79 -68.82
C GLY H 392 -16.08 23.24 -68.26
N LEU H 393 -16.24 23.20 -66.94
CA LEU H 393 -17.48 23.58 -66.26
C LEU H 393 -17.35 25.01 -65.73
N ASP H 394 -18.50 25.67 -65.59
CA ASP H 394 -18.53 26.95 -64.90
C ASP H 394 -18.25 26.74 -63.41
N ALA H 395 -17.70 27.78 -62.78
CA ALA H 395 -17.31 27.65 -61.38
C ALA H 395 -18.46 27.13 -60.52
N GLU H 396 -19.65 27.71 -60.69
CA GLU H 396 -20.76 27.39 -59.79
C GLU H 396 -21.12 25.91 -59.86
N THR H 397 -21.12 25.31 -61.05
CA THR H 397 -21.41 23.89 -61.15
C THR H 397 -20.28 23.06 -60.54
N TRP H 398 -19.04 23.52 -60.67
CA TRP H 398 -17.92 22.81 -60.06
C TRP H 398 -18.04 22.81 -58.55
N LEU H 399 -18.38 23.95 -57.95
CA LEU H 399 -18.52 24.02 -56.50
C LEU H 399 -19.65 23.14 -56.01
N THR H 400 -20.81 23.21 -56.67
CA THR H 400 -21.93 22.35 -56.30
C THR H 400 -21.50 20.89 -56.28
N GLN H 401 -20.62 20.50 -57.22
CA GLN H 401 -20.10 19.14 -57.23
C GLN H 401 -19.25 18.87 -56.00
N LEU H 402 -18.26 19.74 -55.74
CA LEU H 402 -17.42 19.58 -54.55
C LEU H 402 -18.26 19.45 -53.29
N PHE H 403 -19.22 20.35 -53.11
CA PHE H 403 -20.05 20.33 -51.90
C PHE H 403 -20.85 19.05 -51.81
N ARG H 404 -21.42 18.59 -52.92
CA ARG H 404 -22.16 17.34 -52.91
C ARG H 404 -21.26 16.16 -52.55
N VAL H 405 -20.01 16.18 -53.03
CA VAL H 405 -19.10 15.07 -52.77
C VAL H 405 -18.69 15.04 -51.30
N VAL H 406 -18.38 16.20 -50.72
CA VAL H 406 -17.72 16.26 -49.42
C VAL H 406 -18.75 16.41 -48.31
N VAL H 407 -19.59 17.44 -48.40
CA VAL H 407 -20.42 17.83 -47.26
C VAL H 407 -21.58 16.86 -47.07
N VAL H 408 -22.21 16.41 -48.16
CA VAL H 408 -23.40 15.58 -48.03
C VAL H 408 -23.10 14.28 -47.29
N PRO H 409 -22.08 13.51 -47.64
CA PRO H 409 -21.80 12.29 -46.88
C PRO H 409 -21.51 12.56 -45.41
N LEU H 410 -20.63 13.53 -45.13
CA LEU H 410 -20.37 13.92 -43.75
C LEU H 410 -21.66 14.26 -43.02
N TYR H 411 -22.53 15.02 -43.68
CA TYR H 411 -23.75 15.47 -43.02
C TYR H 411 -24.78 14.34 -42.90
N HIS H 412 -24.84 13.46 -43.90
CA HIS H 412 -25.77 12.33 -43.80
C HIS H 412 -25.38 11.42 -42.65
N LEU H 413 -24.09 11.06 -42.57
CA LEU H 413 -23.62 10.21 -41.49
C LEU H 413 -24.01 10.79 -40.13
N LEU H 414 -23.85 12.10 -39.97
CA LEU H 414 -24.16 12.75 -38.69
C LEU H 414 -25.65 12.68 -38.40
N CYS H 415 -26.49 13.11 -39.34
CA CYS H 415 -27.91 13.30 -39.06
C CYS H 415 -28.63 11.97 -38.83
N ARG H 416 -28.23 10.92 -39.52
CA ARG H 416 -28.93 9.64 -39.44
C ARG H 416 -28.33 8.68 -38.42
N TYR H 417 -27.01 8.57 -38.35
CA TYR H 417 -26.35 7.63 -37.46
C TYR H 417 -25.72 8.29 -36.24
N GLY H 418 -25.75 9.61 -36.14
CA GLY H 418 -25.20 10.30 -34.99
C GLY H 418 -23.71 10.22 -34.87
N VAL H 419 -22.99 10.18 -35.99
CA VAL H 419 -21.55 10.02 -36.01
C VAL H 419 -20.92 11.24 -36.67
N ALA H 420 -19.86 11.76 -36.06
CA ALA H 420 -19.11 12.87 -36.59
C ALA H 420 -17.68 12.43 -36.89
N LEU H 421 -17.10 13.01 -37.95
CA LEU H 421 -15.75 12.69 -38.36
C LEU H 421 -14.98 13.99 -38.59
N ILE H 422 -13.77 14.06 -38.03
CA ILE H 422 -12.91 15.21 -38.27
C ILE H 422 -12.75 15.39 -39.77
N ALA H 423 -13.02 16.61 -40.25
CA ALA H 423 -13.07 16.90 -41.69
C ALA H 423 -12.16 18.10 -41.97
N HIS H 424 -10.86 17.85 -42.04
CA HIS H 424 -9.87 18.87 -42.38
C HIS H 424 -9.29 18.58 -43.76
N GLY H 425 -8.51 19.54 -44.26
CA GLY H 425 -7.93 19.39 -45.58
C GLY H 425 -6.88 18.31 -45.66
N GLN H 426 -6.23 18.01 -44.53
CA GLN H 426 -5.13 17.04 -44.53
C GLN H 426 -5.62 15.60 -44.47
N ASN H 427 -6.83 15.36 -43.99
CA ASN H 427 -7.37 14.01 -43.87
C ASN H 427 -8.48 13.73 -44.88
N ILE H 428 -8.84 14.71 -45.72
CA ILE H 428 -9.83 14.53 -46.77
C ILE H 428 -9.09 14.40 -48.09
N THR H 429 -9.24 13.25 -48.74
CA THR H 429 -8.65 12.98 -50.04
C THR H 429 -9.74 13.01 -51.10
N LEU H 430 -9.52 13.74 -52.18
CA LEU H 430 -10.47 13.86 -53.27
C LEU H 430 -9.97 13.05 -54.47
N ALA H 431 -10.90 12.30 -55.08
CA ALA H 431 -10.62 11.60 -56.32
C ALA H 431 -10.95 12.53 -57.48
N MET H 432 -9.92 12.91 -58.25
CA MET H 432 -10.06 13.91 -59.29
C MET H 432 -9.96 13.25 -60.67
N LYS H 433 -10.93 13.55 -61.52
CA LYS H 433 -10.95 13.09 -62.91
C LYS H 433 -11.17 14.29 -63.81
N LYS H 434 -10.19 14.60 -64.66
CA LYS H 434 -10.27 15.74 -65.56
C LYS H 434 -10.55 17.02 -64.78
N GLY H 435 -10.00 17.10 -63.58
CA GLY H 435 -10.16 18.27 -62.73
C GLY H 435 -11.44 18.30 -61.93
N VAL H 436 -12.26 17.28 -62.00
CA VAL H 436 -13.55 17.23 -61.32
C VAL H 436 -13.45 16.25 -60.16
N PRO H 437 -13.84 16.63 -58.93
CA PRO H 437 -13.87 15.65 -57.83
C PRO H 437 -15.06 14.72 -57.98
N GLN H 438 -14.79 13.42 -58.03
CA GLN H 438 -15.83 12.41 -58.16
C GLN H 438 -16.39 12.00 -56.80
N ARG H 439 -15.51 11.63 -55.88
CA ARG H 439 -15.92 11.17 -54.56
C ARG H 439 -14.81 11.49 -53.57
N VAL H 440 -15.09 11.24 -52.30
CA VAL H 440 -14.20 11.61 -51.21
C VAL H 440 -13.70 10.35 -50.52
N LEU H 441 -12.43 10.37 -50.13
CA LEU H 441 -11.80 9.27 -49.40
C LEU H 441 -11.42 9.77 -48.00
N LEU H 442 -11.77 8.99 -46.98
CA LEU H 442 -11.65 9.41 -45.58
C LEU H 442 -10.70 8.46 -44.86
N LYS H 443 -9.65 9.00 -44.22
CA LYS H 443 -8.58 8.13 -43.77
C LYS H 443 -8.19 8.28 -42.30
N ASP H 444 -8.19 9.50 -41.76
CA ASP H 444 -7.55 9.74 -40.46
C ASP H 444 -8.55 9.98 -39.34
N PHE H 445 -9.45 9.02 -39.11
CA PHE H 445 -10.27 8.95 -37.91
C PHE H 445 -9.84 7.73 -37.10
N GLN H 446 -10.17 7.77 -35.81
CA GLN H 446 -9.72 6.76 -34.85
C GLN H 446 -9.72 7.40 -33.47
N GLY H 447 -9.12 8.58 -33.37
CA GLY H 447 -9.24 9.41 -32.20
C GLY H 447 -9.95 10.72 -32.53
N ASP H 448 -10.20 10.94 -33.83
CA ASP H 448 -10.88 12.14 -34.30
C ASP H 448 -12.38 11.96 -34.45
N MET H 449 -12.92 10.80 -34.08
CA MET H 449 -14.35 10.55 -34.19
C MET H 449 -15.07 11.08 -32.95
N ARG H 450 -16.36 11.37 -33.13
CA ARG H 450 -17.23 11.78 -32.04
C ARG H 450 -18.61 11.19 -32.26
N LEU H 451 -19.30 10.89 -31.17
CA LEU H 451 -20.64 10.33 -31.20
C LEU H 451 -21.59 11.25 -30.43
N VAL H 452 -22.88 11.06 -30.66
CA VAL H 452 -23.90 11.89 -30.05
C VAL H 452 -24.33 11.28 -28.73
N LYS H 453 -24.63 12.15 -27.76
CA LYS H 453 -25.06 11.68 -26.45
C LYS H 453 -26.40 10.94 -26.55
N ASP H 454 -27.32 11.44 -27.36
CA ASP H 454 -28.59 10.77 -27.57
C ASP H 454 -28.36 9.38 -28.16
N ALA H 455 -29.33 8.50 -27.94
CA ALA H 455 -29.27 7.12 -28.43
C ALA H 455 -30.16 7.00 -29.66
N PHE H 456 -29.54 6.82 -30.82
CA PHE H 456 -30.32 6.55 -32.03
C PHE H 456 -30.41 5.05 -32.28
N PRO H 457 -31.55 4.54 -32.73
CA PRO H 457 -31.62 3.12 -33.10
C PRO H 457 -30.59 2.73 -34.14
N GLU H 458 -30.26 3.63 -35.07
CA GLU H 458 -29.26 3.33 -36.09
C GLU H 458 -27.87 3.13 -35.50
N MET H 459 -27.65 3.50 -34.24
CA MET H 459 -26.36 3.34 -33.58
C MET H 459 -26.25 2.04 -32.80
N ASP H 460 -27.34 1.30 -32.63
CA ASP H 460 -27.28 0.01 -31.94
C ASP H 460 -26.32 -0.96 -32.63
N SER H 461 -26.05 -0.76 -33.92
CA SER H 461 -25.13 -1.64 -34.63
C SER H 461 -23.69 -1.44 -34.16
N LEU H 462 -23.37 -0.27 -33.64
CA LEU H 462 -21.99 0.03 -33.29
C LEU H 462 -21.53 -0.87 -32.15
N PRO H 463 -20.29 -1.37 -32.19
CA PRO H 463 -19.80 -2.20 -31.08
C PRO H 463 -19.76 -1.41 -29.78
N GLN H 464 -20.20 -2.06 -28.69
CA GLN H 464 -20.07 -1.44 -27.38
C GLN H 464 -18.62 -1.08 -27.10
N GLU H 465 -17.68 -1.81 -27.69
CA GLU H 465 -16.26 -1.51 -27.51
C GLU H 465 -15.92 -0.14 -28.09
N VAL H 466 -16.44 0.17 -29.28
CA VAL H 466 -16.20 1.50 -29.86
C VAL H 466 -16.83 2.58 -28.98
N ARG H 467 -18.06 2.32 -28.49
CA ARG H 467 -18.71 3.29 -27.61
C ARG H 467 -17.87 3.55 -26.35
N ASP H 468 -17.11 2.56 -25.90
CA ASP H 468 -16.31 2.72 -24.69
C ASP H 468 -15.25 3.79 -24.88
N VAL H 469 -14.55 3.78 -26.02
CA VAL H 469 -13.41 4.67 -26.25
C VAL H 469 -13.80 5.90 -27.06
N THR H 470 -15.09 6.18 -27.22
CA THR H 470 -15.55 7.27 -28.06
C THR H 470 -16.31 8.27 -27.22
N ALA H 471 -15.95 9.55 -27.34
CA ALA H 471 -16.59 10.61 -26.56
C ALA H 471 -17.99 10.89 -27.10
N ARG H 472 -18.92 11.14 -26.19
CA ARG H 472 -20.29 11.50 -26.53
C ARG H 472 -20.52 12.97 -26.19
N LEU H 473 -20.97 13.74 -27.18
CA LEU H 473 -21.24 15.15 -27.04
C LEU H 473 -22.68 15.44 -27.41
N SER H 474 -23.21 16.54 -26.88
CA SER H 474 -24.55 16.95 -27.28
C SER H 474 -24.57 17.38 -28.74
N ALA H 475 -25.77 17.43 -29.31
CA ALA H 475 -25.90 17.72 -30.73
C ALA H 475 -25.36 19.10 -31.07
N ASP H 476 -25.73 20.11 -30.27
CA ASP H 476 -25.28 21.47 -30.56
C ASP H 476 -23.76 21.55 -30.56
N TYR H 477 -23.11 20.92 -29.58
CA TYR H 477 -21.65 20.84 -29.59
C TYR H 477 -21.14 19.88 -30.65
N LEU H 478 -21.97 18.95 -31.13
CA LEU H 478 -21.57 17.98 -32.13
C LEU H 478 -21.46 18.60 -33.52
N ILE H 479 -21.93 19.84 -33.71
CA ILE H 479 -21.91 20.46 -35.03
C ILE H 479 -20.53 21.03 -35.36
N HIS H 480 -19.74 21.36 -34.34
CA HIS H 480 -18.47 22.05 -34.59
C HIS H 480 -17.59 21.26 -35.56
N ASP H 481 -17.58 19.94 -35.43
CA ASP H 481 -16.82 19.12 -36.39
C ASP H 481 -17.24 19.44 -37.81
N LEU H 482 -18.54 19.62 -38.03
CA LEU H 482 -19.02 20.04 -39.35
C LEU H 482 -18.76 21.52 -39.59
N GLN H 483 -19.01 22.36 -38.58
CA GLN H 483 -18.87 23.81 -38.75
C GLN H 483 -17.42 24.24 -38.58
N THR H 484 -16.92 24.22 -37.34
CA THR H 484 -15.57 24.72 -37.09
C THR H 484 -14.53 23.84 -37.77
N GLY H 485 -14.72 22.52 -37.77
CA GLY H 485 -13.72 21.62 -38.32
C GLY H 485 -13.58 21.75 -39.83
N HIS H 486 -14.70 21.85 -40.54
CA HIS H 486 -14.69 21.85 -41.99
C HIS H 486 -14.97 23.21 -42.61
N PHE H 487 -16.04 23.89 -42.17
CA PHE H 487 -16.35 25.20 -42.75
C PHE H 487 -15.31 26.24 -42.35
N VAL H 488 -15.03 26.35 -41.05
CA VAL H 488 -14.14 27.42 -40.57
C VAL H 488 -12.69 27.12 -40.86
N THR H 489 -12.29 25.85 -40.87
CA THR H 489 -10.89 25.48 -41.01
C THR H 489 -10.53 25.01 -42.41
N VAL H 490 -11.49 24.95 -43.33
CA VAL H 490 -11.20 24.59 -44.72
C VAL H 490 -11.80 25.63 -45.66
N LEU H 491 -13.14 25.68 -45.70
CA LEU H 491 -13.82 26.57 -46.64
C LEU H 491 -13.46 28.03 -46.40
N ARG H 492 -13.15 28.39 -45.15
CA ARG H 492 -12.73 29.76 -44.86
C ARG H 492 -11.50 30.15 -45.65
N PHE H 493 -10.68 29.18 -46.04
CA PHE H 493 -9.47 29.43 -46.80
C PHE H 493 -9.63 29.19 -48.30
N VAL H 494 -10.79 28.68 -48.73
CA VAL H 494 -11.05 28.44 -50.14
C VAL H 494 -11.85 29.56 -50.77
N SER H 495 -12.92 29.99 -50.09
CA SER H 495 -13.80 31.01 -50.68
C SER H 495 -13.07 32.29 -51.06
N PRO H 496 -12.05 32.76 -50.33
CA PRO H 496 -11.34 33.96 -50.82
C PRO H 496 -10.68 33.75 -52.16
N LEU H 497 -10.15 32.54 -52.42
CA LEU H 497 -9.62 32.23 -53.73
C LEU H 497 -10.71 32.26 -54.79
N MET H 498 -11.93 31.87 -54.42
CA MET H 498 -13.06 31.95 -55.34
C MET H 498 -13.45 33.40 -55.62
N ALA H 499 -13.49 34.22 -54.56
CA ALA H 499 -13.79 35.65 -54.75
C ALA H 499 -12.85 36.28 -55.76
N ARG H 500 -11.63 35.74 -55.89
CA ARG H 500 -10.67 36.25 -56.84
C ARG H 500 -10.87 35.72 -58.25
N LEU H 501 -11.72 34.71 -58.42
CA LEU H 501 -12.02 34.15 -59.73
C LEU H 501 -13.44 34.49 -60.19
N GLY H 502 -14.03 35.54 -59.61
CA GLY H 502 -15.36 35.97 -60.00
C GLY H 502 -16.50 35.37 -59.18
N VAL H 503 -16.20 34.53 -58.20
CA VAL H 503 -17.23 33.98 -57.32
C VAL H 503 -17.03 34.52 -55.90
N PRO H 504 -17.77 35.53 -55.47
CA PRO H 504 -17.56 36.06 -54.12
C PRO H 504 -18.20 35.18 -53.06
N GLU H 505 -17.77 35.39 -51.82
CA GLU H 505 -18.11 34.48 -50.74
C GLU H 505 -19.61 34.28 -50.61
N ARG H 506 -20.37 35.38 -50.61
CA ARG H 506 -21.82 35.28 -50.45
C ARG H 506 -22.40 34.23 -51.39
N ARG H 507 -21.99 34.28 -52.66
CA ARG H 507 -22.45 33.27 -53.61
C ARG H 507 -21.82 31.91 -53.30
N PHE H 508 -20.54 31.89 -52.94
CA PHE H 508 -19.86 30.64 -52.63
C PHE H 508 -20.70 29.80 -51.68
N TYR H 509 -21.15 30.41 -50.57
CA TYR H 509 -21.94 29.69 -49.58
C TYR H 509 -23.42 29.67 -49.91
N GLN H 510 -23.88 30.46 -50.88
CA GLN H 510 -25.23 30.27 -51.40
C GLN H 510 -25.39 28.89 -52.02
N LEU H 511 -24.38 28.44 -52.76
CA LEU H 511 -24.43 27.12 -53.37
C LEU H 511 -24.42 26.03 -52.30
N LEU H 512 -23.53 26.16 -51.31
CA LEU H 512 -23.44 25.16 -50.25
C LEU H 512 -24.80 24.97 -49.58
N ALA H 513 -25.46 26.08 -49.26
CA ALA H 513 -26.77 25.99 -48.60
C ALA H 513 -27.79 25.31 -49.50
N ALA H 514 -27.73 25.57 -50.80
CA ALA H 514 -28.67 24.95 -51.73
C ALA H 514 -28.40 23.46 -51.88
N VAL H 515 -27.12 23.06 -51.86
CA VAL H 515 -26.78 21.63 -51.88
C VAL H 515 -27.37 20.95 -50.66
N LEU H 516 -27.20 21.56 -49.48
CA LEU H 516 -27.79 21.00 -48.26
C LEU H 516 -29.32 21.04 -48.34
N SER H 517 -29.87 22.14 -48.83
CA SER H 517 -31.33 22.27 -48.92
C SER H 517 -31.92 21.18 -49.80
N ASP H 518 -31.35 21.01 -51.00
CA ASP H 518 -31.80 19.95 -51.90
C ASP H 518 -31.77 18.60 -51.20
N TYR H 519 -30.60 18.23 -50.69
CA TYR H 519 -30.45 16.93 -50.04
C TYR H 519 -31.51 16.72 -48.96
N MET H 520 -31.71 17.71 -48.10
CA MET H 520 -32.68 17.58 -47.03
C MET H 520 -34.09 17.38 -47.57
N GLN H 521 -34.43 18.11 -48.64
CA GLN H 521 -35.74 17.93 -49.26
C GLN H 521 -35.95 16.49 -49.69
N GLU H 522 -34.88 15.75 -49.96
CA GLU H 522 -34.98 14.36 -50.39
C GLU H 522 -35.14 13.39 -49.22
N HIS H 523 -34.95 13.85 -47.99
CA HIS H 523 -35.02 13.00 -46.80
C HIS H 523 -35.92 13.67 -45.77
N PRO H 524 -37.22 13.81 -46.08
CA PRO H 524 -38.13 14.44 -45.12
C PRO H 524 -38.35 13.61 -43.87
N GLN H 525 -38.07 12.30 -43.91
CA GLN H 525 -38.14 11.47 -42.72
C GLN H 525 -37.16 11.90 -41.64
N MET H 526 -36.23 12.80 -41.95
CA MET H 526 -35.20 13.24 -41.01
C MET H 526 -35.40 14.68 -40.56
N SER H 527 -36.60 15.24 -40.74
CA SER H 527 -36.80 16.65 -40.46
C SER H 527 -36.50 16.97 -38.99
N ALA H 528 -36.82 16.04 -38.09
CA ALA H 528 -36.46 16.23 -36.69
C ALA H 528 -34.94 16.17 -36.52
N ARG H 529 -34.29 15.19 -37.15
CA ARG H 529 -32.84 15.09 -37.07
C ARG H 529 -32.17 16.35 -37.61
N PHE H 530 -32.77 17.00 -38.62
CA PHE H 530 -32.27 18.29 -39.06
C PHE H 530 -32.45 19.33 -37.96
N ALA H 531 -33.65 19.43 -37.40
CA ALA H 531 -33.85 20.31 -36.25
C ALA H 531 -32.81 20.04 -35.17
N LEU H 532 -32.44 18.77 -34.98
CA LEU H 532 -31.35 18.44 -34.07
C LEU H 532 -30.03 18.99 -34.59
N PHE H 533 -29.79 18.90 -35.90
CA PHE H 533 -28.53 19.29 -36.52
C PHE H 533 -28.81 20.32 -37.62
N SER H 534 -29.05 21.56 -37.23
CA SER H 534 -29.29 22.62 -38.20
C SER H 534 -28.00 23.37 -38.46
N LEU H 535 -27.62 23.44 -39.74
CA LEU H 535 -26.51 24.27 -40.19
C LEU H 535 -26.99 25.67 -40.57
N PHE H 536 -28.22 26.03 -40.20
CA PHE H 536 -28.84 27.26 -40.67
C PHE H 536 -29.35 28.13 -39.51
N LYS H 537 -29.02 27.80 -38.28
CA LYS H 537 -29.16 28.78 -37.21
C LYS H 537 -28.29 29.98 -37.57
N PRO H 538 -28.70 31.19 -37.21
CA PRO H 538 -28.01 32.38 -37.70
C PRO H 538 -26.68 32.68 -37.03
N GLN H 539 -26.23 31.87 -36.08
CA GLN H 539 -25.00 32.14 -35.37
C GLN H 539 -24.28 30.86 -35.04
N ILE H 540 -22.95 30.93 -34.98
CA ILE H 540 -22.09 29.81 -34.65
C ILE H 540 -21.43 30.08 -33.31
N ILE H 541 -21.37 29.04 -32.47
CA ILE H 541 -20.68 29.14 -31.19
C ILE H 541 -19.17 29.03 -31.44
N ARG H 542 -18.42 29.92 -30.80
CA ARG H 542 -16.95 29.85 -30.79
C ARG H 542 -16.52 29.67 -29.35
N VAL H 543 -16.16 28.44 -28.98
CA VAL H 543 -15.77 28.16 -27.60
C VAL H 543 -14.35 28.67 -27.37
N VAL H 544 -14.14 29.30 -26.22
CA VAL H 544 -12.88 30.00 -25.96
C VAL H 544 -11.73 29.02 -26.04
N LEU H 545 -10.60 29.50 -26.58
CA LEU H 545 -9.42 28.66 -26.77
C LEU H 545 -8.67 28.48 -25.46
N ASN H 546 -7.95 27.37 -25.37
CA ASN H 546 -7.04 27.07 -24.26
C ASN H 546 -5.88 28.06 -24.37
N PRO H 547 -4.63 27.76 -23.95
CA PRO H 547 -3.57 28.78 -24.11
C PRO H 547 -3.19 29.11 -25.55
N VAL H 548 -4.15 29.08 -26.48
CA VAL H 548 -3.94 29.44 -27.89
C VAL H 548 -2.64 28.85 -28.40
N LYS H 549 -2.73 27.72 -29.10
CA LYS H 549 -1.53 27.00 -29.53
C LYS H 549 -0.96 27.62 -30.78
N LEU H 550 0.37 27.77 -30.80
CA LEU H 550 1.08 28.25 -31.98
C LEU H 550 1.66 27.12 -32.81
N THR H 551 1.65 25.89 -32.31
CA THR H 551 2.13 24.73 -33.06
C THR H 551 1.06 23.64 -33.06
N TRP H 552 1.20 22.73 -34.02
CA TRP H 552 0.25 21.65 -34.25
C TRP H 552 0.78 20.35 -33.63
N ASN H 564 -16.18 28.79 -21.42
CA ASN H 564 -15.88 30.16 -21.87
C ASN H 564 -16.04 30.26 -23.38
N TYR H 565 -16.57 31.38 -23.84
CA TYR H 565 -16.87 31.57 -25.26
C TYR H 565 -16.43 32.93 -25.75
N LEU H 566 -16.25 33.01 -27.06
CA LEU H 566 -16.25 34.26 -27.78
C LEU H 566 -17.69 34.68 -28.10
N GLU H 567 -17.83 35.87 -28.67
CA GLU H 567 -19.14 36.29 -29.14
C GLU H 567 -19.57 35.41 -30.30
N ASP H 568 -20.87 35.12 -30.37
CA ASP H 568 -21.41 34.32 -31.46
C ASP H 568 -21.00 34.89 -32.81
N LEU H 569 -20.71 34.00 -33.75
CA LEU H 569 -20.27 34.38 -35.09
C LEU H 569 -21.42 34.24 -36.06
N GLN H 570 -21.67 35.30 -36.84
CA GLN H 570 -22.67 35.23 -37.90
C GLN H 570 -22.39 34.04 -38.80
N ASN H 571 -23.45 33.29 -39.11
CA ASN H 571 -23.30 32.09 -39.92
C ASN H 571 -23.36 32.45 -41.39
N PRO H 572 -22.29 32.23 -42.17
CA PRO H 572 -22.36 32.54 -43.60
C PRO H 572 -23.49 31.83 -44.32
N LEU H 573 -23.84 30.61 -43.91
CA LEU H 573 -24.98 29.93 -44.51
C LEU H 573 -26.27 30.70 -44.27
N TRP H 574 -26.38 31.38 -43.13
CA TRP H 574 -27.57 32.16 -42.84
C TRP H 574 -27.51 33.54 -43.50
N LEU H 575 -26.32 34.14 -43.56
CA LEU H 575 -26.19 35.46 -44.16
C LEU H 575 -26.45 35.42 -45.65
N ALA H 576 -26.08 34.32 -46.33
CA ALA H 576 -26.22 34.22 -47.77
C ALA H 576 -27.62 33.80 -48.20
N THR H 577 -28.41 33.21 -47.31
CA THR H 577 -29.78 32.85 -47.62
C THR H 577 -30.76 34.01 -47.45
N ARG H 578 -30.29 35.16 -46.99
CA ARG H 578 -31.17 36.27 -46.63
C ARG H 578 -30.58 37.61 -47.06
#